data_7X51
#
_entry.id   7X51
#
_cell.length_a   109.820
_cell.length_b   131.416
_cell.length_c   109.839
_cell.angle_alpha   90.00
_cell.angle_beta   100.19
_cell.angle_gamma   90.00
#
_symmetry.space_group_name_H-M   'P 1 21 1'
#
loop_
_entity.id
_entity.type
_entity.pdbx_description
1 polymer 'Glutamate decarboxylase'
2 non-polymer 'MALONATE ION'
3 non-polymer "PYRIDOXAL-5'-PHOSPHATE"
4 non-polymer 'GLUTARIC ACID'
5 water water
#
_entity_poly.entity_id   1
_entity_poly.type   'polypeptide(L)'
_entity_poly.pdbx_seq_one_letter_code
;MEDLNFRKGDAKTDVFGSDRMLQPSPVERIPDGPTTPEVAYQMVKDETFAQTQPRLNLATFVTTYMDDYATKLMNEAINI
NYIDETEYPRIAVMNGKCINIVANLWNSPEKDTWKTGALAIGSSEACMLGGVAAWLRWRKKRQAQGKPFDKPNFVISTGF
QVVWEKFAQLWQIEMREVPLTLEKTTLDPEEALKMCDENTICVVPIQGVTWTGLNDDVEALDKALDAYNAKTGYDIPIHV
DAASGGFILPFLYPDTKWDFRLKWVLSISVSGHKFGLVYPGLGWVCWKGKEYLPEEMSFSVNYLGANITQVGLNFSRPAA
QILGQYYQFIRLGFQGYKEVQYNSLQIAKYIHGEIAKMAPFVNYSENVVNPLFIWYLKPEYAKSAKWTLYDLQDKLSQHG
WMVPAYTLPSKLEDYVVMRVVVRQGFSRDMADMLLGDIKNAIAELEKLDFPTPTRMAQEKNLPVEAKMFNHGGRRHKTVK
K
;
_entity_poly.pdbx_strand_id   A,B,C,D,E,F
#
loop_
_chem_comp.id
_chem_comp.type
_chem_comp.name
_chem_comp.formula
GUA non-polymer 'GLUTARIC ACID' 'C5 H8 O4'
MLI non-polymer 'MALONATE ION' 'C3 H2 O4 -2'
PLP non-polymer PYRIDOXAL-5'-PHOSPHATE 'C8 H10 N O6 P'
#
# COMPACT_ATOMS: atom_id res chain seq x y z
N GLU A 2 -25.83 -21.55 -5.55
CA GLU A 2 -25.12 -22.27 -4.48
C GLU A 2 -23.76 -22.74 -4.97
N ASP A 3 -22.74 -22.59 -4.11
CA ASP A 3 -21.36 -22.94 -4.44
C ASP A 3 -20.96 -24.23 -3.73
N LEU A 4 -20.78 -25.30 -4.52
CA LEU A 4 -20.59 -26.63 -3.94
C LEU A 4 -19.33 -26.70 -3.08
N ASN A 5 -18.25 -26.04 -3.50
CA ASN A 5 -16.96 -26.18 -2.85
C ASN A 5 -16.62 -25.03 -1.91
N PHE A 6 -17.64 -24.28 -1.46
CA PHE A 6 -17.40 -23.09 -0.64
C PHE A 6 -16.57 -23.42 0.60
N ARG A 7 -16.94 -24.48 1.33
CA ARG A 7 -16.25 -24.82 2.58
C ARG A 7 -14.90 -25.47 2.35
N LYS A 8 -14.63 -25.93 1.13
CA LYS A 8 -13.43 -26.72 0.84
C LYS A 8 -12.24 -25.89 0.42
N GLY A 9 -12.43 -24.60 0.17
CA GLY A 9 -11.34 -23.73 -0.24
C GLY A 9 -11.35 -23.49 -1.74
N ASP A 10 -12.38 -22.80 -2.25
CA ASP A 10 -12.36 -22.42 -3.66
C ASP A 10 -12.27 -20.90 -3.76
N ALA A 11 -12.60 -20.35 -4.94
CA ALA A 11 -12.47 -18.92 -5.14
C ALA A 11 -13.52 -18.10 -4.39
N LYS A 12 -14.64 -18.71 -3.97
CA LYS A 12 -15.65 -17.95 -3.25
C LYS A 12 -15.54 -18.12 -1.75
N THR A 13 -14.70 -19.04 -1.29
CA THR A 13 -14.58 -19.37 0.13
C THR A 13 -14.33 -18.15 0.99
N ASP A 14 -15.08 -18.04 2.09
CA ASP A 14 -14.71 -17.15 3.17
C ASP A 14 -13.87 -17.94 4.16
N VAL A 15 -12.71 -17.36 4.56
CA VAL A 15 -11.78 -18.04 5.45
C VAL A 15 -12.50 -18.65 6.65
N PHE A 16 -13.38 -17.86 7.28
CA PHE A 16 -13.98 -18.30 8.53
C PHE A 16 -15.37 -18.89 8.33
N GLY A 17 -15.65 -19.39 7.13
CA GLY A 17 -16.75 -20.30 6.88
C GLY A 17 -16.30 -21.58 6.22
N SER A 18 -15.03 -21.93 6.41
CA SER A 18 -14.39 -23.07 5.75
C SER A 18 -14.15 -24.19 6.75
N ASP A 19 -14.02 -25.41 6.22
CA ASP A 19 -13.69 -26.56 7.06
C ASP A 19 -12.32 -26.41 7.73
N ARG A 20 -11.35 -25.78 7.03
CA ARG A 20 -9.99 -25.68 7.55
C ARG A 20 -9.94 -24.90 8.85
N MET A 21 -10.79 -23.88 8.97
CA MET A 21 -10.85 -23.07 10.19
C MET A 21 -11.76 -23.68 11.26
N LEU A 22 -12.24 -24.91 11.02
CA LEU A 22 -12.79 -25.77 12.04
C LEU A 22 -11.81 -26.84 12.51
N GLN A 23 -10.59 -26.80 12.00
CA GLN A 23 -9.59 -27.82 12.29
C GLN A 23 -8.38 -27.21 12.99
N PRO A 24 -7.70 -27.98 13.84
CA PRO A 24 -6.52 -27.43 14.52
C PRO A 24 -5.35 -27.29 13.56
N SER A 25 -4.42 -26.41 13.96
CA SER A 25 -3.20 -26.26 13.21
C SER A 25 -2.32 -27.48 13.42
N PRO A 26 -1.43 -27.79 12.46
CA PRO A 26 -0.61 -29.01 12.56
C PRO A 26 0.46 -28.89 13.63
N VAL A 27 0.54 -29.91 14.49
CA VAL A 27 1.51 -29.93 15.58
C VAL A 27 2.70 -30.82 15.27
N GLU A 28 2.44 -31.98 14.66
CA GLU A 28 3.43 -33.03 14.45
C GLU A 28 3.86 -33.21 13.01
N ARG A 29 2.92 -33.18 12.07
CA ARG A 29 3.17 -33.59 10.69
C ARG A 29 2.66 -32.54 9.73
N ILE A 30 3.36 -32.42 8.60
CA ILE A 30 2.91 -31.49 7.55
C ILE A 30 1.53 -31.94 7.09
N PRO A 31 0.57 -31.03 6.90
CA PRO A 31 -0.72 -31.45 6.37
C PRO A 31 -0.52 -32.15 5.03
N ASP A 32 -1.41 -33.09 4.73
CA ASP A 32 -1.28 -33.82 3.48
C ASP A 32 -1.41 -32.88 2.29
N GLY A 33 -2.20 -31.82 2.42
CA GLY A 33 -2.55 -30.98 1.30
C GLY A 33 -2.55 -29.48 1.57
N PRO A 34 -2.77 -28.70 0.51
CA PRO A 34 -2.70 -27.25 0.61
C PRO A 34 -4.01 -26.62 1.07
N THR A 35 -3.93 -25.33 1.38
CA THR A 35 -5.09 -24.47 1.59
C THR A 35 -4.91 -23.19 0.77
N THR A 36 -5.88 -22.28 0.87
CA THR A 36 -5.71 -20.99 0.20
C THR A 36 -4.71 -20.14 0.96
N PRO A 37 -4.03 -19.19 0.28
CA PRO A 37 -3.11 -18.30 0.98
C PRO A 37 -3.78 -17.52 2.10
N GLU A 38 -5.02 -17.07 1.88
CA GLU A 38 -5.71 -16.32 2.92
C GLU A 38 -5.96 -17.17 4.15
N VAL A 39 -6.35 -18.43 3.97
CA VAL A 39 -6.54 -19.32 5.13
C VAL A 39 -5.21 -19.51 5.87
N ALA A 40 -4.14 -19.81 5.11
CA ALA A 40 -2.85 -20.08 5.72
C ALA A 40 -2.30 -18.84 6.43
N TYR A 41 -2.46 -17.67 5.82
CA TYR A 41 -2.03 -16.42 6.44
C TYR A 41 -2.72 -16.20 7.79
N GLN A 42 -4.04 -16.38 7.83
CA GLN A 42 -4.74 -16.19 9.09
C GLN A 42 -4.32 -17.24 10.13
N MET A 43 -4.18 -18.50 9.72
CA MET A 43 -3.85 -19.54 10.68
C MET A 43 -2.51 -19.25 11.38
N VAL A 44 -1.51 -18.79 10.62
CA VAL A 44 -0.23 -18.47 11.24
C VAL A 44 -0.32 -17.16 12.02
N LYS A 45 -0.84 -16.12 11.38
CA LYS A 45 -0.95 -14.79 12.00
C LYS A 45 -1.75 -14.83 13.30
N ASP A 46 -2.91 -15.50 13.30
CA ASP A 46 -3.79 -15.42 14.46
C ASP A 46 -3.13 -16.02 15.70
N GLU A 47 -2.14 -16.89 15.53
CA GLU A 47 -1.45 -17.45 16.68
C GLU A 47 -0.53 -16.45 17.37
N THR A 48 -0.13 -15.39 16.67
CA THR A 48 0.75 -14.39 17.26
C THR A 48 0.01 -13.31 18.06
N PHE A 49 -1.34 -13.29 18.03
CA PHE A 49 -2.07 -12.26 18.78
C PHE A 49 -1.90 -12.43 20.28
N ALA A 50 -1.96 -13.67 20.77
CA ALA A 50 -2.02 -13.95 22.21
C ALA A 50 -0.63 -14.01 22.83
N GLN A 51 0.05 -12.88 22.79
CA GLN A 51 1.36 -12.74 23.43
C GLN A 51 1.67 -11.26 23.47
N THR A 52 2.79 -10.93 24.09
CA THR A 52 3.20 -9.55 24.27
C THR A 52 3.36 -8.83 22.94
N GLN A 53 2.80 -7.63 22.88
CA GLN A 53 3.08 -6.75 21.76
C GLN A 53 4.50 -6.19 21.88
N PRO A 54 5.26 -6.16 20.78
CA PRO A 54 6.69 -5.79 20.90
C PRO A 54 6.95 -4.44 21.57
N ARG A 55 6.16 -3.41 21.26
CA ARG A 55 6.43 -2.08 21.81
C ARG A 55 6.17 -2.02 23.30
N LEU A 56 5.42 -2.98 23.83
CA LEU A 56 5.17 -3.11 25.26
C LEU A 56 6.05 -4.15 25.95
N ASN A 57 6.92 -4.81 25.20
CA ASN A 57 7.94 -5.72 25.73
C ASN A 57 9.03 -4.84 26.32
N LEU A 58 9.00 -4.66 27.64
CA LEU A 58 10.05 -3.87 28.28
C LEU A 58 11.19 -4.71 28.84
N ALA A 59 11.12 -6.05 28.68
CA ALA A 59 12.25 -6.93 29.00
C ALA A 59 13.34 -6.88 27.94
N THR A 60 12.98 -6.72 26.67
CA THR A 60 13.95 -6.87 25.60
C THR A 60 14.77 -5.59 25.42
N PHE A 61 16.04 -5.77 25.08
CA PHE A 61 16.92 -4.69 24.65
C PHE A 61 16.88 -4.48 23.13
N VAL A 62 16.19 -5.37 22.40
CA VAL A 62 16.30 -5.41 20.95
C VAL A 62 15.23 -4.53 20.31
N THR A 63 15.67 -3.75 19.31
CA THR A 63 14.84 -2.79 18.57
C THR A 63 13.46 -3.33 18.22
N THR A 64 12.43 -2.59 18.59
CA THR A 64 11.06 -2.94 18.23
C THR A 64 10.41 -1.88 17.35
N TYR A 65 11.13 -0.81 17.02
CA TYR A 65 10.66 0.26 16.15
C TYR A 65 11.82 0.79 15.32
N MET A 66 11.57 1.01 14.02
CA MET A 66 12.35 1.86 13.13
C MET A 66 11.38 2.72 12.33
N ASP A 67 11.87 3.81 11.71
CA ASP A 67 10.97 4.71 10.97
C ASP A 67 10.47 4.04 9.69
N ASP A 68 9.56 4.74 8.98
CA ASP A 68 8.91 4.15 7.81
C ASP A 68 9.88 3.87 6.67
N TYR A 69 10.90 4.71 6.48
CA TYR A 69 11.84 4.52 5.38
C TYR A 69 12.80 3.35 5.62
N ALA A 70 13.35 3.25 6.84
CA ALA A 70 14.17 2.09 7.18
C ALA A 70 13.38 0.80 7.05
N THR A 71 12.14 0.80 7.53
CA THR A 71 11.32 -0.40 7.47
C THR A 71 11.06 -0.81 6.03
N LYS A 72 10.69 0.16 5.19
CA LYS A 72 10.48 -0.10 3.77
C LYS A 72 11.75 -0.64 3.12
N LEU A 73 12.89 0.03 3.34
CA LEU A 73 14.16 -0.43 2.78
C LEU A 73 14.46 -1.87 3.21
N MET A 74 14.24 -2.19 4.48
CA MET A 74 14.59 -3.55 4.90
C MET A 74 13.61 -4.56 4.33
N ASN A 75 12.30 -4.24 4.31
CA ASN A 75 11.32 -5.14 3.71
C ASN A 75 11.67 -5.43 2.26
N GLU A 76 12.11 -4.41 1.53
CA GLU A 76 12.43 -4.59 0.14
C GLU A 76 13.65 -5.50 -0.06
N ALA A 77 14.48 -5.68 0.97
CA ALA A 77 15.66 -6.50 0.87
C ALA A 77 15.45 -7.89 1.43
N ILE A 78 14.18 -8.29 1.63
CA ILE A 78 13.91 -9.55 2.33
C ILE A 78 14.49 -10.74 1.56
N ASN A 79 14.65 -10.62 0.23
CA ASN A 79 15.12 -11.76 -0.55
C ASN A 79 16.60 -11.67 -0.91
N ILE A 80 17.39 -10.88 -0.17
CA ILE A 80 18.80 -10.68 -0.48
C ILE A 80 19.64 -11.46 0.52
N ASN A 81 20.38 -12.47 0.04
CA ASN A 81 21.28 -13.28 0.86
C ASN A 81 22.64 -12.57 0.93
N TYR A 82 22.97 -12.04 2.11
CA TYR A 82 24.23 -11.28 2.23
C TYR A 82 25.41 -12.07 1.66
N ILE A 83 25.51 -13.36 2.01
CA ILE A 83 26.75 -14.09 1.75
C ILE A 83 27.07 -14.25 0.28
N ASP A 84 26.11 -13.96 -0.60
CA ASP A 84 26.34 -13.97 -2.05
C ASP A 84 27.05 -12.68 -2.47
N GLU A 85 28.28 -12.52 -2.00
CA GLU A 85 28.96 -11.24 -2.14
C GLU A 85 29.40 -10.97 -3.57
N THR A 86 29.78 -12.00 -4.34
CA THR A 86 30.10 -11.82 -5.75
C THR A 86 28.89 -11.33 -6.53
N GLU A 87 27.71 -11.82 -6.16
CA GLU A 87 26.46 -11.41 -6.80
C GLU A 87 26.02 -10.02 -6.35
N TYR A 88 26.22 -9.71 -5.07
CA TYR A 88 25.79 -8.44 -4.47
C TYR A 88 26.99 -7.73 -3.87
N PRO A 89 27.95 -7.29 -4.71
CA PRO A 89 29.19 -6.70 -4.17
C PRO A 89 28.99 -5.34 -3.52
N ARG A 90 27.92 -4.60 -3.85
CA ARG A 90 27.69 -3.31 -3.21
C ARG A 90 27.29 -3.45 -1.75
N ILE A 91 26.55 -4.51 -1.42
CA ILE A 91 26.21 -4.78 -0.02
C ILE A 91 27.44 -5.30 0.73
N ALA A 92 28.31 -6.06 0.07
CA ALA A 92 29.55 -6.45 0.72
C ALA A 92 30.40 -5.23 1.05
N VAL A 93 30.47 -4.28 0.12
CA VAL A 93 31.18 -3.04 0.39
C VAL A 93 30.46 -2.26 1.49
N MET A 94 29.12 -2.18 1.42
CA MET A 94 28.35 -1.47 2.43
C MET A 94 28.56 -2.09 3.83
N ASN A 95 28.63 -3.41 3.89
CA ASN A 95 28.98 -4.06 5.15
C ASN A 95 30.34 -3.60 5.65
N GLY A 96 31.33 -3.52 4.76
CA GLY A 96 32.65 -3.04 5.15
C GLY A 96 32.63 -1.60 5.64
N LYS A 97 31.77 -0.76 5.05
CA LYS A 97 31.69 0.62 5.50
C LYS A 97 31.03 0.70 6.88
N CYS A 98 30.00 -0.10 7.13
CA CYS A 98 29.45 -0.15 8.48
C CYS A 98 30.51 -0.55 9.49
N ILE A 99 31.33 -1.55 9.16
CA ILE A 99 32.38 -1.98 10.06
C ILE A 99 33.39 -0.87 10.29
N ASN A 100 33.79 -0.15 9.22
CA ASN A 100 34.68 1.00 9.39
C ASN A 100 34.05 2.01 10.35
N ILE A 101 32.78 2.31 10.14
CA ILE A 101 32.12 3.34 10.95
C ILE A 101 32.09 2.92 12.41
N VAL A 102 31.76 1.65 12.67
CA VAL A 102 31.71 1.16 14.05
C VAL A 102 33.10 1.18 14.67
N ALA A 103 34.11 0.71 13.93
CA ALA A 103 35.46 0.68 14.50
C ALA A 103 35.93 2.09 14.82
N ASN A 104 35.59 3.07 13.97
CA ASN A 104 36.00 4.45 14.25
C ASN A 104 35.19 5.06 15.38
N LEU A 105 33.91 4.67 15.50
CA LEU A 105 33.15 5.04 16.70
C LEU A 105 33.86 4.58 17.97
N TRP A 106 34.54 3.44 17.92
CA TRP A 106 35.28 2.91 19.06
C TRP A 106 36.75 3.34 19.04
N ASN A 107 37.08 4.36 18.24
CA ASN A 107 38.42 4.99 18.24
C ASN A 107 39.54 4.00 17.90
N SER A 108 39.28 3.13 16.94
CA SER A 108 40.31 2.18 16.53
C SER A 108 41.54 2.92 16.00
N PRO A 109 42.75 2.55 16.43
CA PRO A 109 43.96 3.15 15.83
C PRO A 109 44.38 2.49 14.52
N GLU A 110 43.64 1.49 14.06
CA GLU A 110 44.03 0.76 12.84
C GLU A 110 44.07 1.72 11.65
N LYS A 111 45.18 1.71 10.91
CA LYS A 111 45.37 2.65 9.81
C LYS A 111 44.78 2.19 8.48
N ASP A 112 44.57 0.89 8.29
CA ASP A 112 43.99 0.39 7.06
C ASP A 112 42.61 1.04 6.83
N THR A 113 42.34 1.41 5.58
CA THR A 113 41.04 1.99 5.24
C THR A 113 39.89 1.05 5.59
N TRP A 114 40.04 -0.23 5.28
CA TRP A 114 39.01 -1.22 5.59
C TRP A 114 39.34 -1.86 6.94
N LYS A 115 38.63 -1.44 7.96
CA LYS A 115 38.88 -1.89 9.32
C LYS A 115 38.64 -3.38 9.47
N THR A 116 39.34 -3.97 10.43
CA THR A 116 39.25 -5.40 10.73
C THR A 116 38.05 -5.65 11.63
N GLY A 117 37.04 -6.30 11.09
CA GLY A 117 35.83 -6.56 11.85
C GLY A 117 34.95 -7.49 11.04
N ALA A 118 33.82 -7.86 11.64
CA ALA A 118 32.94 -8.83 11.01
C ALA A 118 31.49 -8.55 11.33
N LEU A 119 30.63 -8.79 10.35
CA LEU A 119 29.18 -8.85 10.51
C LEU A 119 28.77 -10.02 11.39
N ALA A 120 27.71 -9.83 12.17
CA ALA A 120 27.17 -10.92 12.96
C ALA A 120 25.65 -10.82 12.97
N ILE A 121 24.98 -11.88 13.41
CA ILE A 121 23.53 -11.88 13.61
C ILE A 121 23.14 -11.20 14.94
N GLY A 122 24.07 -11.14 15.88
CA GLY A 122 23.86 -10.46 17.14
C GLY A 122 25.14 -10.51 17.93
N SER A 123 25.09 -10.06 19.18
CA SER A 123 26.27 -10.16 20.02
C SER A 123 26.65 -11.61 20.32
N SER A 124 25.73 -12.56 20.17
CA SER A 124 26.09 -13.95 20.40
C SER A 124 27.22 -14.38 19.46
N GLU A 125 26.98 -14.31 18.15
CA GLU A 125 28.03 -14.66 17.21
C GLU A 125 29.24 -13.74 17.36
N ALA A 126 29.02 -12.44 17.58
CA ALA A 126 30.15 -11.51 17.68
C ALA A 126 31.02 -11.81 18.89
N CYS A 127 30.41 -12.13 20.02
CA CYS A 127 31.16 -12.51 21.21
C CYS A 127 31.93 -13.80 20.98
N MET A 128 31.29 -14.80 20.38
CA MET A 128 31.96 -16.08 20.16
C MET A 128 33.15 -15.91 19.24
N LEU A 129 33.00 -15.06 18.20
CA LEU A 129 34.12 -14.78 17.31
C LEU A 129 35.25 -14.10 18.06
N GLY A 130 34.92 -13.13 18.92
CA GLY A 130 35.95 -12.51 19.75
C GLY A 130 36.63 -13.51 20.68
N GLY A 131 35.84 -14.43 21.26
CA GLY A 131 36.41 -15.39 22.20
C GLY A 131 37.25 -16.47 21.53
N VAL A 132 36.79 -16.95 20.37
CA VAL A 132 37.57 -17.91 19.59
C VAL A 132 38.89 -17.28 19.14
N ALA A 133 38.86 -16.03 18.67
CA ALA A 133 40.10 -15.36 18.32
C ALA A 133 41.02 -15.27 19.53
N ALA A 134 40.48 -14.84 20.68
CA ALA A 134 41.31 -14.78 21.88
C ALA A 134 41.85 -16.15 22.22
N TRP A 135 41.04 -17.20 22.05
CA TRP A 135 41.49 -18.56 22.34
C TRP A 135 42.65 -18.96 21.43
N LEU A 136 42.54 -18.65 20.13
CA LEU A 136 43.55 -19.05 19.16
C LEU A 136 44.84 -18.25 19.34
N ARG A 137 44.75 -16.97 19.67
CA ARG A 137 45.96 -16.18 19.94
C ARG A 137 46.70 -16.75 21.14
N TRP A 138 45.97 -17.17 22.17
CA TRP A 138 46.57 -17.74 23.37
C TRP A 138 47.18 -19.12 23.09
N ARG A 139 46.46 -19.98 22.37
CA ARG A 139 47.02 -21.28 22.02
C ARG A 139 48.36 -21.13 21.32
N LYS A 140 48.39 -20.25 20.32
CA LYS A 140 49.62 -20.04 19.55
C LYS A 140 50.73 -19.51 20.45
N LYS A 141 50.39 -18.62 21.39
CA LYS A 141 51.42 -18.07 22.27
C LYS A 141 52.00 -19.16 23.18
N ARG A 142 51.14 -19.95 23.80
CA ARG A 142 51.63 -21.00 24.71
C ARG A 142 52.43 -22.06 23.95
N GLN A 143 52.01 -22.37 22.71
CA GLN A 143 52.73 -23.35 21.91
C GLN A 143 54.16 -22.88 21.64
N ALA A 144 54.32 -21.60 21.31
CA ALA A 144 55.66 -21.08 21.07
C ALA A 144 56.49 -21.07 22.34
N GLN A 145 55.85 -20.94 23.50
CA GLN A 145 56.56 -20.95 24.77
C GLN A 145 56.79 -22.34 25.32
N GLY A 146 56.26 -23.36 24.66
CA GLY A 146 56.37 -24.72 25.17
C GLY A 146 55.51 -24.99 26.36
N LYS A 147 54.50 -24.16 26.60
CA LYS A 147 53.63 -24.40 27.73
C LYS A 147 52.40 -25.16 27.27
N PRO A 148 51.68 -25.81 28.18
CA PRO A 148 50.47 -26.53 27.77
C PRO A 148 49.40 -25.55 27.31
N PHE A 149 48.48 -26.06 26.50
CA PHE A 149 47.42 -25.21 25.98
C PHE A 149 46.11 -25.98 25.88
N ASP A 150 45.86 -26.95 26.77
CA ASP A 150 44.64 -27.74 26.69
C ASP A 150 43.61 -27.39 27.77
N LYS A 151 43.94 -26.45 28.66
CA LYS A 151 43.02 -26.05 29.73
C LYS A 151 42.86 -24.54 29.77
N PRO A 152 42.28 -23.95 28.72
CA PRO A 152 42.05 -22.50 28.74
C PRO A 152 40.90 -22.09 29.67
N ASN A 153 40.98 -20.86 30.16
CA ASN A 153 39.88 -20.26 30.88
C ASN A 153 39.71 -18.81 30.45
N PHE A 154 38.56 -18.23 30.79
CA PHE A 154 38.34 -16.79 30.66
C PHE A 154 37.58 -16.31 31.89
N VAL A 155 37.66 -15.00 32.14
CA VAL A 155 37.17 -14.38 33.37
C VAL A 155 36.06 -13.41 33.03
N ILE A 156 34.98 -13.44 33.82
CA ILE A 156 33.80 -12.63 33.53
C ILE A 156 33.00 -12.43 34.82
N SER A 157 32.19 -11.37 34.85
CA SER A 157 31.28 -11.15 35.96
C SER A 157 30.23 -12.26 36.00
N THR A 158 29.68 -12.53 37.20
CA THR A 158 28.50 -13.38 37.26
C THR A 158 27.32 -12.75 36.52
N GLY A 159 27.41 -11.45 36.22
CA GLY A 159 26.38 -10.82 35.43
C GLY A 159 26.52 -11.05 33.94
N PHE A 160 27.19 -12.13 33.55
CA PHE A 160 27.38 -12.45 32.13
C PHE A 160 26.04 -12.74 31.45
N GLN A 161 25.99 -12.43 30.17
CA GLN A 161 24.86 -12.86 29.38
C GLN A 161 25.13 -14.27 28.84
N VAL A 162 24.05 -15.03 28.63
CA VAL A 162 24.14 -16.48 28.49
C VAL A 162 25.04 -16.92 27.35
N VAL A 163 25.29 -16.04 26.37
CA VAL A 163 26.13 -16.46 25.25
C VAL A 163 27.52 -16.86 25.73
N TRP A 164 28.00 -16.27 26.83
CA TRP A 164 29.32 -16.66 27.33
C TRP A 164 29.32 -18.04 27.97
N GLU A 165 28.17 -18.45 28.54
CA GLU A 165 27.99 -19.83 28.97
C GLU A 165 27.90 -20.78 27.78
N LYS A 166 27.20 -20.37 26.71
CA LYS A 166 27.18 -21.17 25.50
C LYS A 166 28.59 -21.33 24.96
N PHE A 167 29.32 -20.22 24.88
CA PHE A 167 30.73 -20.24 24.47
C PHE A 167 31.54 -21.23 25.30
N ALA A 168 31.36 -21.20 26.62
CA ALA A 168 32.08 -22.12 27.49
C ALA A 168 31.72 -23.57 27.18
N GLN A 169 30.42 -23.83 26.95
CA GLN A 169 29.96 -25.20 26.75
C GLN A 169 30.37 -25.74 25.40
N LEU A 170 30.07 -24.98 24.34
CA LEU A 170 30.24 -25.49 22.99
C LEU A 170 31.70 -25.56 22.58
N TRP A 171 32.58 -24.80 23.22
CA TRP A 171 34.01 -24.91 22.97
C TRP A 171 34.77 -25.57 24.09
N GLN A 172 34.10 -25.91 25.20
CA GLN A 172 34.73 -26.54 26.38
C GLN A 172 35.88 -25.69 26.92
N ILE A 173 35.58 -24.42 27.21
CA ILE A 173 36.56 -23.51 27.82
C ILE A 173 36.01 -23.10 29.18
N GLU A 174 36.86 -23.13 30.20
CA GLU A 174 36.40 -22.94 31.57
C GLU A 174 36.04 -21.48 31.84
N MET A 175 34.83 -21.25 32.32
CA MET A 175 34.40 -19.90 32.65
C MET A 175 34.61 -19.64 34.14
N ARG A 176 35.40 -18.61 34.45
CA ARG A 176 35.64 -18.19 35.82
C ARG A 176 34.87 -16.89 36.07
N GLU A 177 34.00 -16.91 37.09
CA GLU A 177 33.02 -15.87 37.34
C GLU A 177 33.35 -15.09 38.59
N VAL A 178 33.28 -13.77 38.50
CA VAL A 178 33.49 -12.87 39.63
C VAL A 178 32.13 -12.49 40.18
N PRO A 179 31.85 -12.75 41.45
CA PRO A 179 30.50 -12.51 42.00
C PRO A 179 30.19 -11.04 42.17
N LEU A 180 28.89 -10.73 42.11
CA LEU A 180 28.38 -9.41 42.43
C LEU A 180 28.00 -9.33 43.91
N THR A 181 28.25 -8.16 44.50
CA THR A 181 27.81 -7.82 45.84
C THR A 181 27.28 -6.39 45.84
N LEU A 182 26.62 -6.02 46.94
CA LEU A 182 26.19 -4.64 47.08
C LEU A 182 27.36 -3.66 47.06
N GLU A 183 28.53 -4.09 47.53
CA GLU A 183 29.71 -3.23 47.53
C GLU A 183 30.34 -3.12 46.16
N LYS A 184 30.21 -4.18 45.34
CA LYS A 184 30.82 -4.22 44.01
C LYS A 184 29.72 -4.62 43.00
N THR A 185 28.90 -3.64 42.63
CA THR A 185 27.77 -3.85 41.75
C THR A 185 28.16 -4.12 40.29
N THR A 186 29.44 -3.98 39.94
CA THR A 186 29.96 -4.34 38.62
C THR A 186 31.27 -5.09 38.80
N LEU A 187 31.89 -5.48 37.67
CA LEU A 187 33.09 -6.30 37.72
C LEU A 187 34.19 -5.60 38.52
N ASP A 188 34.59 -6.21 39.62
CA ASP A 188 35.68 -5.69 40.41
C ASP A 188 37.03 -6.14 39.84
N PRO A 189 37.92 -5.21 39.47
CA PRO A 189 39.17 -5.60 38.79
C PRO A 189 40.09 -6.46 39.64
N GLU A 190 40.20 -6.18 40.93
CA GLU A 190 41.10 -6.98 41.76
C GLU A 190 40.62 -8.42 41.86
N GLU A 191 39.31 -8.63 42.07
CA GLU A 191 38.78 -9.99 42.09
C GLU A 191 38.90 -10.67 40.73
N ALA A 192 38.71 -9.92 39.65
CA ALA A 192 38.92 -10.49 38.31
C ALA A 192 40.36 -10.97 38.15
N LEU A 193 41.33 -10.13 38.55
CA LEU A 193 42.74 -10.47 38.37
C LEU A 193 43.13 -11.69 39.17
N LYS A 194 42.52 -11.88 40.34
CA LYS A 194 42.81 -13.06 41.15
C LYS A 194 42.44 -14.35 40.44
N MET A 195 41.56 -14.30 39.44
CA MET A 195 41.22 -15.52 38.72
C MET A 195 42.06 -15.71 37.46
N CYS A 196 42.95 -14.78 37.12
CA CYS A 196 43.78 -14.93 35.94
C CYS A 196 44.98 -15.81 36.27
N ASP A 197 45.38 -16.64 35.31
CA ASP A 197 46.61 -17.40 35.40
C ASP A 197 47.15 -17.59 33.97
N GLU A 198 48.12 -18.51 33.83
CA GLU A 198 48.75 -18.73 32.53
C GLU A 198 47.80 -19.31 31.49
N ASN A 199 46.60 -19.72 31.91
CA ASN A 199 45.65 -20.32 30.99
C ASN A 199 44.47 -19.40 30.66
N THR A 200 44.50 -18.14 31.09
CA THR A 200 43.40 -17.23 30.81
C THR A 200 43.55 -16.66 29.41
N ILE A 201 42.52 -16.84 28.59
CA ILE A 201 42.59 -16.32 27.22
C ILE A 201 42.12 -14.87 27.13
N CYS A 202 41.30 -14.38 28.05
CA CYS A 202 40.86 -12.99 28.06
C CYS A 202 40.00 -12.74 29.29
N VAL A 203 39.84 -11.46 29.61
CA VAL A 203 38.85 -11.00 30.59
C VAL A 203 37.76 -10.27 29.83
N VAL A 204 36.50 -10.45 30.27
CA VAL A 204 35.36 -9.92 29.51
C VAL A 204 34.58 -8.95 30.38
N PRO A 205 34.91 -7.66 30.37
CA PRO A 205 34.02 -6.66 30.99
C PRO A 205 32.82 -6.40 30.08
N ILE A 206 31.73 -5.94 30.68
CA ILE A 206 30.46 -5.79 29.99
C ILE A 206 30.01 -4.33 30.10
N GLN A 207 29.63 -3.74 28.96
CA GLN A 207 29.07 -2.39 28.91
C GLN A 207 27.58 -2.52 28.67
N GLY A 208 26.78 -2.32 29.72
CA GLY A 208 25.35 -2.57 29.65
C GLY A 208 24.99 -3.95 30.14
N VAL A 209 25.37 -4.25 31.38
CA VAL A 209 25.09 -5.56 31.98
C VAL A 209 23.58 -5.80 31.96
N THR A 210 23.17 -6.93 31.40
CA THR A 210 21.75 -7.17 31.20
C THR A 210 21.01 -7.21 32.52
N TRP A 211 21.63 -7.80 33.56
CA TRP A 211 20.96 -7.98 34.83
C TRP A 211 20.75 -6.67 35.56
N THR A 212 21.66 -5.70 35.40
CA THR A 212 21.70 -4.52 36.25
C THR A 212 21.64 -3.20 35.49
N GLY A 213 21.96 -3.18 34.20
CA GLY A 213 22.02 -1.95 33.41
C GLY A 213 23.29 -1.15 33.53
N LEU A 214 24.26 -1.62 34.32
CA LEU A 214 25.46 -0.86 34.61
C LEU A 214 26.60 -1.23 33.62
N ASN A 215 27.71 -0.52 33.72
CA ASN A 215 28.90 -0.77 32.92
C ASN A 215 30.05 -1.23 33.81
N ASP A 216 30.65 -2.38 33.49
CA ASP A 216 31.95 -2.71 34.07
C ASP A 216 32.96 -1.63 33.73
N ASP A 217 33.86 -1.34 34.66
CA ASP A 217 34.85 -0.29 34.41
C ASP A 217 36.02 -0.88 33.61
N VAL A 218 35.98 -0.69 32.29
CA VAL A 218 36.99 -1.29 31.42
C VAL A 218 38.37 -0.67 31.66
N GLU A 219 38.42 0.66 31.85
CA GLU A 219 39.71 1.30 32.05
C GLU A 219 40.39 0.78 33.31
N ALA A 220 39.63 0.61 34.40
CA ALA A 220 40.20 0.04 35.61
C ALA A 220 40.69 -1.38 35.39
N LEU A 221 39.95 -2.16 34.60
CA LEU A 221 40.42 -3.51 34.28
C LEU A 221 41.71 -3.45 33.49
N ASP A 222 41.76 -2.56 32.49
CA ASP A 222 42.97 -2.38 31.68
C ASP A 222 44.16 -2.02 32.55
N LYS A 223 43.94 -1.16 33.55
CA LYS A 223 45.02 -0.75 34.44
C LYS A 223 45.57 -1.91 35.24
N ALA A 224 44.68 -2.69 35.87
CA ALA A 224 45.12 -3.84 36.64
C ALA A 224 45.78 -4.87 35.75
N LEU A 225 45.22 -5.08 34.56
CA LEU A 225 45.74 -6.07 33.63
C LEU A 225 47.14 -5.70 33.14
N ASP A 226 47.40 -4.41 32.94
CA ASP A 226 48.72 -3.96 32.48
C ASP A 226 49.81 -4.30 33.49
N ALA A 227 49.58 -4.02 34.77
CA ALA A 227 50.59 -4.35 35.78
C ALA A 227 50.76 -5.86 35.92
N TYR A 228 49.65 -6.60 35.91
CA TYR A 228 49.70 -8.06 36.02
C TYR A 228 50.45 -8.66 34.83
N ASN A 229 50.12 -8.21 33.62
CA ASN A 229 50.78 -8.74 32.43
C ASN A 229 52.26 -8.39 32.45
N ALA A 230 52.60 -7.18 32.90
CA ALA A 230 54.01 -6.81 33.05
C ALA A 230 54.72 -7.66 34.10
N LYS A 231 53.98 -8.17 35.07
CA LYS A 231 54.62 -8.98 36.11
C LYS A 231 54.86 -10.41 35.64
N THR A 232 53.87 -10.98 34.95
CA THR A 232 53.83 -12.40 34.62
C THR A 232 54.20 -12.73 33.18
N GLY A 233 54.08 -11.77 32.25
CA GLY A 233 54.23 -12.06 30.84
C GLY A 233 53.11 -12.86 30.22
N TYR A 234 51.99 -13.06 30.91
CA TYR A 234 50.89 -13.85 30.35
C TYR A 234 50.18 -13.13 29.20
N ASP A 235 50.28 -11.80 29.10
CA ASP A 235 49.80 -11.08 27.91
C ASP A 235 48.29 -11.22 27.71
N ILE A 236 47.54 -11.20 28.80
CA ILE A 236 46.10 -11.42 28.81
C ILE A 236 45.36 -10.19 28.30
N PRO A 237 44.55 -10.32 27.26
CA PRO A 237 43.81 -9.18 26.72
C PRO A 237 42.41 -9.00 27.28
N ILE A 238 41.76 -7.94 26.84
CA ILE A 238 40.34 -7.70 27.11
C ILE A 238 39.58 -7.93 25.81
N HIS A 239 38.44 -8.59 25.92
CA HIS A 239 37.37 -8.47 24.93
C HIS A 239 36.19 -7.79 25.59
N VAL A 240 35.73 -6.67 25.04
CA VAL A 240 34.62 -5.94 25.63
C VAL A 240 33.31 -6.47 25.05
N ASP A 241 32.47 -7.06 25.89
CA ASP A 241 31.07 -7.30 25.54
C ASP A 241 30.32 -6.00 25.76
N ALA A 242 30.15 -5.22 24.68
CA ALA A 242 29.46 -3.93 24.77
C ALA A 242 28.11 -4.03 24.05
N ALA A 243 27.43 -5.16 24.18
CA ALA A 243 26.21 -5.41 23.44
C ALA A 243 25.25 -4.22 23.42
N SER A 244 24.99 -3.62 24.59
CA SER A 244 24.21 -2.38 24.62
C SER A 244 25.08 -1.12 24.57
N GLY A 245 26.07 -1.03 25.46
CA GLY A 245 26.81 0.20 25.61
C GLY A 245 27.63 0.63 24.40
N GLY A 246 27.92 -0.29 23.48
CA GLY A 246 28.74 0.08 22.32
C GLY A 246 28.10 1.12 21.41
N PHE A 247 26.78 1.31 21.49
CA PHE A 247 26.10 2.35 20.76
C PHE A 247 25.51 3.42 21.67
N ILE A 248 25.88 3.42 22.95
CA ILE A 248 25.52 4.48 23.89
C ILE A 248 26.72 5.35 24.20
N LEU A 249 27.81 4.74 24.65
CA LEU A 249 28.97 5.48 25.12
C LEU A 249 29.59 6.41 24.07
N PRO A 250 29.76 6.03 22.81
CA PRO A 250 30.40 6.99 21.88
C PRO A 250 29.63 8.29 21.73
N PHE A 251 28.31 8.25 21.89
CA PHE A 251 27.51 9.45 21.68
C PHE A 251 27.28 10.23 22.97
N LEU A 252 26.96 9.54 24.07
CA LEU A 252 26.65 10.20 25.33
C LEU A 252 27.83 10.29 26.30
N TYR A 253 28.85 9.45 26.15
CA TYR A 253 30.04 9.48 27.01
C TYR A 253 31.33 9.41 26.19
N PRO A 254 31.56 10.36 25.27
CA PRO A 254 32.73 10.26 24.38
C PRO A 254 34.06 10.25 25.11
N ASP A 255 34.16 10.84 26.29
CA ASP A 255 35.43 10.94 27.04
C ASP A 255 35.66 9.73 27.97
N THR A 256 34.67 8.86 28.13
CA THR A 256 34.91 7.65 28.89
C THR A 256 35.81 6.70 28.08
N LYS A 257 37.00 6.40 28.62
CA LYS A 257 37.97 5.57 27.91
C LYS A 257 37.62 4.12 28.19
N TRP A 258 36.93 3.48 27.24
CA TRP A 258 36.47 2.11 27.39
C TRP A 258 36.79 1.25 26.18
N ASP A 259 37.28 1.83 25.08
CA ASP A 259 37.32 1.19 23.76
C ASP A 259 38.78 0.96 23.33
N PHE A 260 39.03 1.03 22.02
CA PHE A 260 40.36 0.80 21.46
C PHE A 260 41.39 1.85 21.89
N ARG A 261 40.95 2.93 22.55
CA ARG A 261 41.90 3.81 23.22
C ARG A 261 42.67 3.08 24.32
N LEU A 262 42.12 1.99 24.87
CA LEU A 262 42.80 1.28 25.95
C LEU A 262 43.77 0.23 25.38
N LYS A 263 44.95 0.15 25.97
CA LYS A 263 46.03 -0.70 25.44
C LYS A 263 45.59 -2.16 25.28
N TRP A 264 44.87 -2.70 26.25
CA TRP A 264 44.62 -4.13 26.28
C TRP A 264 43.27 -4.52 25.68
N VAL A 265 42.50 -3.56 25.19
CA VAL A 265 41.24 -3.84 24.52
C VAL A 265 41.57 -4.22 23.07
N LEU A 266 41.57 -5.51 22.78
CA LEU A 266 41.96 -5.98 21.47
C LEU A 266 40.78 -6.30 20.57
N SER A 267 39.57 -6.46 21.15
CA SER A 267 38.38 -6.67 20.34
C SER A 267 37.18 -6.22 21.15
N ILE A 268 36.13 -5.81 20.42
CA ILE A 268 34.90 -5.29 21.01
C ILE A 268 33.73 -5.81 20.18
N SER A 269 32.64 -6.17 20.86
CA SER A 269 31.43 -6.60 20.17
C SER A 269 30.24 -5.78 20.63
N VAL A 270 29.19 -5.75 19.80
CA VAL A 270 28.01 -4.94 20.05
C VAL A 270 26.82 -5.59 19.36
N SER A 271 25.63 -5.29 19.85
CA SER A 271 24.40 -5.69 19.20
C SER A 271 23.90 -4.48 18.41
N GLY A 272 24.05 -4.55 17.08
CA GLY A 272 23.45 -3.54 16.23
C GLY A 272 21.94 -3.50 16.35
N HIS A 273 21.33 -4.65 16.66
CA HIS A 273 19.89 -4.67 16.82
C HIS A 273 19.43 -4.26 18.23
N LYS A 274 20.33 -3.76 19.09
CA LYS A 274 19.90 -3.23 20.37
C LYS A 274 19.82 -1.70 20.35
N PHE A 275 20.91 -1.02 20.70
CA PHE A 275 20.95 0.43 20.61
C PHE A 275 21.64 0.93 19.33
N GLY A 276 22.07 0.02 18.45
CA GLY A 276 22.38 0.39 17.08
C GLY A 276 21.16 0.75 16.27
N LEU A 277 19.96 0.49 16.84
CA LEU A 277 18.66 0.95 16.35
C LEU A 277 18.18 0.21 15.11
N VAL A 278 18.63 -1.02 14.87
CA VAL A 278 18.21 -1.82 13.72
C VAL A 278 17.35 -2.98 14.23
N TYR A 279 16.33 -3.37 13.46
CA TYR A 279 15.52 -4.54 13.75
C TYR A 279 16.36 -5.80 13.91
N PRO A 280 15.81 -6.85 14.55
CA PRO A 280 16.58 -8.07 14.87
C PRO A 280 17.40 -8.64 13.71
N GLY A 281 18.61 -9.07 14.05
CA GLY A 281 19.49 -9.77 13.13
C GLY A 281 20.80 -9.08 12.90
N LEU A 282 21.31 -8.32 13.87
CA LEU A 282 22.53 -7.55 13.62
C LEU A 282 23.43 -7.48 14.85
N GLY A 283 24.69 -7.91 14.68
CA GLY A 283 25.74 -7.63 15.62
C GLY A 283 27.00 -7.25 14.87
N TRP A 284 27.97 -6.72 15.61
CA TRP A 284 29.29 -6.40 15.07
C TRP A 284 30.37 -6.78 16.06
N VAL A 285 31.49 -7.26 15.55
CA VAL A 285 32.71 -7.42 16.34
C VAL A 285 33.86 -6.78 15.58
N CYS A 286 34.67 -5.99 16.29
CA CYS A 286 35.86 -5.37 15.71
C CYS A 286 37.08 -5.76 16.52
N TRP A 287 38.20 -5.90 15.83
CA TRP A 287 39.50 -6.10 16.45
C TRP A 287 40.29 -4.81 16.32
N LYS A 288 41.18 -4.59 17.28
CA LYS A 288 42.00 -3.38 17.29
C LYS A 288 42.88 -3.28 16.06
N GLY A 289 43.18 -4.41 15.44
CA GLY A 289 43.99 -4.42 14.23
C GLY A 289 44.01 -5.80 13.64
N LYS A 290 44.50 -5.86 12.41
CA LYS A 290 44.53 -7.12 11.67
C LYS A 290 45.37 -8.17 12.37
N GLU A 291 46.39 -7.75 13.11
CA GLU A 291 47.24 -8.71 13.80
C GLU A 291 46.52 -9.44 14.94
N TYR A 292 45.34 -8.97 15.38
CA TYR A 292 44.63 -9.66 16.46
C TYR A 292 43.56 -10.61 15.95
N LEU A 293 43.39 -10.72 14.63
CA LEU A 293 42.44 -11.68 14.05
C LEU A 293 43.24 -12.81 13.42
N PRO A 294 43.23 -14.00 14.02
CA PRO A 294 44.08 -15.09 13.51
C PRO A 294 43.74 -15.47 12.07
N GLU A 295 44.80 -15.76 11.30
CA GLU A 295 44.62 -16.24 9.93
C GLU A 295 43.86 -17.55 9.88
N GLU A 296 43.94 -18.35 10.95
CA GLU A 296 43.23 -19.62 11.00
C GLU A 296 41.72 -19.44 10.95
N MET A 297 41.21 -18.28 11.36
CA MET A 297 39.78 -18.06 11.41
C MET A 297 39.23 -17.38 10.19
N SER A 298 40.09 -16.81 9.37
CA SER A 298 39.65 -15.69 8.57
C SER A 298 40.48 -15.60 7.30
N PHE A 299 39.89 -14.96 6.31
CA PHE A 299 40.59 -14.53 5.11
C PHE A 299 39.87 -13.26 4.67
N SER A 300 40.35 -12.64 3.62
CA SER A 300 39.72 -11.45 3.10
C SER A 300 39.59 -11.55 1.60
N VAL A 301 38.50 -11.01 1.06
CA VAL A 301 38.25 -10.96 -0.37
C VAL A 301 38.10 -9.51 -0.77
N ASN A 302 38.72 -9.14 -1.89
CA ASN A 302 38.58 -7.79 -2.43
C ASN A 302 37.28 -7.73 -3.23
N TYR A 303 36.37 -6.86 -2.81
CA TYR A 303 35.12 -6.58 -3.53
C TYR A 303 35.11 -5.10 -3.90
N LEU A 304 35.27 -4.82 -5.19
CA LEU A 304 35.20 -3.45 -5.70
C LEU A 304 36.21 -2.54 -4.99
N GLY A 305 37.40 -3.08 -4.72
CA GLY A 305 38.42 -2.34 -4.03
C GLY A 305 38.32 -2.35 -2.52
N ALA A 306 37.32 -3.00 -1.94
CA ALA A 306 37.14 -3.09 -0.49
C ALA A 306 37.65 -4.43 0.01
N ASN A 307 38.51 -4.39 1.01
CA ASN A 307 39.00 -5.62 1.64
C ASN A 307 37.98 -6.05 2.70
N ILE A 308 37.20 -7.09 2.38
CA ILE A 308 36.12 -7.56 3.25
C ILE A 308 36.54 -8.86 3.92
N THR A 309 36.63 -8.83 5.26
CA THR A 309 37.03 -10.01 6.02
C THR A 309 35.92 -11.05 6.04
N GLN A 310 36.28 -12.30 5.78
CA GLN A 310 35.32 -13.42 5.69
C GLN A 310 35.44 -14.30 6.93
N VAL A 311 34.91 -13.84 8.04
CA VAL A 311 34.89 -14.61 9.27
C VAL A 311 33.47 -14.60 9.81
N GLY A 312 33.02 -15.74 10.30
CA GLY A 312 31.71 -15.83 10.88
C GLY A 312 31.31 -17.24 11.21
N LEU A 313 30.36 -17.38 12.11
CA LEU A 313 29.74 -18.68 12.37
C LEU A 313 28.60 -18.94 11.39
N ASN A 314 27.85 -17.91 11.00
CA ASN A 314 26.77 -18.11 10.04
C ASN A 314 27.31 -17.98 8.61
N PHE A 315 26.49 -18.37 7.65
CA PHE A 315 26.89 -18.21 6.26
C PHE A 315 25.77 -17.46 5.52
N SER A 316 24.86 -18.15 4.87
CA SER A 316 23.70 -17.47 4.27
C SER A 316 22.88 -16.79 5.36
N ARG A 317 22.41 -15.58 5.08
CA ARG A 317 21.70 -14.81 6.10
C ARG A 317 21.04 -13.61 5.43
N PRO A 318 20.01 -13.03 6.05
CA PRO A 318 19.41 -11.81 5.51
C PRO A 318 20.43 -10.68 5.45
N ALA A 319 20.38 -9.93 4.35
CA ALA A 319 21.18 -8.74 4.20
C ALA A 319 20.45 -7.47 4.66
N ALA A 320 19.15 -7.57 4.98
CA ALA A 320 18.37 -6.35 5.25
C ALA A 320 18.99 -5.50 6.35
N GLN A 321 19.54 -6.14 7.39
CA GLN A 321 20.00 -5.40 8.57
C GLN A 321 21.22 -4.53 8.25
N ILE A 322 22.01 -4.91 7.26
CA ILE A 322 23.12 -4.08 6.81
C ILE A 322 22.59 -2.78 6.19
N LEU A 323 21.62 -2.90 5.29
CA LEU A 323 20.97 -1.70 4.74
C LEU A 323 20.39 -0.87 5.87
N GLY A 324 19.74 -1.55 6.83
CA GLY A 324 19.13 -0.82 7.94
C GLY A 324 20.15 -0.05 8.75
N GLN A 325 21.33 -0.67 8.98
CA GLN A 325 22.38 -0.02 9.75
C GLN A 325 22.94 1.17 9.02
N TYR A 326 23.28 0.99 7.73
CA TYR A 326 23.82 2.08 6.94
C TYR A 326 22.79 3.19 6.81
N TYR A 327 21.51 2.84 6.69
CA TYR A 327 20.47 3.84 6.69
C TYR A 327 20.50 4.68 7.95
N GLN A 328 20.60 4.02 9.13
CA GLN A 328 20.59 4.78 10.39
C GLN A 328 21.79 5.71 10.48
N PHE A 329 22.97 5.24 10.05
CA PHE A 329 24.17 6.08 10.09
C PHE A 329 24.03 7.35 9.26
N ILE A 330 23.48 7.24 8.05
CA ILE A 330 23.35 8.43 7.19
C ILE A 330 22.18 9.30 7.65
N ARG A 331 21.05 8.67 7.97
CA ARG A 331 19.85 9.43 8.28
C ARG A 331 20.01 10.20 9.59
N LEU A 332 20.66 9.60 10.58
CA LEU A 332 20.84 10.28 11.86
C LEU A 332 22.19 10.96 12.02
N GLY A 333 23.27 10.32 11.54
CA GLY A 333 24.57 10.86 11.84
C GLY A 333 24.85 10.80 13.33
N PHE A 334 25.99 11.36 13.72
CA PHE A 334 26.37 11.38 15.14
C PHE A 334 25.34 12.16 15.97
N GLN A 335 24.94 13.35 15.49
CA GLN A 335 23.98 14.15 16.25
C GLN A 335 22.67 13.41 16.43
N GLY A 336 22.18 12.77 15.37
CA GLY A 336 20.92 12.07 15.43
C GLY A 336 20.93 10.88 16.37
N TYR A 337 21.99 10.07 16.31
CA TYR A 337 22.17 9.01 17.30
C TYR A 337 22.21 9.57 18.70
N LYS A 338 22.97 10.66 18.89
CA LYS A 338 23.07 11.28 20.19
C LYS A 338 21.71 11.68 20.73
N GLU A 339 20.86 12.27 19.89
CA GLU A 339 19.58 12.78 20.35
C GLU A 339 18.60 11.64 20.62
N VAL A 340 18.65 10.57 19.83
CA VAL A 340 17.81 9.41 20.10
C VAL A 340 18.24 8.72 21.39
N GLN A 341 19.54 8.48 21.57
CA GLN A 341 19.96 7.85 22.82
C GLN A 341 19.72 8.78 24.00
N TYR A 342 19.88 10.10 23.80
CA TYR A 342 19.54 11.05 24.86
C TYR A 342 18.08 10.89 25.28
N ASN A 343 17.17 10.80 24.31
CA ASN A 343 15.76 10.58 24.63
C ASN A 343 15.56 9.29 25.43
N SER A 344 16.12 8.17 24.94
CA SER A 344 15.94 6.90 25.64
C SER A 344 16.52 6.95 27.06
N LEU A 345 17.69 7.57 27.21
CA LEU A 345 18.30 7.63 28.55
C LEU A 345 17.51 8.56 29.46
N GLN A 346 17.05 9.69 28.94
CA GLN A 346 16.26 10.60 29.76
C GLN A 346 14.97 9.96 30.25
N ILE A 347 14.30 9.18 29.40
CA ILE A 347 13.06 8.53 29.81
C ILE A 347 13.34 7.47 30.86
N ALA A 348 14.45 6.74 30.72
CA ALA A 348 14.86 5.78 31.75
C ALA A 348 15.14 6.46 33.09
N LYS A 349 15.87 7.57 33.08
CA LYS A 349 16.14 8.29 34.32
C LYS A 349 14.86 8.83 34.94
N TYR A 350 13.92 9.25 34.09
CA TYR A 350 12.63 9.74 34.59
C TYR A 350 11.87 8.64 35.32
N ILE A 351 11.73 7.49 34.68
CA ILE A 351 11.06 6.35 35.29
C ILE A 351 11.80 5.94 36.56
N HIS A 352 13.13 5.93 36.49
CA HIS A 352 13.99 5.64 37.64
C HIS A 352 13.66 6.55 38.83
N GLY A 353 13.52 7.85 38.56
CA GLY A 353 13.22 8.79 39.63
C GLY A 353 11.79 8.68 40.16
N GLU A 354 10.84 8.30 39.30
CA GLU A 354 9.47 8.12 39.75
C GLU A 354 9.33 6.84 40.57
N ILE A 355 10.06 5.80 40.19
CA ILE A 355 10.12 4.56 40.95
C ILE A 355 10.67 4.83 42.36
N ALA A 356 11.72 5.64 42.45
CA ALA A 356 12.33 5.92 43.75
C ALA A 356 11.38 6.64 44.70
N LYS A 357 10.40 7.38 44.19
CA LYS A 357 9.44 8.09 45.01
C LYS A 357 8.35 7.18 45.57
N MET A 358 8.19 5.98 45.03
CA MET A 358 7.14 5.08 45.47
C MET A 358 7.58 4.34 46.73
N ALA A 359 6.68 4.27 47.71
CA ALA A 359 7.02 3.69 49.01
C ALA A 359 7.57 2.27 48.93
N PRO A 360 7.08 1.35 48.09
CA PRO A 360 7.60 -0.03 48.13
C PRO A 360 9.01 -0.21 47.55
N PHE A 361 9.52 0.75 46.78
CA PHE A 361 10.66 0.48 45.90
C PHE A 361 11.95 1.20 46.30
N VAL A 362 13.08 0.59 45.95
CA VAL A 362 14.37 1.23 46.02
C VAL A 362 15.21 0.76 44.84
N ASN A 363 15.88 1.71 44.18
CA ASN A 363 16.68 1.42 42.99
C ASN A 363 18.00 0.78 43.37
N TYR A 364 18.45 -0.14 42.51
CA TYR A 364 19.74 -0.79 42.72
C TYR A 364 20.89 0.21 42.63
N SER A 365 20.74 1.23 41.77
CA SER A 365 21.79 2.21 41.53
C SER A 365 21.18 3.59 41.38
N GLU A 366 21.90 4.60 41.83
CA GLU A 366 21.47 5.97 41.63
C GLU A 366 21.88 6.51 40.27
N ASN A 367 22.80 5.81 39.60
CA ASN A 367 23.44 6.24 38.37
C ASN A 367 22.90 5.42 37.20
N VAL A 368 22.22 6.10 36.28
CA VAL A 368 21.65 5.47 35.09
C VAL A 368 22.56 5.87 33.93
N VAL A 369 23.33 4.91 33.43
CA VAL A 369 24.30 5.14 32.36
C VAL A 369 23.90 4.44 31.08
N ASN A 370 22.95 3.53 31.14
CA ASN A 370 22.31 2.97 29.97
C ASN A 370 20.81 3.16 30.06
N PRO A 371 20.09 3.14 28.93
CA PRO A 371 18.65 3.40 28.99
C PRO A 371 17.88 2.23 29.62
N LEU A 372 18.31 1.83 30.82
CA LEU A 372 17.61 0.81 31.58
C LEU A 372 18.13 0.86 33.01
N PHE A 373 17.37 0.28 33.92
CA PHE A 373 17.73 0.24 35.33
C PHE A 373 16.89 -0.84 36.01
N ILE A 374 17.26 -1.17 37.23
CA ILE A 374 16.53 -2.17 38.01
C ILE A 374 16.22 -1.62 39.39
N TRP A 375 15.17 -2.15 39.99
CA TRP A 375 14.85 -1.81 41.38
C TRP A 375 14.37 -3.06 42.09
N TYR A 376 14.27 -2.98 43.41
CA TYR A 376 13.72 -4.07 44.21
C TYR A 376 12.88 -3.47 45.33
N LEU A 377 12.24 -4.35 46.10
CA LEU A 377 11.46 -3.90 47.25
C LEU A 377 12.38 -3.47 48.38
N LYS A 378 12.07 -2.34 48.99
CA LYS A 378 12.74 -1.95 50.22
C LYS A 378 12.69 -3.10 51.22
N PRO A 379 13.83 -3.53 51.77
CA PRO A 379 13.82 -4.70 52.68
C PRO A 379 12.80 -4.62 53.80
N GLU A 380 12.66 -3.47 54.45
CA GLU A 380 11.68 -3.36 55.53
C GLU A 380 10.26 -3.40 54.98
N TYR A 381 10.05 -2.93 53.75
CA TYR A 381 8.73 -3.07 53.15
C TYR A 381 8.44 -4.51 52.77
N ALA A 382 9.44 -5.20 52.22
CA ALA A 382 9.23 -6.56 51.74
C ALA A 382 8.91 -7.51 52.88
N LYS A 383 9.42 -7.22 54.07
CA LYS A 383 9.22 -8.13 55.19
C LYS A 383 7.74 -8.32 55.51
N SER A 384 6.97 -7.24 55.53
CA SER A 384 5.57 -7.31 55.94
C SER A 384 4.62 -7.31 54.75
N ALA A 385 5.14 -7.28 53.53
CA ALA A 385 4.31 -7.27 52.33
C ALA A 385 3.75 -8.66 52.05
N LYS A 386 2.53 -8.69 51.51
CA LYS A 386 1.92 -9.94 51.06
C LYS A 386 2.32 -10.32 49.64
N TRP A 387 3.02 -9.45 48.91
CA TRP A 387 3.31 -9.65 47.50
C TRP A 387 4.80 -9.48 47.23
N THR A 388 5.23 -9.98 46.08
CA THR A 388 6.59 -9.81 45.56
C THR A 388 6.55 -9.14 44.19
N LEU A 389 7.75 -8.87 43.65
CA LEU A 389 7.81 -8.30 42.30
C LEU A 389 7.29 -9.25 41.24
N TYR A 390 7.29 -10.56 41.50
CA TYR A 390 6.65 -11.49 40.56
C TYR A 390 5.16 -11.20 40.45
N ASP A 391 4.54 -10.84 41.58
CA ASP A 391 3.13 -10.49 41.53
C ASP A 391 2.91 -9.20 40.75
N LEU A 392 3.81 -8.23 40.87
CA LEU A 392 3.69 -7.00 40.11
C LEU A 392 3.82 -7.26 38.60
N GLN A 393 4.77 -8.09 38.19
CA GLN A 393 4.89 -8.50 36.78
C GLN A 393 3.58 -9.06 36.23
N ASP A 394 2.93 -9.95 37.01
CA ASP A 394 1.66 -10.52 36.56
C ASP A 394 0.58 -9.46 36.44
N LYS A 395 0.49 -8.54 37.43
CA LYS A 395 -0.47 -7.46 37.33
C LYS A 395 -0.23 -6.63 36.06
N LEU A 396 1.03 -6.31 35.76
CA LEU A 396 1.32 -5.46 34.60
C LEU A 396 1.03 -6.18 33.28
N SER A 397 1.23 -7.50 33.24
CA SER A 397 0.94 -8.25 32.02
C SER A 397 -0.53 -8.21 31.67
N GLN A 398 -1.40 -8.04 32.68
CA GLN A 398 -2.84 -7.95 32.44
C GLN A 398 -3.19 -6.71 31.63
N HIS A 399 -2.28 -5.73 31.56
CA HIS A 399 -2.43 -4.56 30.72
C HIS A 399 -1.53 -4.60 29.49
N GLY A 400 -0.94 -5.76 29.20
CA GLY A 400 -0.16 -5.99 28.01
C GLY A 400 1.34 -5.77 28.14
N TRP A 401 1.80 -5.22 29.26
CA TRP A 401 3.22 -5.00 29.46
C TRP A 401 3.94 -6.30 29.82
N MET A 402 5.21 -6.40 29.42
CA MET A 402 6.13 -7.38 29.97
C MET A 402 7.22 -6.61 30.68
N VAL A 403 7.17 -6.62 32.00
CA VAL A 403 8.19 -6.04 32.85
C VAL A 403 8.71 -7.16 33.76
N PRO A 404 9.91 -7.68 33.50
CA PRO A 404 10.35 -8.94 34.14
C PRO A 404 10.90 -8.74 35.54
N ALA A 405 10.55 -9.67 36.41
CA ALA A 405 11.13 -9.79 37.74
C ALA A 405 11.99 -11.05 37.79
N TYR A 406 13.13 -10.95 38.47
CA TYR A 406 14.08 -12.05 38.53
C TYR A 406 15.06 -11.79 39.67
N THR A 407 15.75 -12.85 40.06
CA THR A 407 16.82 -12.77 41.05
C THR A 407 18.14 -12.42 40.37
N LEU A 408 18.97 -11.66 41.08
CA LEU A 408 20.27 -11.26 40.57
C LEU A 408 21.27 -12.42 40.65
N PRO A 409 22.37 -12.35 39.87
CA PRO A 409 23.39 -13.43 39.93
C PRO A 409 24.14 -13.53 41.25
N SER A 410 25.10 -14.45 41.29
CA SER A 410 25.61 -14.99 42.55
C SER A 410 26.03 -13.92 43.53
N LYS A 411 25.72 -14.22 44.79
CA LYS A 411 25.85 -13.49 46.04
C LYS A 411 24.77 -12.40 46.16
N LEU A 412 24.05 -12.07 45.07
CA LEU A 412 22.83 -11.27 45.17
C LEU A 412 21.58 -12.05 44.77
N GLU A 413 21.66 -13.39 44.81
CA GLU A 413 20.54 -14.24 44.40
C GLU A 413 19.30 -14.07 45.29
N ASP A 414 19.44 -13.53 46.49
CA ASP A 414 18.29 -13.24 47.35
C ASP A 414 17.53 -12.00 46.93
N TYR A 415 18.08 -11.21 46.01
CA TYR A 415 17.48 -9.95 45.56
C TYR A 415 16.62 -10.24 44.34
N VAL A 416 15.31 -10.14 44.52
CA VAL A 416 14.35 -10.14 43.42
C VAL A 416 14.25 -8.72 42.89
N VAL A 417 14.56 -8.53 41.61
CA VAL A 417 14.56 -7.19 41.05
C VAL A 417 13.62 -7.17 39.85
N MET A 418 13.31 -5.95 39.39
CA MET A 418 12.49 -5.73 38.22
C MET A 418 13.23 -4.77 37.30
N ARG A 419 13.14 -4.99 36.00
CA ARG A 419 13.92 -4.24 35.03
C ARG A 419 13.00 -3.58 34.01
N VAL A 420 13.33 -2.34 33.65
CA VAL A 420 12.70 -1.65 32.54
C VAL A 420 13.78 -1.24 31.55
N VAL A 421 13.59 -1.58 30.28
CA VAL A 421 14.47 -1.17 29.21
C VAL A 421 13.73 -0.17 28.36
N VAL A 422 14.31 1.00 28.18
CA VAL A 422 13.76 2.04 27.34
C VAL A 422 14.47 2.00 26.00
N ARG A 423 13.71 1.72 24.93
CA ARG A 423 14.19 1.67 23.57
C ARG A 423 13.59 2.83 22.79
N GLN A 424 14.19 3.11 21.63
CA GLN A 424 13.59 4.05 20.69
C GLN A 424 12.16 3.62 20.37
N GLY A 425 11.22 4.55 20.47
CA GLY A 425 9.83 4.24 20.28
C GLY A 425 9.06 4.10 21.57
N PHE A 426 9.74 4.17 22.72
CA PHE A 426 9.12 4.23 24.03
C PHE A 426 9.23 5.67 24.52
N SER A 427 8.10 6.35 24.58
CA SER A 427 8.05 7.79 24.85
C SER A 427 7.80 8.10 26.32
N ARG A 428 7.96 9.38 26.66
CA ARG A 428 7.51 9.86 27.97
C ARG A 428 6.02 9.57 28.17
N ASP A 429 5.20 9.72 27.12
CA ASP A 429 3.77 9.43 27.29
C ASP A 429 3.56 7.96 27.65
N MET A 430 4.27 7.05 26.99
CA MET A 430 4.16 5.64 27.35
C MET A 430 4.73 5.36 28.73
N ALA A 431 5.77 6.09 29.15
CA ALA A 431 6.28 5.93 30.52
C ALA A 431 5.24 6.31 31.55
N ASP A 432 4.46 7.37 31.29
CA ASP A 432 3.42 7.76 32.24
C ASP A 432 2.34 6.70 32.34
N MET A 433 1.98 6.08 31.22
CA MET A 433 1.02 4.98 31.23
C MET A 433 1.57 3.81 32.03
N LEU A 434 2.84 3.45 31.82
CA LEU A 434 3.46 2.41 32.62
C LEU A 434 3.44 2.76 34.11
N LEU A 435 3.84 3.98 34.44
CA LEU A 435 3.92 4.36 35.85
C LEU A 435 2.52 4.34 36.50
N GLY A 436 1.49 4.78 35.77
CA GLY A 436 0.13 4.70 36.28
C GLY A 436 -0.31 3.28 36.55
N ASP A 437 0.03 2.35 35.65
CA ASP A 437 -0.32 0.94 35.83
C ASP A 437 0.42 0.35 37.03
N ILE A 438 1.67 0.77 37.25
CA ILE A 438 2.41 0.31 38.42
C ILE A 438 1.75 0.81 39.71
N LYS A 439 1.41 2.10 39.74
CA LYS A 439 0.76 2.64 40.93
C LYS A 439 -0.53 1.90 41.21
N ASN A 440 -1.34 1.65 40.17
CA ASN A 440 -2.59 0.94 40.38
C ASN A 440 -2.36 -0.49 40.87
N ALA A 441 -1.35 -1.17 40.31
CA ALA A 441 -1.05 -2.53 40.73
C ALA A 441 -0.61 -2.56 42.19
N ILE A 442 0.21 -1.58 42.59
CA ILE A 442 0.62 -1.49 43.98
C ILE A 442 -0.58 -1.35 44.88
N ALA A 443 -1.54 -0.50 44.49
CA ALA A 443 -2.70 -0.25 45.33
C ALA A 443 -3.54 -1.50 45.49
N GLU A 444 -3.72 -2.25 44.40
CA GLU A 444 -4.48 -3.49 44.47
C GLU A 444 -3.76 -4.56 45.30
N LEU A 445 -2.44 -4.74 45.09
CA LEU A 445 -1.73 -5.78 45.81
C LEU A 445 -1.68 -5.50 47.30
N GLU A 446 -1.64 -4.22 47.69
CA GLU A 446 -1.62 -3.87 49.11
C GLU A 446 -2.95 -4.17 49.80
N LYS A 447 -3.99 -4.53 49.04
CA LYS A 447 -5.25 -4.95 49.64
C LYS A 447 -5.25 -6.43 50.04
N LEU A 448 -4.22 -7.18 49.68
CA LEU A 448 -4.20 -8.61 49.97
C LEU A 448 -4.19 -8.85 51.48
N ASP A 449 -5.03 -9.77 51.93
CA ASP A 449 -5.04 -10.17 53.33
C ASP A 449 -4.13 -11.36 53.59
N PHE A 450 -3.73 -12.11 52.56
CA PHE A 450 -2.88 -13.28 52.65
C PHE A 450 -1.71 -13.16 51.69
N PRO A 451 -0.59 -13.79 52.00
CA PRO A 451 0.56 -13.73 51.11
C PRO A 451 0.34 -14.54 49.85
N THR A 452 0.93 -14.07 48.76
CA THR A 452 0.89 -14.76 47.50
C THR A 452 1.85 -15.94 47.56
N PRO A 453 1.75 -16.87 46.60
CA PRO A 453 2.68 -18.02 46.60
C PRO A 453 4.15 -17.62 46.53
N THR A 454 4.53 -16.66 45.69
CA THR A 454 5.95 -16.27 45.68
C THR A 454 6.35 -15.58 46.97
N ARG A 455 5.43 -14.85 47.60
CA ARG A 455 5.74 -14.26 48.91
C ARG A 455 5.99 -15.37 49.93
N MET A 456 5.21 -16.45 49.84
CA MET A 456 5.42 -17.57 50.73
C MET A 456 6.72 -18.30 50.44
N ALA A 457 7.07 -18.42 49.16
CA ALA A 457 8.29 -19.13 48.77
C ALA A 457 9.55 -18.42 49.26
N GLN A 458 9.48 -17.09 49.41
CA GLN A 458 10.62 -16.33 49.95
C GLN A 458 10.82 -16.53 51.44
N GLU A 459 9.80 -17.01 52.16
CA GLU A 459 9.95 -17.29 53.58
C GLU A 459 10.98 -18.39 53.83
N MET B 1 8.77 33.64 -1.94
CA MET B 1 9.17 33.06 -3.22
C MET B 1 10.27 32.01 -3.01
N GLU B 2 11.51 32.48 -2.88
CA GLU B 2 12.64 31.59 -2.76
C GLU B 2 12.69 30.93 -1.39
N ASP B 3 13.02 29.65 -1.36
CA ASP B 3 13.11 28.87 -0.12
C ASP B 3 14.58 28.78 0.25
N LEU B 4 14.94 29.42 1.37
CA LEU B 4 16.35 29.59 1.70
C LEU B 4 17.06 28.26 1.93
N ASN B 5 16.40 27.30 2.58
CA ASN B 5 17.05 26.04 2.96
C ASN B 5 16.75 24.90 1.99
N PHE B 6 16.38 25.20 0.76
CA PHE B 6 15.98 24.13 -0.16
C PHE B 6 17.07 23.08 -0.31
N ARG B 7 18.33 23.52 -0.49
CA ARG B 7 19.43 22.58 -0.73
C ARG B 7 19.92 21.89 0.54
N LYS B 8 19.59 22.42 1.71
CA LYS B 8 20.14 21.91 2.96
C LYS B 8 19.28 20.84 3.61
N GLY B 9 18.10 20.55 3.06
CA GLY B 9 17.25 19.51 3.59
C GLY B 9 16.13 20.03 4.46
N ASP B 10 15.18 20.76 3.90
CA ASP B 10 14.01 21.15 4.68
C ASP B 10 12.77 20.43 4.13
N ALA B 11 11.59 20.95 4.47
CA ALA B 11 10.37 20.28 4.05
C ALA B 11 10.12 20.37 2.55
N LYS B 12 10.74 21.35 1.87
CA LYS B 12 10.53 21.53 0.43
C LYS B 12 11.62 20.90 -0.41
N THR B 13 12.70 20.42 0.21
CA THR B 13 13.83 19.87 -0.50
C THR B 13 13.41 18.75 -1.46
N ASP B 14 13.95 18.81 -2.68
CA ASP B 14 13.95 17.66 -3.56
C ASP B 14 15.24 16.90 -3.33
N VAL B 15 15.13 15.58 -3.13
CA VAL B 15 16.29 14.74 -2.81
C VAL B 15 17.43 15.03 -3.77
N PHE B 16 17.12 15.13 -5.06
CA PHE B 16 18.15 15.27 -6.07
C PHE B 16 18.33 16.72 -6.51
N GLY B 17 17.93 17.66 -5.67
CA GLY B 17 18.33 19.04 -5.79
C GLY B 17 19.01 19.50 -4.52
N SER B 18 19.56 18.55 -3.76
CA SER B 18 20.13 18.86 -2.44
C SER B 18 21.64 18.73 -2.45
N ASP B 19 22.27 19.45 -1.50
CA ASP B 19 23.72 19.36 -1.33
C ASP B 19 24.15 17.94 -0.99
N ARG B 20 23.34 17.21 -0.22
CA ARG B 20 23.74 15.87 0.22
C ARG B 20 23.94 14.94 -0.98
N MET B 21 23.13 15.10 -2.04
CA MET B 21 23.29 14.24 -3.20
C MET B 21 24.36 14.72 -4.18
N LEU B 22 25.11 15.76 -3.82
CA LEU B 22 26.38 16.09 -4.47
C LEU B 22 27.58 15.57 -3.67
N GLN B 23 27.33 14.83 -2.61
CA GLN B 23 28.40 14.38 -1.71
C GLN B 23 28.49 12.86 -1.73
N PRO B 24 29.68 12.31 -1.49
CA PRO B 24 29.82 10.85 -1.46
C PRO B 24 29.17 10.30 -0.20
N SER B 25 28.83 9.01 -0.25
CA SER B 25 28.35 8.34 0.95
C SER B 25 29.51 8.10 1.90
N PRO B 26 29.24 7.98 3.21
CA PRO B 26 30.36 7.85 4.18
C PRO B 26 31.04 6.48 4.12
N VAL B 27 32.36 6.50 4.02
CA VAL B 27 33.16 5.28 3.93
C VAL B 27 33.77 4.90 5.28
N GLU B 28 34.30 5.87 6.02
CA GLU B 28 35.07 5.59 7.23
C GLU B 28 34.34 5.94 8.50
N ARG B 29 33.66 7.08 8.54
CA ARG B 29 33.12 7.65 9.77
C ARG B 29 31.65 8.00 9.61
N ILE B 30 30.92 7.89 10.72
CA ILE B 30 29.51 8.31 10.69
C ILE B 30 29.44 9.77 10.30
N PRO B 31 28.49 10.20 9.44
CA PRO B 31 28.34 11.64 9.19
C PRO B 31 28.11 12.37 10.51
N ASP B 32 28.55 13.63 10.58
CA ASP B 32 28.36 14.41 11.79
C ASP B 32 26.88 14.66 12.08
N GLY B 33 26.06 14.77 11.04
CA GLY B 33 24.70 15.21 11.22
C GLY B 33 23.69 14.42 10.44
N PRO B 34 22.42 14.71 10.65
CA PRO B 34 21.36 13.92 10.03
C PRO B 34 21.05 14.41 8.62
N THR B 35 20.24 13.62 7.93
CA THR B 35 19.58 14.01 6.69
C THR B 35 18.10 13.70 6.81
N THR B 36 17.35 14.02 5.74
CA THR B 36 15.95 13.64 5.71
C THR B 36 15.84 12.15 5.43
N PRO B 37 14.78 11.50 5.91
CA PRO B 37 14.65 10.06 5.63
C PRO B 37 14.65 9.77 4.15
N GLU B 38 14.05 10.65 3.35
CA GLU B 38 14.01 10.41 1.91
C GLU B 38 15.41 10.41 1.30
N VAL B 39 16.26 11.37 1.69
CA VAL B 39 17.63 11.41 1.19
C VAL B 39 18.38 10.14 1.61
N ALA B 40 18.31 9.80 2.89
CA ALA B 40 19.03 8.63 3.37
C ALA B 40 18.52 7.38 2.69
N TYR B 41 17.20 7.27 2.50
CA TYR B 41 16.63 6.11 1.86
C TYR B 41 17.20 5.92 0.47
N GLN B 42 17.25 7.01 -0.32
CA GLN B 42 17.82 6.91 -1.66
C GLN B 42 19.32 6.60 -1.61
N MET B 43 20.07 7.21 -0.68
CA MET B 43 21.50 6.94 -0.64
C MET B 43 21.80 5.46 -0.40
N VAL B 44 21.08 4.82 0.52
CA VAL B 44 21.31 3.39 0.73
C VAL B 44 20.76 2.57 -0.43
N LYS B 45 19.50 2.83 -0.80
CA LYS B 45 18.83 2.06 -1.85
C LYS B 45 19.61 2.08 -3.16
N ASP B 46 20.04 3.28 -3.58
CA ASP B 46 20.62 3.42 -4.91
C ASP B 46 21.91 2.63 -5.05
N GLU B 47 22.59 2.35 -3.94
CA GLU B 47 23.80 1.53 -4.00
C GLU B 47 23.49 0.06 -4.29
N THR B 48 22.27 -0.41 -4.10
CA THR B 48 21.94 -1.80 -4.42
C THR B 48 21.52 -2.01 -5.87
N PHE B 49 21.38 -0.95 -6.67
CA PHE B 49 20.95 -1.14 -8.06
C PHE B 49 22.00 -1.91 -8.86
N ALA B 50 23.27 -1.55 -8.70
CA ALA B 50 24.32 -2.02 -9.60
C ALA B 50 24.90 -3.37 -9.15
N GLN B 51 24.03 -4.37 -9.15
CA GLN B 51 24.45 -5.74 -8.82
C GLN B 51 23.40 -6.69 -9.36
N THR B 52 23.67 -7.98 -9.22
CA THR B 52 22.74 -8.98 -9.74
C THR B 52 21.38 -8.86 -9.07
N GLN B 53 20.32 -8.92 -9.87
CA GLN B 53 18.96 -9.02 -9.33
C GLN B 53 18.74 -10.42 -8.76
N PRO B 54 18.09 -10.53 -7.59
CA PRO B 54 17.99 -11.86 -6.94
C PRO B 54 17.37 -12.93 -7.81
N ARG B 55 16.32 -12.65 -8.59
CA ARG B 55 15.66 -13.68 -9.39
C ARG B 55 16.53 -14.14 -10.56
N LEU B 56 17.57 -13.38 -10.90
CA LEU B 56 18.50 -13.74 -11.95
C LEU B 56 19.81 -14.30 -11.40
N ASN B 57 19.93 -14.39 -10.07
CA ASN B 57 21.08 -15.01 -9.39
C ASN B 57 20.86 -16.51 -9.48
N LEU B 58 21.54 -17.18 -10.41
CA LEU B 58 21.43 -18.63 -10.54
C LEU B 58 22.55 -19.37 -9.81
N ALA B 59 23.46 -18.64 -9.17
CA ALA B 59 24.45 -19.25 -8.29
C ALA B 59 23.84 -19.68 -6.97
N THR B 60 22.87 -18.92 -6.45
CA THR B 60 22.40 -19.12 -5.09
C THR B 60 21.40 -20.26 -5.01
N PHE B 61 21.46 -20.97 -3.89
CA PHE B 61 20.46 -21.97 -3.54
C PHE B 61 19.35 -21.39 -2.69
N VAL B 62 19.49 -20.17 -2.23
CA VAL B 62 18.63 -19.59 -1.20
C VAL B 62 17.46 -18.86 -1.85
N THR B 63 16.27 -19.11 -1.30
CA THR B 63 15.00 -18.56 -1.75
C THR B 63 15.07 -17.07 -2.09
N THR B 64 14.61 -16.74 -3.30
CA THR B 64 14.48 -15.36 -3.73
C THR B 64 13.04 -14.97 -4.05
N TYR B 65 12.09 -15.88 -3.87
CA TYR B 65 10.67 -15.60 -4.11
C TYR B 65 9.87 -16.31 -3.04
N MET B 66 8.90 -15.59 -2.46
CA MET B 66 7.79 -16.22 -1.74
C MET B 66 6.51 -15.52 -2.20
N ASP B 67 5.36 -16.13 -1.95
CA ASP B 67 4.07 -15.52 -2.37
C ASP B 67 3.82 -14.22 -1.59
N ASP B 68 2.80 -13.49 -2.00
CA ASP B 68 2.52 -12.21 -1.36
C ASP B 68 2.08 -12.36 0.10
N TYR B 69 1.37 -13.44 0.45
CA TYR B 69 0.87 -13.57 1.81
C TYR B 69 1.98 -13.95 2.79
N ALA B 70 2.85 -14.88 2.41
CA ALA B 70 4.05 -15.18 3.21
C ALA B 70 4.93 -13.94 3.33
N THR B 71 5.10 -13.19 2.24
CA THR B 71 5.94 -11.99 2.30
C THR B 71 5.37 -10.97 3.27
N LYS B 72 4.06 -10.72 3.18
CA LYS B 72 3.38 -9.79 4.09
C LYS B 72 3.51 -10.24 5.55
N LEU B 73 3.26 -11.52 5.81
CA LEU B 73 3.38 -12.06 7.16
C LEU B 73 4.77 -11.82 7.73
N MET B 74 5.80 -12.08 6.93
CA MET B 74 7.16 -11.93 7.43
C MET B 74 7.54 -10.47 7.63
N ASN B 75 7.15 -9.59 6.69
CA ASN B 75 7.40 -8.16 6.88
C ASN B 75 6.76 -7.66 8.17
N GLU B 76 5.55 -8.14 8.47
CA GLU B 76 4.85 -7.68 9.66
C GLU B 76 5.54 -8.15 10.94
N ALA B 77 6.40 -9.18 10.85
CA ALA B 77 7.12 -9.73 11.99
C ALA B 77 8.55 -9.20 12.08
N ILE B 78 8.86 -8.09 11.38
CA ILE B 78 10.25 -7.64 11.33
C ILE B 78 10.77 -7.22 12.70
N ASN B 79 9.90 -6.80 13.62
CA ASN B 79 10.34 -6.35 14.93
C ASN B 79 10.15 -7.39 16.02
N ILE B 80 10.07 -8.68 15.67
CA ILE B 80 9.84 -9.74 16.63
C ILE B 80 11.16 -10.49 16.85
N ASN B 81 11.69 -10.41 18.06
CA ASN B 81 12.91 -11.13 18.44
C ASN B 81 12.54 -12.53 18.89
N TYR B 82 12.88 -13.55 18.09
CA TYR B 82 12.50 -14.93 18.44
C TYR B 82 12.90 -15.28 19.88
N ILE B 83 14.11 -14.92 20.29
CA ILE B 83 14.66 -15.47 21.52
C ILE B 83 13.90 -14.98 22.76
N ASP B 84 13.05 -13.97 22.61
CA ASP B 84 12.19 -13.51 23.69
C ASP B 84 11.02 -14.47 23.85
N GLU B 85 11.34 -15.71 24.25
CA GLU B 85 10.35 -16.77 24.22
C GLU B 85 9.31 -16.59 25.32
N THR B 86 9.71 -16.06 26.49
CA THR B 86 8.74 -15.75 27.53
C THR B 86 7.74 -14.70 27.06
N GLU B 87 8.22 -13.70 26.33
CA GLU B 87 7.36 -12.64 25.81
C GLU B 87 6.52 -13.13 24.64
N TYR B 88 7.11 -13.97 23.79
CA TYR B 88 6.45 -14.47 22.58
C TYR B 88 6.35 -15.99 22.61
N PRO B 89 5.61 -16.56 23.58
CA PRO B 89 5.58 -18.02 23.69
C PRO B 89 4.85 -18.69 22.54
N ARG B 90 3.94 -18.00 21.86
CA ARG B 90 3.25 -18.66 20.75
C ARG B 90 4.19 -18.91 19.59
N ILE B 91 5.15 -18.02 19.39
CA ILE B 91 6.18 -18.22 18.37
C ILE B 91 7.15 -19.30 18.79
N ALA B 92 7.42 -19.41 20.10
CA ALA B 92 8.26 -20.49 20.59
C ALA B 92 7.61 -21.85 20.32
N VAL B 93 6.32 -21.96 20.59
CA VAL B 93 5.58 -23.18 20.28
C VAL B 93 5.56 -23.43 18.77
N MET B 94 5.32 -22.39 17.97
CA MET B 94 5.32 -22.54 16.52
C MET B 94 6.67 -23.06 16.02
N ASN B 95 7.76 -22.55 16.60
CA ASN B 95 9.09 -23.08 16.30
C ASN B 95 9.21 -24.57 16.61
N GLY B 96 8.69 -24.98 17.79
CA GLY B 96 8.69 -26.39 18.13
C GLY B 96 7.84 -27.22 17.20
N LYS B 97 6.75 -26.63 16.68
CA LYS B 97 5.91 -27.35 15.73
C LYS B 97 6.61 -27.51 14.39
N CYS B 98 7.35 -26.49 13.93
CA CYS B 98 8.14 -26.66 12.71
C CYS B 98 9.17 -27.76 12.87
N ILE B 99 9.86 -27.79 14.00
CA ILE B 99 10.86 -28.82 14.26
C ILE B 99 10.21 -30.20 14.24
N ASN B 100 9.02 -30.34 14.85
CA ASN B 100 8.32 -31.62 14.79
C ASN B 100 8.04 -32.02 13.35
N ILE B 101 7.52 -31.08 12.58
CA ILE B 101 7.12 -31.39 11.21
C ILE B 101 8.35 -31.82 10.40
N VAL B 102 9.48 -31.14 10.61
CA VAL B 102 10.72 -31.49 9.92
C VAL B 102 11.21 -32.85 10.37
N ALA B 103 11.21 -33.12 11.69
CA ALA B 103 11.72 -34.41 12.16
C ALA B 103 10.91 -35.56 11.58
N ASN B 104 9.59 -35.37 11.49
CA ASN B 104 8.69 -36.39 10.93
C ASN B 104 8.82 -36.46 9.40
N LEU B 105 9.10 -35.33 8.72
CA LEU B 105 9.47 -35.42 7.31
C LEU B 105 10.65 -36.34 7.10
N TRP B 106 11.55 -36.39 8.09
CA TRP B 106 12.75 -37.23 8.07
C TRP B 106 12.54 -38.56 8.80
N ASN B 107 11.29 -38.93 9.07
CA ASN B 107 10.94 -40.24 9.61
C ASN B 107 11.64 -40.51 10.94
N SER B 108 11.67 -39.51 11.79
CA SER B 108 12.25 -39.70 13.11
C SER B 108 11.46 -40.75 13.89
N PRO B 109 12.13 -41.75 14.49
CA PRO B 109 11.41 -42.68 15.37
C PRO B 109 11.18 -42.12 16.77
N GLU B 110 11.56 -40.87 17.02
CA GLU B 110 11.43 -40.33 18.37
C GLU B 110 9.96 -40.28 18.78
N LYS B 111 9.67 -40.80 19.98
CA LYS B 111 8.29 -40.93 20.43
C LYS B 111 7.75 -39.67 21.09
N ASP B 112 8.62 -38.81 21.63
CA ASP B 112 8.17 -37.59 22.29
C ASP B 112 7.42 -36.69 21.32
N THR B 113 6.35 -36.08 21.83
CA THR B 113 5.56 -35.12 21.05
C THR B 113 6.44 -33.98 20.53
N TRP B 114 7.30 -33.44 21.38
CA TRP B 114 8.17 -32.34 21.01
C TRP B 114 9.52 -32.94 20.62
N LYS B 115 9.76 -32.99 19.33
CA LYS B 115 10.94 -33.64 18.76
C LYS B 115 12.20 -32.89 19.15
N THR B 116 13.33 -33.61 19.20
CA THR B 116 14.62 -33.02 19.55
C THR B 116 15.23 -32.37 18.32
N GLY B 117 15.34 -31.05 18.33
CA GLY B 117 15.88 -30.32 17.20
C GLY B 117 16.02 -28.86 17.57
N ALA B 118 16.57 -28.09 16.64
CA ALA B 118 16.84 -26.69 16.96
C ALA B 118 16.68 -25.82 15.73
N LEU B 119 16.20 -24.59 15.97
CA LEU B 119 16.20 -23.52 15.00
C LEU B 119 17.63 -23.07 14.70
N ALA B 120 17.88 -22.67 13.45
CA ALA B 120 19.16 -22.11 13.04
C ALA B 120 18.94 -20.97 12.05
N ILE B 121 19.99 -20.18 11.80
CA ILE B 121 19.96 -19.13 10.78
C ILE B 121 20.20 -19.69 9.36
N GLY B 122 20.81 -20.87 9.27
CA GLY B 122 21.05 -21.54 8.00
C GLY B 122 21.68 -22.89 8.32
N SER B 123 22.09 -23.61 7.27
CA SER B 123 22.79 -24.86 7.52
C SER B 123 24.15 -24.64 8.19
N SER B 124 24.71 -23.43 8.14
CA SER B 124 25.97 -23.19 8.82
C SER B 124 25.84 -23.48 10.32
N GLU B 125 24.96 -22.76 11.01
CA GLU B 125 24.75 -23.02 12.43
C GLU B 125 24.25 -24.44 12.67
N ALA B 126 23.34 -24.92 11.84
CA ALA B 126 22.72 -26.23 12.05
C ALA B 126 23.77 -27.35 11.93
N CYS B 127 24.67 -27.24 10.94
CA CYS B 127 25.77 -28.19 10.80
C CYS B 127 26.74 -28.12 11.98
N MET B 128 27.10 -26.92 12.42
CA MET B 128 28.02 -26.80 13.56
C MET B 128 27.42 -27.41 14.82
N LEU B 129 26.12 -27.20 15.05
CA LEU B 129 25.45 -27.83 16.19
C LEU B 129 25.48 -29.34 16.07
N GLY B 130 25.23 -29.87 14.87
CA GLY B 130 25.33 -31.31 14.66
C GLY B 130 26.73 -31.83 14.92
N GLY B 131 27.75 -31.08 14.51
CA GLY B 131 29.13 -31.50 14.68
C GLY B 131 29.65 -31.35 16.09
N VAL B 132 29.31 -30.25 16.75
CA VAL B 132 29.66 -30.11 18.17
C VAL B 132 29.04 -31.24 18.98
N ALA B 133 27.77 -31.57 18.70
CA ALA B 133 27.13 -32.66 19.42
C ALA B 133 27.86 -33.99 19.17
N ALA B 134 28.22 -34.28 17.91
CA ALA B 134 28.96 -35.52 17.64
C ALA B 134 30.29 -35.53 18.36
N TRP B 135 30.97 -34.37 18.40
CA TRP B 135 32.25 -34.25 19.09
C TRP B 135 32.09 -34.52 20.58
N LEU B 136 31.06 -33.95 21.21
CA LEU B 136 30.88 -34.12 22.65
C LEU B 136 30.50 -35.56 22.99
N ARG B 137 29.64 -36.18 22.19
CA ARG B 137 29.29 -37.59 22.41
C ARG B 137 30.52 -38.48 22.29
N TRP B 138 31.41 -38.16 21.34
CA TRP B 138 32.64 -38.94 21.16
C TRP B 138 33.59 -38.73 22.32
N ARG B 139 33.78 -37.47 22.76
CA ARG B 139 34.65 -37.21 23.92
C ARG B 139 34.21 -38.03 25.11
N LYS B 140 32.90 -38.02 25.39
CA LYS B 140 32.37 -38.73 26.54
C LYS B 140 32.62 -40.24 26.42
N LYS B 141 32.44 -40.82 25.23
CA LYS B 141 32.68 -42.24 25.07
C LYS B 141 34.16 -42.56 25.30
N ARG B 142 35.04 -41.80 24.66
CA ARG B 142 36.46 -42.08 24.79
C ARG B 142 36.94 -41.83 26.22
N GLN B 143 36.39 -40.82 26.88
CA GLN B 143 36.76 -40.59 28.28
C GLN B 143 36.37 -41.79 29.13
N ALA B 144 35.17 -42.32 28.91
CA ALA B 144 34.70 -43.48 29.67
C ALA B 144 35.51 -44.73 29.38
N GLN B 145 36.10 -44.82 28.19
CA GLN B 145 36.93 -45.95 27.80
C GLN B 145 38.39 -45.79 28.22
N GLY B 146 38.75 -44.65 28.82
CA GLY B 146 40.13 -44.42 29.17
C GLY B 146 41.04 -44.14 27.99
N LYS B 147 40.48 -43.79 26.85
CA LYS B 147 41.26 -43.50 25.66
C LYS B 147 41.42 -42.01 25.47
N PRO B 148 42.42 -41.57 24.68
CA PRO B 148 42.59 -40.13 24.47
C PRO B 148 41.42 -39.55 23.70
N PHE B 149 41.22 -38.25 23.90
CA PHE B 149 40.13 -37.57 23.23
C PHE B 149 40.52 -36.16 22.86
N ASP B 150 41.80 -35.93 22.55
CA ASP B 150 42.29 -34.60 22.21
C ASP B 150 42.58 -34.42 20.74
N LYS B 151 42.41 -35.45 19.91
CA LYS B 151 42.71 -35.38 18.48
C LYS B 151 41.51 -35.83 17.66
N PRO B 152 40.37 -35.13 17.74
CA PRO B 152 39.20 -35.54 16.96
C PRO B 152 39.38 -35.26 15.47
N ASN B 153 38.72 -36.07 14.65
CA ASN B 153 38.61 -35.80 13.23
C ASN B 153 37.20 -36.12 12.75
N PHE B 154 36.87 -35.62 11.55
CA PHE B 154 35.66 -36.04 10.86
C PHE B 154 35.96 -36.24 9.38
N VAL B 155 35.11 -37.02 8.72
CA VAL B 155 35.33 -37.48 7.36
C VAL B 155 34.20 -36.95 6.48
N ILE B 156 34.56 -36.42 5.30
CA ILE B 156 33.62 -35.76 4.41
C ILE B 156 34.21 -35.74 3.00
N SER B 157 33.34 -35.63 1.99
CA SER B 157 33.79 -35.48 0.61
C SER B 157 34.58 -34.18 0.43
N THR B 158 35.46 -34.14 -0.58
CA THR B 158 36.03 -32.85 -0.93
C THR B 158 34.98 -31.87 -1.43
N GLY B 159 33.78 -32.35 -1.75
CA GLY B 159 32.67 -31.48 -2.14
C GLY B 159 31.96 -30.84 -0.99
N PHE B 160 32.63 -30.72 0.15
CA PHE B 160 32.04 -30.10 1.33
C PHE B 160 31.72 -28.64 1.05
N GLN B 161 30.69 -28.15 1.73
CA GLN B 161 30.44 -26.72 1.74
C GLN B 161 31.26 -26.09 2.86
N VAL B 162 31.65 -24.83 2.66
CA VAL B 162 32.72 -24.22 3.46
C VAL B 162 32.44 -24.23 4.96
N VAL B 163 31.18 -24.34 5.39
CA VAL B 163 30.91 -24.32 6.83
C VAL B 163 31.63 -25.46 7.53
N TRP B 164 31.87 -26.57 6.83
CA TRP B 164 32.61 -27.66 7.47
C TRP B 164 34.09 -27.31 7.65
N GLU B 165 34.64 -26.48 6.78
CA GLU B 165 35.97 -25.95 6.99
C GLU B 165 36.00 -24.96 8.15
N LYS B 166 34.97 -24.10 8.26
CA LYS B 166 34.83 -23.22 9.42
C LYS B 166 34.73 -24.01 10.70
N PHE B 167 33.88 -25.05 10.70
CA PHE B 167 33.78 -25.95 11.84
C PHE B 167 35.14 -26.50 12.25
N ALA B 168 35.90 -26.97 11.26
CA ALA B 168 37.23 -27.50 11.51
C ALA B 168 38.15 -26.43 12.07
N GLN B 169 38.03 -25.20 11.57
CA GLN B 169 38.91 -24.12 12.02
C GLN B 169 38.54 -23.61 13.41
N LEU B 170 37.26 -23.27 13.60
CA LEU B 170 36.80 -22.62 14.82
C LEU B 170 36.81 -23.56 16.03
N TRP B 171 36.71 -24.88 15.83
CA TRP B 171 36.81 -25.85 16.92
C TRP B 171 38.12 -26.62 16.90
N GLN B 172 38.97 -26.39 15.90
CA GLN B 172 40.26 -27.08 15.80
C GLN B 172 40.08 -28.60 15.79
N ILE B 173 39.24 -29.07 14.86
CA ILE B 173 38.99 -30.49 14.63
C ILE B 173 39.52 -30.83 13.24
N GLU B 174 40.21 -31.96 13.10
CA GLU B 174 40.84 -32.28 11.83
C GLU B 174 39.81 -32.78 10.82
N MET B 175 39.77 -32.15 9.65
CA MET B 175 38.89 -32.58 8.57
C MET B 175 39.63 -33.53 7.64
N ARG B 176 39.08 -34.72 7.42
CA ARG B 176 39.62 -35.69 6.48
C ARG B 176 38.71 -35.71 5.26
N GLU B 177 39.29 -35.49 4.07
CA GLU B 177 38.53 -35.26 2.85
C GLU B 177 38.70 -36.43 1.89
N VAL B 178 37.57 -36.93 1.35
CA VAL B 178 37.58 -37.99 0.34
C VAL B 178 37.45 -37.34 -1.03
N PRO B 179 38.41 -37.54 -1.93
CA PRO B 179 38.40 -36.79 -3.21
C PRO B 179 37.32 -37.27 -4.17
N LEU B 180 36.92 -36.35 -5.07
CA LEU B 180 36.03 -36.66 -6.17
C LEU B 180 36.83 -37.11 -7.38
N THR B 181 36.30 -38.08 -8.11
CA THR B 181 36.83 -38.45 -9.42
C THR B 181 35.66 -38.68 -10.36
N LEU B 182 35.94 -38.73 -11.66
CA LEU B 182 34.86 -39.06 -12.60
C LEU B 182 34.33 -40.47 -12.36
N GLU B 183 35.15 -41.36 -11.82
CA GLU B 183 34.66 -42.69 -11.48
C GLU B 183 33.83 -42.70 -10.21
N LYS B 184 34.10 -41.78 -9.29
CA LYS B 184 33.37 -41.67 -8.02
C LYS B 184 32.95 -40.21 -7.88
N THR B 185 31.87 -39.84 -8.57
CA THR B 185 31.37 -38.48 -8.58
C THR B 185 30.70 -38.07 -7.27
N THR B 186 30.47 -38.99 -6.33
CA THR B 186 29.98 -38.68 -4.98
C THR B 186 30.79 -39.48 -3.96
N LEU B 187 30.48 -39.27 -2.67
CA LEU B 187 31.24 -39.91 -1.59
C LEU B 187 31.14 -41.42 -1.69
N ASP B 188 32.27 -42.08 -1.92
CA ASP B 188 32.33 -43.53 -1.93
C ASP B 188 32.51 -44.03 -0.50
N PRO B 189 31.65 -44.91 0.01
CA PRO B 189 31.77 -45.28 1.43
C PRO B 189 33.05 -46.00 1.77
N GLU B 190 33.54 -46.88 0.88
CA GLU B 190 34.76 -47.62 1.22
C GLU B 190 35.95 -46.67 1.36
N GLU B 191 36.09 -45.69 0.47
CA GLU B 191 37.14 -44.68 0.65
C GLU B 191 36.90 -43.85 1.91
N ALA B 192 35.63 -43.58 2.22
CA ALA B 192 35.29 -42.89 3.45
C ALA B 192 35.77 -43.68 4.66
N LEU B 193 35.52 -45.00 4.65
CA LEU B 193 35.93 -45.83 5.78
C LEU B 193 37.45 -45.86 5.94
N LYS B 194 38.20 -45.78 4.84
CA LYS B 194 39.65 -45.80 4.96
C LYS B 194 40.21 -44.63 5.75
N MET B 195 39.45 -43.55 5.91
CA MET B 195 39.88 -42.41 6.72
C MET B 195 39.29 -42.44 8.12
N CYS B 196 38.48 -43.44 8.45
CA CYS B 196 37.93 -43.54 9.79
C CYS B 196 38.92 -44.23 10.73
N ASP B 197 38.96 -43.77 11.97
CA ASP B 197 39.70 -44.44 13.03
C ASP B 197 39.01 -44.15 14.36
N GLU B 198 39.73 -44.45 15.46
CA GLU B 198 39.19 -44.32 16.80
C GLU B 198 38.94 -42.87 17.16
N ASN B 199 39.42 -41.93 16.36
CA ASN B 199 39.29 -40.50 16.62
C ASN B 199 38.25 -39.84 15.71
N THR B 200 37.52 -40.63 14.92
CA THR B 200 36.52 -40.08 14.02
C THR B 200 35.24 -39.80 14.81
N ILE B 201 34.78 -38.55 14.77
CA ILE B 201 33.56 -38.22 15.51
C ILE B 201 32.31 -38.47 14.68
N CYS B 202 32.40 -38.42 13.36
CA CYS B 202 31.25 -38.69 12.48
C CYS B 202 31.74 -38.65 11.04
N VAL B 203 30.93 -39.20 10.14
CA VAL B 203 31.08 -39.04 8.70
C VAL B 203 29.93 -38.16 8.21
N VAL B 204 30.20 -37.29 7.24
CA VAL B 204 29.21 -36.31 6.80
C VAL B 204 28.90 -36.54 5.32
N PRO B 205 27.92 -37.36 4.98
CA PRO B 205 27.42 -37.39 3.61
C PRO B 205 26.57 -36.16 3.38
N ILE B 206 26.48 -35.74 2.12
CA ILE B 206 25.84 -34.48 1.72
C ILE B 206 24.72 -34.79 0.74
N GLN B 207 23.53 -34.24 1.00
CA GLN B 207 22.38 -34.37 0.09
C GLN B 207 22.22 -33.02 -0.59
N GLY B 208 22.63 -32.98 -1.86
CA GLY B 208 22.66 -31.73 -2.59
C GLY B 208 24.02 -31.08 -2.53
N VAL B 209 25.04 -31.81 -2.97
CA VAL B 209 26.40 -31.26 -2.98
C VAL B 209 26.41 -29.96 -3.79
N THR B 210 26.92 -28.89 -3.18
CA THR B 210 26.88 -27.58 -3.81
C THR B 210 27.65 -27.55 -5.12
N TRP B 211 28.78 -28.25 -5.18
CA TRP B 211 29.66 -28.24 -6.33
C TRP B 211 29.08 -28.98 -7.52
N THR B 212 28.29 -30.02 -7.27
CA THR B 212 27.84 -30.93 -8.31
C THR B 212 26.34 -31.11 -8.41
N GLY B 213 25.57 -30.82 -7.36
CA GLY B 213 24.15 -31.10 -7.36
C GLY B 213 23.76 -32.52 -7.04
N LEU B 214 24.70 -33.39 -6.75
CA LEU B 214 24.40 -34.79 -6.55
C LEU B 214 24.10 -35.09 -5.07
N ASN B 215 23.74 -36.34 -4.77
CA ASN B 215 23.55 -36.84 -3.41
C ASN B 215 24.57 -37.93 -3.11
N ASP B 216 25.32 -37.79 -2.02
CA ASP B 216 26.05 -38.93 -1.49
C ASP B 216 25.06 -40.03 -1.11
N ASP B 217 25.43 -41.29 -1.32
CA ASP B 217 24.52 -42.39 -1.03
C ASP B 217 24.61 -42.70 0.47
N VAL B 218 23.67 -42.15 1.24
CA VAL B 218 23.71 -42.29 2.70
C VAL B 218 23.49 -43.73 3.12
N GLU B 219 22.56 -44.42 2.47
CA GLU B 219 22.29 -45.81 2.84
C GLU B 219 23.51 -46.69 2.63
N ALA B 220 24.23 -46.51 1.51
CA ALA B 220 25.45 -47.29 1.29
C ALA B 220 26.49 -47.00 2.36
N LEU B 221 26.59 -45.74 2.79
CA LEU B 221 27.49 -45.38 3.89
C LEU B 221 27.07 -46.05 5.20
N ASP B 222 25.76 -46.00 5.51
CA ASP B 222 25.26 -46.62 6.73
C ASP B 222 25.60 -48.11 6.77
N LYS B 223 25.44 -48.81 5.64
CA LYS B 223 25.78 -50.24 5.58
C LYS B 223 27.26 -50.47 5.86
N ALA B 224 28.13 -49.70 5.20
CA ALA B 224 29.56 -49.87 5.42
C ALA B 224 29.93 -49.51 6.85
N LEU B 225 29.35 -48.43 7.38
CA LEU B 225 29.64 -48.00 8.74
C LEU B 225 29.16 -49.01 9.77
N ASP B 226 28.02 -49.65 9.51
CA ASP B 226 27.50 -50.67 10.41
C ASP B 226 28.49 -51.83 10.54
N ALA B 227 29.01 -52.31 9.41
CA ALA B 227 29.98 -53.40 9.48
C ALA B 227 31.27 -52.94 10.16
N TYR B 228 31.74 -51.73 9.82
CA TYR B 228 32.95 -51.19 10.42
C TYR B 228 32.78 -51.02 11.93
N ASN B 229 31.65 -50.44 12.35
CA ASN B 229 31.44 -50.22 13.77
C ASN B 229 31.32 -51.53 14.52
N ALA B 230 30.68 -52.53 13.92
CA ALA B 230 30.62 -53.85 14.55
C ALA B 230 32.01 -54.45 14.67
N LYS B 231 32.91 -54.08 13.78
CA LYS B 231 34.25 -54.65 13.79
C LYS B 231 35.14 -53.96 14.82
N THR B 232 35.02 -52.64 14.97
CA THR B 232 35.95 -51.90 15.81
C THR B 232 35.37 -51.44 17.15
N GLY B 233 34.05 -51.37 17.28
CA GLY B 233 33.45 -50.75 18.45
C GLY B 233 33.61 -49.26 18.54
N TYR B 234 34.08 -48.60 17.47
CA TYR B 234 34.27 -47.15 17.50
C TYR B 234 32.95 -46.38 17.49
N ASP B 235 31.87 -46.98 17.00
CA ASP B 235 30.55 -46.37 17.13
C ASP B 235 30.45 -45.03 16.39
N ILE B 236 31.06 -44.95 15.20
CA ILE B 236 31.13 -43.71 14.44
C ILE B 236 29.75 -43.44 13.85
N PRO B 237 29.15 -42.29 14.13
CA PRO B 237 27.82 -42.00 13.60
C PRO B 237 27.86 -41.21 12.29
N ILE B 238 26.68 -40.97 11.74
CA ILE B 238 26.48 -40.10 10.58
C ILE B 238 25.76 -38.84 11.03
N HIS B 239 26.23 -37.70 10.54
CA HIS B 239 25.41 -36.49 10.46
C HIS B 239 25.20 -36.20 8.98
N VAL B 240 23.95 -36.12 8.55
CA VAL B 240 23.66 -35.82 7.15
C VAL B 240 23.57 -34.31 6.98
N ASP B 241 24.46 -33.75 6.15
CA ASP B 241 24.32 -32.38 5.65
C ASP B 241 23.35 -32.43 4.48
N ALA B 242 22.07 -32.16 4.74
CA ALA B 242 21.05 -32.16 3.71
C ALA B 242 20.59 -30.76 3.39
N ALA B 243 21.53 -29.81 3.35
CA ALA B 243 21.19 -28.39 3.22
C ALA B 243 20.15 -28.14 2.13
N SER B 244 20.36 -28.68 0.93
CA SER B 244 19.32 -28.61 -0.10
C SER B 244 18.42 -29.84 -0.09
N GLY B 245 19.01 -31.03 -0.08
CA GLY B 245 18.24 -32.25 -0.27
C GLY B 245 17.20 -32.54 0.79
N GLY B 246 17.33 -31.94 1.99
CA GLY B 246 16.41 -32.24 3.08
C GLY B 246 14.96 -31.84 2.81
N PHE B 247 14.74 -30.94 1.87
CA PHE B 247 13.40 -30.54 1.45
C PHE B 247 13.09 -30.93 0.01
N ILE B 248 13.90 -31.79 -0.59
CA ILE B 248 13.58 -32.38 -1.87
C ILE B 248 13.20 -33.85 -1.71
N LEU B 249 14.08 -34.63 -1.06
CA LEU B 249 13.88 -36.07 -0.96
C LEU B 249 12.56 -36.49 -0.30
N PRO B 250 12.08 -35.84 0.77
CA PRO B 250 10.82 -36.32 1.39
C PRO B 250 9.65 -36.32 0.43
N PHE B 251 9.63 -35.38 -0.50
CA PHE B 251 8.48 -35.19 -1.38
C PHE B 251 8.65 -35.89 -2.72
N LEU B 252 9.83 -35.81 -3.31
CA LEU B 252 10.08 -36.38 -4.64
C LEU B 252 10.70 -37.77 -4.61
N TYR B 253 11.34 -38.17 -3.52
CA TYR B 253 11.93 -39.51 -3.40
C TYR B 253 11.60 -40.14 -2.06
N PRO B 254 10.31 -40.35 -1.75
CA PRO B 254 9.95 -40.83 -0.41
C PRO B 254 10.59 -42.18 -0.07
N ASP B 255 10.90 -42.99 -1.06
CA ASP B 255 11.42 -44.35 -0.78
C ASP B 255 12.96 -44.36 -0.74
N THR B 256 13.61 -43.25 -1.05
CA THR B 256 15.05 -43.24 -0.85
C THR B 256 15.33 -43.17 0.64
N LYS B 257 15.99 -44.20 1.15
CA LYS B 257 16.26 -44.36 2.58
C LYS B 257 17.55 -43.61 2.90
N TRP B 258 17.42 -42.37 3.38
CA TRP B 258 18.58 -41.51 3.63
C TRP B 258 18.60 -40.86 5.00
N ASP B 259 17.52 -40.94 5.77
CA ASP B 259 17.25 -40.10 6.92
C ASP B 259 17.30 -40.92 8.20
N PHE B 260 16.46 -40.56 9.19
CA PHE B 260 16.43 -41.26 10.47
C PHE B 260 15.95 -42.70 10.35
N ARG B 261 15.50 -43.13 9.16
CA ARG B 261 15.26 -44.56 8.94
C ARG B 261 16.54 -45.38 9.07
N LEU B 262 17.70 -44.77 8.86
CA LEU B 262 18.96 -45.49 8.87
C LEU B 262 19.54 -45.51 10.28
N LYS B 263 20.09 -46.67 10.66
CA LYS B 263 20.50 -46.93 12.04
C LYS B 263 21.48 -45.88 12.55
N TRP B 264 22.47 -45.50 11.75
CA TRP B 264 23.56 -44.66 12.22
C TRP B 264 23.36 -43.18 11.94
N VAL B 265 22.24 -42.79 11.33
CA VAL B 265 21.95 -41.36 11.12
C VAL B 265 21.38 -40.83 12.44
N LEU B 266 22.21 -40.12 13.20
CA LEU B 266 21.81 -39.61 14.50
C LEU B 266 21.41 -38.14 14.47
N SER B 267 21.80 -37.40 13.44
CA SER B 267 21.36 -36.02 13.27
C SER B 267 21.42 -35.68 11.79
N ILE B 268 20.60 -34.68 11.41
CA ILE B 268 20.42 -34.22 10.05
C ILE B 268 20.24 -32.70 10.12
N SER B 269 20.83 -31.98 9.18
CA SER B 269 20.63 -30.55 9.11
C SER B 269 20.15 -30.16 7.71
N VAL B 270 19.50 -29.00 7.61
CA VAL B 270 18.89 -28.56 6.37
C VAL B 270 18.83 -27.04 6.40
N SER B 271 18.82 -26.44 5.22
CA SER B 271 18.57 -25.01 5.07
C SER B 271 17.09 -24.81 4.76
N GLY B 272 16.34 -24.29 5.73
CA GLY B 272 14.97 -23.89 5.47
C GLY B 272 14.87 -22.82 4.41
N HIS B 273 15.89 -21.98 4.30
CA HIS B 273 15.89 -20.94 3.28
C HIS B 273 16.45 -21.40 1.92
N LYS B 274 16.59 -22.63 1.72
CA LYS B 274 16.91 -23.09 0.38
C LYS B 274 15.70 -23.70 -0.32
N PHE B 275 15.53 -24.97 -0.20
CA PHE B 275 14.32 -25.57 -0.75
C PHE B 275 13.23 -25.78 0.30
N GLY B 276 13.46 -25.33 1.55
CA GLY B 276 12.36 -25.16 2.48
C GLY B 276 11.43 -24.01 2.11
N LEU B 277 11.82 -23.19 1.13
CA LEU B 277 11.01 -22.17 0.48
C LEU B 277 10.81 -20.93 1.32
N VAL B 278 11.71 -20.64 2.28
CA VAL B 278 11.61 -19.44 3.13
C VAL B 278 12.75 -18.51 2.75
N TYR B 279 12.47 -17.18 2.77
CA TYR B 279 13.49 -16.14 2.53
C TYR B 279 14.67 -16.30 3.49
N PRO B 280 15.82 -15.69 3.17
CA PRO B 280 17.06 -15.88 3.95
C PRO B 280 16.89 -15.77 5.47
N GLY B 281 17.53 -16.70 6.18
CA GLY B 281 17.56 -16.67 7.63
C GLY B 281 16.99 -17.89 8.34
N LEU B 282 17.01 -19.06 7.69
CA LEU B 282 16.38 -20.22 8.30
C LEU B 282 17.13 -21.51 8.04
N GLY B 283 17.48 -22.22 9.12
CA GLY B 283 17.96 -23.59 9.01
C GLY B 283 17.31 -24.43 10.11
N TRP B 284 17.46 -25.76 9.98
CA TRP B 284 16.98 -26.68 11.00
C TRP B 284 17.99 -27.79 11.20
N VAL B 285 18.16 -28.24 12.43
CA VAL B 285 18.88 -29.46 12.73
C VAL B 285 18.01 -30.31 13.67
N CYS B 286 17.89 -31.60 13.36
CA CYS B 286 17.19 -32.54 14.23
C CYS B 286 18.12 -33.66 14.63
N TRP B 287 17.90 -34.19 15.84
CA TRP B 287 18.53 -35.40 16.34
C TRP B 287 17.53 -36.54 16.36
N LYS B 288 18.05 -37.76 16.21
CA LYS B 288 17.21 -38.96 16.18
C LYS B 288 16.47 -39.16 17.51
N GLY B 289 16.99 -38.61 18.59
CA GLY B 289 16.37 -38.76 19.90
C GLY B 289 17.11 -37.85 20.86
N LYS B 290 16.49 -37.68 22.03
CA LYS B 290 17.06 -36.79 23.04
C LYS B 290 18.42 -37.30 23.51
N GLU B 291 18.62 -38.63 23.51
CA GLU B 291 19.89 -39.19 23.92
C GLU B 291 21.04 -38.83 23.00
N TYR B 292 20.79 -38.29 21.81
CA TYR B 292 21.88 -37.91 20.94
C TYR B 292 22.23 -36.45 21.04
N LEU B 293 21.51 -35.69 21.86
CA LEU B 293 21.83 -34.28 22.07
C LEU B 293 22.40 -34.11 23.46
N PRO B 294 23.71 -33.86 23.61
CA PRO B 294 24.29 -33.80 24.96
C PRO B 294 23.66 -32.72 25.82
N GLU B 295 23.44 -33.07 27.09
CA GLU B 295 22.93 -32.10 28.07
C GLU B 295 23.93 -30.98 28.28
N GLU B 296 25.21 -31.24 28.01
CA GLU B 296 26.24 -30.21 28.13
C GLU B 296 25.98 -29.04 27.18
N MET B 297 25.28 -29.30 26.08
CA MET B 297 25.02 -28.30 25.06
C MET B 297 23.68 -27.59 25.22
N SER B 298 22.80 -28.11 26.04
CA SER B 298 21.40 -27.86 25.77
C SER B 298 20.58 -27.96 27.03
N PHE B 299 19.41 -27.34 26.97
CA PHE B 299 18.35 -27.55 27.95
C PHE B 299 17.05 -27.33 27.20
N SER B 300 15.95 -27.55 27.89
CA SER B 300 14.63 -27.31 27.32
C SER B 300 13.79 -26.56 28.33
N VAL B 301 12.94 -25.66 27.83
CA VAL B 301 12.02 -24.89 28.64
C VAL B 301 10.60 -25.18 28.14
N ASN B 302 9.67 -25.36 29.07
CA ASN B 302 8.27 -25.56 28.72
C ASN B 302 7.61 -24.21 28.48
N TYR B 303 7.08 -24.00 27.28
CA TYR B 303 6.31 -22.80 26.94
C TYR B 303 4.91 -23.21 26.53
N LEU B 304 3.93 -22.89 27.38
CA LEU B 304 2.53 -23.21 27.09
C LEU B 304 2.35 -24.70 26.85
N GLY B 305 3.06 -25.52 27.65
CA GLY B 305 3.00 -26.96 27.55
C GLY B 305 3.92 -27.60 26.52
N ALA B 306 4.68 -26.81 25.76
CA ALA B 306 5.59 -27.34 24.76
C ALA B 306 7.02 -27.33 25.29
N ASN B 307 7.70 -28.49 25.20
CA ASN B 307 9.09 -28.63 25.61
C ASN B 307 10.00 -28.20 24.46
N ILE B 308 10.58 -27.00 24.57
CA ILE B 308 11.38 -26.40 23.51
C ILE B 308 12.86 -26.42 23.90
N THR B 309 13.68 -27.08 23.07
CA THR B 309 15.12 -27.16 23.31
C THR B 309 15.80 -25.81 23.05
N GLN B 310 16.63 -25.39 24.01
CA GLN B 310 17.33 -24.12 23.98
C GLN B 310 18.80 -24.39 23.67
N VAL B 311 19.08 -24.69 22.41
CA VAL B 311 20.43 -24.90 21.93
C VAL B 311 20.60 -24.01 20.71
N GLY B 312 21.75 -23.39 20.60
CA GLY B 312 22.03 -22.56 19.46
C GLY B 312 23.32 -21.81 19.62
N LEU B 313 23.89 -21.43 18.48
CA LEU B 313 25.01 -20.51 18.44
C LEU B 313 24.56 -19.05 18.48
N ASN B 314 23.42 -18.73 17.87
CA ASN B 314 22.87 -17.39 17.91
C ASN B 314 21.96 -17.23 19.14
N PHE B 315 21.59 -15.98 19.43
CA PHE B 315 20.63 -15.75 20.51
C PHE B 315 19.49 -14.89 19.96
N SER B 316 19.54 -13.56 20.12
CA SER B 316 18.52 -12.71 19.50
C SER B 316 18.61 -12.82 17.99
N ARG B 317 17.45 -12.85 17.33
CA ARG B 317 17.41 -13.08 15.89
C ARG B 317 16.00 -12.80 15.38
N PRO B 318 15.83 -12.55 14.08
CA PRO B 318 14.47 -12.34 13.53
C PRO B 318 13.59 -13.58 13.71
N ALA B 319 12.35 -13.36 14.12
CA ALA B 319 11.40 -14.47 14.19
C ALA B 319 10.62 -14.67 12.89
N ALA B 320 10.71 -13.74 11.94
CA ALA B 320 9.86 -13.83 10.75
C ALA B 320 10.01 -15.17 10.05
N GLN B 321 11.23 -15.73 10.02
CA GLN B 321 11.44 -16.95 9.21
C GLN B 321 10.66 -18.14 9.77
N ILE B 322 10.36 -18.14 11.07
CA ILE B 322 9.52 -19.19 11.64
C ILE B 322 8.09 -19.11 11.11
N LEU B 323 7.54 -17.88 11.12
CA LEU B 323 6.17 -17.67 10.59
C LEU B 323 6.15 -18.08 9.12
N GLY B 324 7.20 -17.74 8.37
CA GLY B 324 7.26 -18.07 6.96
C GLY B 324 7.29 -19.56 6.72
N GLN B 325 8.08 -20.29 7.52
CA GLN B 325 8.16 -21.74 7.38
C GLN B 325 6.82 -22.38 7.74
N TYR B 326 6.23 -21.95 8.87
CA TYR B 326 4.94 -22.54 9.26
C TYR B 326 3.87 -22.22 8.22
N TYR B 327 3.89 -21.00 7.66
CA TYR B 327 2.98 -20.65 6.58
C TYR B 327 3.12 -21.62 5.39
N GLN B 328 4.36 -21.92 4.98
CA GLN B 328 4.54 -22.81 3.82
C GLN B 328 4.04 -24.22 4.10
N PHE B 329 4.31 -24.74 5.31
CA PHE B 329 3.80 -26.06 5.66
C PHE B 329 2.27 -26.10 5.58
N ILE B 330 1.60 -25.05 6.08
CA ILE B 330 0.14 -25.03 6.06
C ILE B 330 -0.38 -24.72 4.66
N ARG B 331 0.21 -23.73 3.98
CA ARG B 331 -0.32 -23.27 2.70
C ARG B 331 -0.19 -24.32 1.62
N LEU B 332 0.96 -25.00 1.55
CA LEU B 332 1.22 -26.02 0.55
C LEU B 332 0.95 -27.44 1.04
N GLY B 333 1.30 -27.75 2.28
CA GLY B 333 1.19 -29.14 2.71
C GLY B 333 2.15 -30.02 1.92
N PHE B 334 2.04 -31.32 2.15
CA PHE B 334 2.92 -32.25 1.43
C PHE B 334 2.68 -32.16 -0.08
N GLN B 335 1.41 -32.18 -0.51
CA GLN B 335 1.14 -32.13 -1.94
C GLN B 335 1.72 -30.88 -2.57
N GLY B 336 1.53 -29.72 -1.92
CA GLY B 336 2.00 -28.47 -2.47
C GLY B 336 3.51 -28.40 -2.54
N TYR B 337 4.20 -28.85 -1.48
CA TYR B 337 5.66 -28.94 -1.53
C TYR B 337 6.09 -29.84 -2.68
N LYS B 338 5.47 -31.00 -2.79
CA LYS B 338 5.81 -31.89 -3.89
C LYS B 338 5.64 -31.21 -5.25
N GLU B 339 4.54 -30.45 -5.43
CA GLU B 339 4.29 -29.86 -6.74
C GLU B 339 5.26 -28.72 -7.05
N VAL B 340 5.62 -27.92 -6.05
CA VAL B 340 6.62 -26.88 -6.28
C VAL B 340 7.99 -27.50 -6.56
N GLN B 341 8.41 -28.49 -5.76
CA GLN B 341 9.72 -29.09 -6.03
C GLN B 341 9.74 -29.85 -7.36
N TYR B 342 8.60 -30.48 -7.73
CA TYR B 342 8.51 -31.08 -9.05
C TYR B 342 8.74 -30.05 -10.14
N ASN B 343 8.11 -28.88 -10.03
CA ASN B 343 8.34 -27.83 -11.01
C ASN B 343 9.83 -27.45 -11.09
N SER B 344 10.46 -27.21 -9.94
CA SER B 344 11.87 -26.80 -9.96
C SER B 344 12.74 -27.87 -10.59
N LEU B 345 12.49 -29.15 -10.26
CA LEU B 345 13.33 -30.23 -10.79
C LEU B 345 13.09 -30.44 -12.29
N GLN B 346 11.82 -30.37 -12.72
CA GLN B 346 11.53 -30.52 -14.15
C GLN B 346 12.24 -29.45 -14.97
N ILE B 347 12.25 -28.21 -14.48
CA ILE B 347 12.89 -27.12 -15.20
C ILE B 347 14.40 -27.31 -15.21
N ALA B 348 14.99 -27.75 -14.10
CA ALA B 348 16.41 -28.10 -14.10
C ALA B 348 16.69 -29.23 -15.07
N LYS B 349 15.86 -30.27 -15.06
CA LYS B 349 16.02 -31.36 -16.02
C LYS B 349 15.87 -30.87 -17.44
N TYR B 350 14.96 -29.92 -17.66
CA TYR B 350 14.77 -29.36 -18.99
C TYR B 350 16.03 -28.63 -19.45
N ILE B 351 16.55 -27.73 -18.61
CA ILE B 351 17.76 -26.99 -18.99
C ILE B 351 18.92 -27.96 -19.20
N HIS B 352 19.04 -28.95 -18.31
CA HIS B 352 20.07 -29.98 -18.40
C HIS B 352 20.06 -30.68 -19.75
N GLY B 353 18.87 -31.05 -20.23
CA GLY B 353 18.79 -31.70 -21.53
C GLY B 353 19.04 -30.75 -22.69
N GLU B 354 18.67 -29.48 -22.53
CA GLU B 354 18.95 -28.50 -23.57
C GLU B 354 20.44 -28.17 -23.62
N ILE B 355 21.09 -28.14 -22.46
CA ILE B 355 22.54 -27.96 -22.38
C ILE B 355 23.26 -29.09 -23.11
N ALA B 356 22.81 -30.33 -22.91
CA ALA B 356 23.49 -31.47 -23.50
C ALA B 356 23.42 -31.46 -25.03
N LYS B 357 22.41 -30.81 -25.61
CA LYS B 357 22.28 -30.77 -27.06
C LYS B 357 23.24 -29.79 -27.72
N MET B 358 23.77 -28.82 -26.97
CA MET B 358 24.62 -27.81 -27.59
C MET B 358 26.04 -28.32 -27.78
N ALA B 359 26.61 -28.01 -28.95
CA ALA B 359 27.89 -28.59 -29.35
C ALA B 359 29.02 -28.43 -28.35
N PRO B 360 29.20 -27.29 -27.66
CA PRO B 360 30.36 -27.19 -26.75
C PRO B 360 30.23 -27.95 -25.42
N PHE B 361 29.06 -28.42 -25.00
CA PHE B 361 28.85 -28.79 -23.61
C PHE B 361 28.64 -30.29 -23.39
N VAL B 362 28.99 -30.74 -22.18
CA VAL B 362 28.67 -32.08 -21.69
C VAL B 362 28.38 -32.03 -20.19
N ASN B 363 27.32 -32.72 -19.79
CA ASN B 363 26.90 -32.73 -18.39
C ASN B 363 27.77 -33.66 -17.54
N TYR B 364 28.03 -33.22 -16.32
CA TYR B 364 28.78 -34.03 -15.36
C TYR B 364 28.03 -35.30 -15.00
N SER B 365 26.71 -35.25 -14.97
CA SER B 365 25.90 -36.40 -14.61
C SER B 365 24.67 -36.46 -15.50
N GLU B 366 24.19 -37.68 -15.74
CA GLU B 366 22.92 -37.87 -16.40
C GLU B 366 21.75 -37.83 -15.43
N ASN B 367 22.01 -37.87 -14.13
CA ASN B 367 20.96 -37.96 -13.12
C ASN B 367 20.79 -36.60 -12.45
N VAL B 368 19.59 -36.04 -12.54
CA VAL B 368 19.25 -34.79 -11.89
C VAL B 368 18.32 -35.14 -10.73
N VAL B 369 18.83 -35.07 -9.51
CA VAL B 369 18.09 -35.46 -8.31
C VAL B 369 17.77 -34.29 -7.41
N ASN B 370 18.42 -33.15 -7.61
CA ASN B 370 18.08 -31.88 -6.99
C ASN B 370 17.92 -30.86 -8.10
N PRO B 371 17.19 -29.77 -7.86
CA PRO B 371 16.95 -28.78 -8.93
C PRO B 371 18.19 -27.98 -9.29
N LEU B 372 19.28 -28.68 -9.61
CA LEU B 372 20.50 -28.05 -10.08
C LEU B 372 21.37 -29.12 -10.71
N PHE B 373 22.33 -28.66 -11.51
CA PHE B 373 23.24 -29.55 -12.20
C PHE B 373 24.42 -28.72 -12.68
N ILE B 374 25.47 -29.40 -13.11
CA ILE B 374 26.65 -28.73 -13.63
C ILE B 374 27.06 -29.35 -14.96
N TRP B 375 27.74 -28.56 -15.78
CA TRP B 375 28.29 -29.06 -17.03
C TRP B 375 29.66 -28.44 -17.24
N TYR B 376 30.38 -28.99 -18.22
CA TYR B 376 31.67 -28.44 -18.63
C TYR B 376 31.77 -28.55 -20.14
N LEU B 377 32.86 -28.03 -20.68
CA LEU B 377 33.12 -28.08 -22.11
C LEU B 377 33.59 -29.48 -22.49
N LYS B 378 33.05 -30.00 -23.59
CA LYS B 378 33.57 -31.23 -24.15
C LYS B 378 35.08 -31.09 -24.33
N PRO B 379 35.89 -32.02 -23.79
CA PRO B 379 37.35 -31.88 -23.89
C PRO B 379 37.85 -31.61 -25.30
N GLU B 380 37.33 -32.32 -26.30
CA GLU B 380 37.79 -32.09 -27.66
C GLU B 380 37.37 -30.72 -28.18
N TYR B 381 36.21 -30.22 -27.73
CA TYR B 381 35.83 -28.86 -28.11
C TYR B 381 36.70 -27.82 -27.44
N ALA B 382 37.01 -28.02 -26.16
CA ALA B 382 37.73 -27.01 -25.40
C ALA B 382 39.15 -26.83 -25.93
N LYS B 383 39.76 -27.90 -26.46
CA LYS B 383 41.14 -27.82 -26.91
C LYS B 383 41.33 -26.73 -27.96
N SER B 384 40.40 -26.63 -28.92
CA SER B 384 40.54 -25.66 -30.00
C SER B 384 39.66 -24.43 -29.82
N ALA B 385 38.90 -24.35 -28.72
CA ALA B 385 38.08 -23.19 -28.47
C ALA B 385 38.95 -22.04 -27.99
N LYS B 386 38.58 -20.83 -28.39
CA LYS B 386 39.30 -19.66 -27.90
C LYS B 386 38.82 -19.19 -26.54
N TRP B 387 37.73 -19.78 -26.01
CA TRP B 387 37.05 -19.28 -24.83
C TRP B 387 36.88 -20.37 -23.76
N THR B 388 36.58 -19.94 -22.54
CA THR B 388 36.24 -20.84 -21.44
C THR B 388 34.88 -20.48 -20.86
N LEU B 389 34.42 -21.30 -19.91
CA LEU B 389 33.17 -20.99 -19.22
C LEU B 389 33.24 -19.71 -18.41
N TYR B 390 34.44 -19.26 -18.01
CA TYR B 390 34.53 -17.95 -17.37
C TYR B 390 34.12 -16.84 -18.33
N ASP B 391 34.43 -16.99 -19.62
CA ASP B 391 34.00 -16.02 -20.62
C ASP B 391 32.49 -16.08 -20.82
N LEU B 392 31.92 -17.28 -20.79
CA LEU B 392 30.47 -17.43 -20.87
C LEU B 392 29.79 -16.79 -19.66
N GLN B 393 30.36 -16.98 -18.46
CA GLN B 393 29.80 -16.32 -17.29
C GLN B 393 29.72 -14.81 -17.48
N ASP B 394 30.81 -14.21 -18.00
CA ASP B 394 30.84 -12.77 -18.24
C ASP B 394 29.82 -12.34 -19.27
N LYS B 395 29.69 -13.10 -20.37
CA LYS B 395 28.68 -12.77 -21.38
C LYS B 395 27.30 -12.74 -20.76
N LEU B 396 26.99 -13.75 -19.94
CA LEU B 396 25.65 -13.83 -19.35
C LEU B 396 25.40 -12.72 -18.34
N SER B 397 26.43 -12.28 -17.62
CA SER B 397 26.26 -11.19 -16.67
C SER B 397 25.89 -9.89 -17.38
N GLN B 398 26.28 -9.75 -18.66
CA GLN B 398 25.92 -8.57 -19.44
C GLN B 398 24.41 -8.49 -19.65
N HIS B 399 23.68 -9.59 -19.51
CA HIS B 399 22.23 -9.59 -19.59
C HIS B 399 21.57 -9.72 -18.22
N GLY B 400 22.32 -9.54 -17.14
CA GLY B 400 21.81 -9.54 -15.79
C GLY B 400 21.91 -10.87 -15.06
N TRP B 401 22.26 -11.95 -15.73
CA TRP B 401 22.35 -13.25 -15.08
C TRP B 401 23.60 -13.34 -14.23
N MET B 402 23.55 -14.17 -13.17
CA MET B 402 24.76 -14.71 -12.56
C MET B 402 24.71 -16.22 -12.72
N VAL B 403 25.55 -16.74 -13.61
CA VAL B 403 25.71 -18.18 -13.79
C VAL B 403 27.17 -18.51 -13.51
N PRO B 404 27.49 -19.12 -12.37
CA PRO B 404 28.89 -19.19 -11.94
C PRO B 404 29.66 -20.31 -12.62
N ALA B 405 30.91 -20.01 -12.97
CA ALA B 405 31.87 -21.00 -13.42
C ALA B 405 32.97 -21.14 -12.37
N TYR B 406 33.39 -22.38 -12.11
CA TYR B 406 34.36 -22.65 -11.06
C TYR B 406 34.97 -24.02 -11.31
N THR B 407 36.12 -24.26 -10.68
CA THR B 407 36.78 -25.55 -10.76
C THR B 407 36.25 -26.47 -9.68
N LEU B 408 36.15 -27.77 -10.01
CA LEU B 408 35.65 -28.76 -9.08
C LEU B 408 36.69 -29.09 -8.01
N PRO B 409 36.25 -29.63 -6.87
CA PRO B 409 37.22 -29.99 -5.81
C PRO B 409 38.14 -31.15 -6.19
N SER B 410 38.94 -31.56 -5.20
CA SER B 410 40.17 -32.30 -5.43
C SER B 410 39.98 -33.51 -6.33
N LYS B 411 41.00 -33.68 -7.17
CA LYS B 411 41.25 -34.66 -8.23
C LYS B 411 40.39 -34.34 -9.46
N LEU B 412 39.44 -33.42 -9.31
CA LEU B 412 38.77 -32.86 -10.48
C LEU B 412 39.06 -31.38 -10.66
N GLU B 413 40.13 -30.87 -10.09
CA GLU B 413 40.42 -29.41 -10.13
C GLU B 413 40.74 -28.95 -11.54
N ASP B 414 40.98 -29.89 -12.46
CA ASP B 414 41.18 -29.49 -13.84
C ASP B 414 39.88 -29.16 -14.57
N TYR B 415 38.73 -29.47 -13.97
CA TYR B 415 37.43 -29.30 -14.61
C TYR B 415 36.84 -27.94 -14.24
N VAL B 416 36.73 -27.06 -15.23
CA VAL B 416 35.97 -25.84 -15.09
C VAL B 416 34.53 -26.17 -15.43
N VAL B 417 33.62 -25.95 -14.48
CA VAL B 417 32.23 -26.26 -14.66
C VAL B 417 31.41 -24.99 -14.48
N MET B 418 30.16 -25.06 -14.86
CA MET B 418 29.18 -24.00 -14.69
C MET B 418 27.93 -24.63 -14.07
N ARG B 419 27.30 -23.90 -13.16
CA ARG B 419 26.17 -24.43 -12.41
C ARG B 419 24.94 -23.55 -12.60
N VAL B 420 23.78 -24.19 -12.74
CA VAL B 420 22.48 -23.51 -12.71
C VAL B 420 21.66 -24.13 -11.60
N VAL B 421 21.11 -23.27 -10.72
CA VAL B 421 20.22 -23.69 -9.65
C VAL B 421 18.83 -23.16 -9.97
N VAL B 422 17.84 -24.05 -10.03
CA VAL B 422 16.46 -23.66 -10.28
C VAL B 422 15.73 -23.60 -8.93
N ARG B 423 15.26 -22.42 -8.58
CA ARG B 423 14.51 -22.17 -7.36
C ARG B 423 13.07 -21.84 -7.71
N GLN B 424 12.19 -21.95 -6.71
CA GLN B 424 10.82 -21.47 -6.89
C GLN B 424 10.84 -20.02 -7.37
N GLY B 425 10.10 -19.75 -8.43
CA GLY B 425 10.09 -18.44 -9.03
C GLY B 425 10.93 -18.32 -10.28
N PHE B 426 11.66 -19.39 -10.62
CA PHE B 426 12.34 -19.51 -11.90
C PHE B 426 11.52 -20.46 -12.76
N SER B 427 10.90 -19.94 -13.81
CA SER B 427 9.93 -20.66 -14.62
C SER B 427 10.56 -21.23 -15.90
N ARG B 428 9.77 -22.04 -16.60
CA ARG B 428 10.13 -22.49 -17.94
C ARG B 428 10.39 -21.32 -18.88
N ASP B 429 9.57 -20.27 -18.79
CA ASP B 429 9.78 -19.12 -19.67
C ASP B 429 11.10 -18.44 -19.38
N MET B 430 11.47 -18.32 -18.10
CA MET B 430 12.78 -17.75 -17.77
C MET B 430 13.92 -18.67 -18.19
N ALA B 431 13.72 -20.00 -18.10
CA ALA B 431 14.72 -20.94 -18.60
C ALA B 431 14.94 -20.75 -20.10
N ASP B 432 13.87 -20.48 -20.85
CA ASP B 432 14.04 -20.23 -22.27
C ASP B 432 14.85 -18.96 -22.51
N MET B 433 14.65 -17.91 -21.71
CA MET B 433 15.48 -16.72 -21.90
C MET B 433 16.95 -17.00 -21.61
N LEU B 434 17.22 -17.73 -20.52
CA LEU B 434 18.59 -18.12 -20.22
C LEU B 434 19.19 -18.92 -21.36
N LEU B 435 18.47 -19.93 -21.84
CA LEU B 435 19.00 -20.77 -22.91
C LEU B 435 19.24 -19.98 -24.18
N GLY B 436 18.34 -19.04 -24.50
CA GLY B 436 18.57 -18.17 -25.64
C GLY B 436 19.83 -17.32 -25.48
N ASP B 437 20.06 -16.79 -24.28
CA ASP B 437 21.25 -15.99 -24.04
C ASP B 437 22.52 -16.84 -24.08
N ILE B 438 22.45 -18.08 -23.60
CA ILE B 438 23.60 -18.98 -23.68
C ILE B 438 23.97 -19.26 -25.13
N LYS B 439 22.96 -19.58 -25.96
CA LYS B 439 23.18 -19.83 -27.38
C LYS B 439 23.80 -18.63 -28.08
N ASN B 440 23.27 -17.44 -27.80
CA ASN B 440 23.81 -16.25 -28.44
C ASN B 440 25.23 -15.97 -27.97
N ALA B 441 25.48 -16.15 -26.67
CA ALA B 441 26.82 -15.95 -26.14
C ALA B 441 27.80 -16.92 -26.76
N ILE B 442 27.39 -18.16 -26.98
CA ILE B 442 28.28 -19.14 -27.60
C ILE B 442 28.67 -18.69 -29.00
N ALA B 443 27.68 -18.21 -29.76
CA ALA B 443 27.95 -17.79 -31.15
C ALA B 443 28.89 -16.60 -31.18
N GLU B 444 28.78 -15.69 -30.21
CA GLU B 444 29.68 -14.55 -30.13
C GLU B 444 31.09 -15.01 -29.79
N LEU B 445 31.22 -15.90 -28.80
CA LEU B 445 32.55 -16.34 -28.41
C LEU B 445 33.23 -17.13 -29.52
N GLU B 446 32.46 -17.88 -30.31
CA GLU B 446 33.05 -18.67 -31.36
C GLU B 446 33.61 -17.83 -32.50
N LYS B 447 33.35 -16.52 -32.53
CA LYS B 447 33.96 -15.64 -33.52
C LYS B 447 35.34 -15.17 -33.09
N LEU B 448 35.78 -15.45 -31.88
CA LEU B 448 37.08 -14.94 -31.43
C LEU B 448 38.21 -15.52 -32.27
N ASP B 449 39.12 -14.66 -32.71
CA ASP B 449 40.30 -15.10 -33.43
C ASP B 449 41.49 -15.37 -32.51
N PHE B 450 41.47 -14.87 -31.29
CA PHE B 450 42.53 -15.06 -30.31
C PHE B 450 41.96 -15.58 -28.99
N PRO B 451 42.75 -16.36 -28.25
CA PRO B 451 42.24 -16.89 -26.98
C PRO B 451 42.11 -15.81 -25.93
N THR B 452 41.12 -16.01 -25.06
CA THR B 452 40.88 -15.11 -23.95
C THR B 452 41.94 -15.32 -22.87
N PRO B 453 42.03 -14.42 -21.89
CA PRO B 453 43.00 -14.63 -20.81
C PRO B 453 42.82 -15.93 -20.05
N THR B 454 41.58 -16.29 -19.68
CA THR B 454 41.40 -17.53 -18.95
C THR B 454 41.71 -18.74 -19.81
N ARG B 455 41.44 -18.65 -21.11
CA ARG B 455 41.82 -19.74 -22.00
C ARG B 455 43.33 -19.92 -22.03
N MET B 456 44.07 -18.80 -22.06
CA MET B 456 45.52 -18.89 -22.03
C MET B 456 46.02 -19.36 -20.67
N ALA B 457 45.34 -18.98 -19.59
CA ALA B 457 45.75 -19.41 -18.26
C ALA B 457 45.66 -20.93 -18.13
N GLN B 458 44.78 -21.57 -18.88
CA GLN B 458 44.71 -23.04 -18.86
C GLN B 458 45.87 -23.68 -19.60
N GLU B 459 46.57 -22.91 -20.45
CA GLU B 459 47.77 -23.38 -21.13
C GLU B 459 49.03 -22.94 -20.38
N MET C 1 -6.42 -35.07 1.98
CA MET C 1 -6.87 -33.71 1.71
C MET C 1 -6.20 -33.13 0.46
N GLU C 2 -5.95 -33.99 -0.52
CA GLU C 2 -5.30 -33.57 -1.75
C GLU C 2 -6.22 -32.73 -2.63
N ASP C 3 -5.65 -31.71 -3.26
CA ASP C 3 -6.37 -30.79 -4.14
C ASP C 3 -6.13 -31.22 -5.58
N LEU C 4 -7.20 -31.72 -6.21
CA LEU C 4 -7.07 -32.35 -7.53
C LEU C 4 -6.61 -31.35 -8.60
N ASN C 5 -7.09 -30.11 -8.54
CA ASN C 5 -6.80 -29.13 -9.60
C ASN C 5 -5.66 -28.20 -9.22
N PHE C 6 -4.83 -28.60 -8.26
CA PHE C 6 -3.77 -27.71 -7.77
C PHE C 6 -2.88 -27.22 -8.91
N ARG C 7 -2.47 -28.12 -9.80
CA ARG C 7 -1.56 -27.74 -10.89
C ARG C 7 -2.28 -26.99 -12.02
N LYS C 8 -3.60 -27.07 -12.11
CA LYS C 8 -4.30 -26.52 -13.25
C LYS C 8 -4.76 -25.09 -13.04
N GLY C 9 -4.61 -24.53 -11.85
CA GLY C 9 -5.00 -23.14 -11.61
C GLY C 9 -6.33 -22.95 -10.91
N ASP C 10 -6.43 -23.34 -9.64
CA ASP C 10 -7.62 -23.09 -8.84
C ASP C 10 -7.25 -22.12 -7.71
N ALA C 11 -8.11 -22.04 -6.69
CA ALA C 11 -7.87 -21.07 -5.62
C ALA C 11 -6.66 -21.43 -4.77
N LYS C 12 -6.23 -22.68 -4.79
CA LYS C 12 -5.11 -23.10 -3.96
C LYS C 12 -3.77 -23.15 -4.69
N THR C 13 -3.77 -23.02 -6.02
CA THR C 13 -2.56 -23.17 -6.82
C THR C 13 -1.46 -22.23 -6.35
N ASP C 14 -0.24 -22.75 -6.26
CA ASP C 14 0.95 -21.91 -6.20
C ASP C 14 1.48 -21.68 -7.62
N VAL C 15 1.76 -20.41 -7.95
CA VAL C 15 2.21 -20.05 -9.31
C VAL C 15 3.31 -21.02 -9.79
N PHE C 16 4.28 -21.27 -8.95
CA PHE C 16 5.45 -22.01 -9.39
C PHE C 16 5.39 -23.48 -8.98
N GLY C 17 4.16 -23.98 -8.77
CA GLY C 17 3.91 -25.40 -8.74
C GLY C 17 2.83 -25.76 -9.75
N SER C 18 2.66 -24.92 -10.77
CA SER C 18 1.59 -25.10 -11.73
C SER C 18 2.15 -25.59 -13.06
N ASP C 19 1.28 -26.28 -13.82
CA ASP C 19 1.62 -26.68 -15.18
C ASP C 19 1.91 -25.46 -16.06
N ARG C 20 1.22 -24.35 -15.81
CA ARG C 20 1.42 -23.18 -16.67
C ARG C 20 2.85 -22.67 -16.59
N MET C 21 3.47 -22.76 -15.41
CA MET C 21 4.86 -22.32 -15.27
C MET C 21 5.87 -23.40 -15.69
N LEU C 22 5.41 -24.51 -16.26
CA LEU C 22 6.26 -25.41 -17.01
C LEU C 22 6.17 -25.19 -18.53
N GLN C 23 5.45 -24.17 -18.98
CA GLN C 23 5.17 -23.97 -20.40
C GLN C 23 5.76 -22.64 -20.88
N PRO C 24 6.13 -22.54 -22.15
CA PRO C 24 6.70 -21.28 -22.64
C PRO C 24 5.64 -20.21 -22.73
N SER C 25 6.09 -18.95 -22.75
CA SER C 25 5.14 -17.86 -22.98
C SER C 25 4.71 -17.86 -24.45
N PRO C 26 3.53 -17.33 -24.75
CA PRO C 26 3.04 -17.41 -26.14
C PRO C 26 3.84 -16.48 -27.05
N VAL C 27 4.32 -17.02 -28.15
CA VAL C 27 5.12 -16.25 -29.10
C VAL C 27 4.32 -15.84 -30.33
N GLU C 28 3.49 -16.73 -30.86
CA GLU C 28 2.82 -16.49 -32.14
C GLU C 28 1.34 -16.22 -31.99
N ARG C 29 0.66 -16.97 -31.14
CA ARG C 29 -0.79 -17.00 -31.10
C ARG C 29 -1.28 -16.76 -29.68
N ILE C 30 -2.44 -16.10 -29.58
CA ILE C 30 -3.02 -15.93 -28.25
C ILE C 30 -3.27 -17.31 -27.65
N PRO C 31 -2.97 -17.53 -26.38
CA PRO C 31 -3.33 -18.81 -25.76
C PRO C 31 -4.82 -19.05 -25.88
N ASP C 32 -5.20 -20.34 -25.97
CA ASP C 32 -6.60 -20.70 -26.12
C ASP C 32 -7.44 -20.31 -24.91
N GLY C 33 -6.87 -20.36 -23.70
CA GLY C 33 -7.63 -20.19 -22.49
C GLY C 33 -6.96 -19.32 -21.44
N PRO C 34 -7.65 -19.02 -20.35
CA PRO C 34 -7.12 -18.10 -19.35
C PRO C 34 -6.20 -18.79 -18.35
N THR C 35 -5.55 -17.96 -17.55
CA THR C 35 -4.78 -18.34 -16.36
C THR C 35 -5.25 -17.48 -15.20
N THR C 36 -4.67 -17.76 -14.00
CA THR C 36 -4.97 -16.88 -12.88
C THR C 36 -4.17 -15.58 -13.02
N PRO C 37 -4.67 -14.48 -12.49
CA PRO C 37 -3.91 -13.21 -12.60
C PRO C 37 -2.49 -13.30 -12.04
N GLU C 38 -2.30 -14.06 -10.94
CA GLU C 38 -0.98 -14.18 -10.33
C GLU C 38 0.02 -14.82 -11.30
N VAL C 39 -0.42 -15.87 -11.99
CA VAL C 39 0.43 -16.55 -12.98
C VAL C 39 0.76 -15.59 -14.12
N ALA C 40 -0.27 -14.95 -14.70
CA ALA C 40 -0.01 -14.06 -15.83
C ALA C 40 0.84 -12.89 -15.42
N TYR C 41 0.61 -12.37 -14.22
CA TYR C 41 1.42 -11.27 -13.73
C TYR C 41 2.89 -11.65 -13.69
N GLN C 42 3.19 -12.82 -13.12
CA GLN C 42 4.57 -13.27 -13.06
C GLN C 42 5.12 -13.52 -14.46
N MET C 43 4.32 -14.15 -15.33
CA MET C 43 4.85 -14.48 -16.66
C MET C 43 5.32 -13.23 -17.38
N VAL C 44 4.57 -12.13 -17.28
CA VAL C 44 4.98 -10.89 -17.95
C VAL C 44 6.11 -10.21 -17.17
N LYS C 45 5.91 -10.03 -15.87
CA LYS C 45 6.89 -9.36 -15.02
C LYS C 45 8.26 -10.05 -15.11
N ASP C 46 8.27 -11.37 -15.04
CA ASP C 46 9.55 -12.07 -14.97
C ASP C 46 10.38 -11.88 -16.24
N GLU C 47 9.76 -11.56 -17.36
CA GLU C 47 10.53 -11.32 -18.59
C GLU C 47 11.27 -9.99 -18.56
N THR C 48 10.86 -9.04 -17.73
CA THR C 48 11.52 -7.74 -17.69
C THR C 48 12.73 -7.72 -16.77
N PHE C 49 12.98 -8.81 -16.03
CA PHE C 49 14.10 -8.83 -15.10
C PHE C 49 15.44 -8.74 -15.83
N ALA C 50 15.60 -9.52 -16.91
CA ALA C 50 16.90 -9.70 -17.56
C ALA C 50 17.19 -8.58 -18.56
N GLN C 51 17.28 -7.38 -18.03
CA GLN C 51 17.62 -6.21 -18.85
C GLN C 51 18.07 -5.12 -17.91
N THR C 52 18.55 -4.02 -18.51
CA THR C 52 19.13 -2.91 -17.72
C THR C 52 18.10 -2.23 -16.82
N GLN C 53 18.41 -2.11 -15.53
CA GLN C 53 17.54 -1.35 -14.63
C GLN C 53 17.52 0.13 -15.01
N PRO C 54 16.35 0.76 -15.00
CA PRO C 54 16.25 2.12 -15.54
C PRO C 54 17.23 3.11 -14.91
N ARG C 55 17.45 3.04 -13.59
CA ARG C 55 18.30 4.05 -12.97
C ARG C 55 19.77 3.89 -13.37
N LEU C 56 20.17 2.74 -13.90
CA LEU C 56 21.54 2.50 -14.36
C LEU C 56 21.68 2.58 -15.87
N ASN C 57 20.59 2.88 -16.56
CA ASN C 57 20.61 3.16 -17.99
C ASN C 57 21.16 4.57 -18.16
N LEU C 58 22.44 4.67 -18.49
CA LEU C 58 23.02 5.98 -18.68
C LEU C 58 23.02 6.42 -20.14
N ALA C 59 22.48 5.58 -21.03
CA ALA C 59 22.28 5.95 -22.41
C ALA C 59 21.09 6.88 -22.55
N THR C 60 20.06 6.70 -21.72
CA THR C 60 18.80 7.38 -21.95
C THR C 60 18.84 8.79 -21.39
N PHE C 61 18.16 9.70 -22.12
CA PHE C 61 17.90 11.04 -21.63
C PHE C 61 16.57 11.12 -20.91
N VAL C 62 15.77 10.07 -20.97
CA VAL C 62 14.37 10.15 -20.52
C VAL C 62 14.28 9.77 -19.07
N THR C 63 13.52 10.58 -18.33
CA THR C 63 13.30 10.48 -16.89
C THR C 63 13.11 9.05 -16.42
N THR C 64 13.90 8.67 -15.42
CA THR C 64 13.75 7.39 -14.77
C THR C 64 13.40 7.51 -13.30
N TYR C 65 13.25 8.73 -12.78
CA TYR C 65 12.85 8.94 -11.40
C TYR C 65 11.96 10.17 -11.30
N MET C 66 10.85 10.06 -10.58
CA MET C 66 10.11 11.20 -10.01
C MET C 66 9.80 10.89 -8.55
N ASP C 67 9.49 11.90 -7.75
CA ASP C 67 9.25 11.63 -6.33
C ASP C 67 7.94 10.83 -6.14
N ASP C 68 7.72 10.42 -4.88
CA ASP C 68 6.60 9.52 -4.58
C ASP C 68 5.23 10.16 -4.85
N TYR C 69 5.12 11.47 -4.66
CA TYR C 69 3.83 12.15 -4.86
C TYR C 69 3.49 12.30 -6.34
N ALA C 70 4.47 12.71 -7.14
CA ALA C 70 4.27 12.74 -8.60
C ALA C 70 3.93 11.34 -9.12
N THR C 71 4.65 10.33 -8.63
CA THR C 71 4.40 8.97 -9.10
C THR C 71 2.98 8.54 -8.74
N LYS C 72 2.57 8.81 -7.49
CA LYS C 72 1.21 8.47 -7.05
C LYS C 72 0.16 9.17 -7.89
N LEU C 73 0.34 10.47 -8.10
CA LEU C 73 -0.57 11.25 -8.92
C LEU C 73 -0.67 10.68 -10.33
N MET C 74 0.46 10.31 -10.94
CA MET C 74 0.39 9.80 -12.31
C MET C 74 -0.23 8.40 -12.35
N ASN C 75 0.11 7.54 -11.40
CA ASN C 75 -0.52 6.22 -11.35
C ASN C 75 -2.03 6.33 -11.21
N GLU C 76 -2.51 7.30 -10.41
CA GLU C 76 -3.95 7.47 -10.21
C GLU C 76 -4.64 7.92 -11.47
N ALA C 77 -3.91 8.47 -12.43
CA ALA C 77 -4.48 8.95 -13.68
C ALA C 77 -4.33 7.95 -14.82
N ILE C 78 -4.00 6.70 -14.54
CA ILE C 78 -3.67 5.74 -15.59
C ILE C 78 -4.87 5.49 -16.51
N ASN C 79 -6.09 5.66 -16.03
CA ASN C 79 -7.26 5.39 -16.85
C ASN C 79 -7.91 6.65 -17.42
N ILE C 80 -7.17 7.76 -17.50
CA ILE C 80 -7.71 9.03 -17.98
C ILE C 80 -7.18 9.28 -19.38
N ASN C 81 -8.09 9.32 -20.36
CA ASN C 81 -7.78 9.61 -21.76
C ASN C 81 -7.78 11.12 -21.99
N TYR C 82 -6.59 11.71 -22.20
CA TYR C 82 -6.49 13.16 -22.34
C TYR C 82 -7.48 13.71 -23.37
N ILE C 83 -7.57 13.06 -24.53
CA ILE C 83 -8.27 13.66 -25.66
C ILE C 83 -9.76 13.82 -25.41
N ASP C 84 -10.31 13.19 -24.36
CA ASP C 84 -11.72 13.37 -23.98
C ASP C 84 -11.90 14.70 -23.24
N GLU C 85 -11.69 15.79 -23.98
CA GLU C 85 -11.58 17.09 -23.32
C GLU C 85 -12.93 17.57 -22.81
N THR C 86 -14.03 17.22 -23.49
CA THR C 86 -15.36 17.58 -22.99
C THR C 86 -15.63 16.90 -21.65
N GLU C 87 -15.21 15.64 -21.51
CA GLU C 87 -15.40 14.90 -20.27
C GLU C 87 -14.41 15.34 -19.21
N TYR C 88 -13.19 15.68 -19.61
CA TYR C 88 -12.14 16.06 -18.67
C TYR C 88 -11.63 17.48 -18.98
N PRO C 89 -12.50 18.49 -18.84
CA PRO C 89 -12.11 19.85 -19.25
C PRO C 89 -11.06 20.48 -18.35
N ARG C 90 -10.94 20.06 -17.09
CA ARG C 90 -9.92 20.65 -16.22
C ARG C 90 -8.54 20.21 -16.62
N ILE C 91 -8.41 19.01 -17.17
CA ILE C 91 -7.12 18.55 -17.66
C ILE C 91 -6.77 19.26 -18.96
N ALA C 92 -7.77 19.57 -19.78
CA ALA C 92 -7.50 20.37 -20.98
C ALA C 92 -7.00 21.75 -20.61
N VAL C 93 -7.62 22.40 -19.62
CA VAL C 93 -7.14 23.68 -19.16
C VAL C 93 -5.74 23.52 -18.55
N MET C 94 -5.54 22.46 -17.75
CA MET C 94 -4.22 22.23 -17.17
C MET C 94 -3.14 22.08 -18.25
N ASN C 95 -3.46 21.38 -19.33
CA ASN C 95 -2.56 21.28 -20.48
C ASN C 95 -2.26 22.66 -21.06
N GLY C 96 -3.29 23.49 -21.20
CA GLY C 96 -3.07 24.85 -21.71
C GLY C 96 -2.19 25.67 -20.79
N LYS C 97 -2.31 25.47 -19.47
CA LYS C 97 -1.46 26.19 -18.53
C LYS C 97 -0.03 25.69 -18.61
N CYS C 98 0.16 24.38 -18.79
CA CYS C 98 1.51 23.90 -18.99
C CYS C 98 2.12 24.54 -20.23
N ILE C 99 1.36 24.59 -21.32
CA ILE C 99 1.84 25.21 -22.55
C ILE C 99 2.18 26.68 -22.31
N ASN C 100 1.32 27.41 -21.58
CA ASN C 100 1.63 28.81 -21.27
C ASN C 100 2.97 28.92 -20.54
N ILE C 101 3.15 28.08 -19.53
CA ILE C 101 4.34 28.17 -18.70
C ILE C 101 5.59 27.88 -19.52
N VAL C 102 5.53 26.87 -20.39
CA VAL C 102 6.66 26.54 -21.23
C VAL C 102 6.95 27.68 -22.20
N ALA C 103 5.90 28.26 -22.77
CA ALA C 103 6.11 29.36 -23.71
C ALA C 103 6.78 30.54 -23.03
N ASN C 104 6.41 30.81 -21.76
CA ASN C 104 7.01 31.90 -21.01
C ASN C 104 8.42 31.59 -20.52
N LEU C 105 8.73 30.34 -20.18
CA LEU C 105 10.12 29.99 -19.93
C LEU C 105 11.00 30.32 -21.13
N TRP C 106 10.44 30.23 -22.33
CA TRP C 106 11.16 30.51 -23.57
C TRP C 106 10.98 31.95 -24.03
N ASN C 107 10.51 32.82 -23.14
CA ASN C 107 10.43 34.27 -23.39
C ASN C 107 9.54 34.59 -24.58
N SER C 108 8.39 33.92 -24.67
CA SER C 108 7.47 34.19 -25.76
C SER C 108 6.99 35.64 -25.68
N PRO C 109 7.03 36.39 -26.78
CA PRO C 109 6.41 37.73 -26.80
C PRO C 109 4.92 37.71 -27.08
N GLU C 110 4.32 36.52 -27.22
CA GLU C 110 2.90 36.43 -27.54
C GLU C 110 2.05 37.02 -26.42
N LYS C 111 1.12 37.90 -26.79
CA LYS C 111 0.33 38.61 -25.78
C LYS C 111 -0.90 37.83 -25.32
N ASP C 112 -1.38 36.86 -26.10
CA ASP C 112 -2.53 36.08 -25.70
C ASP C 112 -2.26 35.37 -24.37
N THR C 113 -3.27 35.33 -23.50
CA THR C 113 -3.13 34.58 -22.26
C THR C 113 -2.86 33.11 -22.54
N TRP C 114 -3.58 32.51 -23.48
CA TRP C 114 -3.39 31.11 -23.82
C TRP C 114 -2.42 31.03 -24.99
N LYS C 115 -1.17 30.65 -24.71
CA LYS C 115 -0.13 30.61 -25.74
C LYS C 115 -0.41 29.52 -26.76
N THR C 116 0.03 29.75 -28.00
CA THR C 116 -0.19 28.74 -29.04
C THR C 116 0.89 27.67 -28.96
N GLY C 117 0.48 26.45 -28.67
CA GLY C 117 1.38 25.33 -28.52
C GLY C 117 0.58 24.07 -28.46
N ALA C 118 1.29 22.95 -28.36
CA ALA C 118 0.62 21.66 -28.40
C ALA C 118 1.33 20.66 -27.50
N LEU C 119 0.53 19.82 -26.88
CA LEU C 119 0.99 18.62 -26.20
C LEU C 119 1.54 17.62 -27.22
N ALA C 120 2.55 16.86 -26.81
CA ALA C 120 3.11 15.79 -27.63
C ALA C 120 3.45 14.60 -26.75
N ILE C 121 3.67 13.44 -27.38
CA ILE C 121 4.15 12.26 -26.65
C ILE C 121 5.65 12.32 -26.40
N GLY C 122 6.36 13.12 -27.19
CA GLY C 122 7.78 13.35 -27.01
C GLY C 122 8.22 14.40 -28.01
N SER C 123 9.54 14.62 -28.07
CA SER C 123 10.02 15.58 -29.07
C SER C 123 9.77 15.09 -30.48
N SER C 124 9.57 13.78 -30.67
CA SER C 124 9.28 13.25 -32.00
C SER C 124 8.02 13.91 -32.60
N GLU C 125 6.87 13.75 -31.93
CA GLU C 125 5.65 14.40 -32.40
C GLU C 125 5.79 15.92 -32.38
N ALA C 126 6.46 16.47 -31.36
CA ALA C 126 6.60 17.92 -31.27
C ALA C 126 7.41 18.47 -32.43
N CYS C 127 8.52 17.81 -32.79
CA CYS C 127 9.32 18.20 -33.94
C CYS C 127 8.54 18.06 -35.24
N MET C 128 7.80 16.97 -35.39
CA MET C 128 7.03 16.78 -36.62
C MET C 128 5.98 17.86 -36.79
N LEU C 129 5.30 18.26 -35.70
CA LEU C 129 4.35 19.36 -35.80
C LEU C 129 5.06 20.64 -36.18
N GLY C 130 6.19 20.93 -35.55
CA GLY C 130 6.95 22.12 -35.93
C GLY C 130 7.39 22.10 -37.38
N GLY C 131 7.82 20.93 -37.88
CA GLY C 131 8.28 20.86 -39.25
C GLY C 131 7.15 20.93 -40.26
N VAL C 132 6.04 20.27 -39.98
CA VAL C 132 4.87 20.38 -40.84
C VAL C 132 4.39 21.81 -40.88
N ALA C 133 4.38 22.49 -39.72
CA ALA C 133 3.98 23.89 -39.68
C ALA C 133 4.89 24.75 -40.56
N ALA C 134 6.21 24.56 -40.44
CA ALA C 134 7.15 25.30 -41.30
C ALA C 134 6.95 24.95 -42.77
N TRP C 135 6.67 23.69 -43.05
CA TRP C 135 6.43 23.26 -44.42
C TRP C 135 5.18 23.93 -44.99
N LEU C 136 4.11 24.03 -44.20
CA LEU C 136 2.87 24.63 -44.68
C LEU C 136 3.00 26.14 -44.84
N ARG C 137 3.65 26.82 -43.89
CA ARG C 137 3.88 28.26 -44.04
C ARG C 137 4.68 28.56 -45.30
N TRP C 138 5.65 27.70 -45.60
CA TRP C 138 6.47 27.88 -46.80
C TRP C 138 5.66 27.64 -48.07
N ARG C 139 4.86 26.58 -48.10
CA ARG C 139 4.01 26.32 -49.25
C ARG C 139 3.10 27.51 -49.53
N LYS C 140 2.47 28.07 -48.49
CA LYS C 140 1.56 29.20 -48.70
C LYS C 140 2.28 30.46 -49.20
N LYS C 141 3.47 30.75 -48.68
CA LYS C 141 4.21 31.93 -49.11
C LYS C 141 4.66 31.81 -50.56
N ARG C 142 5.17 30.63 -50.93
CA ARG C 142 5.61 30.43 -52.31
C ARG C 142 4.42 30.50 -53.26
N GLN C 143 3.25 30.00 -52.85
CA GLN C 143 2.06 30.07 -53.71
C GLN C 143 1.65 31.51 -53.97
N ALA C 144 1.65 32.33 -52.93
CA ALA C 144 1.24 33.73 -53.09
C ALA C 144 2.20 34.49 -53.99
N GLN C 145 3.47 34.07 -54.07
CA GLN C 145 4.47 34.67 -54.92
C GLN C 145 4.53 34.05 -56.32
N GLY C 146 3.75 33.00 -56.56
CA GLY C 146 3.76 32.33 -57.85
C GLY C 146 4.98 31.46 -58.09
N LYS C 147 5.70 31.12 -57.04
CA LYS C 147 6.90 30.29 -57.13
C LYS C 147 6.53 28.84 -56.87
N PRO C 148 7.34 27.90 -57.33
CA PRO C 148 7.05 26.48 -57.08
C PRO C 148 7.19 26.14 -55.60
N PHE C 149 6.48 25.08 -55.20
CA PHE C 149 6.49 24.65 -53.81
C PHE C 149 6.39 23.13 -53.68
N ASP C 150 6.95 22.39 -54.62
CA ASP C 150 6.82 20.94 -54.61
C ASP C 150 8.10 20.19 -54.21
N LYS C 151 9.22 20.88 -54.00
CA LYS C 151 10.47 20.22 -53.65
C LYS C 151 11.06 20.87 -52.41
N PRO C 152 10.38 20.77 -51.27
CA PRO C 152 10.89 21.42 -50.05
C PRO C 152 12.11 20.71 -49.49
N ASN C 153 12.94 21.47 -48.77
CA ASN C 153 14.04 20.89 -48.01
C ASN C 153 14.16 21.61 -46.66
N PHE C 154 14.91 21.00 -45.75
CA PHE C 154 15.31 21.64 -44.50
C PHE C 154 16.76 21.27 -44.19
N VAL C 155 17.38 22.11 -43.36
CA VAL C 155 18.81 22.05 -43.08
C VAL C 155 19.01 21.77 -41.60
N ILE C 156 19.96 20.88 -41.29
CA ILE C 156 20.19 20.43 -39.93
C ILE C 156 21.59 19.83 -39.86
N SER C 157 22.18 19.82 -38.68
CA SER C 157 23.45 19.14 -38.44
C SER C 157 23.33 17.64 -38.72
N THR C 158 24.47 17.01 -39.06
CA THR C 158 24.54 15.55 -39.07
C THR C 158 24.34 14.96 -37.68
N GLY C 159 24.39 15.79 -36.64
CA GLY C 159 24.07 15.36 -35.30
C GLY C 159 22.58 15.32 -35.05
N PHE C 160 21.78 15.18 -36.10
CA PHE C 160 20.33 15.14 -35.94
C PHE C 160 19.92 13.90 -35.16
N GLN C 161 18.81 14.01 -34.44
CA GLN C 161 18.17 12.84 -33.86
C GLN C 161 17.21 12.25 -34.88
N VAL C 162 17.00 10.94 -34.79
CA VAL C 162 16.40 10.18 -35.90
C VAL C 162 15.02 10.71 -36.31
N VAL C 163 14.32 11.44 -35.43
CA VAL C 163 12.98 11.91 -35.81
C VAL C 163 13.02 12.76 -37.06
N TRP C 164 14.12 13.49 -37.29
CA TRP C 164 14.20 14.35 -38.48
C TRP C 164 14.35 13.52 -39.75
N GLU C 165 14.96 12.33 -39.65
CA GLU C 165 14.98 11.43 -40.79
C GLU C 165 13.59 10.87 -41.06
N LYS C 166 12.85 10.55 -40.01
CA LYS C 166 11.45 10.13 -40.19
C LYS C 166 10.63 11.23 -40.85
N PHE C 167 10.77 12.47 -40.35
CA PHE C 167 10.12 13.60 -40.99
C PHE C 167 10.46 13.66 -42.47
N ALA C 168 11.74 13.48 -42.80
CA ALA C 168 12.16 13.50 -44.19
C ALA C 168 11.53 12.36 -44.98
N GLN C 169 11.48 11.16 -44.40
CA GLN C 169 10.98 9.99 -45.11
C GLN C 169 9.46 9.98 -45.19
N LEU C 170 8.78 10.18 -44.04
CA LEU C 170 7.33 10.00 -43.97
C LEU C 170 6.56 11.10 -44.69
N TRP C 171 7.14 12.28 -44.85
CA TRP C 171 6.55 13.37 -45.63
C TRP C 171 7.25 13.58 -46.97
N GLN C 172 8.30 12.81 -47.24
CA GLN C 172 9.06 12.91 -48.49
C GLN C 172 9.58 14.34 -48.71
N ILE C 173 10.27 14.84 -47.70
CA ILE C 173 10.92 16.14 -47.70
C ILE C 173 12.42 15.95 -47.58
N GLU C 174 13.17 16.66 -48.41
CA GLU C 174 14.62 16.48 -48.48
C GLU C 174 15.32 17.06 -47.24
N MET C 175 16.10 16.23 -46.57
CA MET C 175 16.94 16.65 -45.46
C MET C 175 18.36 16.90 -45.95
N ARG C 176 18.85 18.10 -45.73
CA ARG C 176 20.21 18.51 -46.06
C ARG C 176 21.02 18.61 -44.78
N GLU C 177 22.17 17.94 -44.74
CA GLU C 177 22.94 17.73 -43.53
C GLU C 177 24.27 18.49 -43.56
N VAL C 178 24.56 19.22 -42.50
CA VAL C 178 25.83 19.91 -42.33
C VAL C 178 26.72 19.03 -41.46
N PRO C 179 27.86 18.56 -41.96
CA PRO C 179 28.67 17.61 -41.19
C PRO C 179 29.37 18.26 -40.01
N LEU C 180 29.72 17.41 -39.04
CA LEU C 180 30.54 17.80 -37.91
C LEU C 180 32.01 17.58 -38.22
N THR C 181 32.85 18.48 -37.70
CA THR C 181 34.30 18.32 -37.68
C THR C 181 34.80 18.68 -36.29
N LEU C 182 36.07 18.36 -36.00
CA LEU C 182 36.66 18.80 -34.74
C LEU C 182 36.74 20.31 -34.65
N GLU C 183 36.87 20.99 -35.80
CA GLU C 183 36.87 22.45 -35.84
C GLU C 183 35.47 23.04 -35.73
N LYS C 184 34.46 22.32 -36.17
CA LYS C 184 33.07 22.77 -36.06
C LYS C 184 32.28 21.63 -35.41
N THR C 185 32.44 21.49 -34.10
CA THR C 185 31.80 20.42 -33.34
C THR C 185 30.30 20.63 -33.18
N THR C 186 29.78 21.79 -33.57
CA THR C 186 28.36 22.06 -33.61
C THR C 186 28.03 22.74 -34.93
N LEU C 187 26.74 23.02 -35.15
CA LEU C 187 26.26 23.54 -36.43
C LEU C 187 26.89 24.88 -36.76
N ASP C 188 27.61 24.95 -37.87
CA ASP C 188 28.19 26.20 -38.31
C ASP C 188 27.18 26.98 -39.15
N PRO C 189 26.84 28.21 -38.78
CA PRO C 189 25.80 28.93 -39.52
C PRO C 189 26.17 29.17 -40.98
N GLU C 190 27.43 29.50 -41.26
CA GLU C 190 27.79 29.78 -42.64
C GLU C 190 27.63 28.52 -43.52
N GLU C 191 28.07 27.35 -43.02
CA GLU C 191 27.90 26.12 -43.78
C GLU C 191 26.43 25.78 -43.93
N ALA C 192 25.62 26.04 -42.92
CA ALA C 192 24.19 25.82 -43.02
C ALA C 192 23.58 26.66 -44.12
N LEU C 193 23.94 27.94 -44.19
CA LEU C 193 23.34 28.83 -45.17
C LEU C 193 23.70 28.40 -46.59
N LYS C 194 24.92 27.89 -46.79
CA LYS C 194 25.32 27.44 -48.12
C LYS C 194 24.45 26.30 -48.63
N MET C 195 23.74 25.60 -47.74
CA MET C 195 22.82 24.54 -48.15
C MET C 195 21.37 25.02 -48.25
N CYS C 196 21.09 26.28 -47.97
CA CYS C 196 19.76 26.83 -48.15
C CYS C 196 19.54 27.30 -49.58
N ASP C 197 18.28 27.23 -50.02
CA ASP C 197 17.87 27.83 -51.29
C ASP C 197 16.42 28.27 -51.14
N GLU C 198 15.77 28.56 -52.27
CA GLU C 198 14.39 29.03 -52.25
C GLU C 198 13.40 27.98 -51.77
N ASN C 199 13.81 26.73 -51.65
CA ASN C 199 12.94 25.64 -51.23
C ASN C 199 13.21 25.20 -49.79
N THR C 200 14.04 25.93 -49.06
CA THR C 200 14.34 25.56 -47.68
C THR C 200 13.23 26.04 -46.77
N ILE C 201 12.59 25.12 -46.04
CA ILE C 201 11.47 25.47 -45.19
C ILE C 201 11.88 25.89 -43.79
N CYS C 202 13.04 25.47 -43.31
CA CYS C 202 13.55 25.88 -42.01
C CYS C 202 14.95 25.31 -41.82
N VAL C 203 15.66 25.87 -40.85
CA VAL C 203 16.92 25.34 -40.34
C VAL C 203 16.67 24.91 -38.91
N VAL C 204 17.25 23.79 -38.51
CA VAL C 204 16.99 23.20 -37.21
C VAL C 204 18.29 23.14 -36.42
N PRO C 205 18.62 24.16 -35.63
CA PRO C 205 19.68 23.99 -34.64
C PRO C 205 19.15 23.18 -33.47
N ILE C 206 20.06 22.51 -32.76
CA ILE C 206 19.73 21.54 -31.71
C ILE C 206 20.35 22.02 -30.40
N GLN C 207 19.54 22.01 -29.32
CA GLN C 207 20.00 22.33 -27.97
C GLN C 207 20.05 21.02 -27.19
N GLY C 208 21.25 20.48 -26.99
CA GLY C 208 21.37 19.18 -26.41
C GLY C 208 21.48 18.11 -27.48
N VAL C 209 22.48 18.25 -28.35
CA VAL C 209 22.71 17.25 -29.40
C VAL C 209 22.93 15.91 -28.72
N THR C 210 22.14 14.90 -29.12
CA THR C 210 22.24 13.59 -28.47
C THR C 210 23.62 12.95 -28.68
N TRP C 211 24.22 13.17 -29.86
CA TRP C 211 25.51 12.56 -30.16
C TRP C 211 26.63 13.16 -29.33
N THR C 212 26.53 14.44 -28.97
CA THR C 212 27.66 15.17 -28.38
C THR C 212 27.36 15.83 -27.05
N GLY C 213 26.09 16.14 -26.73
CA GLY C 213 25.76 16.91 -25.55
C GLY C 213 25.89 18.40 -25.72
N LEU C 214 26.25 18.88 -26.89
CA LEU C 214 26.52 20.31 -27.08
C LEU C 214 25.26 21.02 -27.54
N ASN C 215 25.37 22.35 -27.66
CA ASN C 215 24.31 23.20 -28.19
C ASN C 215 24.78 23.87 -29.46
N ASP C 216 24.01 23.73 -30.53
CA ASP C 216 24.19 24.61 -31.69
C ASP C 216 23.96 26.04 -31.21
N ASP C 217 24.72 26.97 -31.80
CA ASP C 217 24.61 28.38 -31.41
C ASP C 217 23.44 28.98 -32.16
N VAL C 218 22.27 29.05 -31.52
CA VAL C 218 21.09 29.56 -32.21
C VAL C 218 21.26 31.04 -32.52
N GLU C 219 21.80 31.82 -31.56
CA GLU C 219 21.92 33.26 -31.80
C GLU C 219 22.80 33.55 -33.01
N ALA C 220 23.92 32.83 -33.12
CA ALA C 220 24.79 33.01 -34.29
C ALA C 220 24.05 32.61 -35.57
N LEU C 221 23.26 31.53 -35.52
CA LEU C 221 22.47 31.17 -36.69
C LEU C 221 21.43 32.23 -37.02
N ASP C 222 20.72 32.71 -35.99
CA ASP C 222 19.72 33.76 -36.20
C ASP C 222 20.35 34.98 -36.85
N LYS C 223 21.52 35.38 -36.37
CA LYS C 223 22.21 36.53 -36.93
C LYS C 223 22.57 36.27 -38.39
N ALA C 224 23.12 35.10 -38.68
CA ALA C 224 23.46 34.78 -40.07
C ALA C 224 22.22 34.69 -40.95
N LEU C 225 21.14 34.09 -40.43
CA LEU C 225 19.91 33.94 -41.22
C LEU C 225 19.27 35.28 -41.54
N ASP C 226 19.36 36.23 -40.61
CA ASP C 226 18.81 37.56 -40.85
C ASP C 226 19.43 38.21 -42.07
N ALA C 227 20.77 38.20 -42.16
CA ALA C 227 21.44 38.78 -43.32
C ALA C 227 21.17 37.97 -44.59
N TYR C 228 21.13 36.64 -44.46
CA TYR C 228 20.85 35.81 -45.62
C TYR C 228 19.45 36.09 -46.15
N ASN C 229 18.47 36.18 -45.24
CA ASN C 229 17.09 36.41 -45.65
C ASN C 229 16.91 37.79 -46.27
N ALA C 230 17.58 38.81 -45.73
CA ALA C 230 17.50 40.13 -46.36
C ALA C 230 18.10 40.14 -47.76
N LYS C 231 19.07 39.27 -48.03
CA LYS C 231 19.68 39.28 -49.36
C LYS C 231 18.86 38.51 -50.38
N THR C 232 18.31 37.37 -49.98
CA THR C 232 17.66 36.45 -50.91
C THR C 232 16.15 36.59 -50.91
N GLY C 233 15.57 37.12 -49.84
CA GLY C 233 14.12 37.11 -49.71
C GLY C 233 13.51 35.75 -49.47
N TYR C 234 14.32 34.72 -49.19
CA TYR C 234 13.77 33.38 -48.98
C TYR C 234 12.98 33.27 -47.67
N ASP C 235 13.24 34.13 -46.68
CA ASP C 235 12.42 34.21 -45.46
C ASP C 235 12.44 32.90 -44.71
N ILE C 236 13.62 32.28 -44.63
CA ILE C 236 13.79 30.98 -43.98
C ILE C 236 13.77 31.13 -42.46
N PRO C 237 12.88 30.42 -41.75
CA PRO C 237 12.83 30.55 -40.29
C PRO C 237 13.65 29.50 -39.54
N ILE C 238 13.69 29.61 -38.20
CA ILE C 238 14.30 28.61 -37.33
C ILE C 238 13.20 27.86 -36.58
N HIS C 239 13.35 26.54 -36.50
CA HIS C 239 12.70 25.73 -35.48
C HIS C 239 13.79 25.12 -34.60
N VAL C 240 13.73 25.41 -33.30
CA VAL C 240 14.75 24.91 -32.40
C VAL C 240 14.33 23.54 -31.90
N ASP C 241 15.13 22.53 -32.20
CA ASP C 241 15.00 21.24 -31.55
C ASP C 241 15.71 21.35 -30.22
N ALA C 242 14.97 21.67 -29.16
CA ALA C 242 15.54 21.84 -27.83
C ALA C 242 15.20 20.68 -26.92
N ALA C 243 15.19 19.46 -27.47
CA ALA C 243 14.70 18.28 -26.75
C ALA C 243 15.19 18.16 -25.31
N SER C 244 16.49 18.32 -25.10
CA SER C 244 17.05 18.38 -23.75
C SER C 244 17.22 19.80 -23.26
N GLY C 245 17.91 20.65 -24.03
CA GLY C 245 18.30 21.98 -23.58
C GLY C 245 17.13 22.89 -23.24
N GLY C 246 15.94 22.62 -23.78
CA GLY C 246 14.78 23.46 -23.52
C GLY C 246 14.33 23.51 -22.07
N PHE C 247 14.74 22.53 -21.26
CA PHE C 247 14.50 22.60 -19.82
C PHE C 247 15.80 22.76 -19.03
N ILE C 248 16.90 23.05 -19.71
CA ILE C 248 18.17 23.37 -19.07
C ILE C 248 18.49 24.86 -19.17
N LEU C 249 18.47 25.40 -20.39
CA LEU C 249 18.86 26.79 -20.60
C LEU C 249 18.04 27.82 -19.81
N PRO C 250 16.71 27.71 -19.69
CA PRO C 250 16.00 28.75 -18.92
C PRO C 250 16.42 28.86 -17.47
N PHE C 251 16.88 27.77 -16.86
CA PHE C 251 17.20 27.81 -15.45
C PHE C 251 18.67 28.10 -15.19
N LEU C 252 19.57 27.45 -15.94
CA LEU C 252 21.01 27.59 -15.70
C LEU C 252 21.68 28.63 -16.61
N TYR C 253 21.09 28.97 -17.76
CA TYR C 253 21.65 29.96 -18.67
C TYR C 253 20.57 30.96 -19.11
N PRO C 254 19.97 31.70 -18.18
CA PRO C 254 18.86 32.60 -18.56
C PRO C 254 19.25 33.64 -19.60
N ASP C 255 20.51 34.03 -19.63
CA ASP C 255 20.94 35.16 -20.50
C ASP C 255 21.34 34.71 -21.92
N THR C 256 21.45 33.42 -22.17
CA THR C 256 21.76 32.95 -23.52
C THR C 256 20.53 33.10 -24.42
N LYS C 257 20.64 33.93 -25.47
CA LYS C 257 19.50 34.21 -26.34
C LYS C 257 19.38 33.10 -27.38
N TRP C 258 18.48 32.15 -27.12
CA TRP C 258 18.29 30.99 -27.99
C TRP C 258 16.83 30.75 -28.35
N ASP C 259 15.89 31.47 -27.75
CA ASP C 259 14.48 31.13 -27.76
C ASP C 259 13.70 32.19 -28.54
N PHE C 260 12.44 32.42 -28.13
CA PHE C 260 11.57 33.39 -28.80
C PHE C 260 12.07 34.82 -28.69
N ARG C 261 13.12 35.08 -27.90
CA ARG C 261 13.79 36.37 -27.97
C ARG C 261 14.39 36.64 -29.35
N LEU C 262 14.66 35.59 -30.12
CA LEU C 262 15.31 35.75 -31.42
C LEU C 262 14.29 35.95 -32.54
N LYS C 263 14.63 36.86 -33.45
CA LYS C 263 13.69 37.27 -34.48
C LYS C 263 13.19 36.08 -35.31
N TRP C 264 14.09 35.17 -35.69
CA TRP C 264 13.76 34.11 -36.64
C TRP C 264 13.41 32.78 -35.99
N VAL C 265 13.41 32.70 -34.66
CA VAL C 265 12.98 31.47 -33.99
C VAL C 265 11.45 31.50 -33.91
N LEU C 266 10.77 30.80 -34.82
CA LEU C 266 9.31 30.83 -34.87
C LEU C 266 8.66 29.67 -34.16
N SER C 267 9.41 28.61 -33.86
CA SER C 267 8.87 27.52 -33.07
C SER C 267 10.03 26.79 -32.41
N ILE C 268 9.73 26.15 -31.27
CA ILE C 268 10.67 25.44 -30.41
C ILE C 268 9.97 24.18 -29.89
N SER C 269 10.71 23.07 -29.82
CA SER C 269 10.17 21.84 -29.28
C SER C 269 11.05 21.32 -28.14
N VAL C 270 10.47 20.51 -27.27
CA VAL C 270 11.21 19.99 -26.11
C VAL C 270 10.59 18.66 -25.70
N SER C 271 11.40 17.84 -25.03
CA SER C 271 10.94 16.61 -24.44
C SER C 271 10.65 16.89 -22.98
N GLY C 272 9.37 16.94 -22.62
CA GLY C 272 9.00 17.06 -21.22
C GLY C 272 9.46 15.87 -20.42
N HIS C 273 9.58 14.71 -21.06
CA HIS C 273 10.07 13.51 -20.39
C HIS C 273 11.60 13.38 -20.42
N LYS C 274 12.31 14.42 -20.71
CA LYS C 274 13.76 14.37 -20.53
C LYS C 274 14.21 15.19 -19.33
N PHE C 275 14.49 16.46 -19.65
CA PHE C 275 14.82 17.30 -18.51
C PHE C 275 13.65 18.13 -18.02
N GLY C 276 12.47 17.97 -18.63
CA GLY C 276 11.25 18.44 -18.00
C GLY C 276 10.87 17.67 -16.76
N LEU C 277 11.55 16.54 -16.49
CA LEU C 277 11.47 15.80 -15.24
C LEU C 277 10.19 14.97 -15.08
N VAL C 278 9.53 14.60 -16.17
CA VAL C 278 8.32 13.78 -16.12
C VAL C 278 8.60 12.43 -16.74
N TYR C 279 7.96 11.39 -16.20
CA TYR C 279 8.06 10.04 -16.76
C TYR C 279 7.69 9.99 -18.25
N PRO C 280 8.14 8.95 -18.97
CA PRO C 280 7.94 8.86 -20.42
C PRO C 280 6.53 9.17 -20.91
N GLY C 281 6.47 9.92 -22.01
CA GLY C 281 5.23 10.22 -22.69
C GLY C 281 4.91 11.71 -22.77
N LEU C 282 5.92 12.58 -22.75
CA LEU C 282 5.63 14.02 -22.74
C LEU C 282 6.63 14.81 -23.58
N GLY C 283 6.06 15.58 -24.53
CA GLY C 283 6.81 16.60 -25.25
C GLY C 283 5.95 17.85 -25.40
N TRP C 284 6.60 18.93 -25.83
CA TRP C 284 5.91 20.19 -26.06
C TRP C 284 6.45 20.86 -27.32
N VAL C 285 5.56 21.54 -28.05
CA VAL C 285 5.94 22.43 -29.12
C VAL C 285 5.19 23.75 -28.93
N CYS C 286 5.92 24.87 -29.03
CA CYS C 286 5.35 26.21 -28.95
C CYS C 286 5.74 26.98 -30.19
N TRP C 287 4.84 27.85 -30.63
CA TRP C 287 5.08 28.79 -31.71
C TRP C 287 5.19 30.21 -31.14
N LYS C 288 5.96 31.06 -31.84
CA LYS C 288 6.18 32.43 -31.36
C LYS C 288 4.88 33.24 -31.29
N GLY C 289 3.89 32.87 -32.09
CA GLY C 289 2.61 33.54 -32.08
C GLY C 289 1.65 32.71 -32.92
N LYS C 290 0.36 33.05 -32.80
CA LYS C 290 -0.68 32.31 -33.51
C LYS C 290 -0.51 32.37 -35.03
N GLU C 291 0.04 33.47 -35.56
CA GLU C 291 0.18 33.54 -37.00
C GLU C 291 1.17 32.52 -37.57
N TYR C 292 1.96 31.85 -36.72
CA TYR C 292 2.93 30.88 -37.25
C TYR C 292 2.44 29.45 -37.18
N LEU C 293 1.24 29.22 -36.64
CA LEU C 293 0.62 27.91 -36.66
C LEU C 293 -0.50 27.94 -37.69
N PRO C 294 -0.34 27.28 -38.83
CA PRO C 294 -1.37 27.37 -39.89
C PRO C 294 -2.71 26.83 -39.43
N GLU C 295 -3.77 27.53 -39.87
CA GLU C 295 -5.11 27.09 -39.55
C GLU C 295 -5.43 25.73 -40.17
N GLU C 296 -4.77 25.38 -41.27
CA GLU C 296 -5.00 24.07 -41.87
C GLU C 296 -4.60 22.95 -40.93
N MET C 297 -3.66 23.19 -40.03
CA MET C 297 -3.19 22.15 -39.15
C MET C 297 -3.99 22.11 -37.89
N SER C 298 -4.82 23.11 -37.67
CA SER C 298 -5.14 23.48 -36.31
C SER C 298 -6.53 24.06 -36.26
N PHE C 299 -7.08 23.97 -35.07
CA PHE C 299 -8.28 24.71 -34.72
C PHE C 299 -8.18 24.95 -33.22
N SER C 300 -9.11 25.74 -32.69
CA SER C 300 -9.11 26.02 -31.27
C SER C 300 -10.52 25.85 -30.73
N VAL C 301 -10.62 25.24 -29.56
CA VAL C 301 -11.87 25.06 -28.86
C VAL C 301 -11.72 25.66 -27.47
N ASN C 302 -12.73 26.40 -27.05
CA ASN C 302 -12.73 27.03 -25.73
C ASN C 302 -13.18 26.01 -24.68
N TYR C 303 -12.34 25.79 -23.67
CA TYR C 303 -12.70 24.97 -22.51
C TYR C 303 -12.58 25.83 -21.25
N LEU C 304 -13.72 26.19 -20.65
CA LEU C 304 -13.75 26.88 -19.36
C LEU C 304 -12.94 28.17 -19.38
N GLY C 305 -13.05 28.91 -20.49
CA GLY C 305 -12.31 30.14 -20.66
C GLY C 305 -10.90 29.99 -21.19
N ALA C 306 -10.44 28.76 -21.41
CA ALA C 306 -9.10 28.50 -21.93
C ALA C 306 -9.19 28.18 -23.41
N ASN C 307 -8.40 28.90 -24.22
CA ASN C 307 -8.31 28.66 -25.65
C ASN C 307 -7.31 27.54 -25.90
N ILE C 308 -7.83 26.35 -26.21
CA ILE C 308 -7.01 25.14 -26.30
C ILE C 308 -6.80 24.79 -27.77
N THR C 309 -5.53 24.76 -28.17
CA THR C 309 -5.19 24.39 -29.54
C THR C 309 -5.36 22.90 -29.77
N GLN C 310 -6.07 22.54 -30.84
CA GLN C 310 -6.34 21.14 -31.19
C GLN C 310 -5.47 20.77 -32.39
N VAL C 311 -4.19 20.56 -32.09
CA VAL C 311 -3.18 20.13 -33.06
C VAL C 311 -2.47 18.94 -32.47
N GLY C 312 -2.21 17.94 -33.29
CA GLY C 312 -1.46 16.80 -32.82
C GLY C 312 -1.46 15.68 -33.83
N LEU C 313 -0.44 14.82 -33.81
CA LEU C 313 -0.47 13.63 -34.65
C LEU C 313 -1.18 12.49 -33.97
N ASN C 314 -1.04 12.36 -32.65
CA ASN C 314 -1.75 11.38 -31.87
C ASN C 314 -3.14 11.90 -31.51
N PHE C 315 -4.00 11.02 -31.00
CA PHE C 315 -5.33 11.45 -30.56
C PHE C 315 -5.55 11.00 -29.12
N SER C 316 -6.15 9.83 -28.91
CA SER C 316 -6.27 9.31 -27.55
C SER C 316 -4.88 9.00 -26.98
N ARG C 317 -4.67 9.33 -25.71
CA ARG C 317 -3.35 9.19 -25.10
C ARG C 317 -3.49 9.32 -23.59
N PRO C 318 -2.53 8.80 -22.83
CA PRO C 318 -2.56 8.98 -21.36
C PRO C 318 -2.47 10.44 -20.99
N ALA C 319 -3.28 10.83 -20.00
CA ALA C 319 -3.23 12.19 -19.45
C ALA C 319 -2.27 12.33 -18.27
N ALA C 320 -1.75 11.22 -17.74
CA ALA C 320 -0.96 11.29 -16.50
C ALA C 320 0.19 12.28 -16.61
N GLN C 321 0.83 12.33 -17.77
CA GLN C 321 2.03 13.14 -17.93
C GLN C 321 1.73 14.63 -17.81
N ILE C 322 0.51 15.04 -18.14
CA ILE C 322 0.14 16.45 -17.96
C ILE C 322 0.11 16.79 -16.48
N LEU C 323 -0.54 15.93 -15.70
CA LEU C 323 -0.54 16.07 -14.25
C LEU C 323 0.90 16.08 -13.73
N GLY C 324 1.72 15.16 -14.24
CA GLY C 324 3.09 15.11 -13.79
C GLY C 324 3.84 16.39 -14.08
N GLN C 325 3.63 16.96 -15.27
CA GLN C 325 4.31 18.20 -15.61
C GLN C 325 3.84 19.34 -14.72
N TYR C 326 2.52 19.50 -14.56
CA TYR C 326 2.01 20.63 -13.77
C TYR C 326 2.44 20.50 -12.31
N TYR C 327 2.43 19.28 -11.77
CA TYR C 327 2.95 19.05 -10.41
C TYR C 327 4.39 19.54 -10.29
N GLN C 328 5.26 19.18 -11.24
CA GLN C 328 6.66 19.60 -11.13
C GLN C 328 6.77 21.11 -11.17
N PHE C 329 6.00 21.78 -12.03
CA PHE C 329 6.03 23.23 -12.08
C PHE C 329 5.67 23.83 -10.73
N ILE C 330 4.63 23.29 -10.07
CA ILE C 330 4.20 23.82 -8.78
C ILE C 330 5.11 23.34 -7.66
N ARG C 331 5.49 22.06 -7.69
CA ARG C 331 6.28 21.51 -6.60
C ARG C 331 7.67 22.13 -6.56
N LEU C 332 8.29 22.34 -7.72
CA LEU C 332 9.65 22.89 -7.76
C LEU C 332 9.69 24.39 -8.01
N GLY C 333 8.84 24.91 -8.91
CA GLY C 333 9.01 26.29 -9.30
C GLY C 333 10.33 26.49 -10.04
N PHE C 334 10.63 27.75 -10.30
CA PHE C 334 11.88 28.08 -10.98
C PHE C 334 13.08 27.66 -10.13
N GLN C 335 13.06 28.01 -8.85
CA GLN C 335 14.19 27.68 -7.98
C GLN C 335 14.41 26.18 -7.91
N GLY C 336 13.34 25.41 -7.72
CA GLY C 336 13.48 23.97 -7.59
C GLY C 336 13.99 23.32 -8.86
N TYR C 337 13.48 23.74 -10.01
CA TYR C 337 14.03 23.31 -11.29
C TYR C 337 15.50 23.68 -11.39
N LYS C 338 15.83 24.92 -11.02
CA LYS C 338 17.22 25.37 -11.09
C LYS C 338 18.13 24.47 -10.27
N GLU C 339 17.71 24.14 -9.04
CA GLU C 339 18.58 23.35 -8.18
C GLU C 339 18.68 21.90 -8.64
N VAL C 340 17.60 21.36 -9.21
CA VAL C 340 17.66 20.00 -9.75
C VAL C 340 18.60 19.95 -10.94
N GLN C 341 18.44 20.87 -11.89
CA GLN C 341 19.33 20.82 -13.06
C GLN C 341 20.76 21.15 -12.67
N TYR C 342 20.94 22.03 -11.68
CA TYR C 342 22.29 22.30 -11.18
C TYR C 342 22.95 21.01 -10.69
N ASN C 343 22.21 20.20 -9.89
CA ASN C 343 22.77 18.94 -9.41
C ASN C 343 23.17 18.04 -10.58
N SER C 344 22.27 17.88 -11.56
CA SER C 344 22.57 17.00 -12.69
C SER C 344 23.80 17.50 -13.45
N LEU C 345 23.88 18.81 -13.71
CA LEU C 345 25.00 19.33 -14.49
C LEU C 345 26.31 19.26 -13.70
N GLN C 346 26.24 19.55 -12.40
CA GLN C 346 27.43 19.46 -11.54
C GLN C 346 27.97 18.04 -11.49
N ILE C 347 27.09 17.06 -11.42
CA ILE C 347 27.56 15.67 -11.40
C ILE C 347 28.12 15.28 -12.76
N ALA C 348 27.49 15.72 -13.84
CA ALA C 348 28.03 15.49 -15.17
C ALA C 348 29.41 16.13 -15.33
N LYS C 349 29.57 17.37 -14.86
CA LYS C 349 30.88 18.01 -14.91
C LYS C 349 31.89 17.27 -14.07
N TYR C 350 31.46 16.75 -12.92
CA TYR C 350 32.36 15.99 -12.04
C TYR C 350 32.85 14.72 -12.75
N ILE C 351 31.92 13.94 -13.32
CA ILE C 351 32.33 12.74 -14.06
C ILE C 351 33.22 13.12 -15.25
N HIS C 352 32.85 14.18 -15.95
CA HIS C 352 33.63 14.66 -17.08
C HIS C 352 35.08 14.90 -16.68
N GLY C 353 35.30 15.59 -15.57
CA GLY C 353 36.66 15.90 -15.15
C GLY C 353 37.44 14.70 -14.65
N GLU C 354 36.75 13.72 -14.06
CA GLU C 354 37.43 12.51 -13.58
C GLU C 354 37.84 11.62 -14.75
N ILE C 355 37.00 11.56 -15.79
CA ILE C 355 37.37 10.84 -17.01
C ILE C 355 38.61 11.45 -17.63
N ALA C 356 38.72 12.78 -17.62
CA ALA C 356 39.86 13.44 -18.25
C ALA C 356 41.17 13.09 -17.57
N LYS C 357 41.13 12.72 -16.28
CA LYS C 357 42.32 12.34 -15.52
C LYS C 357 42.79 10.93 -15.80
N MET C 358 41.93 10.10 -16.39
CA MET C 358 42.30 8.71 -16.65
C MET C 358 43.15 8.63 -17.92
N ALA C 359 44.20 7.82 -17.85
CA ALA C 359 45.16 7.74 -18.93
C ALA C 359 44.56 7.44 -20.30
N PRO C 360 43.61 6.53 -20.47
CA PRO C 360 43.13 6.22 -21.83
C PRO C 360 42.26 7.28 -22.49
N PHE C 361 41.73 8.25 -21.75
CA PHE C 361 40.58 9.01 -22.24
C PHE C 361 40.92 10.46 -22.55
N VAL C 362 40.12 11.02 -23.44
CA VAL C 362 40.09 12.46 -23.68
C VAL C 362 38.65 12.84 -23.99
N ASN C 363 38.20 13.95 -23.42
CA ASN C 363 36.84 14.45 -23.63
C ASN C 363 36.69 15.14 -24.98
N TYR C 364 35.49 15.01 -25.57
CA TYR C 364 35.18 15.67 -26.84
C TYR C 364 35.14 17.18 -26.71
N SER C 365 34.72 17.70 -25.56
CA SER C 365 34.61 19.12 -25.32
C SER C 365 35.04 19.44 -23.90
N GLU C 366 35.61 20.62 -23.74
CA GLU C 366 35.91 21.16 -22.42
C GLU C 366 34.70 21.86 -21.81
N ASN C 367 33.64 22.07 -22.59
CA ASN C 367 32.45 22.77 -22.13
C ASN C 367 31.33 21.76 -21.91
N VAL C 368 30.80 21.72 -20.68
CA VAL C 368 29.65 20.89 -20.36
C VAL C 368 28.46 21.82 -20.13
N VAL C 369 27.53 21.85 -21.08
CA VAL C 369 26.39 22.76 -21.01
C VAL C 369 25.06 22.03 -20.82
N ASN C 370 25.02 20.73 -21.03
CA ASN C 370 23.88 19.89 -20.67
C ASN C 370 24.39 18.77 -19.76
N PRO C 371 23.51 18.14 -18.96
CA PRO C 371 23.99 17.09 -18.04
C PRO C 371 24.37 15.80 -18.75
N LEU C 372 25.26 15.93 -19.74
CA LEU C 372 25.82 14.79 -20.45
C LEU C 372 27.05 15.25 -21.21
N PHE C 373 27.87 14.30 -21.61
CA PHE C 373 29.10 14.58 -22.33
C PHE C 373 29.60 13.28 -22.93
N ILE C 374 30.53 13.39 -23.87
CA ILE C 374 31.11 12.22 -24.52
C ILE C 374 32.63 12.29 -24.42
N TRP C 375 33.26 11.12 -24.45
CA TRP C 375 34.71 11.05 -24.51
C TRP C 375 35.12 9.90 -25.42
N TYR C 376 36.40 9.87 -25.79
CA TYR C 376 36.92 8.77 -26.60
C TYR C 376 38.33 8.45 -26.13
N LEU C 377 38.92 7.43 -26.74
CA LEU C 377 40.29 7.07 -26.43
C LEU C 377 41.25 8.11 -27.01
N LYS C 378 42.22 8.51 -26.19
CA LYS C 378 43.33 9.31 -26.69
C LYS C 378 43.92 8.63 -27.91
N PRO C 379 44.09 9.34 -29.03
CA PRO C 379 44.62 8.68 -30.23
C PRO C 379 45.89 7.87 -29.99
N GLU C 380 46.84 8.39 -29.21
CA GLU C 380 48.08 7.67 -28.96
C GLU C 380 47.90 6.46 -28.06
N TYR C 381 46.97 6.51 -27.10
CA TYR C 381 46.66 5.34 -26.29
C TYR C 381 45.95 4.28 -27.12
N ALA C 382 45.06 4.72 -28.03
CA ALA C 382 44.25 3.81 -28.84
C ALA C 382 45.09 2.98 -29.80
N LYS C 383 46.19 3.54 -30.31
CA LYS C 383 46.97 2.82 -31.31
C LYS C 383 47.47 1.50 -30.76
N SER C 384 47.98 1.50 -29.55
CA SER C 384 48.59 0.33 -28.95
C SER C 384 47.69 -0.37 -27.95
N ALA C 385 46.48 0.13 -27.73
CA ALA C 385 45.57 -0.53 -26.83
C ALA C 385 45.01 -1.79 -27.49
N LYS C 386 44.76 -2.81 -26.68
CA LYS C 386 44.13 -4.03 -27.16
C LYS C 386 42.59 -3.92 -27.20
N TRP C 387 42.02 -2.86 -26.63
CA TRP C 387 40.57 -2.77 -26.44
C TRP C 387 40.01 -1.48 -27.01
N THR C 388 38.69 -1.47 -27.21
CA THR C 388 37.96 -0.30 -27.66
C THR C 388 36.89 0.06 -26.64
N LEU C 389 36.21 1.19 -26.86
CA LEU C 389 35.14 1.58 -25.97
C LEU C 389 33.99 0.57 -26.00
N TYR C 390 33.86 -0.20 -27.07
CA TYR C 390 32.86 -1.27 -27.08
C TYR C 390 33.15 -2.32 -26.01
N ASP C 391 34.43 -2.63 -25.80
CA ASP C 391 34.79 -3.60 -24.74
C ASP C 391 34.54 -3.02 -23.37
N LEU C 392 34.78 -1.72 -23.19
CA LEU C 392 34.46 -1.08 -21.93
C LEU C 392 32.95 -1.11 -21.68
N GLN C 393 32.14 -0.81 -22.71
CA GLN C 393 30.68 -0.89 -22.57
C GLN C 393 30.24 -2.27 -22.06
N ASP C 394 30.79 -3.33 -22.66
CA ASP C 394 30.42 -4.69 -22.26
C ASP C 394 30.84 -4.99 -20.82
N LYS C 395 32.05 -4.57 -20.45
CA LYS C 395 32.49 -4.73 -19.06
C LYS C 395 31.55 -4.02 -18.09
N LEU C 396 31.14 -2.79 -18.41
CA LEU C 396 30.25 -2.08 -17.49
C LEU C 396 28.89 -2.71 -17.47
N SER C 397 28.46 -3.30 -18.58
CA SER C 397 27.20 -4.04 -18.58
C SER C 397 27.24 -5.19 -17.57
N GLN C 398 28.42 -5.76 -17.30
CA GLN C 398 28.52 -6.86 -16.34
C GLN C 398 28.16 -6.43 -14.92
N HIS C 399 28.21 -5.13 -14.63
CA HIS C 399 27.75 -4.59 -13.35
C HIS C 399 26.42 -3.86 -13.46
N GLY C 400 25.66 -4.08 -14.55
CA GLY C 400 24.31 -3.56 -14.65
C GLY C 400 24.16 -2.23 -15.35
N TRP C 401 25.27 -1.56 -15.66
CA TRP C 401 25.21 -0.28 -16.36
C TRP C 401 24.90 -0.47 -17.84
N MET C 402 24.30 0.55 -18.43
CA MET C 402 24.36 0.75 -19.87
C MET C 402 25.02 2.10 -20.10
N VAL C 403 26.26 2.06 -20.56
CA VAL C 403 27.00 3.24 -20.97
C VAL C 403 27.35 3.00 -22.43
N PRO C 404 26.71 3.70 -23.37
CA PRO C 404 26.81 3.31 -24.79
C PRO C 404 28.06 3.84 -25.46
N ALA C 405 28.64 3.00 -26.30
CA ALA C 405 29.73 3.39 -27.19
C ALA C 405 29.21 3.39 -28.62
N TYR C 406 29.58 4.41 -29.39
CA TYR C 406 29.07 4.55 -30.76
C TYR C 406 29.98 5.50 -31.54
N THR C 407 29.86 5.45 -32.87
CA THR C 407 30.61 6.34 -33.74
C THR C 407 29.84 7.63 -33.97
N LEU C 408 30.58 8.74 -34.07
CA LEU C 408 30.03 10.06 -34.27
C LEU C 408 29.55 10.23 -35.72
N PRO C 409 28.66 11.22 -35.97
CA PRO C 409 28.16 11.42 -37.34
C PRO C 409 29.21 11.94 -38.30
N SER C 410 28.76 12.22 -39.53
CA SER C 410 29.65 12.33 -40.67
C SER C 410 30.81 13.28 -40.47
N LYS C 411 31.94 12.87 -41.04
CA LYS C 411 33.29 13.42 -41.01
C LYS C 411 33.95 13.16 -39.66
N LEU C 412 33.20 12.73 -38.65
CA LEU C 412 33.82 12.21 -37.43
C LEU C 412 33.49 10.74 -37.21
N GLU C 413 33.12 10.04 -38.30
CA GLU C 413 32.74 8.61 -38.21
C GLU C 413 33.88 7.80 -37.57
N ASP C 414 35.13 8.21 -37.78
CA ASP C 414 36.24 7.42 -37.26
C ASP C 414 36.30 7.43 -35.74
N TYR C 415 35.54 8.31 -35.09
CA TYR C 415 35.62 8.50 -33.64
C TYR C 415 34.60 7.61 -32.96
N VAL C 416 35.08 6.62 -32.24
CA VAL C 416 34.25 5.83 -31.33
C VAL C 416 34.23 6.58 -30.01
N VAL C 417 33.04 6.96 -29.54
CA VAL C 417 32.91 7.71 -28.30
C VAL C 417 31.98 6.97 -27.35
N MET C 418 31.97 7.41 -26.10
CA MET C 418 31.11 6.90 -25.06
C MET C 418 30.41 8.08 -24.40
N ARG C 419 29.14 7.91 -24.06
CA ARG C 419 28.29 8.99 -23.56
C ARG C 419 27.71 8.62 -22.20
N VAL C 420 27.68 9.60 -21.29
CA VAL C 420 27.01 9.47 -20.01
C VAL C 420 25.98 10.58 -19.91
N VAL C 421 24.73 10.21 -19.59
CA VAL C 421 23.66 11.17 -19.31
C VAL C 421 23.33 11.09 -17.83
N VAL C 422 23.39 12.24 -17.15
CA VAL C 422 23.05 12.36 -15.74
C VAL C 422 21.63 12.90 -15.65
N ARG C 423 20.72 12.11 -15.11
CA ARG C 423 19.33 12.50 -14.95
C ARG C 423 19.04 12.70 -13.47
N GLN C 424 17.94 13.37 -13.18
CA GLN C 424 17.47 13.42 -11.80
C GLN C 424 17.36 12.00 -11.26
N GLY C 425 17.96 11.77 -10.09
CA GLY C 425 18.02 10.45 -9.49
C GLY C 425 19.36 9.75 -9.65
N PHE C 426 20.27 10.37 -10.38
CA PHE C 426 21.66 9.92 -10.48
C PHE C 426 22.49 10.88 -9.64
N SER C 427 22.99 10.39 -8.51
CA SER C 427 23.65 11.18 -7.48
C SER C 427 25.16 11.15 -7.64
N ARG C 428 25.83 11.98 -6.82
CA ARG C 428 27.29 11.88 -6.71
C ARG C 428 27.73 10.50 -6.25
N ASP C 429 26.99 9.90 -5.32
CA ASP C 429 27.37 8.58 -4.86
C ASP C 429 27.30 7.55 -5.98
N MET C 430 26.26 7.62 -6.81
CA MET C 430 26.21 6.68 -7.93
C MET C 430 27.32 6.97 -8.95
N ALA C 431 27.69 8.24 -9.12
CA ALA C 431 28.80 8.57 -10.01
C ALA C 431 30.10 7.94 -9.55
N ASP C 432 30.34 7.95 -8.24
CA ASP C 432 31.53 7.31 -7.68
C ASP C 432 31.52 5.81 -7.92
N MET C 433 30.35 5.19 -7.82
CA MET C 433 30.26 3.78 -8.16
C MET C 433 30.57 3.53 -9.64
N LEU C 434 30.03 4.37 -10.52
CA LEU C 434 30.33 4.24 -11.96
C LEU C 434 31.82 4.38 -12.24
N LEU C 435 32.43 5.45 -11.71
CA LEU C 435 33.84 5.72 -12.00
C LEU C 435 34.73 4.61 -11.46
N GLY C 436 34.39 4.08 -10.29
CA GLY C 436 35.12 2.94 -9.77
C GLY C 436 35.03 1.72 -10.68
N ASP C 437 33.85 1.49 -11.27
CA ASP C 437 33.69 0.37 -12.18
C ASP C 437 34.48 0.58 -13.45
N ILE C 438 34.54 1.83 -13.93
CA ILE C 438 35.32 2.16 -15.13
C ILE C 438 36.80 1.91 -14.86
N LYS C 439 37.30 2.39 -13.72
CA LYS C 439 38.71 2.18 -13.41
C LYS C 439 39.06 0.70 -13.38
N ASN C 440 38.21 -0.10 -12.72
CA ASN C 440 38.44 -1.53 -12.66
C ASN C 440 38.39 -2.16 -14.05
N ALA C 441 37.43 -1.74 -14.88
CA ALA C 441 37.33 -2.28 -16.23
C ALA C 441 38.58 -1.95 -17.04
N ILE C 442 39.13 -0.75 -16.88
CA ILE C 442 40.37 -0.39 -17.57
C ILE C 442 41.51 -1.32 -17.17
N ALA C 443 41.65 -1.57 -15.85
CA ALA C 443 42.74 -2.42 -15.38
C ALA C 443 42.61 -3.85 -15.89
N GLU C 444 41.38 -4.36 -15.97
CA GLU C 444 41.19 -5.69 -16.55
C GLU C 444 41.50 -5.68 -18.05
N LEU C 445 40.98 -4.67 -18.76
CA LEU C 445 41.22 -4.64 -20.20
C LEU C 445 42.70 -4.45 -20.50
N GLU C 446 43.41 -3.73 -19.63
CA GLU C 446 44.84 -3.53 -19.84
C GLU C 446 45.67 -4.80 -19.66
N LYS C 447 45.09 -5.88 -19.14
CA LYS C 447 45.84 -7.12 -19.04
C LYS C 447 45.80 -7.94 -20.33
N LEU C 448 45.02 -7.53 -21.32
CA LEU C 448 44.88 -8.33 -22.53
C LEU C 448 46.18 -8.45 -23.31
N ASP C 449 46.54 -9.69 -23.66
CA ASP C 449 47.68 -9.95 -24.51
C ASP C 449 47.32 -9.94 -25.99
N PHE C 450 46.05 -10.06 -26.34
CA PHE C 450 45.60 -10.07 -27.73
C PHE C 450 44.48 -9.07 -27.94
N PRO C 451 44.35 -8.52 -29.14
CA PRO C 451 43.28 -7.55 -29.40
C PRO C 451 41.92 -8.21 -29.44
N THR C 452 40.91 -7.43 -29.05
CA THR C 452 39.52 -7.85 -29.07
C THR C 452 38.97 -7.83 -30.49
N PRO C 453 37.80 -8.42 -30.72
CA PRO C 453 37.23 -8.36 -32.07
C PRO C 453 37.03 -6.94 -32.59
N THR C 454 36.47 -6.02 -31.78
CA THR C 454 36.30 -4.65 -32.27
C THR C 454 37.64 -3.93 -32.45
N ARG C 455 38.63 -4.24 -31.62
CA ARG C 455 39.95 -3.62 -31.83
C ARG C 455 40.58 -4.11 -33.12
N MET C 456 40.41 -5.38 -33.46
CA MET C 456 40.92 -5.88 -34.74
C MET C 456 40.13 -5.29 -35.90
N ALA C 457 38.82 -5.08 -35.74
CA ALA C 457 38.02 -4.54 -36.83
C ALA C 457 38.46 -3.13 -37.18
N GLN C 458 39.01 -2.40 -36.23
CA GLN C 458 39.62 -1.11 -36.53
C GLN C 458 40.91 -1.25 -37.31
N GLU C 459 41.27 -2.47 -37.72
CA GLU C 459 42.50 -2.77 -38.45
C GLU C 459 43.72 -2.40 -37.63
N MET D 1 27.66 20.24 10.13
CA MET D 1 26.58 19.40 9.62
C MET D 1 25.45 19.32 10.64
N GLU D 2 25.58 20.05 11.73
CA GLU D 2 24.58 20.00 12.79
C GLU D 2 23.26 20.60 12.33
N ASP D 3 22.16 19.95 12.70
CA ASP D 3 20.82 20.43 12.37
C ASP D 3 20.26 21.10 13.62
N LEU D 4 20.16 22.42 13.57
CA LEU D 4 19.87 23.21 14.77
C LEU D 4 18.50 22.89 15.36
N ASN D 5 17.51 22.63 14.52
CA ASN D 5 16.14 22.46 14.97
C ASN D 5 15.72 21.00 15.03
N PHE D 6 16.69 20.08 15.03
CA PHE D 6 16.38 18.65 14.97
C PHE D 6 15.39 18.25 16.04
N ARG D 7 15.59 18.72 17.28
CA ARG D 7 14.71 18.30 18.36
C ARG D 7 13.35 19.00 18.33
N LYS D 8 13.22 20.10 17.57
CA LYS D 8 12.00 20.90 17.63
C LYS D 8 10.98 20.49 16.59
N GLY D 9 11.31 19.59 15.67
CA GLY D 9 10.37 19.15 14.67
C GLY D 9 10.54 19.80 13.32
N ASP D 10 11.66 19.53 12.65
CA ASP D 10 11.87 19.99 11.29
C ASP D 10 11.86 18.77 10.35
N ALA D 11 12.36 18.96 9.12
CA ALA D 11 12.30 17.87 8.15
C ALA D 11 13.24 16.72 8.49
N LYS D 12 14.24 16.96 9.34
CA LYS D 12 15.19 15.90 9.69
C LYS D 12 14.85 15.21 11.00
N THR D 13 13.89 15.74 11.77
CA THR D 13 13.57 15.20 13.09
C THR D 13 13.25 13.72 13.04
N ASP D 14 13.84 12.98 13.97
CA ASP D 14 13.36 11.65 14.31
C ASP D 14 12.35 11.80 15.44
N VAL D 15 11.18 11.16 15.28
CA VAL D 15 10.12 11.24 16.29
C VAL D 15 10.68 11.02 17.70
N PHE D 16 11.50 9.99 17.85
CA PHE D 16 11.90 9.57 19.19
C PHE D 16 13.27 10.10 19.59
N GLY D 17 13.71 11.16 18.93
CA GLY D 17 14.81 11.98 19.39
C GLY D 17 14.36 13.43 19.51
N SER D 18 13.07 13.66 19.67
CA SER D 18 12.50 14.99 19.67
C SER D 18 12.10 15.41 21.08
N ASP D 19 12.01 16.73 21.29
CA ASP D 19 11.53 17.23 22.57
C ASP D 19 10.10 16.79 22.82
N ARG D 20 9.27 16.71 21.78
CA ARG D 20 7.87 16.40 21.98
C ARG D 20 7.68 15.03 22.60
N MET D 21 8.52 14.06 22.23
CA MET D 21 8.37 12.73 22.80
C MET D 21 9.05 12.59 24.16
N LEU D 22 9.56 13.69 24.71
CA LEU D 22 9.93 13.75 26.12
C LEU D 22 8.84 14.40 26.97
N GLN D 23 7.70 14.74 26.35
CA GLN D 23 6.65 15.48 27.04
C GLN D 23 5.38 14.64 27.11
N PRO D 24 4.55 14.83 28.13
CA PRO D 24 3.32 14.06 28.23
C PRO D 24 2.31 14.50 27.19
N SER D 25 1.35 13.62 26.92
CA SER D 25 0.23 13.97 26.05
C SER D 25 -0.73 14.92 26.78
N PRO D 26 -1.49 15.72 26.04
CA PRO D 26 -2.35 16.73 26.68
C PRO D 26 -3.55 16.07 27.36
N VAL D 27 -3.77 16.44 28.62
CA VAL D 27 -4.85 15.89 29.41
C VAL D 27 -6.00 16.88 29.55
N GLU D 28 -5.70 18.16 29.75
CA GLU D 28 -6.71 19.16 30.06
C GLU D 28 -7.01 20.11 28.92
N ARG D 29 -5.97 20.61 28.24
CA ARG D 29 -6.09 21.70 27.29
C ARG D 29 -5.42 21.37 25.98
N ILE D 30 -5.93 21.95 24.90
CA ILE D 30 -5.26 21.78 23.60
C ILE D 30 -3.84 22.33 23.72
N PRO D 31 -2.84 21.68 23.14
CA PRO D 31 -1.51 22.29 23.07
C PRO D 31 -1.58 23.62 22.33
N ASP D 32 -0.71 24.55 22.71
CA ASP D 32 -0.70 25.86 22.06
C ASP D 32 -0.32 25.77 20.59
N GLY D 33 0.55 24.83 20.21
CA GLY D 33 1.10 24.81 18.89
C GLY D 33 1.10 23.43 18.27
N PRO D 34 1.50 23.33 17.00
CA PRO D 34 1.42 22.05 16.29
C PRO D 34 2.65 21.19 16.55
N THR D 35 2.58 19.97 16.05
CA THR D 35 3.76 19.14 15.89
C THR D 35 3.74 18.54 14.49
N THR D 36 4.73 17.72 14.17
CA THR D 36 4.73 17.06 12.87
C THR D 36 3.69 15.93 12.85
N PRO D 37 3.17 15.58 11.67
CA PRO D 37 2.19 14.47 11.61
C PRO D 37 2.72 13.18 12.16
N GLU D 38 4.00 12.86 11.92
CA GLU D 38 4.56 11.60 12.41
C GLU D 38 4.56 11.53 13.92
N VAL D 39 4.93 12.63 14.60
CA VAL D 39 4.92 12.69 16.06
C VAL D 39 3.51 12.50 16.60
N ALA D 40 2.55 13.27 16.06
CA ALA D 40 1.18 13.19 16.53
C ALA D 40 0.60 11.80 16.28
N TYR D 41 0.94 11.22 15.12
CA TYR D 41 0.47 9.87 14.82
C TYR D 41 0.95 8.89 15.87
N GLN D 42 2.24 8.92 16.19
CA GLN D 42 2.75 8.00 17.21
C GLN D 42 2.12 8.29 18.58
N MET D 43 1.98 9.56 18.94
CA MET D 43 1.49 9.87 20.29
C MET D 43 0.10 9.27 20.52
N VAL D 44 -0.79 9.37 19.53
CA VAL D 44 -2.13 8.79 19.65
C VAL D 44 -2.08 7.29 19.50
N LYS D 45 -1.41 6.81 18.45
CA LYS D 45 -1.30 5.38 18.20
C LYS D 45 -0.70 4.64 19.39
N ASP D 46 0.40 5.16 19.96
CA ASP D 46 1.11 4.42 21.00
C ASP D 46 0.26 4.22 22.25
N GLU D 47 -0.76 5.06 22.47
CA GLU D 47 -1.64 4.90 23.63
C GLU D 47 -2.60 3.72 23.50
N THR D 48 -2.85 3.24 22.29
CA THR D 48 -3.75 2.11 22.07
C THR D 48 -3.07 0.74 22.17
N PHE D 49 -1.75 0.69 22.33
CA PHE D 49 -1.07 -0.60 22.45
C PHE D 49 -1.48 -1.33 23.73
N ALA D 50 -1.50 -0.61 24.85
CA ALA D 50 -1.63 -1.22 26.17
C ALA D 50 -3.09 -1.50 26.53
N GLN D 51 -3.74 -2.33 25.71
CA GLN D 51 -5.11 -2.74 25.97
C GLN D 51 -5.40 -3.99 25.13
N THR D 52 -6.60 -4.54 25.33
CA THR D 52 -6.96 -5.79 24.67
C THR D 52 -6.88 -5.64 23.16
N GLN D 53 -6.30 -6.62 22.51
CA GLN D 53 -6.38 -6.69 21.07
C GLN D 53 -7.78 -7.12 20.68
N PRO D 54 -8.39 -6.47 19.69
CA PRO D 54 -9.80 -6.80 19.37
C PRO D 54 -10.04 -8.27 19.06
N ARG D 55 -9.14 -8.94 18.34
CA ARG D 55 -9.41 -10.34 18.01
C ARG D 55 -9.35 -11.26 19.23
N LEU D 56 -8.75 -10.80 20.33
CA LEU D 56 -8.73 -11.56 21.59
C LEU D 56 -9.76 -11.06 22.61
N ASN D 57 -10.54 -10.06 22.24
CA ASN D 57 -11.64 -9.56 23.06
C ASN D 57 -12.78 -10.56 22.93
N LEU D 58 -12.95 -11.44 23.92
CA LEU D 58 -14.04 -12.41 23.84
C LEU D 58 -15.28 -11.97 24.59
N ALA D 59 -15.22 -10.80 25.22
CA ALA D 59 -16.41 -10.21 25.82
C ALA D 59 -17.35 -9.61 24.78
N THR D 60 -16.79 -9.08 23.69
CA THR D 60 -17.59 -8.30 22.75
C THR D 60 -18.35 -9.18 21.78
N PHE D 61 -19.54 -8.73 21.42
CA PHE D 61 -20.34 -9.31 20.35
C PHE D 61 -20.10 -8.65 19.01
N VAL D 62 -19.35 -7.55 18.99
CA VAL D 62 -19.27 -6.69 17.83
C VAL D 62 -18.09 -7.12 16.97
N THR D 63 -18.35 -7.24 15.67
CA THR D 63 -17.40 -7.68 14.65
C THR D 63 -16.02 -7.07 14.85
N THR D 64 -15.00 -7.94 14.86
CA THR D 64 -13.61 -7.51 14.89
C THR D 64 -12.81 -7.93 13.67
N TYR D 65 -13.44 -8.60 12.69
CA TYR D 65 -12.78 -8.99 11.44
C TYR D 65 -13.78 -8.89 10.29
N MET D 66 -13.35 -8.29 9.18
CA MET D 66 -13.98 -8.43 7.87
C MET D 66 -12.88 -8.72 6.86
N ASP D 67 -13.23 -9.25 5.69
CA ASP D 67 -12.18 -9.59 4.74
C ASP D 67 -11.53 -8.33 4.17
N ASP D 68 -10.46 -8.54 3.37
CA ASP D 68 -9.69 -7.39 2.89
C ASP D 68 -10.50 -6.49 1.97
N TYR D 69 -11.43 -7.07 1.19
CA TYR D 69 -12.19 -6.25 0.26
C TYR D 69 -13.25 -5.42 0.97
N ALA D 70 -13.96 -6.01 1.93
CA ALA D 70 -14.88 -5.24 2.75
C ALA D 70 -14.15 -4.10 3.45
N THR D 71 -12.98 -4.39 4.01
CA THR D 71 -12.22 -3.39 4.74
C THR D 71 -11.77 -2.25 3.83
N LYS D 72 -11.23 -2.59 2.66
CA LYS D 72 -10.84 -1.54 1.71
C LYS D 72 -12.04 -0.69 1.29
N LEU D 73 -13.16 -1.34 0.99
CA LEU D 73 -14.38 -0.62 0.57
C LEU D 73 -14.81 0.38 1.65
N MET D 74 -14.81 -0.04 2.91
CA MET D 74 -15.25 0.85 3.98
C MET D 74 -14.23 1.96 4.26
N ASN D 75 -12.94 1.63 4.25
CA ASN D 75 -11.92 2.66 4.41
C ASN D 75 -12.06 3.73 3.33
N GLU D 76 -12.38 3.31 2.09
CA GLU D 76 -12.52 4.27 1.00
C GLU D 76 -13.72 5.18 1.18
N ALA D 77 -14.69 4.79 2.00
CA ALA D 77 -15.89 5.59 2.22
C ALA D 77 -15.82 6.40 3.51
N ILE D 78 -14.61 6.55 4.08
CA ILE D 78 -14.48 7.15 5.40
C ILE D 78 -14.98 8.59 5.42
N ASN D 79 -14.95 9.29 4.28
CA ASN D 79 -15.36 10.68 4.22
C ASN D 79 -16.77 10.86 3.65
N ILE D 80 -17.61 9.84 3.70
CA ILE D 80 -18.95 9.90 3.14
C ILE D 80 -19.96 9.99 4.27
N ASN D 81 -20.66 11.13 4.33
CA ASN D 81 -21.73 11.35 5.31
C ASN D 81 -23.04 10.80 4.74
N TYR D 82 -23.53 9.70 5.32
CA TYR D 82 -24.76 9.06 4.82
C TYR D 82 -25.90 10.06 4.65
N ILE D 83 -26.12 10.93 5.64
CA ILE D 83 -27.36 11.69 5.69
C ILE D 83 -27.46 12.68 4.54
N ASP D 84 -26.37 12.92 3.80
CA ASP D 84 -26.41 13.78 2.62
C ASP D 84 -27.02 13.02 1.44
N GLU D 85 -28.30 12.66 1.59
CA GLU D 85 -28.92 11.73 0.66
C GLU D 85 -29.15 12.36 -0.71
N THR D 86 -29.42 13.65 -0.76
CA THR D 86 -29.54 14.33 -2.04
C THR D 86 -28.21 14.28 -2.80
N GLU D 87 -27.11 14.40 -2.07
CA GLU D 87 -25.77 14.36 -2.67
C GLU D 87 -25.34 12.93 -3.00
N TYR D 88 -25.71 11.96 -2.18
CA TYR D 88 -25.30 10.57 -2.37
C TYR D 88 -26.53 9.67 -2.49
N PRO D 89 -27.36 9.86 -3.52
CA PRO D 89 -28.61 9.10 -3.57
C PRO D 89 -28.43 7.61 -3.79
N ARG D 90 -27.30 7.16 -4.36
CA ARG D 90 -27.11 5.74 -4.57
C ARG D 90 -26.89 5.00 -3.24
N ILE D 91 -26.27 5.66 -2.26
CA ILE D 91 -26.11 5.04 -0.94
C ILE D 91 -27.43 5.02 -0.19
N ALA D 92 -28.28 6.03 -0.38
CA ALA D 92 -29.62 5.99 0.20
C ALA D 92 -30.43 4.84 -0.38
N VAL D 93 -30.35 4.63 -1.70
CA VAL D 93 -31.03 3.48 -2.31
C VAL D 93 -30.42 2.19 -1.77
N MET D 94 -29.08 2.12 -1.72
CA MET D 94 -28.42 0.94 -1.17
C MET D 94 -28.86 0.68 0.26
N ASN D 95 -28.98 1.74 1.07
CA ASN D 95 -29.52 1.60 2.42
C ASN D 95 -30.93 1.00 2.40
N GLY D 96 -31.79 1.48 1.50
CA GLY D 96 -33.12 0.89 1.40
C GLY D 96 -33.09 -0.56 0.98
N LYS D 97 -32.15 -0.94 0.11
CA LYS D 97 -32.06 -2.34 -0.31
C LYS D 97 -31.58 -3.24 0.83
N CYS D 98 -30.67 -2.75 1.68
CA CYS D 98 -30.28 -3.53 2.86
C CYS D 98 -31.47 -3.76 3.78
N ILE D 99 -32.26 -2.71 4.04
CA ILE D 99 -33.45 -2.86 4.87
C ILE D 99 -34.42 -3.86 4.26
N ASN D 100 -34.63 -3.80 2.94
CA ASN D 100 -35.50 -4.78 2.28
C ASN D 100 -35.00 -6.19 2.55
N ILE D 101 -33.69 -6.40 2.39
CA ILE D 101 -33.10 -7.71 2.55
C ILE D 101 -33.26 -8.21 3.99
N VAL D 102 -33.06 -7.33 4.97
CA VAL D 102 -33.23 -7.73 6.38
C VAL D 102 -34.70 -8.04 6.67
N ALA D 103 -35.62 -7.19 6.21
CA ALA D 103 -37.04 -7.44 6.49
C ALA D 103 -37.49 -8.75 5.87
N ASN D 104 -36.96 -9.10 4.70
CA ASN D 104 -37.32 -10.37 4.08
C ASN D 104 -36.61 -11.54 4.76
N LEU D 105 -35.40 -11.33 5.27
CA LEU D 105 -34.80 -12.38 6.11
C LEU D 105 -35.69 -12.69 7.32
N TRP D 106 -36.41 -11.70 7.80
CA TRP D 106 -37.35 -11.86 8.91
C TRP D 106 -38.79 -12.13 8.43
N ASN D 107 -38.98 -12.50 7.17
CA ASN D 107 -40.26 -12.96 6.64
C ASN D 107 -41.38 -11.92 6.79
N SER D 108 -41.06 -10.67 6.48
CA SER D 108 -42.07 -9.61 6.52
C SER D 108 -43.19 -9.89 5.52
N PRO D 109 -44.46 -9.76 5.93
CA PRO D 109 -45.57 -9.89 4.98
C PRO D 109 -45.82 -8.62 4.17
N GLU D 110 -45.01 -7.58 4.38
CA GLU D 110 -45.25 -6.30 3.74
C GLU D 110 -45.10 -6.43 2.22
N LYS D 111 -46.10 -5.96 1.49
CA LYS D 111 -46.06 -6.09 0.04
C LYS D 111 -45.28 -4.99 -0.66
N ASP D 112 -45.10 -3.84 0.00
CA ASP D 112 -44.36 -2.75 -0.62
C ASP D 112 -42.94 -3.17 -0.97
N THR D 113 -42.49 -2.75 -2.15
CA THR D 113 -41.12 -3.02 -2.57
C THR D 113 -40.11 -2.42 -1.60
N TRP D 114 -40.33 -1.19 -1.15
CA TRP D 114 -39.41 -0.56 -0.21
C TRP D 114 -39.93 -0.79 1.20
N LYS D 115 -39.31 -1.74 1.89
CA LYS D 115 -39.78 -2.20 3.19
C LYS D 115 -39.65 -1.11 4.24
N THR D 116 -40.53 -1.16 5.24
CA THR D 116 -40.53 -0.15 6.30
C THR D 116 -39.46 -0.48 7.34
N GLY D 117 -38.47 0.39 7.44
CA GLY D 117 -37.36 0.15 8.36
C GLY D 117 -36.44 1.34 8.42
N ALA D 118 -35.41 1.22 9.26
CA ALA D 118 -34.50 2.32 9.50
C ALA D 118 -33.09 1.83 9.76
N LEU D 119 -32.13 2.60 9.26
CA LEU D 119 -30.72 2.50 9.63
C LEU D 119 -30.51 2.98 11.06
N ALA D 120 -29.56 2.34 11.76
CA ALA D 120 -29.15 2.76 13.10
C ALA D 120 -27.64 2.60 13.23
N ILE D 121 -27.07 3.24 14.28
CA ILE D 121 -25.66 3.06 14.62
C ILE D 121 -25.41 1.74 15.33
N GLY D 122 -26.46 1.18 15.93
CA GLY D 122 -26.39 -0.11 16.59
C GLY D 122 -27.78 -0.48 17.10
N SER D 123 -27.85 -1.57 17.86
CA SER D 123 -29.16 -1.92 18.42
C SER D 123 -29.67 -0.87 19.41
N SER D 124 -28.79 -0.04 19.98
CA SER D 124 -29.25 1.00 20.90
C SER D 124 -30.24 1.92 20.22
N GLU D 125 -29.80 2.59 19.15
CA GLU D 125 -30.70 3.47 18.40
C GLU D 125 -31.87 2.67 17.81
N ALA D 126 -31.60 1.46 17.32
CA ALA D 126 -32.65 0.64 16.72
C ALA D 126 -33.72 0.24 17.74
N CYS D 127 -33.29 -0.17 18.95
CA CYS D 127 -34.26 -0.48 20.00
C CYS D 127 -35.04 0.75 20.41
N MET D 128 -34.38 1.90 20.54
CA MET D 128 -35.06 3.11 20.95
C MET D 128 -36.12 3.54 19.92
N LEU D 129 -35.81 3.39 18.63
CA LEU D 129 -36.83 3.70 17.64
C LEU D 129 -38.01 2.75 17.74
N GLY D 130 -37.74 1.46 17.91
CA GLY D 130 -38.83 0.52 18.10
C GLY D 130 -39.65 0.83 19.32
N GLY D 131 -38.99 1.23 20.41
CA GLY D 131 -39.70 1.56 21.62
C GLY D 131 -40.47 2.86 21.53
N VAL D 132 -39.88 3.89 20.93
CA VAL D 132 -40.61 5.13 20.70
C VAL D 132 -41.83 4.88 19.83
N ALA D 133 -41.66 4.07 18.78
CA ALA D 133 -42.78 3.73 17.90
C ALA D 133 -43.89 3.02 18.67
N ALA D 134 -43.54 2.02 19.48
CA ALA D 134 -44.55 1.35 20.27
C ALA D 134 -45.22 2.31 21.24
N TRP D 135 -44.43 3.22 21.83
CA TRP D 135 -44.97 4.19 22.77
C TRP D 135 -45.98 5.11 22.08
N LEU D 136 -45.67 5.55 20.87
CA LEU D 136 -46.57 6.46 20.16
C LEU D 136 -47.84 5.73 19.69
N ARG D 137 -47.69 4.50 19.20
CA ARG D 137 -48.88 3.73 18.82
C ARG D 137 -49.81 3.52 20.01
N TRP D 138 -49.25 3.30 21.19
CA TRP D 138 -50.07 3.12 22.38
C TRP D 138 -50.74 4.43 22.78
N ARG D 139 -49.99 5.54 22.79
CA ARG D 139 -50.57 6.85 23.09
C ARG D 139 -51.74 7.15 22.15
N LYS D 140 -51.54 6.95 20.86
CA LYS D 140 -52.57 7.23 19.88
C LYS D 140 -53.78 6.32 20.10
N LYS D 141 -53.53 5.07 20.48
CA LYS D 141 -54.59 4.11 20.74
C LYS D 141 -55.42 4.52 21.96
N ARG D 142 -54.75 4.86 23.06
CA ARG D 142 -55.46 5.22 24.29
C ARG D 142 -56.25 6.52 24.14
N GLN D 143 -55.75 7.49 23.36
CA GLN D 143 -56.52 8.72 23.16
C GLN D 143 -57.85 8.43 22.49
N ALA D 144 -57.85 7.58 21.46
CA ALA D 144 -59.06 7.25 20.73
C ALA D 144 -60.07 6.50 21.60
N GLN D 145 -59.59 5.80 22.62
CA GLN D 145 -60.46 5.07 23.55
C GLN D 145 -60.90 5.92 24.73
N GLY D 146 -60.40 7.15 24.85
CA GLY D 146 -60.72 7.98 25.99
C GLY D 146 -60.02 7.57 27.26
N LYS D 147 -58.98 6.75 27.16
CA LYS D 147 -58.21 6.26 28.30
C LYS D 147 -56.97 7.12 28.52
N PRO D 148 -56.40 7.10 29.72
CA PRO D 148 -55.19 7.90 29.97
C PRO D 148 -54.01 7.35 29.18
N PHE D 149 -53.03 8.23 28.95
CA PHE D 149 -51.83 7.79 28.23
C PHE D 149 -50.58 8.47 28.77
N ASP D 150 -50.54 8.75 30.06
CA ASP D 150 -49.41 9.46 30.66
C ASP D 150 -48.50 8.58 31.52
N LYS D 151 -48.82 7.31 31.72
CA LYS D 151 -48.01 6.40 32.53
C LYS D 151 -47.65 5.12 31.76
N PRO D 152 -46.90 5.24 30.68
CA PRO D 152 -46.54 4.03 29.92
C PRO D 152 -45.54 3.16 30.65
N ASN D 153 -45.61 1.86 30.39
CA ASN D 153 -44.58 0.93 30.83
C ASN D 153 -44.32 -0.07 29.70
N PHE D 154 -43.21 -0.79 29.79
CA PHE D 154 -42.94 -1.92 28.92
C PHE D 154 -42.32 -3.02 29.77
N VAL D 155 -42.40 -4.25 29.26
CA VAL D 155 -42.05 -5.45 30.02
C VAL D 155 -40.88 -6.16 29.34
N ILE D 156 -39.92 -6.63 30.13
CA ILE D 156 -38.69 -7.24 29.60
C ILE D 156 -38.04 -8.07 30.69
N SER D 157 -37.24 -9.06 30.27
CA SER D 157 -36.46 -9.87 31.19
C SER D 157 -35.45 -9.04 31.96
N THR D 158 -35.07 -9.51 33.17
CA THR D 158 -33.90 -8.93 33.82
C THR D 158 -32.63 -9.13 33.01
N GLY D 159 -32.67 -10.00 32.01
CA GLY D 159 -31.54 -10.14 31.12
C GLY D 159 -31.52 -9.05 30.07
N PHE D 160 -32.15 -7.92 30.34
CA PHE D 160 -32.14 -6.83 29.37
C PHE D 160 -30.72 -6.31 29.18
N GLN D 161 -30.47 -5.82 27.98
CA GLN D 161 -29.25 -5.09 27.69
C GLN D 161 -29.48 -3.62 28.03
N VAL D 162 -28.41 -2.93 28.41
CA VAL D 162 -28.55 -1.65 29.11
C VAL D 162 -29.32 -0.59 28.31
N VAL D 163 -29.37 -0.71 26.98
CA VAL D 163 -30.03 0.34 26.18
C VAL D 163 -31.49 0.46 26.57
N TRP D 164 -32.10 -0.62 27.04
CA TRP D 164 -33.49 -0.54 27.47
C TRP D 164 -33.63 0.25 28.77
N GLU D 165 -32.60 0.25 29.63
CA GLU D 165 -32.59 1.13 30.79
C GLU D 165 -32.44 2.60 30.38
N LYS D 166 -31.63 2.87 29.37
CA LYS D 166 -31.57 4.23 28.81
C LYS D 166 -32.93 4.66 28.28
N PHE D 167 -33.59 3.78 27.54
CA PHE D 167 -34.94 4.06 27.06
C PHE D 167 -35.86 4.46 28.21
N ALA D 168 -35.81 3.69 29.30
CA ALA D 168 -36.63 3.99 30.47
C ALA D 168 -36.26 5.33 31.08
N GLN D 169 -34.96 5.65 31.13
CA GLN D 169 -34.52 6.89 31.74
C GLN D 169 -34.76 8.08 30.82
N LEU D 170 -34.34 7.97 29.56
CA LEU D 170 -34.34 9.13 28.69
C LEU D 170 -35.76 9.54 28.30
N TRP D 171 -36.71 8.61 28.29
CA TRP D 171 -38.10 8.95 27.96
C TRP D 171 -39.03 8.90 29.15
N GLN D 172 -38.54 8.51 30.32
CA GLN D 172 -39.33 8.41 31.54
C GLN D 172 -40.51 7.44 31.38
N ILE D 173 -40.18 6.22 30.94
CA ILE D 173 -41.14 5.14 30.79
C ILE D 173 -40.76 4.03 31.77
N GLU D 174 -41.74 3.49 32.48
CA GLU D 174 -41.49 2.50 33.52
C GLU D 174 -41.10 1.17 32.90
N MET D 175 -39.94 0.65 33.26
CA MET D 175 -39.50 -0.67 32.84
C MET D 175 -39.85 -1.69 33.93
N ARG D 176 -40.61 -2.72 33.56
CA ARG D 176 -40.98 -3.81 34.46
C ARG D 176 -40.18 -5.05 34.07
N GLU D 177 -39.48 -5.64 35.04
CA GLU D 177 -38.49 -6.67 34.79
C GLU D 177 -38.95 -8.02 35.30
N VAL D 178 -38.85 -9.05 34.47
CA VAL D 178 -39.18 -10.42 34.87
C VAL D 178 -37.88 -11.13 35.24
N PRO D 179 -37.71 -11.57 36.48
CA PRO D 179 -36.41 -12.12 36.89
C PRO D 179 -36.13 -13.48 36.27
N LEU D 180 -34.84 -13.79 36.20
CA LEU D 180 -34.38 -15.10 35.78
C LEU D 180 -34.30 -16.01 37.00
N THR D 181 -34.59 -17.29 36.78
CA THR D 181 -34.35 -18.34 37.76
C THR D 181 -33.73 -19.53 37.03
N LEU D 182 -33.19 -20.49 37.78
CA LEU D 182 -32.70 -21.70 37.14
C LEU D 182 -33.85 -22.46 36.48
N GLU D 183 -35.06 -22.29 37.00
CA GLU D 183 -36.20 -22.96 36.40
C GLU D 183 -36.68 -22.27 35.13
N LYS D 184 -36.53 -20.95 35.02
CA LYS D 184 -36.89 -20.19 33.81
C LYS D 184 -35.70 -19.30 33.42
N THR D 185 -34.76 -19.92 32.71
CA THR D 185 -33.51 -19.31 32.30
C THR D 185 -33.68 -18.26 31.21
N THR D 186 -34.88 -18.16 30.63
CA THR D 186 -35.23 -17.14 29.64
C THR D 186 -36.60 -16.57 30.02
N LEU D 187 -37.08 -15.60 29.24
CA LEU D 187 -38.33 -14.91 29.57
C LEU D 187 -39.52 -15.86 29.61
N ASP D 188 -40.15 -16.02 30.78
CA ASP D 188 -41.36 -16.86 30.90
C ASP D 188 -42.60 -16.08 30.50
N PRO D 189 -43.39 -16.55 29.54
CA PRO D 189 -44.50 -15.72 29.02
C PRO D 189 -45.57 -15.40 30.06
N GLU D 190 -45.92 -16.35 30.92
CA GLU D 190 -46.95 -16.09 31.93
C GLU D 190 -46.48 -15.06 32.95
N GLU D 191 -45.22 -15.12 33.37
CA GLU D 191 -44.73 -14.10 34.28
C GLU D 191 -44.69 -12.73 33.60
N ALA D 192 -44.34 -12.70 32.31
CA ALA D 192 -44.37 -11.44 31.58
C ALA D 192 -45.76 -10.83 31.58
N LEU D 193 -46.78 -11.64 31.29
CA LEU D 193 -48.15 -11.12 31.16
C LEU D 193 -48.67 -10.58 32.48
N LYS D 194 -48.32 -11.23 33.59
CA LYS D 194 -48.73 -10.76 34.91
C LYS D 194 -48.18 -9.39 35.26
N MET D 195 -47.16 -8.90 34.55
CA MET D 195 -46.71 -7.54 34.76
C MET D 195 -47.30 -6.57 33.75
N CYS D 196 -48.11 -7.07 32.81
CA CYS D 196 -48.77 -6.21 31.82
C CYS D 196 -50.06 -5.63 32.39
N ASP D 197 -50.40 -4.42 31.93
CA ASP D 197 -51.70 -3.80 32.21
C ASP D 197 -52.04 -2.88 31.03
N GLU D 198 -53.05 -2.03 31.22
CA GLU D 198 -53.53 -1.15 30.16
C GLU D 198 -52.50 -0.10 29.75
N ASN D 199 -51.41 0.06 30.50
CA ASN D 199 -50.38 1.04 30.21
C ASN D 199 -49.13 0.39 29.62
N THR D 200 -49.18 -0.89 29.28
CA THR D 200 -48.04 -1.58 28.70
C THR D 200 -47.97 -1.31 27.20
N ILE D 201 -46.86 -0.71 26.74
CA ILE D 201 -46.71 -0.38 25.32
C ILE D 201 -46.15 -1.54 24.51
N CYS D 202 -45.42 -2.47 25.13
CA CYS D 202 -44.93 -3.66 24.45
C CYS D 202 -44.21 -4.57 25.46
N VAL D 203 -44.02 -5.81 25.04
CA VAL D 203 -43.15 -6.77 25.71
C VAL D 203 -41.95 -6.98 24.80
N VAL D 204 -40.77 -7.12 25.39
CA VAL D 204 -39.51 -7.23 24.64
C VAL D 204 -38.80 -8.54 24.93
N PRO D 205 -39.05 -9.60 24.17
CA PRO D 205 -38.18 -10.79 24.24
C PRO D 205 -36.88 -10.54 23.51
N ILE D 206 -35.85 -11.30 23.89
CA ILE D 206 -34.49 -11.08 23.44
C ILE D 206 -34.00 -12.34 22.74
N GLN D 207 -33.43 -12.17 21.54
CA GLN D 207 -32.80 -13.27 20.81
C GLN D 207 -31.29 -13.09 20.92
N GLY D 208 -30.66 -13.87 21.80
CA GLY D 208 -29.25 -13.72 22.08
C GLY D 208 -29.04 -12.84 23.29
N VAL D 209 -29.62 -13.25 24.42
CA VAL D 209 -29.47 -12.48 25.65
C VAL D 209 -27.99 -12.34 25.96
N THR D 210 -27.54 -11.10 26.19
CA THR D 210 -26.12 -10.84 26.41
C THR D 210 -25.59 -11.55 27.65
N TRP D 211 -26.42 -11.65 28.70
CA TRP D 211 -25.95 -12.25 29.95
C TRP D 211 -25.79 -13.77 29.83
N THR D 212 -26.60 -14.42 28.99
CA THR D 212 -26.72 -15.87 28.97
C THR D 212 -26.45 -16.51 27.62
N GLY D 213 -26.58 -15.78 26.51
CA GLY D 213 -26.46 -16.38 25.20
C GLY D 213 -27.72 -17.06 24.70
N LEU D 214 -28.80 -17.03 25.46
CA LEU D 214 -30.00 -17.78 25.10
C LEU D 214 -30.97 -16.91 24.30
N ASN D 215 -32.05 -17.52 23.84
CA ASN D 215 -33.15 -16.84 23.16
C ASN D 215 -34.42 -16.92 24.02
N ASP D 216 -35.06 -15.77 24.27
CA ASP D 216 -36.44 -15.84 24.76
C ASP D 216 -37.30 -16.53 23.71
N ASP D 217 -38.26 -17.33 24.17
CA ASP D 217 -39.16 -18.06 23.27
C ASP D 217 -40.22 -17.06 22.78
N VAL D 218 -40.00 -16.48 21.60
CA VAL D 218 -40.93 -15.47 21.09
C VAL D 218 -42.26 -16.10 20.75
N GLU D 219 -42.24 -17.29 20.14
CA GLU D 219 -43.51 -17.92 19.73
C GLU D 219 -44.39 -18.20 20.95
N ALA D 220 -43.80 -18.69 22.03
CA ALA D 220 -44.57 -18.91 23.23
C ALA D 220 -45.13 -17.59 23.76
N LEU D 221 -44.34 -16.52 23.69
CA LEU D 221 -44.84 -15.22 24.12
C LEU D 221 -45.98 -14.76 23.23
N ASP D 222 -45.81 -14.87 21.90
CA ASP D 222 -46.87 -14.47 20.98
C ASP D 222 -48.15 -15.24 21.25
N LYS D 223 -48.05 -16.55 21.49
CA LYS D 223 -49.22 -17.35 21.79
C LYS D 223 -49.91 -16.87 23.05
N ALA D 224 -49.15 -16.69 24.13
CA ALA D 224 -49.75 -16.23 25.39
C ALA D 224 -50.31 -14.82 25.24
N LEU D 225 -49.61 -13.96 24.50
CA LEU D 225 -50.08 -12.59 24.29
C LEU D 225 -51.39 -12.57 23.54
N ASP D 226 -51.58 -13.48 22.58
CA ASP D 226 -52.81 -13.50 21.81
C ASP D 226 -54.02 -13.73 22.70
N ALA D 227 -53.95 -14.75 23.57
CA ALA D 227 -55.06 -15.01 24.48
C ALA D 227 -55.21 -13.86 25.47
N TYR D 228 -54.07 -13.30 25.92
CA TYR D 228 -54.12 -12.18 26.85
C TYR D 228 -54.82 -10.97 26.23
N ASN D 229 -54.44 -10.63 25.00
CA ASN D 229 -55.03 -9.47 24.34
C ASN D 229 -56.49 -9.69 23.99
N ALA D 230 -56.85 -10.90 23.57
CA ALA D 230 -58.25 -11.19 23.28
C ALA D 230 -59.10 -11.07 24.54
N LYS D 231 -58.51 -11.28 25.71
CA LYS D 231 -59.25 -11.17 26.95
C LYS D 231 -59.40 -9.72 27.42
N THR D 232 -58.34 -8.92 27.30
CA THR D 232 -58.32 -7.59 27.89
C THR D 232 -58.58 -6.47 26.89
N GLY D 233 -58.36 -6.71 25.60
CA GLY D 233 -58.40 -5.64 24.62
C GLY D 233 -57.23 -4.67 24.70
N TYR D 234 -56.19 -4.99 25.49
CA TYR D 234 -55.06 -4.09 25.64
C TYR D 234 -54.20 -4.01 24.37
N ASP D 235 -54.24 -5.03 23.51
CA ASP D 235 -53.61 -4.97 22.19
C ASP D 235 -52.11 -4.73 22.29
N ILE D 236 -51.48 -5.36 23.27
CA ILE D 236 -50.05 -5.18 23.56
C ILE D 236 -49.21 -5.90 22.51
N PRO D 237 -48.28 -5.22 21.84
CA PRO D 237 -47.46 -5.89 20.84
C PRO D 237 -46.13 -6.41 21.36
N ILE D 238 -45.38 -7.05 20.48
CA ILE D 238 -44.01 -7.48 20.75
C ILE D 238 -43.07 -6.58 19.96
N HIS D 239 -41.99 -6.17 20.60
CA HIS D 239 -40.80 -5.74 19.87
C HIS D 239 -39.71 -6.74 20.21
N VAL D 240 -39.14 -7.37 19.18
CA VAL D 240 -38.06 -8.33 19.38
C VAL D 240 -36.74 -7.59 19.38
N ASP D 241 -36.04 -7.63 20.51
CA ASP D 241 -34.63 -7.24 20.58
C ASP D 241 -33.82 -8.44 20.16
N ALA D 242 -33.46 -8.50 18.88
CA ALA D 242 -32.70 -9.61 18.30
C ALA D 242 -31.27 -9.19 17.95
N ALA D 243 -30.66 -8.34 18.78
CA ALA D 243 -29.37 -7.73 18.45
C ALA D 243 -28.36 -8.72 17.89
N SER D 244 -28.20 -9.88 18.55
CA SER D 244 -27.36 -10.94 18.02
C SER D 244 -28.15 -11.94 17.18
N GLY D 245 -29.24 -12.47 17.74
CA GLY D 245 -29.95 -13.55 17.11
C GLY D 245 -30.55 -13.22 15.77
N GLY D 246 -30.74 -11.93 15.47
CA GLY D 246 -31.38 -11.56 14.21
C GLY D 246 -30.61 -11.96 12.98
N PHE D 247 -29.31 -12.20 13.12
CA PHE D 247 -28.50 -12.66 11.99
C PHE D 247 -28.00 -14.08 12.20
N ILE D 248 -28.53 -14.79 13.19
CA ILE D 248 -28.28 -16.21 13.39
C ILE D 248 -29.50 -17.05 13.02
N LEU D 249 -30.66 -16.71 13.59
CA LEU D 249 -31.86 -17.52 13.38
C LEU D 249 -32.29 -17.67 11.92
N PRO D 250 -32.23 -16.64 11.06
CA PRO D 250 -32.68 -16.88 9.67
C PRO D 250 -31.85 -17.92 8.91
N PHE D 251 -30.56 -18.05 9.20
CA PHE D 251 -29.71 -18.95 8.43
C PHE D 251 -29.63 -20.34 9.05
N LEU D 252 -29.46 -20.41 10.37
CA LEU D 252 -29.25 -21.68 11.06
C LEU D 252 -30.53 -22.30 11.64
N TYR D 253 -31.57 -21.51 11.89
CA TYR D 253 -32.83 -22.02 12.43
C TYR D 253 -33.99 -21.47 11.62
N PRO D 254 -34.07 -21.81 10.32
CA PRO D 254 -35.09 -21.19 9.45
C PRO D 254 -36.51 -21.46 9.89
N ASP D 255 -36.74 -22.62 10.51
CA ASP D 255 -38.12 -23.04 10.89
C ASP D 255 -38.55 -22.53 12.27
N THR D 256 -37.67 -21.90 13.05
CA THR D 256 -38.10 -21.34 14.33
C THR D 256 -38.88 -20.04 14.05
N LYS D 257 -40.15 -20.04 14.42
CA LYS D 257 -41.05 -18.91 14.15
C LYS D 257 -40.86 -17.89 15.25
N TRP D 258 -40.09 -16.84 14.97
CA TRP D 258 -39.78 -15.80 15.95
C TRP D 258 -39.94 -14.40 15.39
N ASP D 259 -40.18 -14.26 14.09
CA ASP D 259 -40.05 -13.00 13.39
C ASP D 259 -41.45 -12.52 12.99
N PHE D 260 -41.56 -11.82 11.85
CA PHE D 260 -42.83 -11.27 11.39
C PHE D 260 -43.84 -12.35 11.01
N ARG D 261 -43.43 -13.63 10.96
CA ARG D 261 -44.43 -14.68 10.84
C ARG D 261 -45.41 -14.68 12.00
N LEU D 262 -45.02 -14.15 13.16
CA LEU D 262 -45.87 -14.17 14.35
C LEU D 262 -46.82 -12.97 14.39
N LYS D 263 -48.05 -13.24 14.79
CA LYS D 263 -49.11 -12.23 14.73
C LYS D 263 -48.73 -10.94 15.44
N TRP D 264 -48.14 -11.03 16.63
CA TRP D 264 -47.95 -9.85 17.46
C TRP D 264 -46.55 -9.24 17.36
N VAL D 265 -45.66 -9.78 16.53
CA VAL D 265 -44.35 -9.18 16.35
C VAL D 265 -44.49 -8.04 15.33
N LEU D 266 -44.54 -6.81 15.81
CA LEU D 266 -44.73 -5.65 14.94
C LEU D 266 -43.44 -4.92 14.58
N SER D 267 -42.35 -5.17 15.31
CA SER D 267 -41.06 -4.59 14.97
C SER D 267 -39.96 -5.46 15.55
N ILE D 268 -38.80 -5.40 14.90
CA ILE D 268 -37.62 -6.20 15.26
C ILE D 268 -36.40 -5.31 15.08
N SER D 269 -35.43 -5.42 15.98
CA SER D 269 -34.17 -4.70 15.87
C SER D 269 -33.02 -5.69 15.89
N VAL D 270 -31.87 -5.28 15.35
CA VAL D 270 -30.69 -6.15 15.23
C VAL D 270 -29.45 -5.26 15.17
N SER D 271 -28.33 -5.83 15.58
CA SER D 271 -27.04 -5.18 15.44
C SER D 271 -26.37 -5.73 14.18
N GLY D 272 -26.31 -4.90 13.14
CA GLY D 272 -25.55 -5.29 11.97
C GLY D 272 -24.08 -5.45 12.27
N HIS D 273 -23.57 -4.73 13.27
CA HIS D 273 -22.17 -4.87 13.64
C HIS D 273 -21.91 -6.02 14.63
N LYS D 274 -22.88 -6.92 14.80
CA LYS D 274 -22.60 -8.10 15.60
C LYS D 274 -22.46 -9.35 14.73
N PHE D 275 -23.53 -9.98 14.49
CA PHE D 275 -23.47 -11.13 13.58
C PHE D 275 -23.97 -10.80 12.18
N GLY D 276 -24.34 -9.55 11.91
CA GLY D 276 -24.45 -9.09 10.54
C GLY D 276 -23.13 -8.96 9.83
N LEU D 277 -22.02 -9.08 10.58
CA LEU D 277 -20.66 -9.21 10.07
C LEU D 277 -20.04 -7.90 9.57
N VAL D 278 -20.51 -6.74 10.05
CA VAL D 278 -19.98 -5.43 9.65
C VAL D 278 -19.24 -4.81 10.83
N TYR D 279 -18.15 -4.10 10.55
CA TYR D 279 -17.39 -3.36 11.57
C TYR D 279 -18.31 -2.40 12.35
N PRO D 280 -17.91 -1.98 13.56
CA PRO D 280 -18.77 -1.15 14.41
C PRO D 280 -19.46 0.02 13.71
N GLY D 281 -20.74 0.21 14.04
CA GLY D 281 -21.48 1.36 13.56
C GLY D 281 -22.71 1.02 12.76
N LEU D 282 -23.33 -0.13 13.03
CA LEU D 282 -24.48 -0.55 12.22
C LEU D 282 -25.52 -1.28 13.05
N GLY D 283 -26.77 -0.80 12.99
CA GLY D 283 -27.92 -1.56 13.45
C GLY D 283 -29.04 -1.41 12.45
N TRP D 284 -30.08 -2.22 12.63
CA TRP D 284 -31.27 -2.13 11.77
C TRP D 284 -32.51 -2.29 12.62
N VAL D 285 -33.57 -1.56 12.27
CA VAL D 285 -34.88 -1.82 12.84
C VAL D 285 -35.86 -1.90 11.69
N CYS D 286 -36.71 -2.94 11.70
CA CYS D 286 -37.77 -3.09 10.72
C CYS D 286 -39.11 -3.19 11.43
N TRP D 287 -40.13 -2.67 10.77
CA TRP D 287 -41.50 -2.80 11.23
C TRP D 287 -42.24 -3.74 10.28
N LYS D 288 -43.24 -4.43 10.83
CA LYS D 288 -44.00 -5.40 10.08
C LYS D 288 -44.73 -4.78 8.89
N GLY D 289 -45.01 -3.50 8.95
CA GLY D 289 -45.68 -2.79 7.87
C GLY D 289 -45.63 -1.29 8.12
N LYS D 290 -46.00 -0.53 7.10
CA LYS D 290 -45.96 0.92 7.22
C LYS D 290 -46.91 1.41 8.31
N GLU D 291 -48.02 0.72 8.55
CA GLU D 291 -48.99 1.18 9.55
C GLU D 291 -48.45 1.10 10.97
N TYR D 292 -47.32 0.43 11.21
CA TYR D 292 -46.78 0.33 12.55
C TYR D 292 -45.66 1.33 12.82
N LEU D 293 -45.32 2.18 11.84
CA LEU D 293 -44.35 3.26 12.03
C LEU D 293 -45.10 4.59 12.04
N PRO D 294 -45.25 5.24 13.21
CA PRO D 294 -46.07 6.45 13.28
C PRO D 294 -45.55 7.58 12.41
N GLU D 295 -46.48 8.32 11.81
CA GLU D 295 -46.14 9.46 10.97
C GLU D 295 -45.44 10.58 11.74
N GLU D 296 -45.70 10.68 13.05
CA GLU D 296 -45.04 11.69 13.85
C GLU D 296 -43.53 11.46 13.91
N MET D 297 -43.08 10.22 13.71
CA MET D 297 -41.67 9.91 13.81
C MET D 297 -40.95 9.98 12.47
N SER D 298 -41.68 10.00 11.38
CA SER D 298 -41.11 9.53 10.14
C SER D 298 -41.77 10.22 8.97
N PHE D 299 -41.03 10.25 7.87
CA PHE D 299 -41.57 10.58 6.57
C PHE D 299 -40.68 9.83 5.58
N SER D 300 -41.03 9.92 4.31
CA SER D 300 -40.23 9.29 3.26
C SER D 300 -40.01 10.29 2.14
N VAL D 301 -38.79 10.28 1.61
CA VAL D 301 -38.44 11.17 0.46
C VAL D 301 -37.94 10.27 -0.69
N ASN D 302 -38.44 10.50 -1.89
CA ASN D 302 -38.14 9.69 -3.07
C ASN D 302 -36.74 10.02 -3.60
N TYR D 303 -35.87 9.01 -3.64
CA TYR D 303 -34.53 9.12 -4.22
C TYR D 303 -34.40 8.10 -5.34
N LEU D 304 -34.40 8.57 -6.59
CA LEU D 304 -34.18 7.72 -7.76
C LEU D 304 -35.22 6.58 -7.81
N GLY D 305 -36.46 6.89 -7.45
CA GLY D 305 -37.50 5.88 -7.42
C GLY D 305 -37.57 5.05 -6.16
N ALA D 306 -36.69 5.29 -5.19
CA ALA D 306 -36.65 4.53 -3.95
C ALA D 306 -37.37 5.28 -2.83
N ASN D 307 -38.29 4.59 -2.16
CA ASN D 307 -39.01 5.15 -1.02
C ASN D 307 -38.17 4.91 0.24
N ILE D 308 -37.49 5.97 0.70
CA ILE D 308 -36.56 5.88 1.82
C ILE D 308 -37.19 6.56 3.04
N THR D 309 -37.36 5.80 4.11
CA THR D 309 -37.93 6.34 5.35
C THR D 309 -36.91 7.23 6.06
N GLN D 310 -37.35 8.41 6.50
CA GLN D 310 -36.50 9.38 7.19
C GLN D 310 -36.83 9.37 8.68
N VAL D 311 -36.36 8.33 9.35
CA VAL D 311 -36.51 8.18 10.80
C VAL D 311 -35.15 7.84 11.39
N GLY D 312 -34.86 8.41 12.55
CA GLY D 312 -33.61 8.12 13.24
C GLY D 312 -33.34 9.05 14.41
N LEU D 313 -32.55 8.60 15.37
CA LEU D 313 -32.08 9.49 16.44
C LEU D 313 -30.83 10.26 16.02
N ASN D 314 -29.94 9.65 15.25
CA ASN D 314 -28.76 10.32 14.72
C ASN D 314 -29.10 11.01 13.39
N PHE D 315 -28.16 11.81 12.89
CA PHE D 315 -28.33 12.46 11.59
C PHE D 315 -27.10 12.20 10.72
N SER D 316 -26.14 13.13 10.72
CA SER D 316 -24.87 12.87 10.03
C SER D 316 -24.17 11.69 10.68
N ARG D 317 -23.60 10.83 9.85
CA ARG D 317 -22.99 9.59 10.33
C ARG D 317 -22.18 8.97 9.18
N PRO D 318 -21.21 8.11 9.50
CA PRO D 318 -20.46 7.45 8.43
C PRO D 318 -21.37 6.56 7.57
N ALA D 319 -21.14 6.59 6.26
CA ALA D 319 -21.88 5.71 5.36
C ALA D 319 -21.19 4.37 5.13
N ALA D 320 -19.97 4.20 5.63
CA ALA D 320 -19.17 3.03 5.29
C ALA D 320 -19.88 1.73 5.63
N GLN D 321 -20.58 1.69 6.76
CA GLN D 321 -21.16 0.45 7.24
C GLN D 321 -22.26 -0.05 6.31
N ILE D 322 -22.95 0.86 5.61
CA ILE D 322 -23.95 0.46 4.62
C ILE D 322 -23.29 -0.27 3.46
N LEU D 323 -22.20 0.30 2.94
CA LEU D 323 -21.43 -0.39 1.93
C LEU D 323 -20.95 -1.75 2.42
N GLY D 324 -20.46 -1.82 3.66
CA GLY D 324 -19.99 -3.08 4.20
C GLY D 324 -21.08 -4.13 4.29
N GLN D 325 -22.29 -3.71 4.72
CA GLN D 325 -23.42 -4.62 4.81
C GLN D 325 -23.84 -5.15 3.44
N TYR D 326 -24.00 -4.26 2.46
CA TYR D 326 -24.41 -4.69 1.14
C TYR D 326 -23.36 -5.59 0.52
N TYR D 327 -22.08 -5.27 0.72
CA TYR D 327 -21.01 -6.17 0.27
C TYR D 327 -21.18 -7.55 0.88
N GLN D 328 -21.43 -7.65 2.20
CA GLN D 328 -21.57 -8.96 2.83
C GLN D 328 -22.78 -9.70 2.29
N PHE D 329 -23.91 -9.00 2.09
CA PHE D 329 -25.08 -9.65 1.50
C PHE D 329 -24.76 -10.22 0.12
N ILE D 330 -24.05 -9.44 -0.71
CA ILE D 330 -23.71 -9.90 -2.05
C ILE D 330 -22.58 -10.92 -2.03
N ARG D 331 -21.52 -10.67 -1.25
CA ARG D 331 -20.34 -11.52 -1.30
C ARG D 331 -20.63 -12.93 -0.78
N LEU D 332 -21.40 -13.03 0.32
CA LEU D 332 -21.71 -14.31 0.95
C LEU D 332 -23.04 -14.89 0.51
N GLY D 333 -24.06 -14.07 0.36
CA GLY D 333 -25.39 -14.60 0.10
C GLY D 333 -25.86 -15.40 1.29
N PHE D 334 -27.03 -16.04 1.10
CA PHE D 334 -27.60 -16.85 2.17
C PHE D 334 -26.66 -18.00 2.53
N GLN D 335 -26.14 -18.69 1.51
CA GLN D 335 -25.25 -19.82 1.77
C GLN D 335 -24.01 -19.38 2.53
N GLY D 336 -23.38 -18.29 2.11
CA GLY D 336 -22.16 -17.85 2.76
C GLY D 336 -22.41 -17.39 4.18
N TYR D 337 -23.51 -16.66 4.39
CA TYR D 337 -23.89 -16.30 5.76
C TYR D 337 -24.08 -17.54 6.61
N LYS D 338 -24.79 -18.54 6.08
CA LYS D 338 -25.04 -19.78 6.82
C LYS D 338 -23.73 -20.46 7.22
N GLU D 339 -22.76 -20.53 6.30
CA GLU D 339 -21.52 -21.25 6.59
C GLU D 339 -20.66 -20.52 7.61
N VAL D 340 -20.64 -19.18 7.57
CA VAL D 340 -19.90 -18.41 8.57
C VAL D 340 -20.53 -18.56 9.95
N GLN D 341 -21.86 -18.40 10.04
CA GLN D 341 -22.49 -18.55 11.34
C GLN D 341 -22.38 -19.98 11.85
N TYR D 342 -22.45 -20.96 10.94
CA TYR D 342 -22.24 -22.35 11.33
C TYR D 342 -20.88 -22.53 12.01
N ASN D 343 -19.83 -22.00 11.38
CA ASN D 343 -18.50 -22.07 11.96
C ASN D 343 -18.46 -21.45 13.34
N SER D 344 -18.98 -20.23 13.47
CA SER D 344 -18.95 -19.56 14.77
C SER D 344 -19.73 -20.37 15.79
N LEU D 345 -20.89 -20.91 15.39
CA LEU D 345 -21.67 -21.70 16.33
C LEU D 345 -20.99 -23.02 16.65
N GLN D 346 -20.39 -23.68 15.65
CA GLN D 346 -19.69 -24.94 15.92
C GLN D 346 -18.55 -24.74 16.90
N ILE D 347 -17.80 -23.66 16.76
CA ILE D 347 -16.69 -23.40 17.67
C ILE D 347 -17.19 -23.02 19.05
N ALA D 348 -18.27 -22.24 19.11
CA ALA D 348 -18.86 -21.98 20.42
C ALA D 348 -19.27 -23.28 21.10
N LYS D 349 -19.90 -24.19 20.35
CA LYS D 349 -20.29 -25.49 20.88
C LYS D 349 -19.08 -26.33 21.26
N TYR D 350 -18.01 -26.24 20.49
CA TYR D 350 -16.79 -27.00 20.79
C TYR D 350 -16.21 -26.56 22.13
N ILE D 351 -16.06 -25.24 22.32
CA ILE D 351 -15.53 -24.75 23.59
C ILE D 351 -16.46 -25.12 24.72
N HIS D 352 -17.78 -24.97 24.49
CA HIS D 352 -18.79 -25.35 25.46
C HIS D 352 -18.61 -26.79 25.94
N GLY D 353 -18.40 -27.72 25.00
CA GLY D 353 -18.22 -29.11 25.37
C GLY D 353 -16.89 -29.38 26.04
N GLU D 354 -15.86 -28.62 25.69
CA GLU D 354 -14.57 -28.78 26.35
C GLU D 354 -14.60 -28.19 27.75
N ILE D 355 -15.31 -27.06 27.92
CA ILE D 355 -15.47 -26.49 29.25
C ILE D 355 -16.15 -27.48 30.18
N ALA D 356 -17.18 -28.16 29.68
CA ALA D 356 -17.99 -29.05 30.51
C ALA D 356 -17.17 -30.21 31.07
N LYS D 357 -16.11 -30.61 30.38
CA LYS D 357 -15.28 -31.71 30.82
C LYS D 357 -14.34 -31.34 31.95
N MET D 358 -14.09 -30.04 32.16
CA MET D 358 -13.14 -29.62 33.16
C MET D 358 -13.82 -29.63 34.53
N ALA D 359 -13.09 -30.18 35.51
CA ALA D 359 -13.64 -30.41 36.85
C ALA D 359 -14.21 -29.17 37.54
N PRO D 360 -13.60 -27.98 37.45
CA PRO D 360 -14.18 -26.84 38.20
C PRO D 360 -15.50 -26.32 37.64
N PHE D 361 -15.90 -26.69 36.42
CA PHE D 361 -16.89 -25.94 35.66
C PHE D 361 -18.21 -26.67 35.46
N VAL D 362 -19.28 -25.88 35.33
CA VAL D 362 -20.56 -26.39 34.83
C VAL D 362 -21.23 -25.30 33.98
N ASN D 363 -21.76 -25.70 32.83
CA ASN D 363 -22.41 -24.76 31.93
C ASN D 363 -23.82 -24.42 32.41
N TYR D 364 -24.21 -23.16 32.16
CA TYR D 364 -25.55 -22.69 32.46
C TYR D 364 -26.62 -23.42 31.65
N SER D 365 -26.30 -23.81 30.42
CA SER D 365 -27.27 -24.42 29.51
C SER D 365 -26.64 -25.54 28.71
N GLU D 366 -27.46 -26.54 28.37
CA GLU D 366 -27.01 -27.59 27.47
C GLU D 366 -27.20 -27.26 25.99
N ASN D 367 -27.97 -26.22 25.66
CA ASN D 367 -28.25 -25.83 24.29
C ASN D 367 -27.51 -24.55 23.95
N VAL D 368 -26.67 -24.62 22.93
CA VAL D 368 -25.95 -23.47 22.39
C VAL D 368 -26.66 -23.08 21.11
N VAL D 369 -27.38 -21.97 21.15
CA VAL D 369 -28.18 -21.50 20.02
C VAL D 369 -27.67 -20.20 19.41
N ASN D 370 -26.79 -19.50 20.11
CA ASN D 370 -26.05 -18.39 19.53
C ASN D 370 -24.58 -18.69 19.75
N PRO D 371 -23.68 -18.09 18.95
CA PRO D 371 -22.25 -18.41 19.11
C PRO D 371 -21.63 -17.84 20.37
N LEU D 372 -22.25 -18.11 21.51
CA LEU D 372 -21.70 -17.70 22.80
C LEU D 372 -22.38 -18.54 23.88
N PHE D 373 -21.75 -18.57 25.05
CA PHE D 373 -22.29 -19.34 26.16
C PHE D 373 -21.60 -18.88 27.44
N ILE D 374 -22.21 -19.25 28.56
CA ILE D 374 -21.67 -18.91 29.87
C ILE D 374 -21.56 -20.15 30.74
N TRP D 375 -20.62 -20.11 31.68
CA TRP D 375 -20.48 -21.17 32.67
C TRP D 375 -20.15 -20.57 34.02
N TYR D 376 -20.24 -21.40 35.06
CA TYR D 376 -19.83 -21.02 36.40
C TYR D 376 -19.15 -22.21 37.09
N LEU D 377 -18.67 -21.98 38.31
CA LEU D 377 -18.03 -23.05 39.07
C LEU D 377 -19.07 -24.05 39.58
N LYS D 378 -18.78 -25.33 39.42
CA LYS D 378 -19.61 -26.33 40.08
C LYS D 378 -19.73 -26.00 41.56
N PRO D 379 -20.94 -25.91 42.11
CA PRO D 379 -21.08 -25.52 43.53
C PRO D 379 -20.20 -26.30 44.48
N GLU D 380 -20.07 -27.62 44.34
CA GLU D 380 -19.21 -28.35 45.26
C GLU D 380 -17.74 -28.05 45.05
N TYR D 381 -17.34 -27.76 43.79
CA TYR D 381 -15.95 -27.34 43.56
C TYR D 381 -15.71 -25.96 44.13
N ALA D 382 -16.69 -25.06 43.99
CA ALA D 382 -16.49 -23.70 44.44
C ALA D 382 -16.33 -23.63 45.96
N LYS D 383 -16.97 -24.55 46.69
CA LYS D 383 -16.96 -24.50 48.16
C LYS D 383 -15.54 -24.58 48.69
N SER D 384 -14.71 -25.45 48.12
CA SER D 384 -13.36 -25.69 48.62
C SER D 384 -12.27 -25.04 47.77
N ALA D 385 -12.63 -24.35 46.71
CA ALA D 385 -11.66 -23.67 45.86
C ALA D 385 -11.18 -22.38 46.50
N LYS D 386 -9.91 -22.05 46.27
CA LYS D 386 -9.33 -20.81 46.75
C LYS D 386 -9.62 -19.62 45.84
N TRP D 387 -10.20 -19.85 44.66
CA TRP D 387 -10.30 -18.82 43.62
C TRP D 387 -11.72 -18.72 43.08
N THR D 388 -11.99 -17.61 42.42
CA THR D 388 -13.26 -17.36 41.75
C THR D 388 -12.98 -17.15 40.27
N LEU D 389 -14.05 -17.02 39.47
CA LEU D 389 -13.84 -16.76 38.05
C LEU D 389 -13.21 -15.41 37.78
N TYR D 390 -13.32 -14.45 38.71
CA TYR D 390 -12.62 -13.19 38.55
C TYR D 390 -11.12 -13.39 38.49
N ASP D 391 -10.61 -14.36 39.26
CA ASP D 391 -9.18 -14.67 39.21
C ASP D 391 -8.81 -15.34 37.89
N LEU D 392 -9.69 -16.18 37.36
CA LEU D 392 -9.43 -16.80 36.07
C LEU D 392 -9.36 -15.76 34.96
N GLN D 393 -10.31 -14.80 34.95
CA GLN D 393 -10.28 -13.71 33.98
C GLN D 393 -8.93 -13.00 34.00
N ASP D 394 -8.42 -12.72 35.21
CA ASP D 394 -7.16 -12.01 35.36
C ASP D 394 -6.00 -12.81 34.79
N LYS D 395 -5.94 -14.11 35.10
CA LYS D 395 -4.91 -14.99 34.53
C LYS D 395 -4.99 -15.00 33.01
N LEU D 396 -6.20 -15.04 32.46
CA LEU D 396 -6.32 -15.06 31.01
C LEU D 396 -5.92 -13.73 30.40
N SER D 397 -6.15 -12.62 31.12
CA SER D 397 -5.71 -11.32 30.60
C SER D 397 -4.19 -11.23 30.52
N GLN D 398 -3.46 -12.00 31.34
CA GLN D 398 -2.00 -11.99 31.30
C GLN D 398 -1.47 -12.50 29.97
N HIS D 399 -2.27 -13.25 29.23
CA HIS D 399 -1.96 -13.74 27.88
C HIS D 399 -2.73 -12.99 26.80
N GLY D 400 -3.31 -11.83 27.14
CA GLY D 400 -3.92 -10.97 26.15
C GLY D 400 -5.42 -11.15 25.93
N TRP D 401 -6.03 -12.18 26.50
CA TRP D 401 -7.45 -12.42 26.33
C TRP D 401 -8.26 -11.44 27.18
N MET D 402 -9.47 -11.15 26.72
CA MET D 402 -10.51 -10.62 27.62
C MET D 402 -11.64 -11.62 27.63
N VAL D 403 -11.76 -12.36 28.73
CA VAL D 403 -12.88 -13.26 28.96
C VAL D 403 -13.55 -12.83 30.25
N PRO D 404 -14.73 -12.21 30.20
CA PRO D 404 -15.27 -11.54 31.40
C PRO D 404 -15.99 -12.50 32.34
N ALA D 405 -15.82 -12.24 33.63
CA ALA D 405 -16.61 -12.87 34.67
C ALA D 405 -17.54 -11.81 35.27
N TYR D 406 -18.78 -12.21 35.56
CA TYR D 406 -19.74 -11.24 36.08
C TYR D 406 -20.88 -11.97 36.78
N THR D 407 -21.65 -11.22 37.56
CA THR D 407 -22.80 -11.80 38.21
C THR D 407 -24.01 -11.71 37.29
N LEU D 408 -24.85 -12.74 37.32
CA LEU D 408 -26.06 -12.80 36.55
C LEU D 408 -27.12 -11.84 37.12
N PRO D 409 -28.13 -11.45 36.30
CA PRO D 409 -29.20 -10.57 36.80
C PRO D 409 -30.10 -11.23 37.85
N SER D 410 -31.13 -10.49 38.26
CA SER D 410 -31.82 -10.77 39.52
C SER D 410 -32.35 -12.18 39.65
N LYS D 411 -32.26 -12.67 40.89
CA LYS D 411 -32.55 -13.97 41.46
C LYS D 411 -31.46 -14.95 41.09
N LEU D 412 -30.54 -14.59 40.18
CA LEU D 412 -29.30 -15.31 39.96
C LEU D 412 -28.08 -14.47 40.32
N GLU D 413 -28.26 -13.46 41.18
CA GLU D 413 -27.15 -12.57 41.51
C GLU D 413 -26.02 -13.29 42.23
N ASP D 414 -26.30 -14.44 42.85
CA ASP D 414 -25.23 -15.18 43.53
C ASP D 414 -24.32 -15.89 42.55
N TYR D 415 -24.71 -15.96 41.27
CA TYR D 415 -23.96 -16.73 40.28
C TYR D 415 -22.93 -15.84 39.60
N VAL D 416 -21.66 -16.11 39.86
CA VAL D 416 -20.56 -15.53 39.13
C VAL D 416 -20.31 -16.42 37.92
N VAL D 417 -20.42 -15.87 36.71
CA VAL D 417 -20.30 -16.64 35.49
C VAL D 417 -19.24 -16.03 34.60
N MET D 418 -18.85 -16.79 33.57
CA MET D 418 -17.89 -16.35 32.56
C MET D 418 -18.47 -16.62 31.18
N ARG D 419 -18.25 -15.69 30.25
CA ARG D 419 -18.83 -15.72 28.91
C ARG D 419 -17.74 -15.74 27.85
N VAL D 420 -17.95 -16.54 26.81
CA VAL D 420 -17.12 -16.50 25.61
C VAL D 420 -18.01 -16.25 24.40
N VAL D 421 -17.66 -15.25 23.62
CA VAL D 421 -18.34 -14.95 22.36
C VAL D 421 -17.39 -15.30 21.23
N VAL D 422 -17.86 -16.16 20.33
CA VAL D 422 -17.11 -16.55 19.13
C VAL D 422 -17.64 -15.73 17.96
N ARG D 423 -16.76 -14.92 17.36
CA ARG D 423 -17.10 -14.10 16.21
C ARG D 423 -16.37 -14.62 14.99
N GLN D 424 -16.83 -14.19 13.80
CA GLN D 424 -16.05 -14.46 12.60
C GLN D 424 -14.63 -13.93 12.80
N GLY D 425 -13.65 -14.79 12.51
CA GLY D 425 -12.25 -14.48 12.74
C GLY D 425 -11.66 -15.15 13.95
N PHE D 426 -12.49 -15.83 14.74
CA PHE D 426 -12.04 -16.69 15.84
C PHE D 426 -12.19 -18.14 15.40
N SER D 427 -11.07 -18.81 15.19
CA SER D 427 -11.01 -20.14 14.60
C SER D 427 -10.95 -21.24 15.67
N ARG D 428 -11.10 -22.49 15.20
CA ARG D 428 -10.81 -23.64 16.05
C ARG D 428 -9.40 -23.59 16.60
N ASP D 429 -8.43 -23.13 15.79
CA ASP D 429 -7.06 -23.06 16.30
C ASP D 429 -6.96 -22.07 17.45
N MET D 430 -7.63 -20.93 17.33
CA MET D 430 -7.65 -19.97 18.42
C MET D 430 -8.43 -20.50 19.62
N ALA D 431 -9.48 -21.30 19.39
CA ALA D 431 -10.19 -21.93 20.49
C ALA D 431 -9.29 -22.87 21.30
N ASP D 432 -8.44 -23.65 20.60
CA ASP D 432 -7.50 -24.55 21.30
C ASP D 432 -6.50 -23.76 22.11
N MET D 433 -6.03 -22.62 21.57
CA MET D 433 -5.13 -21.77 22.32
C MET D 433 -5.80 -21.24 23.59
N LEU D 434 -7.06 -20.78 23.48
CA LEU D 434 -7.81 -20.35 24.66
C LEU D 434 -7.98 -21.49 25.68
N LEU D 435 -8.42 -22.65 25.22
CA LEU D 435 -8.66 -23.77 26.11
C LEU D 435 -7.37 -24.19 26.82
N GLY D 436 -6.25 -24.16 26.10
CA GLY D 436 -4.98 -24.44 26.75
C GLY D 436 -4.67 -23.44 27.84
N ASP D 437 -4.91 -22.15 27.58
CA ASP D 437 -4.64 -21.14 28.59
C ASP D 437 -5.54 -21.28 29.80
N ILE D 438 -6.81 -21.65 29.59
CA ILE D 438 -7.72 -21.88 30.71
C ILE D 438 -7.24 -23.05 31.56
N LYS D 439 -6.88 -24.17 30.90
CA LYS D 439 -6.43 -25.34 31.63
C LYS D 439 -5.20 -25.01 32.48
N ASN D 440 -4.24 -24.32 31.89
CA ASN D 440 -3.03 -23.94 32.61
C ASN D 440 -3.36 -22.98 33.77
N ALA D 441 -4.27 -22.03 33.53
CA ALA D 441 -4.63 -21.08 34.59
C ALA D 441 -5.27 -21.77 35.78
N ILE D 442 -6.10 -22.79 35.53
CA ILE D 442 -6.72 -23.56 36.60
C ILE D 442 -5.65 -24.24 37.45
N ALA D 443 -4.65 -24.83 36.78
CA ALA D 443 -3.60 -25.52 37.52
C ALA D 443 -2.82 -24.56 38.42
N GLU D 444 -2.57 -23.34 37.92
CA GLU D 444 -1.87 -22.35 38.74
C GLU D 444 -2.75 -21.92 39.92
N LEU D 445 -4.03 -21.67 39.66
CA LEU D 445 -4.91 -21.23 40.72
C LEU D 445 -5.13 -22.33 41.77
N GLU D 446 -5.13 -23.60 41.35
CA GLU D 446 -5.33 -24.71 42.27
C GLU D 446 -4.16 -24.91 43.22
N LYS D 447 -3.04 -24.23 43.00
CA LYS D 447 -1.91 -24.32 43.91
C LYS D 447 -2.03 -23.39 45.10
N LEU D 448 -3.02 -22.48 45.10
CA LEU D 448 -3.13 -21.48 46.16
C LEU D 448 -3.40 -22.11 47.51
N ASP D 449 -2.65 -21.68 48.52
CA ASP D 449 -2.87 -22.11 49.89
C ASP D 449 -3.82 -21.19 50.65
N PHE D 450 -4.06 -19.99 50.15
CA PHE D 450 -4.95 -19.02 50.78
C PHE D 450 -5.94 -18.48 49.75
N PRO D 451 -7.13 -18.08 50.19
CA PRO D 451 -8.13 -17.58 49.24
C PRO D 451 -7.80 -16.19 48.70
N THR D 452 -8.22 -15.96 47.46
CA THR D 452 -8.04 -14.67 46.80
C THR D 452 -9.02 -13.66 47.37
N PRO D 453 -8.81 -12.36 47.12
CA PRO D 453 -9.77 -11.37 47.63
C PRO D 453 -11.22 -11.58 47.18
N THR D 454 -11.45 -11.91 45.89
CA THR D 454 -12.83 -12.16 45.46
C THR D 454 -13.39 -13.42 46.12
N ARG D 455 -12.54 -14.40 46.40
CA ARG D 455 -12.99 -15.57 47.14
C ARG D 455 -13.38 -15.22 48.57
N MET D 456 -12.61 -14.36 49.24
CA MET D 456 -13.02 -13.98 50.59
C MET D 456 -14.28 -13.13 50.57
N ALA D 457 -14.44 -12.27 49.56
CA ALA D 457 -15.64 -11.45 49.51
C ALA D 457 -16.89 -12.29 49.32
N GLN D 458 -16.76 -13.46 48.68
CA GLN D 458 -17.89 -14.37 48.57
C GLN D 458 -18.15 -15.06 49.91
N GLU E 2 4.46 28.14 19.47
CA GLU E 2 4.02 28.62 18.17
C GLU E 2 5.09 28.29 17.13
N ASP E 3 4.64 27.88 15.94
CA ASP E 3 5.54 27.51 14.85
C ASP E 3 5.59 28.67 13.86
N LEU E 4 6.75 29.34 13.79
CA LEU E 4 6.84 30.58 13.04
C LEU E 4 6.55 30.37 11.57
N ASN E 5 7.03 29.26 10.99
CA ASN E 5 6.92 29.05 9.55
C ASN E 5 5.77 28.14 9.17
N PHE E 6 4.78 27.98 10.05
CA PHE E 6 3.68 27.05 9.80
C PHE E 6 2.98 27.35 8.48
N ARG E 7 2.64 28.61 8.23
CA ARG E 7 1.88 28.96 7.03
C ARG E 7 2.73 28.97 5.77
N LYS E 8 4.06 28.99 5.90
CA LYS E 8 4.96 29.16 4.77
C LYS E 8 5.45 27.83 4.18
N GLY E 9 5.14 26.71 4.81
CA GLY E 9 5.55 25.43 4.28
C GLY E 9 6.76 24.81 4.95
N ASP E 10 6.64 24.43 6.23
CA ASP E 10 7.70 23.71 6.88
C ASP E 10 7.22 22.29 7.20
N ALA E 11 7.89 21.62 8.12
CA ALA E 11 7.55 20.24 8.47
C ALA E 11 6.23 20.13 9.23
N LYS E 12 5.76 21.19 9.86
CA LYS E 12 4.51 21.11 10.61
C LYS E 12 3.32 21.60 9.80
N THR E 13 3.56 22.23 8.66
CA THR E 13 2.50 22.86 7.87
C THR E 13 1.40 21.85 7.58
N ASP E 14 0.15 22.27 7.83
CA ASP E 14 -1.03 21.60 7.29
C ASP E 14 -1.35 22.24 5.95
N VAL E 15 -1.51 21.40 4.92
CA VAL E 15 -1.71 21.89 3.56
C VAL E 15 -2.78 22.99 3.52
N PHE E 16 -3.88 22.80 4.23
CA PHE E 16 -4.99 23.73 4.11
C PHE E 16 -5.03 24.72 5.25
N GLY E 17 -3.88 24.92 5.89
CA GLY E 17 -3.67 26.05 6.76
C GLY E 17 -2.48 26.85 6.28
N SER E 18 -2.14 26.73 5.00
CA SER E 18 -0.93 27.35 4.45
C SER E 18 -1.28 28.54 3.57
N ASP E 19 -0.32 29.45 3.41
CA ASP E 19 -0.51 30.58 2.49
C ASP E 19 -0.72 30.08 1.06
N ARG E 20 -0.04 29.01 0.68
CA ARG E 20 -0.09 28.55 -0.71
C ARG E 20 -1.51 28.15 -1.09
N MET E 21 -2.26 27.56 -0.16
CA MET E 21 -3.63 27.18 -0.45
C MET E 21 -4.62 28.33 -0.26
N LEU E 22 -4.13 29.55 -0.05
CA LEU E 22 -4.92 30.75 -0.25
C LEU E 22 -4.63 31.43 -1.59
N GLN E 23 -3.78 30.83 -2.42
CA GLN E 23 -3.34 31.44 -3.66
C GLN E 23 -3.78 30.63 -4.86
N PRO E 24 -4.01 31.27 -6.01
CA PRO E 24 -4.43 30.54 -7.20
C PRO E 24 -3.30 29.70 -7.75
N SER E 25 -3.68 28.69 -8.53
CA SER E 25 -2.69 27.90 -9.25
C SER E 25 -2.10 28.73 -10.40
N PRO E 26 -0.86 28.43 -10.81
CA PRO E 26 -0.20 29.26 -11.83
C PRO E 26 -0.85 29.03 -13.20
N VAL E 27 -1.18 30.13 -13.86
CA VAL E 27 -1.87 30.10 -15.15
C VAL E 27 -0.89 30.34 -16.30
N GLU E 28 0.01 31.29 -16.11
CA GLU E 28 0.87 31.80 -17.15
C GLU E 28 2.33 31.42 -17.00
N ARG E 29 2.87 31.52 -15.78
CA ARG E 29 4.30 31.45 -15.55
C ARG E 29 4.65 30.47 -14.44
N ILE E 30 5.83 29.86 -14.57
CA ILE E 30 6.27 28.95 -13.52
C ILE E 30 6.37 29.72 -12.21
N PRO E 31 5.93 29.16 -11.08
CA PRO E 31 6.16 29.84 -9.81
C PRO E 31 7.65 30.07 -9.59
N ASP E 32 7.97 31.16 -8.90
CA ASP E 32 9.37 31.45 -8.61
C ASP E 32 9.98 30.41 -7.69
N GLY E 33 9.19 29.83 -6.79
CA GLY E 33 9.74 28.95 -5.78
C GLY E 33 8.95 27.69 -5.56
N PRO E 34 9.49 26.78 -4.75
CA PRO E 34 8.86 25.47 -4.57
C PRO E 34 7.76 25.52 -3.52
N THR E 35 7.06 24.39 -3.42
CA THR E 35 6.14 24.10 -2.33
C THR E 35 6.49 22.72 -1.77
N THR E 36 5.77 22.31 -0.71
CA THR E 36 5.95 20.95 -0.25
C THR E 36 5.23 20.00 -1.21
N PRO E 37 5.69 18.77 -1.31
CA PRO E 37 4.99 17.81 -2.18
C PRO E 37 3.52 17.63 -1.81
N GLU E 38 3.17 17.65 -0.53
CA GLU E 38 1.75 17.46 -0.19
C GLU E 38 0.91 18.59 -0.76
N VAL E 39 1.40 19.84 -0.65
CA VAL E 39 0.68 20.99 -1.21
C VAL E 39 0.55 20.86 -2.73
N ALA E 40 1.68 20.57 -3.39
CA ALA E 40 1.66 20.43 -4.85
C ALA E 40 0.80 19.26 -5.28
N TYR E 41 0.83 18.16 -4.51
CA TYR E 41 -0.02 17.03 -4.85
C TYR E 41 -1.48 17.44 -4.82
N GLN E 42 -1.90 18.11 -3.74
CA GLN E 42 -3.29 18.52 -3.65
C GLN E 42 -3.65 19.53 -4.74
N MET E 43 -2.76 20.47 -5.03
CA MET E 43 -3.11 21.52 -5.98
C MET E 43 -3.45 20.95 -7.36
N VAL E 44 -2.67 19.97 -7.83
CA VAL E 44 -2.95 19.34 -9.11
C VAL E 44 -4.15 18.40 -9.01
N LYS E 45 -4.13 17.53 -7.99
CA LYS E 45 -5.20 16.54 -7.83
C LYS E 45 -6.56 17.20 -7.69
N ASP E 46 -6.65 18.25 -6.86
CA ASP E 46 -7.95 18.83 -6.57
C ASP E 46 -8.58 19.43 -7.82
N GLU E 47 -7.77 19.79 -8.83
CA GLU E 47 -8.31 20.30 -10.08
C GLU E 47 -8.98 19.22 -10.92
N THR E 48 -8.67 17.94 -10.68
CA THR E 48 -9.27 16.86 -11.45
C THR E 48 -10.62 16.36 -10.91
N PHE E 49 -11.08 16.82 -9.75
CA PHE E 49 -12.35 16.32 -9.19
C PHE E 49 -13.53 16.73 -10.04
N ALA E 50 -13.58 18.00 -10.48
CA ALA E 50 -14.76 18.61 -11.08
C ALA E 50 -14.87 18.32 -12.58
N GLN E 51 -15.01 17.04 -12.89
CA GLN E 51 -15.20 16.59 -14.27
C GLN E 51 -15.71 15.16 -14.22
N THR E 52 -16.04 14.63 -15.41
CA THR E 52 -16.58 13.27 -15.50
C THR E 52 -15.64 12.24 -14.90
N GLN E 53 -16.19 11.35 -14.07
CA GLN E 53 -15.42 10.20 -13.61
C GLN E 53 -15.28 9.19 -14.75
N PRO E 54 -14.09 8.61 -14.93
CA PRO E 54 -13.89 7.74 -16.12
C PRO E 54 -14.90 6.60 -16.25
N ARG E 55 -15.31 5.94 -15.14
CA ARG E 55 -16.19 4.78 -15.31
C ARG E 55 -17.60 5.18 -15.76
N LEU E 56 -17.99 6.45 -15.56
CA LEU E 56 -19.27 6.97 -16.01
C LEU E 56 -19.16 7.73 -17.32
N ASN E 57 -17.96 7.77 -17.89
CA ASN E 57 -17.74 8.38 -19.20
C ASN E 57 -18.24 7.39 -20.24
N LEU E 58 -19.45 7.61 -20.75
CA LEU E 58 -19.97 6.71 -21.76
C LEU E 58 -19.74 7.21 -23.19
N ALA E 59 -19.10 8.39 -23.35
CA ALA E 59 -18.68 8.83 -24.67
C ALA E 59 -17.48 8.05 -25.17
N THR E 60 -16.57 7.69 -24.27
CA THR E 60 -15.26 7.18 -24.68
C THR E 60 -15.32 5.70 -25.05
N PHE E 61 -14.51 5.35 -26.04
CA PHE E 61 -14.23 3.96 -26.39
C PHE E 61 -12.99 3.43 -25.67
N VAL E 62 -12.28 4.28 -24.95
CA VAL E 62 -10.96 3.95 -24.42
C VAL E 62 -11.08 3.38 -23.01
N THR E 63 -10.35 2.29 -22.76
CA THR E 63 -10.32 1.55 -21.51
C THR E 63 -10.24 2.45 -20.28
N THR E 64 -11.18 2.23 -19.34
CA THR E 64 -11.21 2.91 -18.06
C THR E 64 -11.08 1.97 -16.88
N TYR E 65 -10.94 0.65 -17.12
CA TYR E 65 -10.74 -0.34 -16.07
C TYR E 65 -9.79 -1.43 -16.55
N MET E 66 -8.82 -1.80 -15.69
CA MET E 66 -8.10 -3.06 -15.79
C MET E 66 -8.04 -3.65 -14.39
N ASP E 67 -7.78 -4.95 -14.30
CA ASP E 67 -7.77 -5.60 -13.00
C ASP E 67 -6.55 -5.14 -12.19
N ASP E 68 -6.49 -5.56 -10.92
CA ASP E 68 -5.45 -5.05 -10.02
C ASP E 68 -4.04 -5.48 -10.44
N TYR E 69 -3.91 -6.66 -11.04
CA TYR E 69 -2.60 -7.14 -11.43
C TYR E 69 -2.09 -6.42 -12.68
N ALA E 70 -2.95 -6.26 -13.69
CA ALA E 70 -2.57 -5.42 -14.82
C ALA E 70 -2.21 -4.02 -14.36
N THR E 71 -3.03 -3.46 -13.45
CA THR E 71 -2.80 -2.09 -13.00
C THR E 71 -1.46 -1.95 -12.28
N LYS E 72 -1.18 -2.87 -11.34
CA LYS E 72 0.11 -2.88 -10.66
C LYS E 72 1.27 -3.05 -11.65
N LEU E 73 1.13 -4.00 -12.57
CA LEU E 73 2.17 -4.25 -13.56
C LEU E 73 2.49 -3.00 -14.37
N MET E 74 1.45 -2.30 -14.84
CA MET E 74 1.72 -1.10 -15.64
C MET E 74 2.31 0.02 -14.79
N ASN E 75 1.80 0.22 -13.56
CA ASN E 75 2.36 1.25 -12.69
C ASN E 75 3.84 1.04 -12.46
N GLU E 76 4.26 -0.21 -12.29
CA GLU E 76 5.67 -0.52 -12.02
C GLU E 76 6.56 -0.21 -13.20
N ALA E 77 5.99 -0.09 -14.40
CA ALA E 77 6.75 0.20 -15.61
C ALA E 77 6.68 1.67 -16.02
N ILE E 78 6.25 2.54 -15.10
CA ILE E 78 6.01 3.94 -15.44
C ILE E 78 7.29 4.63 -15.91
N ASN E 79 8.45 4.16 -15.44
CA ASN E 79 9.73 4.80 -15.78
C ASN E 79 10.47 4.05 -16.88
N ILE E 80 9.78 3.22 -17.66
CA ILE E 80 10.40 2.41 -18.70
C ILE E 80 10.07 3.02 -20.06
N ASN E 81 11.11 3.51 -20.73
CA ASN E 81 11.02 4.07 -22.08
C ASN E 81 11.16 2.95 -23.11
N TYR E 82 10.05 2.62 -23.78
CA TYR E 82 10.07 1.51 -24.75
C TYR E 82 11.22 1.61 -25.74
N ILE E 83 11.48 2.81 -26.27
CA ILE E 83 12.33 2.96 -27.44
C ILE E 83 13.79 2.61 -27.16
N ASP E 84 14.15 2.47 -25.89
CA ASP E 84 15.49 2.04 -25.49
C ASP E 84 15.61 0.53 -25.62
N GLU E 85 15.49 0.05 -26.86
CA GLU E 85 15.35 -1.40 -27.07
C GLU E 85 16.64 -2.14 -26.77
N THR E 86 17.79 -1.52 -27.04
CA THR E 86 19.05 -2.15 -26.62
C THR E 86 19.12 -2.29 -25.11
N GLU E 87 18.60 -1.30 -24.39
CA GLU E 87 18.61 -1.38 -22.93
C GLU E 87 17.56 -2.34 -22.43
N TYR E 88 16.39 -2.37 -23.07
CA TYR E 88 15.26 -3.19 -22.63
C TYR E 88 14.86 -4.15 -23.76
N PRO E 89 15.75 -5.09 -24.13
CA PRO E 89 15.44 -5.96 -25.27
C PRO E 89 14.33 -6.95 -25.02
N ARG E 90 14.04 -7.29 -23.75
CA ARG E 90 12.93 -8.20 -23.49
C ARG E 90 11.58 -7.55 -23.75
N ILE E 91 11.47 -6.24 -23.52
CA ILE E 91 10.23 -5.55 -23.88
C ILE E 91 10.12 -5.39 -25.39
N ALA E 92 11.26 -5.19 -26.08
CA ALA E 92 11.21 -5.18 -27.54
C ALA E 92 10.74 -6.52 -28.07
N VAL E 93 11.23 -7.63 -27.50
CA VAL E 93 10.75 -8.95 -27.90
C VAL E 93 9.27 -9.11 -27.56
N MET E 94 8.87 -8.68 -26.38
CA MET E 94 7.47 -8.76 -25.96
C MET E 94 6.57 -7.95 -26.89
N ASN E 95 7.03 -6.77 -27.32
CA ASN E 95 6.31 -5.99 -28.32
C ASN E 95 6.13 -6.78 -29.61
N GLY E 96 7.20 -7.46 -30.05
CA GLY E 96 7.11 -8.29 -31.23
C GLY E 96 6.16 -9.45 -31.08
N LYS E 97 6.07 -10.02 -29.87
CA LYS E 97 5.14 -11.12 -29.66
C LYS E 97 3.70 -10.62 -29.68
N CYS E 98 3.45 -9.43 -29.15
CA CYS E 98 2.13 -8.83 -29.26
C CYS E 98 1.72 -8.62 -30.71
N ILE E 99 2.64 -8.11 -31.54
CA ILE E 99 2.33 -7.92 -32.95
C ILE E 99 2.01 -9.26 -33.61
N ASN E 100 2.78 -10.31 -33.30
CA ASN E 100 2.49 -11.63 -33.85
C ASN E 100 1.09 -12.09 -33.47
N ILE E 101 0.76 -11.96 -32.19
CA ILE E 101 -0.53 -12.44 -31.69
C ILE E 101 -1.66 -11.69 -32.38
N VAL E 102 -1.52 -10.36 -32.54
CA VAL E 102 -2.54 -9.58 -33.23
C VAL E 102 -2.63 -9.98 -34.69
N ALA E 103 -1.48 -10.14 -35.34
CA ALA E 103 -1.46 -10.48 -36.76
C ALA E 103 -2.16 -11.82 -37.02
N ASN E 104 -1.92 -12.80 -36.15
CA ASN E 104 -2.56 -14.10 -36.30
C ASN E 104 -4.03 -14.05 -35.91
N LEU E 105 -4.35 -13.19 -34.93
CA LEU E 105 -5.75 -12.93 -34.60
C LEU E 105 -6.52 -12.47 -35.83
N TRP E 106 -5.85 -11.74 -36.72
CA TRP E 106 -6.43 -11.26 -37.97
C TRP E 106 -6.15 -12.19 -39.14
N ASN E 107 -5.73 -13.42 -38.86
CA ASN E 107 -5.56 -14.48 -39.86
C ASN E 107 -4.51 -14.10 -40.93
N SER E 108 -3.41 -13.52 -40.48
CA SER E 108 -2.32 -13.17 -41.40
C SER E 108 -1.77 -14.41 -42.09
N PRO E 109 -1.61 -14.38 -43.42
CA PRO E 109 -0.95 -15.51 -44.10
C PRO E 109 0.56 -15.46 -44.08
N GLU E 110 1.15 -14.43 -43.48
CA GLU E 110 2.60 -14.24 -43.52
C GLU E 110 3.31 -15.42 -42.86
N LYS E 111 4.32 -15.95 -43.55
CA LYS E 111 4.98 -17.16 -43.10
C LYS E 111 6.07 -16.90 -42.06
N ASP E 112 6.61 -15.68 -42.01
CA ASP E 112 7.65 -15.32 -41.04
C ASP E 112 7.18 -15.42 -39.60
N THR E 113 8.08 -15.88 -38.73
CA THR E 113 7.80 -15.92 -37.29
C THR E 113 7.48 -14.53 -36.74
N TRP E 114 8.27 -13.54 -37.12
CA TRP E 114 8.08 -12.18 -36.64
C TRP E 114 7.26 -11.41 -37.67
N LYS E 115 5.99 -11.21 -37.35
CA LYS E 115 5.02 -10.62 -38.25
C LYS E 115 5.35 -9.16 -38.49
N THR E 116 4.97 -8.66 -39.68
CA THR E 116 5.21 -7.26 -40.02
C THR E 116 4.12 -6.40 -39.41
N GLY E 117 4.51 -5.59 -38.43
CA GLY E 117 3.58 -4.74 -37.73
C GLY E 117 4.33 -3.77 -36.84
N ALA E 118 3.58 -2.88 -36.22
CA ALA E 118 4.18 -1.77 -35.48
C ALA E 118 3.31 -1.40 -34.31
N LEU E 119 3.98 -1.07 -33.21
CA LEU E 119 3.37 -0.46 -32.04
C LEU E 119 2.92 0.97 -32.33
N ALA E 120 1.83 1.39 -31.68
CA ALA E 120 1.35 2.75 -31.79
C ALA E 120 0.85 3.25 -30.44
N ILE E 121 0.68 4.57 -30.36
CA ILE E 121 0.06 5.18 -29.19
C ILE E 121 -1.45 5.04 -29.26
N GLY E 122 -1.99 4.85 -30.45
CA GLY E 122 -3.41 4.63 -30.64
C GLY E 122 -3.70 4.39 -32.11
N SER E 123 -4.99 4.36 -32.46
CA SER E 123 -5.31 4.17 -33.87
C SER E 123 -4.87 5.34 -34.72
N SER E 124 -4.66 6.52 -34.13
CA SER E 124 -4.21 7.68 -34.88
C SER E 124 -2.86 7.40 -35.55
N GLU E 125 -1.85 7.09 -34.73
CA GLU E 125 -0.55 6.76 -35.28
C GLU E 125 -0.63 5.53 -36.18
N ALA E 126 -1.39 4.51 -35.76
CA ALA E 126 -1.47 3.28 -36.54
C ALA E 126 -2.12 3.53 -37.91
N CYS E 127 -3.19 4.33 -37.93
CA CYS E 127 -3.83 4.69 -39.19
C CYS E 127 -2.90 5.50 -40.08
N MET E 128 -2.17 6.47 -39.50
CA MET E 128 -1.26 7.28 -40.30
C MET E 128 -0.15 6.43 -40.88
N LEU E 129 0.34 5.46 -40.11
CA LEU E 129 1.34 4.55 -40.62
C LEU E 129 0.77 3.72 -41.77
N GLY E 130 -0.45 3.21 -41.59
CA GLY E 130 -1.08 2.46 -42.66
C GLY E 130 -1.29 3.30 -43.90
N GLY E 131 -1.68 4.57 -43.72
CA GLY E 131 -1.92 5.43 -44.87
C GLY E 131 -0.65 5.91 -45.56
N VAL E 132 0.38 6.23 -44.77
CA VAL E 132 1.66 6.60 -45.36
C VAL E 132 2.22 5.44 -46.16
N ALA E 133 2.15 4.21 -45.63
CA ALA E 133 2.59 3.05 -46.39
C ALA E 133 1.77 2.90 -47.67
N ALA E 134 0.45 3.05 -47.57
CA ALA E 134 -0.37 2.97 -48.78
C ALA E 134 0.05 4.02 -49.78
N TRP E 135 0.36 5.21 -49.29
CA TRP E 135 0.77 6.33 -50.14
C TRP E 135 2.10 6.06 -50.84
N LEU E 136 3.07 5.51 -50.11
CA LEU E 136 4.40 5.25 -50.68
C LEU E 136 4.36 4.12 -51.70
N ARG E 137 3.58 3.07 -51.43
CA ARG E 137 3.45 1.98 -52.40
C ARG E 137 2.83 2.49 -53.70
N TRP E 138 1.87 3.40 -53.60
CA TRP E 138 1.22 3.97 -54.77
C TRP E 138 2.19 4.84 -55.58
N ARG E 139 2.99 5.67 -54.89
CA ARG E 139 4.02 6.46 -55.57
C ARG E 139 4.94 5.58 -56.38
N LYS E 140 5.48 4.55 -55.72
CA LYS E 140 6.44 3.63 -56.39
C LYS E 140 5.76 3.00 -57.62
N LYS E 141 4.52 2.52 -57.46
CA LYS E 141 3.85 1.87 -58.58
C LYS E 141 3.70 2.83 -59.76
N ARG E 142 3.16 4.03 -59.49
CA ARG E 142 2.91 4.98 -60.56
C ARG E 142 4.20 5.45 -61.20
N GLN E 143 5.25 5.62 -60.41
CA GLN E 143 6.54 6.03 -60.96
C GLN E 143 7.09 4.98 -61.91
N ALA E 144 7.01 3.70 -61.52
CA ALA E 144 7.54 2.64 -62.38
C ALA E 144 6.79 2.55 -63.69
N GLN E 145 5.52 2.96 -63.70
CA GLN E 145 4.70 2.97 -64.90
C GLN E 145 4.87 4.24 -65.72
N GLY E 146 5.65 5.20 -65.23
CA GLY E 146 5.77 6.48 -65.89
C GLY E 146 4.55 7.36 -65.76
N LYS E 147 3.69 7.08 -64.78
CA LYS E 147 2.46 7.82 -64.51
C LYS E 147 2.68 8.85 -63.40
N PRO E 148 1.82 9.87 -63.34
CA PRO E 148 1.99 10.89 -62.30
C PRO E 148 1.70 10.34 -60.92
N PHE E 149 2.32 10.94 -59.92
CA PHE E 149 2.12 10.49 -58.55
C PHE E 149 2.14 11.65 -57.58
N ASP E 150 1.69 12.83 -58.03
CA ASP E 150 1.67 14.03 -57.20
C ASP E 150 0.27 14.47 -56.77
N LYS E 151 -0.78 13.74 -57.13
CA LYS E 151 -2.16 14.11 -56.77
C LYS E 151 -2.90 12.95 -56.09
N PRO E 152 -2.41 12.46 -54.96
CA PRO E 152 -3.06 11.30 -54.32
C PRO E 152 -4.40 11.60 -53.66
N ASN E 153 -5.26 10.59 -53.63
CA ASN E 153 -6.49 10.65 -52.85
C ASN E 153 -6.76 9.31 -52.17
N PHE E 154 -7.65 9.33 -51.18
CA PHE E 154 -8.18 8.09 -50.64
C PHE E 154 -9.68 8.26 -50.39
N VAL E 155 -10.36 7.12 -50.30
CA VAL E 155 -11.82 7.06 -50.21
C VAL E 155 -12.20 6.46 -48.86
N ILE E 156 -13.22 7.05 -48.22
CA ILE E 156 -13.66 6.65 -46.88
C ILE E 156 -15.08 7.15 -46.67
N SER E 157 -15.81 6.50 -45.76
CA SER E 157 -17.14 6.93 -45.36
C SER E 157 -17.08 8.33 -44.72
N THR E 158 -18.21 9.05 -44.78
CA THR E 158 -18.32 10.26 -43.97
C THR E 158 -18.24 9.97 -42.48
N GLY E 159 -18.38 8.70 -42.08
CA GLY E 159 -18.22 8.31 -40.69
C GLY E 159 -16.78 8.12 -40.27
N PHE E 160 -15.85 8.75 -40.98
CA PHE E 160 -14.45 8.65 -40.63
C PHE E 160 -14.20 9.26 -39.26
N GLN E 161 -13.16 8.77 -38.61
CA GLN E 161 -12.68 9.40 -37.41
C GLN E 161 -11.63 10.45 -37.79
N VAL E 162 -11.51 11.47 -36.95
CA VAL E 162 -10.81 12.70 -37.31
C VAL E 162 -9.36 12.47 -37.74
N VAL E 163 -8.74 11.35 -37.33
CA VAL E 163 -7.35 11.14 -37.70
C VAL E 163 -7.18 11.09 -39.22
N TRP E 164 -8.22 10.63 -39.94
CA TRP E 164 -8.12 10.57 -41.39
C TRP E 164 -8.16 11.96 -42.00
N GLU E 165 -8.83 12.89 -41.32
CA GLU E 165 -8.77 14.29 -41.70
C GLU E 165 -7.40 14.88 -41.40
N LYS E 166 -6.81 14.52 -40.26
CA LYS E 166 -5.44 14.94 -39.97
C LYS E 166 -4.48 14.41 -41.02
N PHE E 167 -4.62 13.13 -41.37
CA PHE E 167 -3.85 12.53 -42.46
C PHE E 167 -4.01 13.35 -43.73
N ALA E 168 -5.24 13.72 -44.05
CA ALA E 168 -5.48 14.53 -45.24
C ALA E 168 -4.83 15.91 -45.12
N GLN E 169 -4.90 16.53 -43.95
CA GLN E 169 -4.34 17.87 -43.77
C GLN E 169 -2.80 17.85 -43.67
N LEU E 170 -2.27 16.99 -42.80
CA LEU E 170 -0.84 17.02 -42.45
C LEU E 170 0.03 16.46 -43.58
N TRP E 171 -0.52 15.58 -44.42
CA TRP E 171 0.20 15.08 -45.59
C TRP E 171 -0.29 15.66 -46.90
N GLN E 172 -1.33 16.50 -46.86
CA GLN E 172 -1.87 17.12 -48.06
C GLN E 172 -2.29 16.08 -49.08
N ILE E 173 -3.12 15.13 -48.65
CA ILE E 173 -3.68 14.09 -49.51
C ILE E 173 -5.18 14.28 -49.54
N GLU E 174 -5.79 14.21 -50.73
CA GLU E 174 -7.20 14.53 -50.88
C GLU E 174 -8.08 13.42 -50.31
N MET E 175 -8.97 13.77 -49.39
CA MET E 175 -9.94 12.82 -48.86
C MET E 175 -11.26 12.92 -49.61
N ARG E 176 -11.69 11.79 -50.17
CA ARG E 176 -12.98 11.69 -50.86
C ARG E 176 -13.93 10.90 -49.97
N GLU E 177 -15.06 11.49 -49.62
CA GLU E 177 -15.96 10.97 -48.60
C GLU E 177 -17.24 10.44 -49.25
N VAL E 178 -17.65 9.25 -48.83
CA VAL E 178 -18.88 8.61 -49.31
C VAL E 178 -19.98 8.85 -48.27
N PRO E 179 -21.09 9.49 -48.63
CA PRO E 179 -22.07 9.90 -47.62
C PRO E 179 -22.83 8.72 -47.00
N LEU E 180 -23.32 8.96 -45.79
CA LEU E 180 -24.24 8.02 -45.15
C LEU E 180 -25.66 8.40 -45.50
N THR E 181 -26.52 7.40 -45.70
CA THR E 181 -27.95 7.61 -45.82
C THR E 181 -28.65 6.56 -44.96
N LEU E 182 -29.94 6.78 -44.68
CA LEU E 182 -30.66 5.74 -43.94
C LEU E 182 -30.74 4.46 -44.76
N GLU E 183 -30.69 4.57 -46.10
CA GLU E 183 -30.68 3.38 -46.95
C GLU E 183 -29.31 2.69 -46.94
N LYS E 184 -28.25 3.47 -46.75
CA LYS E 184 -26.88 2.95 -46.72
C LYS E 184 -26.21 3.47 -45.46
N THR E 185 -26.50 2.80 -44.35
CA THR E 185 -26.00 3.21 -43.04
C THR E 185 -24.51 2.96 -42.87
N THR E 186 -23.87 2.22 -43.79
CA THR E 186 -22.43 2.01 -43.78
C THR E 186 -21.90 2.20 -45.20
N LEU E 187 -20.59 2.06 -45.35
CA LEU E 187 -19.92 2.33 -46.62
C LEU E 187 -20.46 1.42 -47.73
N ASP E 188 -21.06 2.03 -48.75
CA ASP E 188 -21.53 1.27 -49.91
C ASP E 188 -20.38 1.09 -50.90
N PRO E 189 -20.03 -0.14 -51.27
CA PRO E 189 -18.86 -0.32 -52.14
C PRO E 189 -19.00 0.33 -53.49
N GLU E 190 -20.18 0.25 -54.11
CA GLU E 190 -20.34 0.85 -55.43
C GLU E 190 -20.20 2.36 -55.37
N GLU E 191 -20.75 2.99 -54.32
CA GLU E 191 -20.54 4.43 -54.18
C GLU E 191 -19.06 4.73 -53.90
N ALA E 192 -18.41 3.89 -53.09
CA ALA E 192 -16.98 4.06 -52.86
C ALA E 192 -16.19 3.97 -54.18
N LEU E 193 -16.52 2.98 -55.01
CA LEU E 193 -15.79 2.80 -56.25
C LEU E 193 -15.96 3.98 -57.18
N LYS E 194 -17.13 4.63 -57.14
CA LYS E 194 -17.37 5.78 -58.01
C LYS E 194 -16.42 6.95 -57.72
N MET E 195 -15.77 6.98 -56.56
CA MET E 195 -14.84 8.06 -56.29
C MET E 195 -13.38 7.68 -56.52
N CYS E 196 -13.11 6.43 -56.91
CA CYS E 196 -11.74 5.98 -57.14
C CYS E 196 -11.28 6.31 -58.56
N ASP E 197 -9.99 6.59 -58.69
CA ASP E 197 -9.38 6.75 -60.00
C ASP E 197 -7.94 6.28 -59.89
N GLU E 198 -7.12 6.64 -60.88
CA GLU E 198 -5.72 6.22 -60.93
C GLU E 198 -4.90 6.80 -59.78
N ASN E 199 -5.44 7.76 -59.03
CA ASN E 199 -4.70 8.42 -57.96
C ASN E 199 -5.15 8.00 -56.57
N THR E 200 -6.03 7.00 -56.46
CA THR E 200 -6.50 6.54 -55.15
C THR E 200 -5.46 5.61 -54.52
N ILE E 201 -4.99 5.95 -53.32
CA ILE E 201 -3.97 5.13 -52.70
C ILE E 201 -4.55 3.97 -51.89
N CYS E 202 -5.80 4.07 -51.43
CA CYS E 202 -6.46 2.99 -50.72
C CYS E 202 -7.90 3.39 -50.43
N VAL E 203 -8.71 2.40 -50.09
CA VAL E 203 -10.04 2.61 -49.53
C VAL E 203 -10.00 2.18 -48.07
N VAL E 204 -10.70 2.93 -47.22
CA VAL E 204 -10.64 2.71 -45.78
C VAL E 204 -12.03 2.34 -45.27
N PRO E 205 -12.39 1.07 -45.22
CA PRO E 205 -13.58 0.67 -44.46
C PRO E 205 -13.26 0.67 -42.97
N ILE E 206 -14.31 0.84 -42.18
CA ILE E 206 -14.20 1.02 -40.74
C ILE E 206 -14.98 -0.08 -40.04
N GLN E 207 -14.34 -0.73 -39.07
CA GLN E 207 -14.98 -1.74 -38.23
C GLN E 207 -15.20 -1.09 -36.86
N GLY E 208 -16.45 -0.74 -36.57
CA GLY E 208 -16.74 -0.01 -35.36
C GLY E 208 -16.75 1.48 -35.62
N VAL E 209 -17.61 1.94 -36.55
CA VAL E 209 -17.67 3.36 -36.87
C VAL E 209 -18.04 4.14 -35.63
N THR E 210 -17.26 5.17 -35.30
CA THR E 210 -17.49 5.87 -34.05
C THR E 210 -18.86 6.52 -34.00
N TRP E 211 -19.33 7.04 -35.14
CA TRP E 211 -20.58 7.77 -35.16
C TRP E 211 -21.80 6.86 -34.98
N THR E 212 -21.71 5.61 -35.43
CA THR E 212 -22.87 4.74 -35.54
C THR E 212 -22.75 3.40 -34.84
N GLY E 213 -21.55 2.93 -34.52
CA GLY E 213 -21.35 1.60 -33.96
C GLY E 213 -21.32 0.48 -34.96
N LEU E 214 -21.46 0.77 -36.25
CA LEU E 214 -21.58 -0.27 -37.25
C LEU E 214 -20.24 -0.64 -37.87
N ASN E 215 -20.27 -1.67 -38.73
CA ASN E 215 -19.11 -2.12 -39.49
C ASN E 215 -19.41 -1.93 -40.97
N ASP E 216 -18.49 -1.25 -41.68
CA ASP E 216 -18.51 -1.31 -43.14
C ASP E 216 -18.31 -2.74 -43.59
N ASP E 217 -18.95 -3.11 -44.70
CA ASP E 217 -18.82 -4.47 -45.20
C ASP E 217 -17.50 -4.57 -45.96
N VAL E 218 -16.47 -5.07 -45.28
CA VAL E 218 -15.14 -5.17 -45.90
C VAL E 218 -15.17 -6.20 -47.02
N GLU E 219 -15.81 -7.35 -46.80
CA GLU E 219 -15.85 -8.40 -47.81
C GLU E 219 -16.55 -7.93 -49.08
N ALA E 220 -17.66 -7.20 -48.92
CA ALA E 220 -18.32 -6.62 -50.09
C ALA E 220 -17.42 -5.62 -50.79
N LEU E 221 -16.64 -4.85 -50.02
CA LEU E 221 -15.69 -3.93 -50.64
C LEU E 221 -14.60 -4.70 -51.38
N ASP E 222 -14.06 -5.75 -50.75
CA ASP E 222 -13.02 -6.55 -51.38
C ASP E 222 -13.49 -7.16 -52.71
N LYS E 223 -14.74 -7.66 -52.76
CA LYS E 223 -15.27 -8.20 -54.00
C LYS E 223 -15.33 -7.14 -55.08
N ALA E 224 -15.94 -6.00 -54.77
CA ALA E 224 -16.08 -4.94 -55.76
C ALA E 224 -14.72 -4.39 -56.19
N LEU E 225 -13.80 -4.25 -55.24
CA LEU E 225 -12.48 -3.72 -55.56
C LEU E 225 -11.71 -4.67 -56.48
N ASP E 226 -11.89 -5.99 -56.30
CA ASP E 226 -11.22 -6.96 -57.16
C ASP E 226 -11.64 -6.80 -58.62
N ALA E 227 -12.95 -6.66 -58.86
CA ALA E 227 -13.43 -6.47 -60.23
C ALA E 227 -12.96 -5.14 -60.81
N TYR E 228 -12.98 -4.09 -59.99
CA TYR E 228 -12.51 -2.78 -60.45
C TYR E 228 -11.02 -2.80 -60.79
N ASN E 229 -10.21 -3.44 -59.94
CA ASN E 229 -8.76 -3.42 -60.16
C ASN E 229 -8.38 -4.22 -61.40
N ALA E 230 -9.06 -5.34 -61.64
CA ALA E 230 -8.80 -6.11 -62.85
C ALA E 230 -9.21 -5.33 -64.11
N LYS E 231 -10.17 -4.42 -63.99
CA LYS E 231 -10.62 -3.64 -65.14
C LYS E 231 -9.67 -2.50 -65.46
N THR E 232 -9.19 -1.81 -64.42
CA THR E 232 -8.41 -0.59 -64.57
C THR E 232 -6.92 -0.81 -64.39
N GLY E 233 -6.51 -1.87 -63.69
CA GLY E 233 -5.12 -2.05 -63.32
C GLY E 233 -4.60 -1.08 -62.28
N TYR E 234 -5.48 -0.30 -61.63
CA TYR E 234 -5.02 0.68 -60.66
C TYR E 234 -4.51 0.05 -59.38
N ASP E 235 -4.92 -1.19 -59.07
CA ASP E 235 -4.36 -1.97 -57.97
C ASP E 235 -4.62 -1.33 -56.60
N ILE E 236 -5.81 -0.77 -56.42
CA ILE E 236 -6.13 -0.06 -55.18
C ILE E 236 -6.36 -1.04 -54.04
N PRO E 237 -5.62 -0.92 -52.93
CA PRO E 237 -5.77 -1.87 -51.82
C PRO E 237 -6.75 -1.40 -50.74
N ILE E 238 -6.94 -2.23 -49.71
CA ILE E 238 -7.75 -1.87 -48.56
C ILE E 238 -6.83 -1.68 -47.35
N HIS E 239 -7.07 -0.62 -46.60
CA HIS E 239 -6.61 -0.53 -45.22
C HIS E 239 -7.85 -0.49 -44.33
N VAL E 240 -7.94 -1.43 -43.40
CA VAL E 240 -9.08 -1.51 -42.50
C VAL E 240 -8.79 -0.71 -41.24
N ASP E 241 -9.56 0.34 -41.01
CA ASP E 241 -9.59 1.02 -39.70
C ASP E 241 -10.51 0.23 -38.79
N ALA E 242 -9.93 -0.69 -38.01
CA ALA E 242 -10.67 -1.56 -37.09
C ALA E 242 -10.44 -1.13 -35.65
N ALA E 243 -10.40 0.19 -35.44
CA ALA E 243 -10.03 0.77 -34.15
C ALA E 243 -10.73 0.07 -33.00
N SER E 244 -12.07 -0.11 -33.12
CA SER E 244 -12.85 -0.88 -32.16
C SER E 244 -13.01 -2.35 -32.56
N GLY E 245 -13.47 -2.60 -33.80
CA GLY E 245 -13.83 -3.94 -34.23
C GLY E 245 -12.68 -4.92 -34.30
N GLY E 246 -11.44 -4.44 -34.37
CA GLY E 246 -10.31 -5.35 -34.49
C GLY E 246 -10.11 -6.26 -33.29
N PHE E 247 -10.67 -5.92 -32.15
CA PHE E 247 -10.66 -6.78 -30.97
C PHE E 247 -12.04 -7.30 -30.60
N ILE E 248 -13.03 -7.11 -31.48
CA ILE E 248 -14.36 -7.70 -31.33
C ILE E 248 -14.55 -8.87 -32.29
N LEU E 249 -14.35 -8.63 -33.58
CA LEU E 249 -14.66 -9.63 -34.60
C LEU E 249 -13.92 -10.96 -34.42
N PRO E 250 -12.64 -11.02 -34.07
CA PRO E 250 -11.98 -12.33 -33.96
C PRO E 250 -12.60 -13.25 -32.92
N PHE E 251 -13.14 -12.71 -31.84
CA PHE E 251 -13.66 -13.55 -30.77
C PHE E 251 -15.15 -13.84 -30.94
N LEU E 252 -15.95 -12.83 -31.29
CA LEU E 252 -17.40 -12.96 -31.37
C LEU E 252 -17.92 -13.23 -32.77
N TYR E 253 -17.16 -12.89 -33.83
CA TYR E 253 -17.59 -13.17 -35.20
C TYR E 253 -16.44 -13.78 -35.99
N PRO E 254 -15.93 -14.94 -35.55
CA PRO E 254 -14.73 -15.49 -36.21
C PRO E 254 -14.94 -15.78 -37.68
N ASP E 255 -16.18 -16.05 -38.09
CA ASP E 255 -16.47 -16.47 -39.50
C ASP E 255 -16.69 -15.27 -40.43
N THR E 256 -16.76 -14.04 -39.90
CA THR E 256 -16.87 -12.88 -40.77
C THR E 256 -15.52 -12.58 -41.44
N LYS E 257 -15.49 -12.61 -42.76
CA LYS E 257 -14.25 -12.41 -43.51
C LYS E 257 -14.01 -10.93 -43.73
N TRP E 258 -13.17 -10.34 -42.89
CA TRP E 258 -12.89 -8.90 -42.92
C TRP E 258 -11.42 -8.56 -42.90
N ASP E 259 -10.53 -9.52 -42.66
CA ASP E 259 -9.14 -9.28 -42.29
C ASP E 259 -8.22 -9.74 -43.42
N PHE E 260 -7.01 -10.20 -43.05
CA PHE E 260 -6.03 -10.64 -44.04
C PHE E 260 -6.49 -11.86 -44.83
N ARG E 261 -7.60 -12.50 -44.43
CA ARG E 261 -8.19 -13.53 -45.28
C ARG E 261 -8.62 -12.97 -46.64
N LEU E 262 -8.85 -11.67 -46.72
CA LEU E 262 -9.31 -11.03 -47.94
C LEU E 262 -8.13 -10.62 -48.80
N LYS E 263 -8.28 -10.80 -50.11
CA LYS E 263 -7.19 -10.59 -51.05
C LYS E 263 -6.61 -9.18 -50.95
N TRP E 264 -7.46 -8.16 -50.88
CA TRP E 264 -7.02 -6.78 -51.02
C TRP E 264 -6.79 -6.06 -49.70
N VAL E 265 -6.99 -6.73 -48.57
CA VAL E 265 -6.71 -6.14 -47.26
C VAL E 265 -5.21 -6.28 -47.02
N LEU E 266 -4.44 -5.20 -47.25
CA LEU E 266 -2.99 -5.26 -47.11
C LEU E 266 -2.49 -4.73 -45.78
N SER E 267 -3.32 -4.01 -45.04
CA SER E 267 -2.95 -3.55 -43.70
C SER E 267 -4.23 -3.32 -42.90
N ILE E 268 -4.10 -3.43 -41.58
CA ILE E 268 -5.19 -3.29 -40.62
C ILE E 268 -4.63 -2.57 -39.38
N SER E 269 -5.40 -1.65 -38.81
CA SER E 269 -5.01 -0.95 -37.60
C SER E 269 -6.11 -1.10 -36.55
N VAL E 270 -5.72 -0.92 -35.28
CA VAL E 270 -6.62 -1.15 -34.15
C VAL E 270 -6.15 -0.33 -32.96
N SER E 271 -7.08 -0.04 -32.05
CA SER E 271 -6.75 0.58 -30.78
C SER E 271 -6.67 -0.50 -29.71
N GLY E 272 -5.45 -0.80 -29.27
CA GLY E 272 -5.29 -1.70 -28.14
C GLY E 272 -5.93 -1.14 -26.89
N HIS E 273 -6.00 0.18 -26.77
CA HIS E 273 -6.63 0.81 -25.61
C HIS E 273 -8.15 0.99 -25.75
N LYS E 274 -8.69 0.38 -26.71
CA LYS E 274 -10.15 0.37 -26.75
C LYS E 274 -10.73 -0.97 -26.30
N PHE E 275 -10.99 -1.86 -27.25
CA PHE E 275 -11.45 -3.19 -26.87
C PHE E 275 -10.33 -4.22 -26.81
N GLY E 276 -9.08 -3.79 -27.06
CA GLY E 276 -7.92 -4.58 -26.67
C GLY E 276 -7.71 -4.63 -25.17
N LEU E 277 -8.46 -3.81 -24.41
CA LEU E 277 -8.59 -3.87 -22.96
C LEU E 277 -7.39 -3.31 -22.20
N VAL E 278 -6.59 -2.42 -22.80
CA VAL E 278 -5.44 -1.80 -22.13
C VAL E 278 -5.72 -0.31 -21.89
N TYR E 279 -5.21 0.21 -20.80
CA TYR E 279 -5.29 1.63 -20.47
C TYR E 279 -4.75 2.52 -21.59
N PRO E 280 -5.11 3.81 -21.60
CA PRO E 280 -4.70 4.71 -22.70
C PRO E 280 -3.22 4.62 -23.06
N GLY E 281 -2.95 4.59 -24.36
CA GLY E 281 -1.60 4.61 -24.85
C GLY E 281 -1.23 3.40 -25.69
N LEU E 282 -2.19 2.78 -26.39
CA LEU E 282 -1.85 1.57 -27.14
C LEU E 282 -2.58 1.49 -28.48
N GLY E 283 -1.80 1.36 -29.56
CA GLY E 283 -2.36 1.01 -30.85
C GLY E 283 -1.50 -0.04 -31.53
N TRP E 284 -2.05 -0.65 -32.57
CA TRP E 284 -1.36 -1.62 -33.39
C TRP E 284 -1.71 -1.43 -34.86
N VAL E 285 -0.72 -1.61 -35.74
CA VAL E 285 -0.94 -1.75 -37.17
C VAL E 285 -0.17 -2.97 -37.68
N CYS E 286 -0.84 -3.79 -38.48
CA CYS E 286 -0.20 -4.92 -39.12
C CYS E 286 -0.32 -4.80 -40.63
N TRP E 287 0.68 -5.30 -41.33
CA TRP E 287 0.65 -5.44 -42.78
C TRP E 287 0.53 -6.91 -43.14
N LYS E 288 -0.13 -7.17 -44.28
CA LYS E 288 -0.35 -8.56 -44.69
C LYS E 288 0.97 -9.30 -44.92
N GLY E 289 2.03 -8.57 -45.21
CA GLY E 289 3.35 -9.15 -45.40
C GLY E 289 4.39 -8.05 -45.51
N LYS E 290 5.66 -8.48 -45.43
CA LYS E 290 6.75 -7.50 -45.45
C LYS E 290 6.77 -6.70 -46.75
N GLU E 291 6.36 -7.29 -47.87
CA GLU E 291 6.40 -6.52 -49.11
C GLU E 291 5.42 -5.35 -49.13
N TYR E 292 4.50 -5.26 -48.17
CA TYR E 292 3.55 -4.16 -48.13
C TYR E 292 3.97 -3.05 -47.19
N LEU E 293 5.10 -3.20 -46.50
CA LEU E 293 5.68 -2.16 -45.66
C LEU E 293 6.94 -1.63 -46.33
N PRO E 294 6.90 -0.42 -46.92
CA PRO E 294 8.07 0.06 -47.68
C PRO E 294 9.30 0.22 -46.79
N GLU E 295 10.46 -0.15 -47.34
CA GLU E 295 11.72 0.08 -46.63
C GLU E 295 12.00 1.55 -46.42
N GLU E 296 11.44 2.43 -47.25
CA GLU E 296 11.63 3.86 -47.05
C GLU E 296 11.08 4.30 -45.69
N MET E 297 10.11 3.58 -45.14
CA MET E 297 9.52 3.94 -43.86
C MET E 297 10.18 3.25 -42.70
N SER E 298 10.95 2.21 -42.94
CA SER E 298 11.10 1.19 -41.94
C SER E 298 12.43 0.48 -42.13
N PHE E 299 12.85 -0.15 -41.05
CA PHE E 299 13.94 -1.10 -41.04
C PHE E 299 13.61 -2.10 -39.96
N SER E 300 14.46 -3.10 -39.81
CA SER E 300 14.26 -4.09 -38.76
C SER E 300 15.58 -4.34 -38.05
N VAL E 301 15.49 -4.50 -36.73
CA VAL E 301 16.65 -4.78 -35.91
C VAL E 301 16.39 -6.10 -35.19
N ASN E 302 17.39 -6.98 -35.19
CA ASN E 302 17.28 -8.23 -34.46
C ASN E 302 17.65 -7.96 -33.01
N TYR E 303 16.72 -8.22 -32.10
CA TYR E 303 16.95 -8.15 -30.66
C TYR E 303 16.67 -9.53 -30.09
N LEU E 304 17.73 -10.23 -29.66
CA LEU E 304 17.60 -11.54 -29.03
C LEU E 304 16.88 -12.55 -29.91
N GLY E 305 17.19 -12.54 -31.21
CA GLY E 305 16.58 -13.45 -32.15
C GLY E 305 15.23 -13.03 -32.69
N ALA E 306 14.71 -11.88 -32.27
CA ALA E 306 13.43 -11.36 -32.72
C ALA E 306 13.67 -10.26 -33.74
N ASN E 307 13.00 -10.36 -34.89
CA ASN E 307 13.06 -9.33 -35.93
C ASN E 307 12.00 -8.26 -35.61
N ILE E 308 12.46 -7.12 -35.11
CA ILE E 308 11.57 -6.05 -34.63
C ILE E 308 11.60 -4.89 -35.62
N THR E 309 10.45 -4.61 -36.23
CA THR E 309 10.34 -3.52 -37.19
C THR E 309 10.38 -2.16 -36.49
N GLN E 310 11.23 -1.27 -36.99
CA GLN E 310 11.44 0.05 -36.40
C GLN E 310 10.78 1.11 -37.28
N VAL E 311 9.45 1.17 -37.18
CA VAL E 311 8.65 2.17 -37.87
C VAL E 311 7.73 2.79 -36.84
N GLY E 312 7.56 4.10 -36.93
CA GLY E 312 6.66 4.79 -36.03
C GLY E 312 6.76 6.29 -36.16
N LEU E 313 5.69 6.98 -35.79
CA LEU E 313 5.73 8.44 -35.73
C LEU E 313 6.32 8.92 -34.42
N ASN E 314 6.01 8.25 -33.32
CA ASN E 314 6.56 8.60 -32.02
C ASN E 314 7.91 7.90 -31.83
N PHE E 315 8.63 8.33 -30.79
CA PHE E 315 9.92 7.67 -30.50
C PHE E 315 9.92 7.21 -29.05
N SER E 316 10.45 8.02 -28.13
CA SER E 316 10.36 7.69 -26.71
C SER E 316 8.91 7.66 -26.27
N ARG E 317 8.56 6.68 -25.45
CA ARG E 317 7.16 6.50 -25.08
C ARG E 317 7.07 5.52 -23.92
N PRO E 318 5.97 5.55 -23.17
CA PRO E 318 5.78 4.56 -22.13
C PRO E 318 5.73 3.16 -22.73
N ALA E 319 6.42 2.23 -22.08
CA ALA E 319 6.34 0.82 -22.42
C ALA E 319 5.27 0.08 -21.63
N ALA E 320 4.66 0.72 -20.62
CA ALA E 320 3.74 0.03 -19.73
C ALA E 320 2.64 -0.69 -20.49
N GLN E 321 2.14 -0.08 -21.57
CA GLN E 321 0.99 -0.63 -22.31
C GLN E 321 1.36 -1.92 -23.01
N ILE E 322 2.62 -2.10 -23.37
CA ILE E 322 3.05 -3.37 -23.96
C ILE E 322 2.88 -4.48 -22.94
N LEU E 323 3.34 -4.25 -21.70
CA LEU E 323 3.13 -5.23 -20.64
C LEU E 323 1.64 -5.48 -20.42
N GLY E 324 0.84 -4.42 -20.40
CA GLY E 324 -0.59 -4.59 -20.18
C GLY E 324 -1.23 -5.43 -21.26
N GLN E 325 -0.83 -5.22 -22.51
CA GLN E 325 -1.37 -6.02 -23.60
C GLN E 325 -0.94 -7.48 -23.47
N TYR E 326 0.35 -7.72 -23.24
CA TYR E 326 0.81 -9.10 -23.13
C TYR E 326 0.18 -9.76 -21.91
N TYR E 327 0.02 -9.02 -20.81
CA TYR E 327 -0.70 -9.54 -19.66
C TYR E 327 -2.12 -9.98 -20.03
N GLN E 328 -2.85 -9.15 -20.78
CA GLN E 328 -4.23 -9.51 -21.11
C GLN E 328 -4.28 -10.76 -22.00
N PHE E 329 -3.39 -10.85 -22.99
CA PHE E 329 -3.36 -12.03 -23.85
C PHE E 329 -3.13 -13.32 -23.05
N ILE E 330 -2.20 -13.27 -22.09
CA ILE E 330 -1.92 -14.44 -21.27
C ILE E 330 -3.01 -14.65 -20.22
N ARG E 331 -3.43 -13.57 -19.57
CA ARG E 331 -4.38 -13.71 -18.46
C ARG E 331 -5.74 -14.18 -18.95
N LEU E 332 -6.19 -13.67 -20.08
CA LEU E 332 -7.51 -14.03 -20.59
C LEU E 332 -7.48 -15.15 -21.63
N GLY E 333 -6.49 -15.12 -22.54
CA GLY E 333 -6.49 -16.03 -23.66
C GLY E 333 -7.66 -15.69 -24.56
N PHE E 334 -7.85 -16.56 -25.57
CA PHE E 334 -8.96 -16.38 -26.50
C PHE E 334 -10.31 -16.49 -25.77
N GLN E 335 -10.47 -17.50 -24.92
CA GLN E 335 -11.74 -17.68 -24.22
C GLN E 335 -12.06 -16.47 -23.36
N GLY E 336 -11.07 -16.00 -22.59
CA GLY E 336 -11.29 -14.90 -21.68
C GLY E 336 -11.67 -13.62 -22.39
N TYR E 337 -10.98 -13.33 -23.50
CA TYR E 337 -11.38 -12.22 -24.36
C TYR E 337 -12.80 -12.40 -24.87
N LYS E 338 -13.12 -13.60 -25.35
CA LYS E 338 -14.46 -13.85 -25.85
C LYS E 338 -15.52 -13.56 -24.79
N GLU E 339 -15.28 -14.02 -23.56
CA GLU E 339 -16.28 -13.85 -22.52
C GLU E 339 -16.40 -12.40 -22.08
N VAL E 340 -15.29 -11.66 -22.02
CA VAL E 340 -15.34 -10.24 -21.67
C VAL E 340 -16.06 -9.44 -22.76
N GLN E 341 -15.68 -9.66 -24.04
CA GLN E 341 -16.36 -8.94 -25.12
C GLN E 341 -17.82 -9.37 -25.23
N TYR E 342 -18.10 -10.64 -24.96
CA TYR E 342 -19.49 -11.11 -24.89
C TYR E 342 -20.28 -10.30 -23.86
N ASN E 343 -19.71 -10.12 -22.66
CA ASN E 343 -20.39 -9.34 -21.63
C ASN E 343 -20.67 -7.92 -22.11
N SER E 344 -19.65 -7.23 -22.62
CA SER E 344 -19.85 -5.85 -23.04
C SER E 344 -20.91 -5.77 -24.13
N LEU E 345 -20.87 -6.70 -25.08
CA LEU E 345 -21.83 -6.67 -26.18
C LEU E 345 -23.24 -6.98 -25.68
N GLN E 346 -23.38 -7.95 -24.78
CA GLN E 346 -24.69 -8.29 -24.19
C GLN E 346 -25.28 -7.10 -23.45
N ILE E 347 -24.46 -6.37 -22.70
CA ILE E 347 -24.97 -5.22 -21.96
C ILE E 347 -25.39 -4.12 -22.92
N ALA E 348 -24.59 -3.89 -23.97
CA ALA E 348 -24.99 -2.91 -24.98
C ALA E 348 -26.29 -3.32 -25.68
N LYS E 349 -26.42 -4.61 -26.01
CA LYS E 349 -27.66 -5.09 -26.62
C LYS E 349 -28.83 -4.92 -25.64
N TYR E 350 -28.58 -5.12 -24.35
CA TYR E 350 -29.61 -4.96 -23.34
C TYR E 350 -30.09 -3.51 -23.27
N ILE E 351 -29.14 -2.56 -23.15
CA ILE E 351 -29.50 -1.14 -23.09
C ILE E 351 -30.22 -0.74 -24.38
N HIS E 352 -29.72 -1.21 -25.51
CA HIS E 352 -30.34 -0.99 -26.81
C HIS E 352 -31.82 -1.40 -26.79
N GLY E 353 -32.12 -2.59 -26.27
CA GLY E 353 -33.48 -3.07 -26.24
C GLY E 353 -34.36 -2.31 -25.27
N GLU E 354 -33.77 -1.82 -24.17
CA GLU E 354 -34.53 -1.03 -23.22
C GLU E 354 -34.79 0.38 -23.76
N ILE E 355 -33.81 0.94 -24.47
CA ILE E 355 -34.02 2.23 -25.14
C ILE E 355 -35.19 2.14 -26.13
N ALA E 356 -35.26 1.04 -26.87
CA ALA E 356 -36.28 0.91 -27.92
C ALA E 356 -37.69 0.88 -27.35
N LYS E 357 -37.85 0.45 -26.10
CA LYS E 357 -39.16 0.37 -25.47
C LYS E 357 -39.67 1.71 -24.98
N MET E 358 -38.80 2.72 -24.89
CA MET E 358 -39.22 4.03 -24.40
C MET E 358 -39.88 4.85 -25.50
N ALA E 359 -40.98 5.49 -25.14
CA ALA E 359 -41.77 6.22 -26.14
C ALA E 359 -40.97 7.24 -26.94
N PRO E 360 -40.04 8.03 -26.36
CA PRO E 360 -39.37 9.06 -27.17
C PRO E 360 -38.36 8.54 -28.18
N PHE E 361 -37.88 7.30 -28.09
CA PHE E 361 -36.65 6.89 -28.76
C PHE E 361 -36.89 5.93 -29.92
N VAL E 362 -35.95 5.94 -30.87
CA VAL E 362 -35.85 4.89 -31.88
C VAL E 362 -34.37 4.67 -32.20
N ASN E 363 -33.96 3.41 -32.31
CA ASN E 363 -32.57 3.06 -32.58
C ASN E 363 -32.21 3.23 -34.05
N TYR E 364 -30.96 3.62 -34.30
CA TYR E 364 -30.43 3.78 -35.65
C TYR E 364 -30.32 2.44 -36.39
N SER E 365 -30.07 1.35 -35.67
CA SER E 365 -29.91 0.04 -36.29
C SER E 365 -30.56 -1.00 -35.39
N GLU E 366 -31.02 -2.09 -35.99
CA GLU E 366 -31.53 -3.19 -35.19
C GLU E 366 -30.47 -4.21 -34.75
N ASN E 367 -29.29 -4.22 -35.37
CA ASN E 367 -28.26 -5.19 -35.03
C ASN E 367 -27.09 -4.48 -34.34
N VAL E 368 -26.76 -4.94 -33.14
CA VAL E 368 -25.65 -4.40 -32.37
C VAL E 368 -24.47 -5.34 -32.56
N VAL E 369 -23.46 -4.88 -33.30
CA VAL E 369 -22.31 -5.72 -33.65
C VAL E 369 -21.03 -5.31 -32.94
N ASN E 370 -20.99 -4.13 -32.33
CA ASN E 370 -19.93 -3.70 -31.43
C ASN E 370 -20.61 -3.28 -30.13
N PRO E 371 -19.88 -3.26 -29.01
CA PRO E 371 -20.52 -2.88 -27.74
C PRO E 371 -20.87 -1.39 -27.68
N LEU E 372 -21.60 -0.92 -28.68
CA LEU E 372 -22.08 0.46 -28.70
C LEU E 372 -23.23 0.58 -29.69
N PHE E 373 -24.03 1.63 -29.55
CA PHE E 373 -25.15 1.88 -30.44
C PHE E 373 -25.59 3.32 -30.27
N ILE E 374 -26.38 3.80 -31.22
CA ILE E 374 -26.91 5.16 -31.21
C ILE E 374 -28.42 5.11 -31.40
N TRP E 375 -29.08 6.11 -30.85
CA TRP E 375 -30.52 6.26 -31.04
C TRP E 375 -30.82 7.74 -31.23
N TYR E 376 -32.04 8.03 -31.65
CA TYR E 376 -32.53 9.39 -31.78
C TYR E 376 -34.00 9.42 -31.35
N LEU E 377 -34.59 10.60 -31.40
CA LEU E 377 -35.99 10.78 -31.08
C LEU E 377 -36.86 10.29 -32.23
N LYS E 378 -37.92 9.57 -31.90
CA LYS E 378 -38.92 9.24 -32.90
C LYS E 378 -39.38 10.52 -33.60
N PRO E 379 -39.37 10.56 -34.93
CA PRO E 379 -39.71 11.81 -35.64
C PRO E 379 -40.99 12.50 -35.17
N GLU E 380 -42.08 11.76 -34.95
CA GLU E 380 -43.31 12.39 -34.49
C GLU E 380 -43.22 12.83 -33.04
N TYR E 381 -42.46 12.12 -32.22
CA TYR E 381 -42.26 12.57 -30.86
C TYR E 381 -41.43 13.85 -30.84
N ALA E 382 -40.41 13.92 -31.69
CA ALA E 382 -39.53 15.08 -31.70
C ALA E 382 -40.28 16.33 -32.14
N LYS E 383 -41.26 16.18 -33.03
CA LYS E 383 -41.98 17.34 -33.57
C LYS E 383 -42.67 18.14 -32.47
N SER E 384 -43.29 17.46 -31.51
CA SER E 384 -44.04 18.13 -30.45
C SER E 384 -43.32 18.18 -29.12
N ALA E 385 -42.12 17.60 -29.03
CA ALA E 385 -41.39 17.65 -27.77
C ALA E 385 -40.79 19.04 -27.59
N LYS E 386 -40.73 19.48 -26.34
CA LYS E 386 -40.05 20.74 -26.01
C LYS E 386 -38.56 20.57 -25.79
N TRP E 387 -38.04 19.34 -25.77
CA TRP E 387 -36.65 19.07 -25.39
C TRP E 387 -35.97 18.25 -26.49
N THR E 388 -34.64 18.26 -26.47
CA THR E 388 -33.83 17.47 -27.38
C THR E 388 -32.89 16.57 -26.61
N LEU E 389 -32.16 15.73 -27.35
CA LEU E 389 -31.18 14.85 -26.73
C LEU E 389 -30.04 15.64 -26.08
N TYR E 390 -29.78 16.87 -26.52
CA TYR E 390 -28.81 17.69 -25.80
C TYR E 390 -29.28 17.97 -24.38
N ASP E 391 -30.59 18.18 -24.20
CA ASP E 391 -31.13 18.39 -22.86
C ASP E 391 -31.04 17.12 -22.04
N LEU E 392 -31.26 15.97 -22.67
CA LEU E 392 -31.08 14.70 -21.97
C LEU E 392 -29.62 14.53 -21.52
N GLN E 393 -28.67 14.83 -22.42
CA GLN E 393 -27.25 14.77 -22.05
C GLN E 393 -26.96 15.62 -20.82
N ASP E 394 -27.48 16.85 -20.80
CA ASP E 394 -27.26 17.71 -19.64
C ASP E 394 -27.87 17.12 -18.38
N LYS E 395 -29.11 16.61 -18.47
CA LYS E 395 -29.76 16.00 -17.31
C LYS E 395 -28.94 14.84 -16.76
N LEU E 396 -28.41 14.00 -17.64
CA LEU E 396 -27.61 12.86 -17.16
C LEU E 396 -26.29 13.33 -16.55
N SER E 397 -25.75 14.45 -17.03
CA SER E 397 -24.53 14.98 -16.42
C SER E 397 -24.75 15.41 -14.97
N GLN E 398 -25.99 15.78 -14.63
CA GLN E 398 -26.29 16.14 -13.25
C GLN E 398 -26.12 14.95 -12.31
N HIS E 399 -26.14 13.73 -12.82
CA HIS E 399 -25.89 12.52 -12.06
C HIS E 399 -24.51 11.92 -12.34
N GLY E 400 -23.60 12.68 -12.97
CA GLY E 400 -22.23 12.23 -13.14
C GLY E 400 -21.94 11.51 -14.43
N TRP E 401 -22.95 11.21 -15.24
CA TRP E 401 -22.75 10.53 -16.53
C TRP E 401 -22.27 11.51 -17.57
N MET E 402 -21.53 10.98 -18.55
CA MET E 402 -21.38 11.65 -19.85
C MET E 402 -21.95 10.70 -20.90
N VAL E 403 -23.11 11.06 -21.42
CA VAL E 403 -23.73 10.36 -22.54
C VAL E 403 -23.90 11.37 -23.65
N PRO E 404 -23.09 11.30 -24.72
CA PRO E 404 -23.05 12.41 -25.70
C PRO E 404 -24.15 12.38 -26.73
N ALA E 405 -24.63 13.58 -27.09
CA ALA E 405 -25.53 13.83 -28.22
C ALA E 405 -24.81 14.64 -29.30
N TYR E 406 -25.05 14.28 -30.56
CA TYR E 406 -24.33 14.89 -31.68
C TYR E 406 -25.08 14.61 -32.98
N THR E 407 -24.77 15.42 -34.00
CA THR E 407 -25.34 15.21 -35.33
C THR E 407 -24.45 14.26 -36.13
N LEU E 408 -25.08 13.39 -36.91
CA LEU E 408 -24.37 12.43 -37.72
C LEU E 408 -23.74 13.14 -38.92
N PRO E 409 -22.70 12.53 -39.52
CA PRO E 409 -22.08 13.17 -40.69
C PRO E 409 -22.98 13.25 -41.91
N SER E 410 -22.39 13.70 -43.02
CA SER E 410 -23.13 14.28 -44.13
C SER E 410 -24.28 13.43 -44.62
N LYS E 411 -25.35 14.13 -45.01
CA LYS E 411 -26.64 13.64 -45.49
C LYS E 411 -27.49 13.09 -44.36
N LEU E 412 -26.91 12.92 -43.17
CA LEU E 412 -27.70 12.73 -41.97
C LEU E 412 -27.48 13.86 -40.97
N GLU E 413 -27.03 15.03 -41.45
CA GLU E 413 -26.68 16.14 -40.56
C GLU E 413 -27.88 16.63 -39.76
N ASP E 414 -29.09 16.31 -40.20
CA ASP E 414 -30.30 16.67 -39.47
C ASP E 414 -30.55 15.76 -38.28
N TYR E 415 -29.84 14.64 -38.18
CA TYR E 415 -30.10 13.65 -37.15
C TYR E 415 -29.24 13.93 -35.94
N VAL E 416 -29.88 14.35 -34.85
CA VAL E 416 -29.22 14.43 -33.55
C VAL E 416 -29.38 13.06 -32.89
N VAL E 417 -28.26 12.43 -32.56
CA VAL E 417 -28.29 11.10 -31.99
C VAL E 417 -27.57 11.12 -30.65
N MET E 418 -27.75 10.06 -29.88
CA MET E 418 -27.06 9.86 -28.61
C MET E 418 -26.41 8.49 -28.63
N ARG E 419 -25.19 8.40 -28.10
CA ARG E 419 -24.37 7.20 -28.17
C ARG E 419 -24.00 6.71 -26.77
N VAL E 420 -24.05 5.40 -26.59
CA VAL E 420 -23.57 4.75 -25.37
C VAL E 420 -22.51 3.74 -25.79
N VAL E 421 -21.34 3.78 -25.15
CA VAL E 421 -20.28 2.81 -25.35
C VAL E 421 -20.16 1.98 -24.08
N VAL E 422 -20.28 0.66 -24.20
CA VAL E 422 -20.12 -0.26 -23.08
C VAL E 422 -18.72 -0.84 -23.10
N ARG E 423 -17.96 -0.56 -22.06
CA ARG E 423 -16.59 -1.05 -21.93
C ARG E 423 -16.52 -2.05 -20.80
N GLN E 424 -15.42 -2.83 -20.77
CA GLN E 424 -15.15 -3.67 -19.61
C GLN E 424 -15.18 -2.80 -18.36
N GLY E 425 -15.96 -3.22 -17.35
CA GLY E 425 -16.11 -2.42 -16.16
C GLY E 425 -17.41 -1.66 -16.07
N PHE E 426 -18.23 -1.72 -17.12
CA PHE E 426 -19.60 -1.24 -17.11
C PHE E 426 -20.50 -2.48 -17.09
N SER E 427 -21.17 -2.70 -15.98
CA SER E 427 -21.93 -3.91 -15.72
C SER E 427 -23.40 -3.73 -16.04
N ARG E 428 -24.13 -4.87 -15.97
CA ARG E 428 -25.59 -4.81 -16.01
C ARG E 428 -26.14 -3.92 -14.89
N ASP E 429 -25.52 -3.96 -13.71
CA ASP E 429 -26.03 -3.13 -12.61
C ASP E 429 -25.89 -1.65 -12.93
N MET E 430 -24.74 -1.25 -13.48
CA MET E 430 -24.55 0.13 -13.88
C MET E 430 -25.47 0.51 -15.04
N ALA E 431 -25.74 -0.43 -15.95
CA ALA E 431 -26.71 -0.19 -17.02
C ALA E 431 -28.10 0.07 -16.44
N ASP E 432 -28.48 -0.66 -15.40
CA ASP E 432 -29.77 -0.40 -14.79
C ASP E 432 -29.80 0.99 -14.17
N MET E 433 -28.70 1.39 -13.54
CA MET E 433 -28.61 2.73 -12.96
C MET E 433 -28.73 3.79 -14.04
N LEU E 434 -28.04 3.59 -15.18
CA LEU E 434 -28.19 4.50 -16.29
C LEU E 434 -29.62 4.56 -16.79
N LEU E 435 -30.23 3.40 -17.03
CA LEU E 435 -31.59 3.37 -17.56
C LEU E 435 -32.58 4.02 -16.59
N GLY E 436 -32.38 3.83 -15.28
CA GLY E 436 -33.23 4.54 -14.33
C GLY E 436 -33.11 6.06 -14.46
N ASP E 437 -31.88 6.56 -14.65
CA ASP E 437 -31.67 7.99 -14.77
C ASP E 437 -32.27 8.53 -16.06
N ILE E 438 -32.17 7.75 -17.14
CA ILE E 438 -32.76 8.16 -18.40
C ILE E 438 -34.27 8.28 -18.26
N LYS E 439 -34.90 7.27 -17.63
CA LYS E 439 -36.34 7.31 -17.41
C LYS E 439 -36.75 8.52 -16.60
N ASN E 440 -36.01 8.79 -15.51
CA ASN E 440 -36.31 9.95 -14.67
C ASN E 440 -36.12 11.23 -15.46
N ALA E 441 -35.08 11.29 -16.27
CA ALA E 441 -34.81 12.50 -17.05
C ALA E 441 -35.94 12.78 -18.04
N ILE E 442 -36.45 11.72 -18.69
CA ILE E 442 -37.56 11.86 -19.63
C ILE E 442 -38.79 12.45 -18.93
N ALA E 443 -39.09 11.97 -17.72
CA ALA E 443 -40.26 12.47 -17.00
C ALA E 443 -40.10 13.94 -16.65
N GLU E 444 -38.88 14.36 -16.30
CA GLU E 444 -38.65 15.77 -16.00
C GLU E 444 -38.79 16.63 -17.25
N LEU E 445 -38.16 16.24 -18.36
CA LEU E 445 -38.19 17.04 -19.58
C LEU E 445 -39.59 17.12 -20.17
N GLU E 446 -40.40 16.08 -19.99
CA GLU E 446 -41.74 16.08 -20.53
C GLU E 446 -42.68 17.06 -19.85
N LYS E 447 -42.28 17.63 -18.71
CA LYS E 447 -43.03 18.64 -17.99
C LYS E 447 -42.80 20.05 -18.49
N LEU E 448 -41.88 20.24 -19.44
CA LEU E 448 -41.58 21.59 -19.92
C LEU E 448 -42.79 22.20 -20.61
N ASP E 449 -43.12 23.44 -20.24
CA ASP E 449 -44.16 24.19 -20.93
C ASP E 449 -43.62 24.98 -22.10
N PHE E 450 -42.31 25.18 -22.15
CA PHE E 450 -41.68 25.94 -23.22
C PHE E 450 -40.51 25.17 -23.79
N PRO E 451 -40.20 25.38 -25.07
CA PRO E 451 -39.07 24.67 -25.68
C PRO E 451 -37.75 25.19 -25.15
N THR E 452 -36.76 24.29 -25.13
CA THR E 452 -35.40 24.60 -24.70
C THR E 452 -34.65 25.37 -25.79
N PRO E 453 -33.45 25.90 -25.48
CA PRO E 453 -32.68 26.59 -26.52
C PRO E 453 -32.35 25.70 -27.71
N THR E 454 -31.91 24.47 -27.48
CA THR E 454 -31.61 23.60 -28.60
C THR E 454 -32.88 23.19 -29.36
N ARG E 455 -34.01 23.09 -28.67
CA ARG E 455 -35.25 22.80 -29.38
C ARG E 455 -35.65 23.96 -30.29
N MET E 456 -35.48 25.19 -29.82
CA MET E 456 -35.75 26.36 -30.67
C MET E 456 -34.71 26.45 -31.78
N ALA E 457 -33.47 26.08 -31.46
CA ALA E 457 -32.41 26.11 -32.47
C ALA E 457 -32.71 25.15 -33.61
N GLN E 458 -33.46 24.08 -33.31
CA GLN E 458 -33.93 23.18 -34.35
C GLN E 458 -35.11 23.75 -35.12
N GLU E 459 -35.79 24.75 -34.58
CA GLU E 459 -36.87 25.42 -35.31
C GLU E 459 -36.27 26.48 -36.22
N GLU F 2 -9.42 -24.48 -22.28
CA GLU F 2 -10.64 -23.79 -21.90
C GLU F 2 -10.99 -24.03 -20.43
N ASP F 3 -11.44 -22.97 -19.75
CA ASP F 3 -11.80 -23.04 -18.33
C ASP F 3 -13.32 -23.14 -18.22
N LEU F 4 -13.80 -24.30 -17.79
CA LEU F 4 -15.23 -24.59 -17.82
C LEU F 4 -16.03 -23.62 -16.95
N ASN F 5 -15.49 -23.24 -15.80
CA ASN F 5 -16.23 -22.44 -14.82
C ASN F 5 -15.86 -20.96 -14.86
N PHE F 6 -15.27 -20.49 -15.97
CA PHE F 6 -14.78 -19.11 -16.03
C PHE F 6 -15.87 -18.10 -15.68
N ARG F 7 -17.07 -18.25 -16.26
CA ARG F 7 -18.13 -17.28 -16.05
C ARG F 7 -18.81 -17.42 -14.69
N LYS F 8 -18.63 -18.56 -14.02
CA LYS F 8 -19.37 -18.85 -12.80
C LYS F 8 -18.64 -18.43 -11.53
N GLY F 9 -17.39 -17.96 -11.63
CA GLY F 9 -16.69 -17.49 -10.46
C GLY F 9 -15.69 -18.46 -9.86
N ASP F 10 -14.60 -18.75 -10.59
CA ASP F 10 -13.49 -19.53 -10.08
C ASP F 10 -12.24 -18.65 -10.00
N ALA F 11 -11.07 -19.28 -9.88
CA ALA F 11 -9.84 -18.54 -9.69
C ALA F 11 -9.38 -17.79 -10.93
N LYS F 12 -9.87 -18.16 -12.10
CA LYS F 12 -9.49 -17.51 -13.35
C LYS F 12 -10.50 -16.45 -13.81
N THR F 13 -11.67 -16.40 -13.17
CA THR F 13 -12.74 -15.49 -13.58
C THR F 13 -12.25 -14.04 -13.64
N ASP F 14 -12.56 -13.38 -14.74
CA ASP F 14 -12.52 -11.92 -14.81
C ASP F 14 -13.89 -11.39 -14.41
N VAL F 15 -13.89 -10.42 -13.48
CA VAL F 15 -15.15 -9.89 -12.92
C VAL F 15 -16.13 -9.57 -14.03
N PHE F 16 -15.65 -8.92 -15.08
CA PHE F 16 -16.55 -8.41 -16.12
C PHE F 16 -16.60 -9.34 -17.33
N GLY F 17 -16.27 -10.60 -17.13
CA GLY F 17 -16.56 -11.64 -18.09
C GLY F 17 -17.38 -12.74 -17.43
N SER F 18 -18.06 -12.38 -16.35
CA SER F 18 -18.79 -13.33 -15.53
C SER F 18 -20.30 -13.16 -15.67
N ASP F 19 -21.03 -14.25 -15.38
CA ASP F 19 -22.49 -14.20 -15.38
C ASP F 19 -23.00 -13.22 -14.34
N ARG F 20 -22.30 -13.08 -13.21
CA ARG F 20 -22.78 -12.23 -12.13
C ARG F 20 -22.86 -10.77 -12.57
N MET F 21 -21.92 -10.33 -13.41
CA MET F 21 -21.94 -8.95 -13.89
C MET F 21 -22.84 -8.76 -15.11
N LEU F 22 -23.59 -9.79 -15.49
CA LEU F 22 -24.73 -9.63 -16.39
C LEU F 22 -26.04 -9.60 -15.62
N GLN F 23 -26.00 -9.63 -14.30
CA GLN F 23 -27.20 -9.73 -13.50
C GLN F 23 -27.35 -8.51 -12.60
N PRO F 24 -28.58 -8.16 -12.23
CA PRO F 24 -28.79 -6.98 -11.38
C PRO F 24 -28.34 -7.23 -9.95
N SER F 25 -28.04 -6.14 -9.26
CA SER F 25 -27.75 -6.26 -7.84
C SER F 25 -29.05 -6.56 -7.08
N PRO F 26 -28.96 -7.20 -5.93
CA PRO F 26 -30.19 -7.59 -5.23
C PRO F 26 -30.90 -6.36 -4.65
N VAL F 27 -32.20 -6.29 -4.91
CA VAL F 27 -33.04 -5.21 -4.43
C VAL F 27 -33.86 -5.64 -3.22
N GLU F 28 -34.42 -6.85 -3.28
CA GLU F 28 -35.39 -7.30 -2.28
C GLU F 28 -34.85 -8.35 -1.33
N ARG F 29 -34.12 -9.33 -1.84
CA ARG F 29 -33.78 -10.50 -1.04
C ARG F 29 -32.30 -10.77 -1.13
N ILE F 30 -31.76 -11.33 -0.06
CA ILE F 30 -30.35 -11.72 -0.08
C ILE F 30 -30.12 -12.72 -1.21
N PRO F 31 -29.05 -12.62 -1.98
CA PRO F 31 -28.75 -13.68 -2.95
C PRO F 31 -28.69 -15.02 -2.25
N ASP F 32 -29.05 -16.08 -2.99
CA ASP F 32 -29.03 -17.42 -2.40
C ASP F 32 -27.61 -17.87 -2.06
N GLY F 33 -26.63 -17.44 -2.86
CA GLY F 33 -25.27 -17.93 -2.74
C GLY F 33 -24.24 -16.83 -2.90
N PRO F 34 -22.97 -17.18 -2.71
CA PRO F 34 -21.91 -16.18 -2.68
C PRO F 34 -21.39 -15.83 -4.08
N THR F 35 -20.53 -14.83 -4.12
CA THR F 35 -19.71 -14.51 -5.28
C THR F 35 -18.26 -14.37 -4.81
N THR F 36 -17.36 -14.05 -5.75
CA THR F 36 -15.98 -13.79 -5.38
C THR F 36 -15.87 -12.41 -4.73
N PRO F 37 -14.88 -12.21 -3.85
CA PRO F 37 -14.73 -10.90 -3.23
C PRO F 37 -14.57 -9.78 -4.25
N GLU F 38 -13.85 -10.03 -5.33
CA GLU F 38 -13.64 -9.00 -6.36
C GLU F 38 -14.95 -8.59 -7.03
N VAL F 39 -15.78 -9.57 -7.36
CA VAL F 39 -17.07 -9.29 -8.00
C VAL F 39 -17.95 -8.47 -7.07
N ALA F 40 -18.07 -8.91 -5.81
CA ALA F 40 -18.88 -8.21 -4.84
C ALA F 40 -18.33 -6.82 -4.56
N TYR F 41 -16.99 -6.67 -4.54
CA TYR F 41 -16.40 -5.36 -4.31
C TYR F 41 -16.80 -4.39 -5.40
N GLN F 42 -16.69 -4.80 -6.66
CA GLN F 42 -17.06 -3.93 -7.76
C GLN F 42 -18.56 -3.64 -7.75
N MET F 43 -19.39 -4.65 -7.49
CA MET F 43 -20.83 -4.40 -7.51
C MET F 43 -21.23 -3.30 -6.53
N VAL F 44 -20.66 -3.31 -5.32
CA VAL F 44 -20.99 -2.27 -4.35
C VAL F 44 -20.28 -0.96 -4.70
N LYS F 45 -18.97 -1.02 -4.98
CA LYS F 45 -18.21 0.18 -5.28
C LYS F 45 -18.81 0.94 -6.47
N ASP F 46 -19.12 0.23 -7.57
CA ASP F 46 -19.51 0.87 -8.82
C ASP F 46 -20.82 1.64 -8.68
N GLU F 47 -21.65 1.28 -7.70
CA GLU F 47 -22.88 2.04 -7.49
C GLU F 47 -22.62 3.41 -6.88
N THR F 48 -21.46 3.62 -6.24
CA THR F 48 -21.17 4.90 -5.61
C THR F 48 -20.57 5.93 -6.57
N PHE F 49 -20.27 5.55 -7.82
CA PHE F 49 -19.68 6.51 -8.76
C PHE F 49 -20.67 7.63 -9.13
N ALA F 50 -21.91 7.26 -9.45
CA ALA F 50 -22.86 8.21 -10.05
C ALA F 50 -23.57 9.06 -8.99
N GLN F 51 -22.78 9.87 -8.30
CA GLN F 51 -23.31 10.81 -7.31
C GLN F 51 -22.22 11.84 -7.03
N THR F 52 -22.57 12.84 -6.21
CA THR F 52 -21.63 13.90 -5.90
C THR F 52 -20.37 13.36 -5.25
N GLN F 53 -19.25 13.83 -5.74
CA GLN F 53 -17.97 13.59 -5.09
C GLN F 53 -17.87 14.40 -3.80
N PRO F 54 -17.41 13.79 -2.71
CA PRO F 54 -17.43 14.49 -1.42
C PRO F 54 -16.72 15.84 -1.43
N ARG F 55 -15.57 15.96 -2.09
CA ARG F 55 -14.83 17.22 -2.04
C ARG F 55 -15.50 18.33 -2.83
N LEU F 56 -16.46 17.99 -3.71
CA LEU F 56 -17.24 18.99 -4.45
C LEU F 56 -18.64 19.17 -3.90
N ASN F 57 -18.96 18.46 -2.83
CA ASN F 57 -20.20 18.63 -2.10
C ASN F 57 -20.07 19.88 -1.25
N LEU F 58 -20.61 21.01 -1.74
CA LEU F 58 -20.55 22.23 -0.97
C LEU F 58 -21.80 22.45 -0.12
N ALA F 59 -22.75 21.53 -0.18
CA ALA F 59 -23.89 21.58 0.74
C ALA F 59 -23.50 21.16 2.14
N THR F 60 -22.58 20.20 2.27
CA THR F 60 -22.33 19.57 3.55
C THR F 60 -21.41 20.41 4.43
N PHE F 61 -21.66 20.36 5.73
CA PHE F 61 -20.76 20.93 6.72
C PHE F 61 -19.73 19.93 7.22
N VAL F 62 -19.88 18.66 6.86
CA VAL F 62 -19.14 17.58 7.50
C VAL F 62 -17.84 17.28 6.76
N THR F 63 -16.75 17.15 7.52
CA THR F 63 -15.40 16.91 7.03
C THR F 63 -15.35 15.90 5.90
N THR F 64 -14.75 16.31 4.78
CA THR F 64 -14.52 15.43 3.66
C THR F 64 -13.04 15.19 3.42
N TYR F 65 -12.18 15.80 4.24
CA TYR F 65 -10.73 15.60 4.13
C TYR F 65 -10.10 15.61 5.52
N MET F 66 -9.21 14.64 5.75
CA MET F 66 -8.21 14.67 6.81
C MET F 66 -6.87 14.28 6.19
N ASP F 67 -5.77 14.62 6.85
CA ASP F 67 -4.47 14.34 6.26
C ASP F 67 -4.23 12.83 6.24
N ASP F 68 -3.11 12.43 5.64
CA ASP F 68 -2.82 11.01 5.43
C ASP F 68 -2.58 10.28 6.74
N TYR F 69 -1.98 10.94 7.72
CA TYR F 69 -1.70 10.26 8.99
C TYR F 69 -2.99 10.09 9.80
N ALA F 70 -3.84 11.12 9.85
CA ALA F 70 -5.14 10.96 10.51
C ALA F 70 -5.97 9.85 9.86
N THR F 71 -5.96 9.80 8.52
CA THR F 71 -6.75 8.81 7.80
C THR F 71 -6.25 7.40 8.08
N LYS F 72 -4.94 7.20 8.05
CA LYS F 72 -4.35 5.91 8.38
C LYS F 72 -4.72 5.50 9.81
N LEU F 73 -4.60 6.43 10.76
CA LEU F 73 -4.89 6.18 12.16
C LEU F 73 -6.32 5.67 12.35
N MET F 74 -7.27 6.33 11.70
CA MET F 74 -8.67 5.95 11.83
C MET F 74 -8.98 4.64 11.09
N ASN F 75 -8.42 4.45 9.89
CA ASN F 75 -8.61 3.19 9.19
C ASN F 75 -8.13 2.02 10.05
N GLU F 76 -7.01 2.20 10.75
CA GLU F 76 -6.47 1.13 11.57
C GLU F 76 -7.35 0.81 12.79
N ALA F 77 -8.26 1.71 13.16
CA ALA F 77 -9.12 1.51 14.31
C ALA F 77 -10.53 1.07 13.91
N ILE F 78 -10.71 0.61 12.66
CA ILE F 78 -12.05 0.32 12.15
C ILE F 78 -12.74 -0.79 12.93
N ASN F 79 -11.97 -1.69 13.56
CA ASN F 79 -12.56 -2.79 14.29
C ASN F 79 -12.58 -2.55 15.81
N ILE F 80 -12.50 -1.30 16.24
CA ILE F 80 -12.47 -0.97 17.66
C ILE F 80 -13.83 -0.39 18.06
N ASN F 81 -14.51 -1.11 18.95
CA ASN F 81 -15.80 -0.70 19.51
C ASN F 81 -15.53 0.17 20.73
N TYR F 82 -15.82 1.47 20.62
CA TYR F 82 -15.55 2.38 21.73
C TYR F 82 -16.12 1.88 23.05
N ILE F 83 -17.35 1.37 23.03
CA ILE F 83 -18.09 1.17 24.28
C ILE F 83 -17.50 0.05 25.14
N ASP F 84 -16.58 -0.75 24.57
CA ASP F 84 -15.89 -1.80 25.31
C ASP F 84 -14.77 -1.18 26.14
N GLU F 85 -15.17 -0.34 27.09
CA GLU F 85 -14.19 0.50 27.79
C GLU F 85 -13.31 -0.33 28.70
N THR F 86 -13.84 -1.39 29.30
CA THR F 86 -13.00 -2.29 30.10
C THR F 86 -11.93 -2.93 29.22
N GLU F 87 -12.28 -3.26 27.98
CA GLU F 87 -11.33 -3.85 27.05
C GLU F 87 -10.35 -2.83 26.52
N TYR F 88 -10.84 -1.61 26.27
CA TYR F 88 -10.03 -0.55 25.65
C TYR F 88 -10.01 0.67 26.57
N PRO F 89 -9.38 0.56 27.75
CA PRO F 89 -9.43 1.67 28.72
C PRO F 89 -8.60 2.88 28.28
N ARG F 90 -7.60 2.69 27.43
CA ARG F 90 -6.84 3.86 26.98
C ARG F 90 -7.67 4.71 26.04
N ILE F 91 -8.56 4.10 25.25
CA ILE F 91 -9.46 4.88 24.41
C ILE F 91 -10.55 5.55 25.26
N ALA F 92 -10.97 4.89 26.35
CA ALA F 92 -11.90 5.57 27.26
C ALA F 92 -11.25 6.80 27.87
N VAL F 93 -9.99 6.68 28.31
CA VAL F 93 -9.25 7.83 28.84
C VAL F 93 -9.04 8.88 27.76
N MET F 94 -8.67 8.46 26.55
CA MET F 94 -8.48 9.41 25.47
C MET F 94 -9.77 10.17 25.17
N ASN F 95 -10.90 9.49 25.21
CA ASN F 95 -12.19 10.13 25.05
C ASN F 95 -12.42 11.21 26.09
N GLY F 96 -12.13 10.89 27.37
CA GLY F 96 -12.24 11.88 28.41
C GLY F 96 -11.29 13.04 28.26
N LYS F 97 -10.09 12.78 27.72
CA LYS F 97 -9.15 13.87 27.50
C LYS F 97 -9.65 14.79 26.39
N CYS F 98 -10.29 14.23 25.36
CA CYS F 98 -10.92 15.07 24.36
C CYS F 98 -12.00 15.94 24.97
N ILE F 99 -12.83 15.35 25.85
CA ILE F 99 -13.88 16.13 26.50
C ILE F 99 -13.29 17.27 27.31
N ASN F 100 -12.20 17.02 28.03
CA ASN F 100 -11.55 18.07 28.81
C ASN F 100 -11.14 19.23 27.91
N ILE F 101 -10.53 18.89 26.77
CA ILE F 101 -9.99 19.90 25.85
C ILE F 101 -11.12 20.74 25.27
N VAL F 102 -12.23 20.10 24.91
CA VAL F 102 -13.37 20.84 24.37
C VAL F 102 -13.95 21.78 25.42
N ALA F 103 -14.11 21.28 26.65
CA ALA F 103 -14.69 22.09 27.72
C ALA F 103 -13.82 23.30 28.03
N ASN F 104 -12.49 23.12 28.01
CA ASN F 104 -11.57 24.22 28.26
C ASN F 104 -11.52 25.17 27.07
N LEU F 105 -11.65 24.65 25.84
CA LEU F 105 -11.84 25.52 24.70
C LEU F 105 -13.06 26.42 24.88
N TRP F 106 -14.09 25.92 25.56
CA TRP F 106 -15.31 26.67 25.81
C TRP F 106 -15.29 27.40 27.16
N ASN F 107 -14.10 27.54 27.75
CA ASN F 107 -13.92 28.31 28.98
C ASN F 107 -14.79 27.78 30.13
N SER F 108 -14.81 26.46 30.27
CA SER F 108 -15.54 25.85 31.37
C SER F 108 -14.94 26.28 32.70
N PRO F 109 -15.76 26.72 33.67
CA PRO F 109 -15.24 27.00 35.01
C PRO F 109 -15.12 25.77 35.89
N GLU F 110 -15.48 24.59 35.40
CA GLU F 110 -15.51 23.39 36.24
C GLU F 110 -14.11 23.06 36.77
N LYS F 111 -14.02 22.79 38.08
CA LYS F 111 -12.72 22.61 38.71
C LYS F 111 -12.20 21.19 38.52
N ASP F 112 -13.08 20.23 38.29
CA ASP F 112 -12.70 18.84 38.16
C ASP F 112 -11.74 18.61 36.99
N THR F 113 -10.72 17.78 37.23
CA THR F 113 -9.79 17.42 36.13
C THR F 113 -10.64 16.83 34.99
N TRP F 114 -11.50 15.87 35.32
CA TRP F 114 -12.29 15.20 34.29
C TRP F 114 -13.61 15.94 34.16
N LYS F 115 -13.71 16.73 33.09
CA LYS F 115 -14.83 17.63 32.87
C LYS F 115 -16.08 16.82 32.56
N THR F 116 -17.24 17.41 32.87
CA THR F 116 -18.53 16.77 32.60
C THR F 116 -18.90 16.99 31.14
N GLY F 117 -18.94 15.91 30.38
CA GLY F 117 -19.24 15.95 28.96
C GLY F 117 -19.44 14.54 28.44
N ALA F 118 -19.81 14.45 27.16
CA ALA F 118 -20.15 13.14 26.62
C ALA F 118 -19.79 13.07 25.14
N LEU F 119 -19.33 11.89 24.74
CA LEU F 119 -19.15 11.54 23.34
C LEU F 119 -20.48 11.44 22.62
N ALA F 120 -20.48 11.83 21.34
CA ALA F 120 -21.67 11.67 20.50
C ALA F 120 -21.28 11.26 19.08
N ILE F 121 -22.28 10.78 18.35
CA ILE F 121 -22.12 10.46 16.93
C ILE F 121 -22.17 11.72 16.07
N GLY F 122 -22.80 12.78 16.59
CA GLY F 122 -22.85 14.06 15.92
C GLY F 122 -23.57 15.04 16.81
N SER F 123 -23.85 16.23 16.25
CA SER F 123 -24.62 17.20 17.03
C SER F 123 -26.03 16.71 17.31
N SER F 124 -26.53 15.75 16.53
CA SER F 124 -27.86 15.23 16.78
C SER F 124 -27.96 14.62 18.17
N GLU F 125 -27.13 13.61 18.44
CA GLU F 125 -27.11 12.98 19.75
C GLU F 125 -26.68 13.97 20.83
N ALA F 126 -25.71 14.83 20.52
CA ALA F 126 -25.23 15.78 21.53
C ALA F 126 -26.32 16.77 21.92
N CYS F 127 -27.10 17.26 20.94
CA CYS F 127 -28.21 18.16 21.24
C CYS F 127 -29.28 17.48 22.08
N MET F 128 -29.64 16.24 21.72
CA MET F 128 -30.69 15.54 22.44
C MET F 128 -30.29 15.27 23.89
N LEU F 129 -29.02 14.92 24.13
CA LEU F 129 -28.56 14.74 25.50
C LEU F 129 -28.67 16.05 26.28
N GLY F 130 -28.26 17.16 25.65
CA GLY F 130 -28.40 18.46 26.30
C GLY F 130 -29.86 18.83 26.53
N GLY F 131 -30.73 18.50 25.58
CA GLY F 131 -32.14 18.83 25.73
C GLY F 131 -32.84 17.95 26.75
N VAL F 132 -32.53 16.65 26.74
CA VAL F 132 -33.06 15.75 27.78
C VAL F 132 -32.55 16.21 29.14
N ALA F 133 -31.27 16.59 29.23
CA ALA F 133 -30.73 17.10 30.48
C ALA F 133 -31.48 18.35 30.93
N ALA F 134 -31.70 19.29 30.00
CA ALA F 134 -32.46 20.49 30.36
C ALA F 134 -33.87 20.13 30.79
N TRP F 135 -34.48 19.15 30.12
CA TRP F 135 -35.82 18.72 30.45
C TRP F 135 -35.89 18.12 31.85
N LEU F 136 -34.89 17.31 32.22
CA LEU F 136 -34.92 16.65 33.52
C LEU F 136 -34.67 17.65 34.65
N ARG F 137 -33.74 18.59 34.47
CA ARG F 137 -33.51 19.60 35.50
C ARG F 137 -34.75 20.43 35.74
N TRP F 138 -35.50 20.72 34.68
CA TRP F 138 -36.74 21.47 34.83
C TRP F 138 -37.80 20.62 35.52
N ARG F 139 -37.91 19.34 35.15
CA ARG F 139 -38.89 18.47 35.81
C ARG F 139 -38.67 18.42 37.32
N LYS F 140 -37.44 18.18 37.76
CA LYS F 140 -37.17 18.08 39.19
C LYS F 140 -37.39 19.40 39.91
N LYS F 141 -37.03 20.51 39.27
CA LYS F 141 -37.24 21.83 39.89
C LYS F 141 -38.73 22.13 40.03
N ARG F 142 -39.51 21.88 38.98
CA ARG F 142 -40.94 22.16 39.08
C ARG F 142 -41.61 21.26 40.11
N GLN F 143 -41.19 19.99 40.16
CA GLN F 143 -41.77 19.07 41.13
C GLN F 143 -41.49 19.52 42.56
N ALA F 144 -40.25 19.94 42.85
CA ALA F 144 -39.90 20.38 44.19
C ALA F 144 -40.68 21.64 44.59
N GLN F 145 -41.08 22.44 43.62
CA GLN F 145 -41.87 23.62 43.93
C GLN F 145 -43.35 23.32 44.01
N GLY F 146 -43.75 22.08 43.70
CA GLY F 146 -45.16 21.77 43.66
C GLY F 146 -45.89 22.30 42.44
N LYS F 147 -45.15 22.65 41.37
CA LYS F 147 -45.71 23.14 40.12
C LYS F 147 -45.84 22.01 39.11
N PRO F 148 -46.69 22.16 38.10
CA PRO F 148 -46.83 21.08 37.10
C PRO F 148 -45.57 20.92 36.27
N PHE F 149 -45.37 19.70 35.75
CA PHE F 149 -44.21 19.40 34.92
C PHE F 149 -44.54 18.39 33.83
N ASP F 150 -45.76 18.45 33.27
CA ASP F 150 -46.18 17.51 32.25
C ASP F 150 -46.30 18.12 30.85
N LYS F 151 -46.07 19.42 30.68
CA LYS F 151 -46.13 20.08 29.36
C LYS F 151 -44.89 20.95 29.11
N PRO F 152 -43.73 20.34 28.92
CA PRO F 152 -42.52 21.13 28.67
C PRO F 152 -42.52 21.79 27.30
N ASN F 153 -41.83 22.93 27.19
CA ASN F 153 -41.54 23.52 25.90
C ASN F 153 -40.11 24.03 25.86
N PHE F 154 -39.62 24.29 24.65
CA PHE F 154 -38.35 24.97 24.47
C PHE F 154 -38.48 25.97 23.32
N VAL F 155 -37.59 26.96 23.32
CA VAL F 155 -37.66 28.08 22.41
C VAL F 155 -36.41 28.09 21.55
N ILE F 156 -36.58 28.32 20.25
CA ILE F 156 -35.49 28.27 19.30
C ILE F 156 -35.92 29.08 18.08
N SER F 157 -34.94 29.53 17.30
CA SER F 157 -35.17 30.20 16.02
C SER F 157 -35.85 29.26 15.03
N THR F 158 -36.55 29.85 14.05
CA THR F 158 -36.97 29.06 12.90
C THR F 158 -35.78 28.56 12.09
N GLY F 159 -34.58 29.08 12.32
CA GLY F 159 -33.39 28.54 11.69
C GLY F 159 -32.82 27.33 12.38
N PHE F 160 -33.65 26.61 13.15
CA PHE F 160 -33.20 25.39 13.83
C PHE F 160 -32.85 24.31 12.82
N GLN F 161 -31.93 23.45 13.22
CA GLN F 161 -31.61 22.25 12.45
C GLN F 161 -32.52 21.13 12.90
N VAL F 162 -32.79 20.20 11.98
CA VAL F 162 -33.91 19.27 12.10
C VAL F 162 -33.89 18.44 13.40
N VAL F 163 -32.72 18.28 14.03
CA VAL F 163 -32.67 17.45 15.23
C VAL F 163 -33.58 17.99 16.32
N TRP F 164 -33.78 19.30 16.38
CA TRP F 164 -34.64 19.86 17.42
C TRP F 164 -36.12 19.56 17.16
N GLU F 165 -36.50 19.39 15.89
CA GLU F 165 -37.84 18.89 15.57
C GLU F 165 -37.99 17.43 15.98
N LYS F 166 -36.92 16.63 15.79
CA LYS F 166 -36.92 15.25 16.27
C LYS F 166 -37.09 15.18 17.78
N PHE F 167 -36.32 15.99 18.51
CA PHE F 167 -36.45 16.10 19.95
C PHE F 167 -37.90 16.44 20.32
N ALA F 168 -38.49 17.39 19.60
CA ALA F 168 -39.89 17.76 19.83
C ALA F 168 -40.83 16.59 19.55
N GLN F 169 -40.59 15.85 18.47
CA GLN F 169 -41.47 14.75 18.11
C GLN F 169 -41.23 13.51 18.97
N LEU F 170 -39.97 13.06 19.07
CA LEU F 170 -39.62 11.80 19.71
C LEU F 170 -39.74 11.84 21.23
N TRP F 171 -39.68 13.02 21.83
CA TRP F 171 -39.95 13.18 23.26
C TRP F 171 -41.27 13.88 23.51
N GLN F 172 -41.97 14.31 22.45
CA GLN F 172 -43.24 15.03 22.59
C GLN F 172 -43.08 16.27 23.45
N ILE F 173 -42.14 17.13 23.07
CA ILE F 173 -41.89 18.40 23.75
C ILE F 173 -42.19 19.54 22.79
N GLU F 174 -42.89 20.56 23.29
CA GLU F 174 -43.36 21.64 22.42
C GLU F 174 -42.21 22.54 21.97
N MET F 175 -42.02 22.66 20.67
CA MET F 175 -41.02 23.57 20.15
C MET F 175 -41.67 24.90 19.80
N ARG F 176 -41.18 25.97 20.43
CA ARG F 176 -41.66 27.31 20.16
C ARG F 176 -40.60 28.00 19.32
N GLU F 177 -41.00 28.49 18.15
CA GLU F 177 -40.07 28.94 17.12
C GLU F 177 -40.17 30.44 16.97
N VAL F 178 -39.02 31.10 16.94
CA VAL F 178 -38.95 32.55 16.73
C VAL F 178 -38.65 32.81 15.27
N PRO F 179 -39.51 33.51 14.53
CA PRO F 179 -39.32 33.65 13.09
C PRO F 179 -38.17 34.59 12.77
N LEU F 180 -37.61 34.39 11.58
CA LEU F 180 -36.55 35.24 11.06
C LEU F 180 -37.16 36.39 10.28
N THR F 181 -36.54 37.56 10.36
CA THR F 181 -36.89 38.68 9.49
C THR F 181 -35.61 39.28 8.94
N LEU F 182 -35.75 40.15 7.93
CA LEU F 182 -34.60 40.85 7.41
C LEU F 182 -34.02 41.81 8.44
N GLU F 183 -34.87 42.34 9.34
CA GLU F 183 -34.39 43.16 10.46
C GLU F 183 -33.89 42.31 11.63
N LYS F 184 -34.35 41.05 11.73
CA LYS F 184 -33.90 40.13 12.80
C LYS F 184 -33.44 38.86 12.10
N THR F 185 -32.23 38.91 11.53
CA THR F 185 -31.64 37.80 10.79
C THR F 185 -31.18 36.66 11.69
N THR F 186 -31.14 36.87 13.01
CA THR F 186 -30.79 35.85 14.00
C THR F 186 -31.78 35.92 15.16
N LEU F 187 -31.61 35.02 16.14
CA LEU F 187 -32.56 34.92 17.25
C LEU F 187 -32.61 36.24 18.00
N ASP F 188 -33.74 36.92 17.98
CA ASP F 188 -33.86 38.15 18.75
C ASP F 188 -34.24 37.82 20.19
N PRO F 189 -33.44 38.24 21.18
CA PRO F 189 -33.71 37.80 22.56
C PRO F 189 -35.07 38.25 23.08
N GLU F 190 -35.51 39.46 22.74
CA GLU F 190 -36.79 39.91 23.24
C GLU F 190 -37.92 39.05 22.70
N GLU F 191 -37.87 38.73 21.41
CA GLU F 191 -38.90 37.86 20.85
C GLU F 191 -38.83 36.47 21.45
N ALA F 192 -37.62 35.96 21.70
CA ALA F 192 -37.46 34.66 22.36
C ALA F 192 -38.13 34.66 23.72
N LEU F 193 -37.90 35.72 24.51
CA LEU F 193 -38.44 35.77 25.87
C LEU F 193 -39.96 35.82 25.89
N LYS F 194 -40.57 36.45 24.87
CA LYS F 194 -42.02 36.51 24.81
C LYS F 194 -42.66 35.12 24.67
N MET F 195 -41.90 34.11 24.26
CA MET F 195 -42.42 32.75 24.17
C MET F 195 -42.08 31.89 25.36
N CYS F 196 -41.35 32.42 26.34
CA CYS F 196 -41.00 31.66 27.53
C CYS F 196 -42.10 31.76 28.57
N ASP F 197 -42.27 30.68 29.34
CA ASP F 197 -43.15 30.69 30.50
C ASP F 197 -42.58 29.71 31.51
N GLU F 198 -43.38 29.37 32.51
CA GLU F 198 -42.97 28.46 33.58
C GLU F 198 -42.71 27.04 33.10
N ASN F 199 -43.04 26.71 31.84
CA ASN F 199 -42.83 25.39 31.27
C ASN F 199 -41.70 25.36 30.25
N THR F 200 -40.95 26.44 30.09
CA THR F 200 -39.83 26.44 29.16
C THR F 200 -38.63 25.82 29.84
N ILE F 201 -38.08 24.77 29.23
CA ILE F 201 -36.94 24.06 29.83
C ILE F 201 -35.59 24.65 29.43
N CYS F 202 -35.51 25.37 28.31
CA CYS F 202 -34.31 26.07 27.88
C CYS F 202 -34.62 26.86 26.62
N VAL F 203 -33.75 27.83 26.34
CA VAL F 203 -33.71 28.52 25.05
C VAL F 203 -32.46 28.03 24.36
N VAL F 204 -32.53 27.85 23.04
CA VAL F 204 -31.44 27.27 22.26
C VAL F 204 -30.98 28.24 21.19
N PRO F 205 -30.00 29.10 21.47
CA PRO F 205 -29.34 29.85 20.39
C PRO F 205 -28.39 28.96 19.60
N ILE F 206 -28.14 29.36 18.37
CA ILE F 206 -27.39 28.55 17.42
C ILE F 206 -26.16 29.35 16.99
N GLN F 207 -24.98 28.70 17.05
CA GLN F 207 -23.73 29.28 16.56
C GLN F 207 -23.35 28.59 15.26
N GLY F 208 -23.63 29.25 14.14
CA GLY F 208 -23.48 28.64 12.83
C GLY F 208 -24.81 28.08 12.34
N VAL F 209 -25.83 28.95 12.25
CA VAL F 209 -27.15 28.51 11.78
C VAL F 209 -27.00 27.91 10.39
N THR F 210 -27.51 26.69 10.21
CA THR F 210 -27.33 25.98 8.93
C THR F 210 -27.97 26.74 7.78
N TRP F 211 -29.09 27.41 8.04
CA TRP F 211 -29.79 28.09 6.96
C TRP F 211 -29.04 29.33 6.49
N THR F 212 -28.29 30.00 7.37
CA THR F 212 -27.74 31.33 7.08
C THR F 212 -26.23 31.46 7.25
N GLY F 213 -25.57 30.61 8.04
CA GLY F 213 -24.17 30.82 8.35
C GLY F 213 -23.91 31.79 9.48
N LEU F 214 -24.96 32.33 10.11
CA LEU F 214 -24.79 33.36 11.13
C LEU F 214 -24.77 32.74 12.54
N ASN F 215 -24.52 33.59 13.52
CA ASN F 215 -24.54 33.23 14.92
C ASN F 215 -25.62 34.02 15.64
N ASP F 216 -26.48 33.33 16.38
CA ASP F 216 -27.32 34.01 17.37
C ASP F 216 -26.43 34.67 18.41
N ASP F 217 -26.84 35.84 18.90
CA ASP F 217 -26.06 36.58 19.90
C ASP F 217 -26.35 35.99 21.27
N VAL F 218 -25.49 35.08 21.72
CA VAL F 218 -25.71 34.39 22.99
C VAL F 218 -25.58 35.37 24.16
N GLU F 219 -24.59 36.27 24.11
CA GLU F 219 -24.38 37.17 25.23
C GLU F 219 -25.59 38.08 25.44
N ALA F 220 -26.15 38.61 24.35
CA ALA F 220 -27.37 39.40 24.49
C ALA F 220 -28.51 38.55 25.02
N LEU F 221 -28.62 37.31 24.54
CA LEU F 221 -29.65 36.42 25.07
C LEU F 221 -29.45 36.18 26.56
N ASP F 222 -28.20 35.90 26.96
CA ASP F 222 -27.88 35.70 28.36
C ASP F 222 -28.21 36.93 29.20
N LYS F 223 -27.94 38.12 28.68
CA LYS F 223 -28.25 39.35 29.39
C LYS F 223 -29.76 39.47 29.64
N ALA F 224 -30.56 39.29 28.59
CA ALA F 224 -32.01 39.39 28.73
C ALA F 224 -32.57 38.27 29.62
N LEU F 225 -32.02 37.06 29.50
CA LEU F 225 -32.52 35.93 30.28
C LEU F 225 -32.32 36.14 31.77
N ASP F 226 -31.21 36.76 32.15
CA ASP F 226 -30.94 37.01 33.57
C ASP F 226 -32.03 37.89 34.18
N ALA F 227 -32.41 38.96 33.47
CA ALA F 227 -33.46 39.84 33.98
C ALA F 227 -34.82 39.15 34.02
N TYR F 228 -35.14 38.37 32.99
CA TYR F 228 -36.40 37.63 32.97
C TYR F 228 -36.46 36.61 34.10
N ASN F 229 -35.37 35.86 34.31
CA ASN F 229 -35.35 34.86 35.38
C ASN F 229 -35.44 35.52 36.74
N ALA F 230 -34.77 36.67 36.92
CA ALA F 230 -34.84 37.38 38.20
C ALA F 230 -36.25 37.87 38.50
N LYS F 231 -37.04 38.13 37.46
CA LYS F 231 -38.41 38.61 37.63
C LYS F 231 -39.37 37.46 37.91
N THR F 232 -39.19 36.33 37.25
CA THR F 232 -40.13 35.22 37.33
C THR F 232 -39.65 34.07 38.19
N GLY F 233 -38.35 33.91 38.38
CA GLY F 233 -37.88 32.71 39.05
C GLY F 233 -37.99 31.44 38.25
N TYR F 234 -38.28 31.53 36.94
CA TYR F 234 -38.41 30.33 36.12
C TYR F 234 -37.09 29.62 35.88
N ASP F 235 -35.96 30.33 36.04
CA ASP F 235 -34.63 29.72 36.04
C ASP F 235 -34.32 29.04 34.71
N ILE F 236 -34.74 29.68 33.62
CA ILE F 236 -34.61 29.10 32.28
C ILE F 236 -33.16 29.17 31.85
N PRO F 237 -32.53 28.02 31.49
CA PRO F 237 -31.13 28.04 31.07
C PRO F 237 -30.94 28.16 29.56
N ILE F 238 -29.67 28.23 29.15
CA ILE F 238 -29.31 28.16 27.74
C ILE F 238 -28.61 26.84 27.48
N HIS F 239 -28.96 26.20 26.37
CA HIS F 239 -28.14 25.20 25.72
C HIS F 239 -27.70 25.77 24.38
N VAL F 240 -26.39 25.86 24.15
CA VAL F 240 -25.87 26.39 22.91
C VAL F 240 -25.72 25.25 21.91
N ASP F 241 -26.46 25.33 20.80
CA ASP F 241 -26.22 24.49 19.63
C ASP F 241 -25.11 25.14 18.84
N ALA F 242 -23.87 24.73 19.11
CA ALA F 242 -22.70 25.27 18.45
C ALA F 242 -22.11 24.26 17.48
N ALA F 243 -22.99 23.51 16.80
CA ALA F 243 -22.58 22.41 15.93
C ALA F 243 -21.42 22.79 15.03
N SER F 244 -21.52 23.93 14.34
CA SER F 244 -20.39 24.42 13.55
C SER F 244 -19.54 25.43 14.33
N GLY F 245 -20.16 26.45 14.91
CA GLY F 245 -19.41 27.57 15.48
C GLY F 245 -18.54 27.21 16.66
N GLY F 246 -18.82 26.10 17.34
CA GLY F 246 -18.09 25.69 18.52
C GLY F 246 -16.63 25.36 18.28
N PHE F 247 -16.23 25.12 17.03
CA PHE F 247 -14.82 24.93 16.68
C PHE F 247 -14.30 26.07 15.80
N ILE F 248 -15.07 27.14 15.66
CA ILE F 248 -14.64 28.35 14.99
C ILE F 248 -14.38 29.48 15.99
N LEU F 249 -15.37 29.78 16.84
CA LEU F 249 -15.27 30.88 17.80
C LEU F 249 -14.08 30.77 18.76
N PRO F 250 -13.70 29.59 19.29
CA PRO F 250 -12.56 29.58 20.22
C PRO F 250 -11.26 30.10 19.61
N PHE F 251 -11.05 29.85 18.31
CA PHE F 251 -9.81 30.19 17.61
C PHE F 251 -9.85 31.54 16.92
N LEU F 252 -10.94 31.88 16.24
CA LEU F 252 -10.99 33.12 15.47
C LEU F 252 -11.64 34.27 16.22
N TYR F 253 -12.48 34.01 17.21
CA TYR F 253 -13.14 35.05 17.97
C TYR F 253 -13.01 34.77 19.47
N PRO F 254 -11.78 34.69 19.98
CA PRO F 254 -11.58 34.30 21.39
C PRO F 254 -12.26 35.25 22.37
N ASP F 255 -12.37 36.51 22.00
CA ASP F 255 -12.94 37.51 22.96
C ASP F 255 -14.48 37.49 22.95
N THR F 256 -15.10 36.88 21.95
CA THR F 256 -16.56 36.84 21.90
C THR F 256 -17.06 35.92 23.00
N LYS F 257 -17.82 36.47 23.95
CA LYS F 257 -18.29 35.71 25.12
C LYS F 257 -19.57 34.98 24.74
N TRP F 258 -19.44 33.69 24.43
CA TRP F 258 -20.57 32.89 23.99
C TRP F 258 -20.71 31.58 24.75
N ASP F 259 -19.75 31.22 25.59
CA ASP F 259 -19.60 29.87 26.09
C ASP F 259 -19.87 29.85 27.59
N PHE F 260 -19.16 28.98 28.32
CA PHE F 260 -19.34 28.86 29.75
C PHE F 260 -18.92 30.12 30.51
N ARG F 261 -18.33 31.11 29.82
CA ARG F 261 -18.13 32.41 30.45
C ARG F 261 -19.44 33.08 30.82
N LEU F 262 -20.54 32.70 30.17
CA LEU F 262 -21.85 33.31 30.40
C LEU F 262 -22.61 32.57 31.50
N LYS F 263 -23.27 33.35 32.36
CA LYS F 263 -23.89 32.80 33.57
C LYS F 263 -24.88 31.68 33.27
N TRP F 264 -25.71 31.84 32.24
CA TRP F 264 -26.83 30.93 32.02
C TRP F 264 -26.54 29.85 30.97
N VAL F 265 -25.34 29.82 30.40
CA VAL F 265 -24.96 28.78 29.44
C VAL F 265 -24.51 27.57 30.25
N LEU F 266 -25.41 26.58 30.42
CA LEU F 266 -25.16 25.40 31.22
C LEU F 266 -24.72 24.18 30.40
N SER F 267 -24.94 24.21 29.09
CA SER F 267 -24.47 23.12 28.24
C SER F 267 -24.27 23.66 26.83
N ILE F 268 -23.39 22.99 26.09
CA ILE F 268 -23.02 23.32 24.72
C ILE F 268 -22.79 22.01 23.97
N SER F 269 -23.24 21.95 22.72
CA SER F 269 -23.00 20.80 21.87
C SER F 269 -22.31 21.28 20.60
N VAL F 270 -21.62 20.36 19.94
CA VAL F 270 -20.81 20.70 18.77
C VAL F 270 -20.70 19.45 17.92
N SER F 271 -20.48 19.65 16.63
CA SER F 271 -20.16 18.55 15.71
C SER F 271 -18.66 18.50 15.54
N GLY F 272 -18.04 17.47 16.12
CA GLY F 272 -16.64 17.23 15.87
C GLY F 272 -16.35 16.94 14.41
N HIS F 273 -17.31 16.36 13.69
CA HIS F 273 -17.11 16.04 12.29
C HIS F 273 -17.46 17.19 11.35
N LYS F 274 -17.62 18.37 11.96
CA LYS F 274 -17.78 19.53 11.08
C LYS F 274 -16.52 20.37 11.02
N PHE F 275 -16.41 21.31 11.85
CA PHE F 275 -15.18 22.08 11.92
C PHE F 275 -14.25 21.64 13.05
N GLY F 276 -14.62 20.58 13.79
CA GLY F 276 -13.63 19.88 14.58
C GLY F 276 -12.62 19.11 13.74
N LEU F 277 -12.88 18.99 12.44
CA LEU F 277 -11.99 18.49 11.39
C LEU F 277 -11.83 16.97 11.37
N VAL F 278 -12.84 16.24 11.85
CA VAL F 278 -12.80 14.76 11.87
C VAL F 278 -13.85 14.21 10.90
N TYR F 279 -13.52 13.09 10.27
CA TYR F 279 -14.43 12.37 9.41
C TYR F 279 -15.77 12.05 10.09
N PRO F 280 -16.81 11.77 9.32
CA PRO F 280 -18.15 11.55 9.89
C PRO F 280 -18.15 10.58 11.07
N GLY F 281 -18.91 10.95 12.09
CA GLY F 281 -19.13 10.11 13.26
C GLY F 281 -18.74 10.72 14.59
N LEU F 282 -18.75 12.05 14.73
CA LEU F 282 -18.27 12.65 15.98
C LEU F 282 -19.06 13.91 16.37
N GLY F 283 -19.56 13.92 17.61
CA GLY F 283 -20.07 15.12 18.22
C GLY F 283 -19.62 15.17 19.68
N TRP F 284 -19.81 16.33 20.31
CA TRP F 284 -19.50 16.50 21.72
C TRP F 284 -20.57 17.35 22.40
N VAL F 285 -20.89 17.01 23.65
CA VAL F 285 -21.70 17.85 24.51
C VAL F 285 -20.99 18.00 25.85
N CYS F 286 -20.88 19.25 26.33
CA CYS F 286 -20.32 19.54 27.63
C CYS F 286 -21.34 20.27 28.47
N TRP F 287 -21.29 20.02 29.77
CA TRP F 287 -22.07 20.75 30.74
C TRP F 287 -21.15 21.67 31.55
N LYS F 288 -21.70 22.80 32.03
CA LYS F 288 -20.89 23.75 32.79
C LYS F 288 -20.33 23.12 34.05
N GLY F 289 -20.98 22.09 34.57
CA GLY F 289 -20.52 21.42 35.78
C GLY F 289 -21.30 20.15 36.01
N LYS F 290 -20.77 19.34 36.93
CA LYS F 290 -21.40 18.06 37.22
C LYS F 290 -22.81 18.20 37.75
N GLU F 291 -23.10 19.29 38.48
CA GLU F 291 -24.44 19.43 39.03
C GLU F 291 -25.51 19.68 37.96
N TYR F 292 -25.11 19.97 36.72
CA TYR F 292 -26.10 20.21 35.67
C TYR F 292 -26.36 18.99 34.80
N LEU F 293 -25.72 17.85 35.10
CA LEU F 293 -26.02 16.61 34.39
C LEU F 293 -26.76 15.67 35.34
N PRO F 294 -28.05 15.45 35.15
CA PRO F 294 -28.82 14.63 36.10
C PRO F 294 -28.31 13.20 36.21
N GLU F 295 -28.32 12.70 37.44
CA GLU F 295 -27.96 11.31 37.69
C GLU F 295 -28.93 10.34 37.04
N GLU F 296 -30.17 10.76 36.77
CA GLU F 296 -31.13 9.90 36.07
C GLU F 296 -30.65 9.55 34.66
N MET F 297 -29.81 10.39 34.05
CA MET F 297 -29.30 10.17 32.69
C MET F 297 -27.97 9.47 32.67
N SER F 298 -27.29 9.39 33.80
CA SER F 298 -25.86 9.25 33.72
C SER F 298 -25.35 8.56 34.96
N PHE F 299 -24.17 8.01 34.80
CA PHE F 299 -23.31 7.52 35.86
C PHE F 299 -21.89 7.67 35.31
N SER F 300 -20.91 7.42 36.16
CA SER F 300 -19.53 7.46 35.70
C SER F 300 -18.78 6.29 36.32
N VAL F 301 -17.88 5.72 35.52
CA VAL F 301 -17.03 4.58 35.97
C VAL F 301 -15.56 4.97 35.76
N ASN F 302 -14.72 4.73 36.76
CA ASN F 302 -13.30 5.08 36.71
C ASN F 302 -12.55 4.10 35.81
N TYR F 303 -11.90 4.63 34.78
CA TYR F 303 -11.02 3.85 33.90
C TYR F 303 -9.62 4.43 34.01
N LEU F 304 -8.70 3.70 34.64
CA LEU F 304 -7.30 4.09 34.76
C LEU F 304 -7.16 5.46 35.43
N GLY F 305 -7.99 5.70 36.44
CA GLY F 305 -7.97 6.96 37.15
C GLY F 305 -8.75 8.09 36.50
N ALA F 306 -9.36 7.85 35.34
CA ALA F 306 -10.13 8.87 34.63
C ALA F 306 -11.62 8.66 34.88
N ASN F 307 -12.30 9.72 35.32
CA ASN F 307 -13.74 9.66 35.55
C ASN F 307 -14.45 9.91 34.24
N ILE F 308 -14.97 8.84 33.62
CA ILE F 308 -15.61 8.92 32.33
C ILE F 308 -17.11 8.75 32.53
N THR F 309 -17.87 9.78 32.19
CA THR F 309 -19.31 9.71 32.33
C THR F 309 -19.91 8.78 31.28
N GLN F 310 -20.79 7.88 31.74
CA GLN F 310 -21.43 6.89 30.89
C GLN F 310 -22.86 7.34 30.58
N VAL F 311 -22.91 8.32 29.70
CA VAL F 311 -24.15 8.89 29.24
C VAL F 311 -24.09 8.86 27.72
N GLY F 312 -25.22 8.51 27.11
CA GLY F 312 -25.29 8.49 25.66
C GLY F 312 -26.55 7.82 25.18
N LEU F 313 -26.97 8.16 23.97
CA LEU F 313 -28.09 7.47 23.32
C LEU F 313 -27.63 6.21 22.60
N ASN F 314 -26.45 6.25 21.99
CA ASN F 314 -25.87 5.10 21.34
C ASN F 314 -25.12 4.24 22.36
N PHE F 315 -24.73 3.04 21.94
CA PHE F 315 -23.88 2.22 22.79
C PHE F 315 -22.66 1.81 21.97
N SER F 316 -22.70 0.65 21.32
CA SER F 316 -21.58 0.26 20.44
C SER F 316 -21.43 1.22 19.29
N ARG F 317 -20.19 1.56 18.96
CA ARG F 317 -19.93 2.57 17.95
C ARG F 317 -18.45 2.53 17.60
N PRO F 318 -18.07 3.02 16.42
CA PRO F 318 -16.64 3.11 16.09
C PRO F 318 -15.91 4.00 17.08
N ALA F 319 -14.70 3.57 17.47
CA ALA F 319 -13.81 4.41 18.25
C ALA F 319 -12.88 5.28 17.39
N ALA F 320 -12.86 5.05 16.07
CA ALA F 320 -11.89 5.73 15.22
C ALA F 320 -11.95 7.26 15.35
N GLN F 321 -13.15 7.82 15.50
CA GLN F 321 -13.30 9.28 15.50
C GLN F 321 -12.64 9.91 16.72
N ILE F 322 -12.58 9.17 17.83
CA ILE F 322 -11.88 9.67 19.01
C ILE F 322 -10.39 9.81 18.72
N LEU F 323 -9.78 8.80 18.10
CA LEU F 323 -8.37 8.91 17.71
C LEU F 323 -8.16 10.09 16.77
N GLY F 324 -9.05 10.26 15.78
CA GLY F 324 -8.90 11.37 14.86
C GLY F 324 -8.98 12.71 15.56
N GLN F 325 -9.90 12.83 16.53
CA GLN F 325 -10.03 14.09 17.26
C GLN F 325 -8.78 14.40 18.06
N TYR F 326 -8.30 13.42 18.84
CA TYR F 326 -7.11 13.65 19.65
C TYR F 326 -5.89 13.91 18.77
N TYR F 327 -5.79 13.19 17.65
CA TYR F 327 -4.73 13.46 16.69
C TYR F 327 -4.76 14.92 16.24
N GLN F 328 -5.95 15.44 15.90
CA GLN F 328 -6.02 16.82 15.42
C GLN F 328 -5.61 17.80 16.51
N PHE F 329 -6.04 17.55 17.76
CA PHE F 329 -5.63 18.41 18.87
C PHE F 329 -4.11 18.42 19.05
N ILE F 330 -3.48 17.25 18.96
CA ILE F 330 -2.03 17.18 19.14
C ILE F 330 -1.32 17.69 17.88
N ARG F 331 -1.77 17.26 16.70
CA ARG F 331 -1.08 17.57 15.46
C ARG F 331 -1.13 19.06 15.14
N LEU F 332 -2.28 19.71 15.36
CA LEU F 332 -2.46 21.12 15.04
C LEU F 332 -2.26 22.04 16.24
N GLY F 333 -2.74 21.66 17.43
CA GLY F 333 -2.71 22.60 18.52
C GLY F 333 -3.64 23.79 18.26
N PHE F 334 -3.58 24.77 19.16
CA PHE F 334 -4.40 25.97 19.01
C PHE F 334 -4.02 26.73 17.74
N GLN F 335 -2.71 26.95 17.53
CA GLN F 335 -2.25 27.69 16.36
C GLN F 335 -2.69 27.00 15.07
N GLY F 336 -2.52 25.67 15.01
CA GLY F 336 -2.86 24.95 13.80
C GLY F 336 -4.35 24.97 13.48
N TYR F 337 -5.20 24.80 14.49
CA TYR F 337 -6.64 24.99 14.28
C TYR F 337 -6.92 26.41 13.82
N LYS F 338 -6.32 27.39 14.47
CA LYS F 338 -6.55 28.78 14.08
C LYS F 338 -6.19 28.99 12.61
N GLU F 339 -5.06 28.42 12.15
CA GLU F 339 -4.62 28.68 10.78
C GLU F 339 -5.49 27.96 9.75
N VAL F 340 -5.97 26.75 10.07
CA VAL F 340 -6.90 26.05 9.17
C VAL F 340 -8.23 26.78 9.12
N GLN F 341 -8.77 27.15 10.29
CA GLN F 341 -10.04 27.86 10.29
C GLN F 341 -9.91 29.24 9.66
N TYR F 342 -8.77 29.89 9.81
CA TYR F 342 -8.51 31.13 9.08
C TYR F 342 -8.62 30.90 7.58
N ASN F 343 -7.99 29.83 7.09
CA ASN F 343 -8.06 29.52 5.66
C ASN F 343 -9.51 29.31 5.20
N SER F 344 -10.26 28.45 5.90
CA SER F 344 -11.62 28.18 5.45
C SER F 344 -12.47 29.45 5.46
N LEU F 345 -12.30 30.30 6.48
CA LEU F 345 -13.08 31.53 6.58
C LEU F 345 -12.64 32.55 5.52
N GLN F 346 -11.34 32.69 5.29
CA GLN F 346 -10.86 33.62 4.27
C GLN F 346 -11.39 33.23 2.90
N ILE F 347 -11.40 31.93 2.60
CA ILE F 347 -11.89 31.48 1.31
C ILE F 347 -13.40 31.71 1.21
N ALA F 348 -14.14 31.45 2.28
CA ALA F 348 -15.57 31.79 2.26
C ALA F 348 -15.77 33.29 2.07
N LYS F 349 -14.96 34.10 2.75
CA LYS F 349 -15.05 35.56 2.57
C LYS F 349 -14.72 35.96 1.14
N TYR F 350 -13.75 35.29 0.54
CA TYR F 350 -13.37 35.57 -0.84
C TYR F 350 -14.50 35.24 -1.81
N ILE F 351 -15.08 34.04 -1.68
CA ILE F 351 -16.20 33.66 -2.55
C ILE F 351 -17.35 34.63 -2.37
N HIS F 352 -17.63 35.00 -1.12
CA HIS F 352 -18.66 35.97 -0.77
C HIS F 352 -18.47 37.29 -1.52
N GLY F 353 -17.24 37.81 -1.54
CA GLY F 353 -16.98 39.07 -2.21
C GLY F 353 -17.08 38.96 -3.71
N GLU F 354 -16.75 37.79 -4.27
CA GLU F 354 -16.89 37.59 -5.70
C GLU F 354 -18.36 37.42 -6.10
N ILE F 355 -19.15 36.74 -5.27
CA ILE F 355 -20.59 36.62 -5.50
C ILE F 355 -21.24 38.00 -5.55
N ALA F 356 -20.83 38.88 -4.63
CA ALA F 356 -21.43 40.21 -4.55
C ALA F 356 -21.14 41.04 -5.80
N LYS F 357 -20.05 40.74 -6.50
CA LYS F 357 -19.70 41.50 -7.70
C LYS F 357 -20.54 41.10 -8.90
N MET F 358 -21.23 39.95 -8.85
CA MET F 358 -21.99 39.48 -9.99
C MET F 358 -23.35 40.16 -10.07
N ALA F 359 -23.73 40.57 -11.28
CA ALA F 359 -24.96 41.34 -11.46
C ALA F 359 -26.20 40.66 -10.89
N PRO F 360 -26.42 39.35 -11.03
CA PRO F 360 -27.68 38.78 -10.52
C PRO F 360 -27.76 38.66 -9.00
N PHE F 361 -26.66 38.77 -8.27
CA PHE F 361 -26.60 38.28 -6.89
C PHE F 361 -26.51 39.41 -5.87
N VAL F 362 -27.00 39.12 -4.67
CA VAL F 362 -26.82 39.97 -3.51
C VAL F 362 -26.71 39.07 -2.28
N ASN F 363 -25.75 39.36 -1.41
CA ASN F 363 -25.54 38.52 -0.24
C ASN F 363 -26.57 38.80 0.85
N TYR F 364 -26.93 37.75 1.57
CA TYR F 364 -27.83 37.86 2.71
C TYR F 364 -27.21 38.66 3.85
N SER F 365 -25.89 38.59 4.01
CA SER F 365 -25.22 39.27 5.10
C SER F 365 -23.88 39.85 4.64
N GLU F 366 -23.51 40.97 5.23
CA GLU F 366 -22.20 41.55 5.03
C GLU F 366 -21.14 40.95 5.92
N ASN F 367 -21.52 40.22 6.97
CA ASN F 367 -20.59 39.68 7.94
C ASN F 367 -20.50 38.17 7.76
N VAL F 368 -19.30 37.68 7.43
CA VAL F 368 -19.05 36.26 7.30
C VAL F 368 -18.28 35.85 8.56
N VAL F 369 -18.95 35.13 9.46
CA VAL F 369 -18.39 34.77 10.75
C VAL F 369 -18.15 33.28 10.91
N ASN F 370 -18.71 32.46 10.04
CA ASN F 370 -18.41 31.04 9.92
C ASN F 370 -18.04 30.78 8.47
N PRO F 371 -17.30 29.71 8.19
CA PRO F 371 -16.88 29.46 6.81
C PRO F 371 -18.01 29.02 5.90
N LEU F 372 -19.08 29.81 5.84
CA LEU F 372 -20.17 29.61 4.91
C LEU F 372 -21.03 30.87 4.85
N PHE F 373 -21.81 30.98 3.78
CA PHE F 373 -22.67 32.14 3.58
C PHE F 373 -23.71 31.79 2.52
N ILE F 374 -24.75 32.63 2.47
CA ILE F 374 -25.84 32.46 1.52
C ILE F 374 -26.06 33.75 0.75
N TRP F 375 -26.55 33.59 -0.47
CA TRP F 375 -26.93 34.72 -1.32
C TRP F 375 -28.21 34.34 -2.03
N TYR F 376 -28.84 35.35 -2.63
CA TYR F 376 -30.03 35.18 -3.44
C TYR F 376 -29.93 36.15 -4.62
N LEU F 377 -30.93 36.09 -5.51
CA LEU F 377 -30.97 36.99 -6.65
C LEU F 377 -31.39 38.39 -6.22
N LYS F 378 -30.71 39.41 -6.76
CA LYS F 378 -31.18 40.77 -6.58
C LYS F 378 -32.64 40.87 -6.99
N PRO F 379 -33.51 41.41 -6.15
CA PRO F 379 -34.95 41.43 -6.48
C PRO F 379 -35.25 42.01 -7.85
N GLU F 380 -34.59 43.10 -8.24
CA GLU F 380 -34.87 43.70 -9.54
C GLU F 380 -34.38 42.83 -10.67
N TYR F 381 -33.30 42.07 -10.47
CA TYR F 381 -32.86 41.12 -11.49
C TYR F 381 -33.81 39.94 -11.55
N ALA F 382 -34.27 39.46 -10.39
CA ALA F 382 -35.12 38.28 -10.34
C ALA F 382 -36.44 38.52 -11.05
N LYS F 383 -36.93 39.77 -11.04
CA LYS F 383 -38.20 40.07 -11.71
C LYS F 383 -38.13 39.73 -13.19
N SER F 384 -37.02 40.07 -13.85
CA SER F 384 -36.89 39.90 -15.29
C SER F 384 -36.10 38.67 -15.69
N ALA F 385 -35.56 37.90 -14.74
CA ALA F 385 -34.79 36.71 -15.08
C ALA F 385 -35.68 35.55 -15.50
N LYS F 386 -35.22 34.76 -16.46
CA LYS F 386 -35.95 33.56 -16.85
C LYS F 386 -35.63 32.36 -15.98
N TRP F 387 -34.66 32.48 -15.07
CA TRP F 387 -34.14 31.35 -14.31
C TRP F 387 -34.18 31.67 -12.81
N THR F 388 -34.04 30.63 -12.00
CA THR F 388 -33.92 30.75 -10.56
C THR F 388 -32.63 30.09 -10.10
N LEU F 389 -32.35 30.21 -8.80
CA LEU F 389 -31.15 29.56 -8.28
C LEU F 389 -31.27 28.04 -8.36
N TYR F 390 -32.49 27.51 -8.45
CA TYR F 390 -32.66 26.07 -8.70
C TYR F 390 -32.07 25.69 -10.05
N ASP F 391 -32.20 26.56 -11.04
CA ASP F 391 -31.59 26.30 -12.33
C ASP F 391 -30.07 26.38 -12.24
N LEU F 392 -29.56 27.32 -11.44
CA LEU F 392 -28.12 27.43 -11.26
C LEU F 392 -27.57 26.17 -10.59
N GLN F 393 -28.25 25.67 -9.55
CA GLN F 393 -27.84 24.44 -8.89
C GLN F 393 -27.70 23.30 -9.89
N ASP F 394 -28.68 23.18 -10.81
CA ASP F 394 -28.64 22.13 -11.82
C ASP F 394 -27.44 22.30 -12.74
N LYS F 395 -27.19 23.53 -13.21
CA LYS F 395 -26.05 23.78 -14.09
C LYS F 395 -24.74 23.41 -13.43
N LEU F 396 -24.57 23.77 -12.15
CA LEU F 396 -23.32 23.46 -11.46
C LEU F 396 -23.17 21.96 -11.23
N SER F 397 -24.28 21.25 -11.06
CA SER F 397 -24.22 19.79 -10.92
C SER F 397 -23.70 19.12 -12.19
N GLN F 398 -23.90 19.76 -13.34
CA GLN F 398 -23.38 19.21 -14.58
C GLN F 398 -21.86 19.19 -14.57
N HIS F 399 -21.23 19.97 -13.71
CA HIS F 399 -19.77 19.97 -13.51
C HIS F 399 -19.35 19.31 -12.21
N GLY F 400 -20.25 18.56 -11.56
CA GLY F 400 -19.90 17.75 -10.40
C GLY F 400 -20.11 18.39 -9.04
N TRP F 401 -20.41 19.69 -8.98
CA TRP F 401 -20.64 20.37 -7.73
C TRP F 401 -22.02 20.04 -7.17
N MET F 402 -22.15 20.15 -5.85
CA MET F 402 -23.46 20.31 -5.23
C MET F 402 -23.44 21.64 -4.49
N VAL F 403 -24.15 22.61 -5.05
CA VAL F 403 -24.35 23.90 -4.40
C VAL F 403 -25.86 24.05 -4.21
N PRO F 404 -26.36 23.93 -2.98
CA PRO F 404 -27.81 23.78 -2.78
C PRO F 404 -28.57 25.10 -2.77
N ALA F 405 -29.74 25.08 -3.41
CA ALA F 405 -30.71 26.15 -3.34
C ALA F 405 -31.93 25.66 -2.58
N TYR F 406 -32.48 26.54 -1.74
CA TYR F 406 -33.59 26.20 -0.84
C TYR F 406 -34.23 27.51 -0.38
N THR F 407 -35.45 27.40 0.15
CA THR F 407 -36.13 28.56 0.73
C THR F 407 -35.76 28.69 2.21
N LEU F 408 -35.63 29.95 2.65
CA LEU F 408 -35.29 30.20 4.04
C LEU F 408 -36.49 29.95 4.94
N PRO F 409 -36.25 29.73 6.24
CA PRO F 409 -37.37 29.49 7.18
C PRO F 409 -38.26 30.70 7.39
N SER F 410 -39.18 30.56 8.35
CA SER F 410 -40.39 31.37 8.45
C SER F 410 -40.13 32.87 8.37
N LYS F 411 -41.05 33.55 7.67
CA LYS F 411 -41.07 34.98 7.36
C LYS F 411 -40.06 35.32 6.28
N LEU F 412 -39.16 34.39 5.96
CA LEU F 412 -38.33 34.50 4.76
C LEU F 412 -38.59 33.36 3.79
N GLU F 413 -39.75 32.69 3.90
CA GLU F 413 -40.03 31.54 3.05
C GLU F 413 -40.09 31.93 1.57
N ASP F 414 -40.25 33.21 1.29
CA ASP F 414 -40.20 33.69 -0.09
C ASP F 414 -38.77 33.79 -0.62
N TYR F 415 -37.77 33.68 0.24
CA TYR F 415 -36.38 33.84 -0.16
C TYR F 415 -35.82 32.48 -0.53
N VAL F 416 -35.58 32.27 -1.82
CA VAL F 416 -34.80 31.12 -2.30
C VAL F 416 -33.34 31.55 -2.27
N VAL F 417 -32.52 30.83 -1.51
CA VAL F 417 -31.13 31.20 -1.36
C VAL F 417 -30.25 30.03 -1.79
N MET F 418 -28.97 30.32 -1.96
CA MET F 418 -27.95 29.33 -2.29
C MET F 418 -26.83 29.48 -1.28
N ARG F 419 -26.31 28.34 -0.79
CA ARG F 419 -25.32 28.31 0.27
C ARG F 419 -24.06 27.60 -0.19
N VAL F 420 -22.92 28.13 0.20
CA VAL F 420 -21.64 27.49 -0.02
C VAL F 420 -20.96 27.31 1.34
N VAL F 421 -20.51 26.09 1.63
CA VAL F 421 -19.76 25.76 2.84
C VAL F 421 -18.33 25.45 2.43
N VAL F 422 -17.36 26.16 3.02
CA VAL F 422 -15.94 25.92 2.76
C VAL F 422 -15.40 25.09 3.91
N ARG F 423 -14.91 23.89 3.60
CA ARG F 423 -14.33 23.01 4.59
C ARG F 423 -12.83 22.90 4.34
N GLN F 424 -12.11 22.41 5.36
CA GLN F 424 -10.72 22.07 5.14
C GLN F 424 -10.61 21.14 3.94
N GLY F 425 -9.74 21.52 2.99
CA GLY F 425 -9.59 20.76 1.77
C GLY F 425 -10.24 21.39 0.56
N PHE F 426 -10.96 22.50 0.74
CA PHE F 426 -11.48 23.33 -0.34
C PHE F 426 -10.62 24.59 -0.38
N SER F 427 -9.81 24.72 -1.41
CA SER F 427 -8.78 25.74 -1.51
C SER F 427 -9.25 26.96 -2.28
N ARG F 428 -8.41 28.00 -2.27
CA ARG F 428 -8.61 29.12 -3.18
C ARG F 428 -8.65 28.66 -4.63
N ASP F 429 -7.82 27.68 -4.99
CA ASP F 429 -7.81 27.22 -6.38
C ASP F 429 -9.16 26.59 -6.74
N MET F 430 -9.72 25.78 -5.84
CA MET F 430 -11.02 25.21 -6.10
C MET F 430 -12.12 26.28 -6.08
N ALA F 431 -11.99 27.29 -5.22
CA ALA F 431 -12.98 28.38 -5.24
C ALA F 431 -12.98 29.08 -6.59
N ASP F 432 -11.81 29.28 -7.19
CA ASP F 432 -11.75 29.92 -8.51
C ASP F 432 -12.42 29.05 -9.57
N MET F 433 -12.27 27.73 -9.45
CA MET F 433 -12.95 26.81 -10.34
C MET F 433 -14.46 26.95 -10.21
N LEU F 434 -14.95 26.99 -8.97
CA LEU F 434 -16.38 27.19 -8.72
C LEU F 434 -16.87 28.51 -9.29
N LEU F 435 -16.19 29.61 -8.99
CA LEU F 435 -16.64 30.92 -9.46
C LEU F 435 -16.62 31.00 -10.99
N GLY F 436 -15.64 30.37 -11.63
CA GLY F 436 -15.66 30.28 -13.07
C GLY F 436 -16.86 29.51 -13.60
N ASP F 437 -17.21 28.40 -12.92
CA ASP F 437 -18.38 27.61 -13.30
C ASP F 437 -19.67 28.37 -13.05
N ILE F 438 -19.74 29.16 -11.98
CA ILE F 438 -20.92 29.98 -11.72
C ILE F 438 -21.08 31.04 -12.81
N LYS F 439 -20.00 31.76 -13.14
CA LYS F 439 -20.07 32.79 -14.19
C LYS F 439 -20.52 32.19 -15.52
N ASN F 440 -19.96 31.03 -15.88
CA ASN F 440 -20.36 30.37 -17.11
C ASN F 440 -21.83 29.96 -17.09
N ALA F 441 -22.30 29.45 -15.94
CA ALA F 441 -23.71 29.06 -15.82
C ALA F 441 -24.65 30.27 -15.95
N ILE F 442 -24.27 31.41 -15.37
CA ILE F 442 -25.10 32.61 -15.47
C ILE F 442 -25.27 33.02 -16.93
N ALA F 443 -24.17 33.01 -17.68
CA ALA F 443 -24.21 33.41 -19.09
C ALA F 443 -25.07 32.44 -19.90
N GLU F 444 -25.00 31.14 -19.59
CA GLU F 444 -25.86 30.20 -20.30
C GLU F 444 -27.32 30.43 -19.96
N LEU F 445 -27.64 30.63 -18.68
CA LEU F 445 -29.03 30.85 -18.29
C LEU F 445 -29.57 32.15 -18.86
N GLU F 446 -28.72 33.17 -19.00
CA GLU F 446 -29.16 34.44 -19.54
C GLU F 446 -29.51 34.38 -21.02
N LYS F 447 -29.18 33.27 -21.69
CA LYS F 447 -29.57 33.10 -23.08
C LYS F 447 -31.01 32.62 -23.21
N LEU F 448 -31.63 32.24 -22.11
CA LEU F 448 -32.97 31.67 -22.16
C LEU F 448 -33.98 32.68 -22.67
N ASP F 449 -34.76 32.25 -23.65
CA ASP F 449 -35.86 33.06 -24.17
C ASP F 449 -37.17 32.80 -23.43
N PHE F 450 -37.25 31.70 -22.70
CA PHE F 450 -38.46 31.35 -21.97
C PHE F 450 -38.12 31.01 -20.53
N PRO F 451 -39.06 31.22 -19.60
CA PRO F 451 -38.77 30.91 -18.20
C PRO F 451 -38.68 29.41 -17.96
N THR F 452 -37.87 29.03 -16.98
CA THR F 452 -37.72 27.64 -16.57
C THR F 452 -38.92 27.21 -15.72
N PRO F 453 -39.08 25.91 -15.46
CA PRO F 453 -40.21 25.48 -14.61
C PRO F 453 -40.25 26.13 -13.24
N THR F 454 -39.12 26.20 -12.53
CA THR F 454 -39.12 26.81 -11.21
C THR F 454 -39.37 28.33 -11.28
N ARG F 455 -38.94 28.99 -12.37
CA ARG F 455 -39.25 30.41 -12.52
C ARG F 455 -40.75 30.65 -12.69
N MET F 456 -41.44 29.77 -13.44
CA MET F 456 -42.88 29.93 -13.59
C MET F 456 -43.60 29.70 -12.28
N ALA F 457 -43.12 28.77 -11.47
CA ALA F 457 -43.75 28.47 -10.20
C ALA F 457 -43.66 29.66 -9.23
N GLN F 458 -42.60 30.46 -9.33
CA GLN F 458 -42.52 31.65 -8.48
C GLN F 458 -43.43 32.77 -8.96
N GLU F 459 -43.56 32.94 -10.29
CA GLU F 459 -44.45 33.98 -10.80
C GLU F 459 -45.89 33.73 -10.38
N LYS F 460 -46.24 32.47 -10.12
CA LYS F 460 -47.56 32.12 -9.61
C LYS F 460 -47.66 32.49 -8.14
C1 MLI G . 29.09 -18.96 -5.93
C2 MLI G . 29.93 -18.12 -6.90
C3 MLI G . 28.61 -18.15 -4.71
O6 MLI G . 31.00 -18.58 -7.38
O7 MLI G . 29.53 -16.96 -7.23
O8 MLI G . 29.44 -17.44 -4.07
O9 MLI G . 27.41 -18.18 -4.33
N1 PLP H . 25.87 -9.81 26.09
C2 PLP H . 25.09 -8.76 26.53
C2A PLP H . 25.59 -7.84 27.60
C3 PLP H . 23.84 -8.55 25.96
O3 PLP H . 23.05 -7.48 26.34
C4 PLP H . 23.40 -9.38 24.96
C4A PLP H . 22.35 -8.79 24.05
C5 PLP H . 24.19 -10.45 24.54
C6 PLP H . 25.45 -10.66 25.08
C5A PLP H . 23.71 -11.37 23.45
O4P PLP H . 23.55 -10.59 22.29
P PLP H . 22.50 -10.90 21.13
O1P PLP H . 22.97 -12.06 20.30
O2P PLP H . 22.41 -9.61 20.33
O3P PLP H . 21.18 -11.26 21.75
C1 GUA I . 16.79 -9.28 24.42
C2 GUA I . 17.71 -10.45 24.82
C3 GUA I . 19.20 -10.08 24.97
C4 GUA I . 19.53 -9.66 26.41
C5 GUA I . 19.04 -10.71 27.43
O1 GUA I . 17.13 -8.08 24.53
O2 GUA I . 15.64 -9.51 23.99
O3 GUA I . 19.53 -11.88 27.52
O4 GUA I . 18.10 -10.39 28.20
C1 MLI J . 13.42 -11.68 30.54
C2 MLI J . 14.64 -12.24 31.24
C3 MLI J . 12.25 -12.62 30.83
O6 MLI J . 15.21 -13.24 30.73
O7 MLI J . 15.07 -11.70 32.30
O8 MLI J . 12.22 -13.31 31.89
O9 MLI J . 11.29 -12.69 30.00
N1 PLP K . 26.16 -27.40 3.21
C2 PLP K . 25.53 -27.44 1.96
C2A PLP K . 25.51 -28.72 1.18
C3 PLP K . 24.89 -26.31 1.48
O3 PLP K . 24.21 -26.32 0.29
C4 PLP K . 24.88 -25.15 2.24
C4A PLP K . 23.76 -24.20 1.92
C5 PLP K . 25.54 -25.11 3.47
C6 PLP K . 26.16 -26.25 3.97
C5A PLP K . 25.55 -23.85 4.28
O4P PLP K . 24.21 -23.57 4.60
P PLP K . 23.64 -22.09 4.85
O1P PLP K . 24.18 -21.17 3.80
O2P PLP K . 22.13 -22.23 4.75
O3P PLP K . 24.08 -21.59 6.20
C1 GUA L . 23.85 -19.55 -1.40
C2 GUA L . 25.12 -19.86 -0.60
C3 GUA L . 24.95 -21.35 -0.25
C4 GUA L . 26.26 -22.11 -0.03
C5 GUA L . 27.18 -22.25 -1.24
O1 GUA L . 23.11 -20.49 -1.75
O2 GUA L . 23.54 -18.37 -1.76
O3 GUA L . 28.41 -22.37 -1.04
O4 GUA L . 26.75 -22.25 -2.43
C1 MLI M . -8.46 27.13 -14.02
C2 MLI M . -7.49 28.19 -13.54
C3 MLI M . -9.02 26.42 -12.79
O6 MLI M . -6.33 27.85 -13.18
O7 MLI M . -7.85 29.40 -13.49
O8 MLI M . -8.23 26.01 -11.88
O9 MLI M . -10.27 26.25 -12.69
N1 PLP N . 15.82 15.47 -30.84
C2 PLP N . 16.72 15.44 -29.79
C2A PLP N . 17.88 16.38 -29.75
C3 PLP N . 16.51 14.54 -28.74
O3 PLP N . 17.36 14.50 -27.65
C4 PLP N . 15.43 13.70 -28.77
C4A PLP N . 14.98 13.18 -27.43
C5 PLP N . 14.55 13.73 -29.86
C6 PLP N . 14.73 14.64 -30.90
C5A PLP N . 13.36 12.79 -29.90
O4P PLP N . 12.56 13.12 -28.79
P PLP N . 11.59 12.08 -28.04
O1P PLP N . 12.35 10.80 -27.84
O2P PLP N . 11.27 12.75 -26.72
O3P PLP N . 10.38 11.80 -28.86
C1 GUA O . 16.32 8.29 -25.00
C2 GUA O . 16.12 8.32 -26.52
C3 GUA O . 16.47 9.76 -26.93
C4 GUA O . 16.87 9.87 -28.41
C5 GUA O . 18.24 9.26 -28.73
O1 GUA O . 16.79 9.30 -24.44
O2 GUA O . 16.03 7.28 -24.30
O3 GUA O . 18.50 9.02 -29.94
O4 GUA O . 19.10 8.99 -27.85
C1 MLI P . -19.33 -7.63 32.31
C2 MLI P . -19.52 -6.64 33.45
C3 MLI P . -20.28 -7.29 31.15
O6 MLI P . -18.62 -6.50 34.31
O7 MLI P . -20.58 -5.95 33.52
O8 MLI P . -19.78 -7.03 30.03
O9 MLI P . -21.54 -7.28 31.36
N1 PLP Q . -29.62 -5.67 23.12
C2 PLP Q . -28.86 -6.82 23.00
C2A PLP Q . -29.47 -8.16 23.28
C3 PLP Q . -27.53 -6.72 22.59
O3 PLP Q . -26.75 -7.85 22.41
C4 PLP Q . -27.00 -5.49 22.30
C4A PLP Q . -25.81 -5.50 21.38
C5 PLP Q . -27.78 -4.34 22.47
C6 PLP Q . -29.11 -4.43 22.85
C5A PLP Q . -27.19 -2.97 22.16
O4P PLP Q . -26.84 -2.98 20.79
P PLP Q . -25.65 -2.10 20.17
O1P PLP Q . -25.39 -2.72 18.82
O2P PLP Q . -26.06 -0.66 20.09
O3P PLP Q . -24.45 -2.20 21.08
C1 GUA R . -22.97 -6.10 25.42
C2 GUA R . -22.98 -5.85 23.92
C3 GUA R . -22.55 -4.40 23.68
C4 GUA R . -21.14 -4.17 23.10
C5 GUA R . -20.30 -5.34 22.55
O1 GUA R . -22.40 -7.10 25.92
O2 GUA R . -23.53 -5.26 26.18
O3 GUA R . -19.05 -5.18 22.51
O4 GUA R . -20.77 -6.43 22.10
C1 MLI S . -17.81 16.68 -32.64
C2 MLI S . -16.36 17.10 -32.35
C3 MLI S . -18.33 15.69 -31.60
O6 MLI S . -15.47 16.96 -33.24
O7 MLI S . -16.04 17.59 -31.24
O8 MLI S . -18.09 14.45 -31.72
O9 MLI S . -19.02 16.10 -30.62
N1 PLP T . -10.73 5.41 -36.04
C2 PLP T . -11.77 4.88 -35.28
C2A PLP T . -12.88 4.13 -35.95
C3 PLP T . -11.75 5.02 -33.90
O3 PLP T . -12.73 4.45 -33.10
C4 PLP T . -10.71 5.68 -33.30
C4A PLP T . -10.47 5.33 -31.85
C5 PLP T . -9.68 6.23 -34.07
C6 PLP T . -9.67 6.08 -35.46
C5A PLP T . -8.54 6.97 -33.42
O4P PLP T . -7.88 6.04 -32.58
P PLP T . -7.09 6.42 -31.25
O1P PLP T . -5.78 7.07 -31.60
O2P PLP T . -6.92 5.12 -30.51
O3P PLP T . -7.91 7.41 -30.47
C1 GUA U . -12.28 8.07 -27.06
C2 GUA U . -11.83 8.85 -28.28
C3 GUA U . -11.93 7.85 -29.44
C4 GUA U . -12.10 8.57 -30.77
C5 GUA U . -13.51 9.09 -31.01
O1 GUA U . -12.83 6.95 -27.25
O2 GUA U . -12.11 8.52 -25.90
O3 GUA U . -13.67 10.27 -31.39
O4 GUA U . -14.53 8.35 -30.87
N1 PLP V . -27.50 21.85 14.57
C2 PLP V . -26.73 22.55 13.67
C2A PLP V . -26.65 24.04 13.75
C3 PLP V . -25.97 21.87 12.73
O3 PLP V . -25.14 22.54 11.84
C4 PLP V . -26.01 20.49 12.67
C4A PLP V . -24.83 19.83 12.03
C5 PLP V . -26.83 19.79 13.56
C6 PLP V . -27.57 20.46 14.54
C5A PLP V . -26.89 18.28 13.52
O4P PLP V . -25.59 17.82 13.80
P PLP V . -25.00 16.43 13.24
O1P PLP V . -23.51 16.56 13.45
O2P PLP V . -25.60 15.28 13.98
O3P PLP V . -25.36 16.31 11.79
C1 GUA W . -27.89 20.26 7.85
C2 GUA W . -26.85 19.33 8.48
C3 GUA W . -26.55 18.28 7.42
C4 GUA W . -25.26 17.53 7.74
C5 GUA W . -24.17 17.97 6.78
O1 GUA W . -27.56 20.93 6.84
O2 GUA W . -29.07 20.37 8.32
O3 GUA W . -23.89 17.29 5.76
O4 GUA W . -23.53 19.02 7.01
#